data_4ATW
#
_entry.id   4ATW
#
_cell.length_a   103.710
_cell.length_b   161.538
_cell.length_c   112.602
_cell.angle_alpha   90.00
_cell.angle_beta   106.30
_cell.angle_gamma   90.00
#
_symmetry.space_group_name_H-M   'P 1 21 1'
#
_entity_poly.entity_id   1
_entity_poly.type   'polypeptide(L)'
_entity_poly.pdbx_seq_one_letter_code
;HSYRIVVDPKEVVKPISRHIYGHFTEHLGRCIYGGIYEEGSPLSDERGFRKDVLEAVKRIKVPNLRWPGGNFVSNYHWED
GIGPKDQRPVRFDLAWQQEETNRFGTDEFIEYCREIGAEPYISINMGTGTLDEALHWLEYCNGKGNTYYAQLRRKYGHPE
PYNVKFWGIGNEMYGEWQVGHMTADEYARAAKEYTKWMKVFDPTIKAIAVGCDDPIWNLRVLQEAGDVIDFISYHFYTGS
DDYYETVSTVYLLKERLIGVKKLIDMVDTARKRGVKIALDEWNVWYRVSDNKLEEPYDLKDGIFACGVLVLLQKMSDIVP
LANLAQLVNALGAIHTEKDGLILTPVYKAFELIVNHSGEKLVKTHVESETYNIEGVMFINKMPFSVENAPFLDAAASISE
DGKKLFIAVVNYRKEDALKVPIRVEGLGQKKATVYTLTGPDVNARNTMENPNVVDITSETITVDTEFEHTFKPFSCSVIE
VE
;
_entity_poly.pdbx_strand_id   A,B,C,D,E,F
#
# COMPACT_ATOMS: atom_id res chain seq x y z
N SER A 2 -23.77 43.82 -29.79
CA SER A 2 -22.97 45.09 -29.70
C SER A 2 -21.60 44.79 -29.14
N TYR A 3 -20.58 45.00 -29.98
CA TYR A 3 -19.19 44.80 -29.59
C TYR A 3 -18.51 46.16 -29.46
N ARG A 4 -17.41 46.19 -28.72
CA ARG A 4 -16.66 47.42 -28.49
C ARG A 4 -15.44 47.14 -27.64
N ILE A 5 -14.31 47.72 -28.01
CA ILE A 5 -13.09 47.54 -27.23
C ILE A 5 -12.49 48.89 -26.79
N VAL A 6 -11.86 48.92 -25.60
CA VAL A 6 -11.31 50.13 -25.02
C VAL A 6 -9.91 49.95 -24.46
N VAL A 7 -8.94 50.68 -25.00
CA VAL A 7 -7.55 50.56 -24.57
C VAL A 7 -7.11 51.80 -23.82
N ASP A 8 -6.25 51.65 -22.82
CA ASP A 8 -5.73 52.82 -22.09
C ASP A 8 -4.22 52.67 -21.98
N PRO A 9 -3.49 53.05 -23.04
CA PRO A 9 -2.02 52.95 -23.10
C PRO A 9 -1.30 53.49 -21.87
N LYS A 10 -1.97 54.36 -21.14
CA LYS A 10 -1.34 54.96 -19.97
C LYS A 10 -1.26 53.98 -18.79
N GLU A 11 -2.10 52.94 -18.81
CA GLU A 11 -2.12 51.96 -17.74
C GLU A 11 -1.49 50.60 -18.06
N VAL A 12 -0.25 50.38 -17.63
CA VAL A 12 0.38 49.09 -17.90
C VAL A 12 -0.14 48.07 -16.87
N VAL A 13 -0.49 46.88 -17.34
CA VAL A 13 -0.99 45.86 -16.45
C VAL A 13 0.15 44.95 -15.98
N LYS A 14 0.92 44.42 -16.93
CA LYS A 14 1.99 43.53 -16.55
C LYS A 14 2.90 43.32 -17.73
N PRO A 15 4.05 42.71 -17.50
CA PRO A 15 4.91 42.51 -18.67
C PRO A 15 4.36 41.34 -19.48
N ILE A 16 4.94 41.12 -20.65
CA ILE A 16 4.54 39.99 -21.48
C ILE A 16 5.83 39.20 -21.64
N SER A 17 5.90 38.04 -20.99
CA SER A 17 7.09 37.19 -21.04
C SER A 17 7.41 36.94 -22.50
N ARG A 18 8.57 37.39 -22.93
CA ARG A 18 8.93 37.23 -24.31
C ARG A 18 8.98 35.79 -24.75
N HIS A 19 8.92 34.86 -23.80
CA HIS A 19 8.99 33.43 -24.10
C HIS A 19 7.70 32.70 -24.36
N ILE A 20 6.63 33.46 -24.63
CA ILE A 20 5.36 32.81 -24.87
C ILE A 20 5.36 32.41 -26.32
N TYR A 21 6.27 32.99 -27.10
CA TYR A 21 6.33 32.70 -28.52
C TYR A 21 7.35 31.63 -28.89
N GLY A 22 7.70 30.80 -27.92
CA GLY A 22 8.68 29.76 -28.17
C GLY A 22 8.22 28.60 -29.04
N HIS A 23 9.18 27.90 -29.65
CA HIS A 23 8.91 26.77 -30.54
C HIS A 23 9.57 25.49 -30.12
N PHE A 24 9.14 24.39 -30.72
CA PHE A 24 9.67 23.09 -30.36
C PHE A 24 10.10 22.32 -31.59
N THR A 25 11.19 21.57 -31.49
CA THR A 25 11.75 20.83 -32.61
C THR A 25 12.27 19.42 -32.19
N GLU A 26 11.68 18.30 -32.38
CA GLU A 26 11.91 16.90 -32.01
C GLU A 26 12.44 16.06 -33.14
N HIS A 27 12.93 15.07 -32.78
CA HIS A 27 13.45 14.15 -33.80
C HIS A 27 12.34 13.19 -34.23
N LEU A 28 11.31 13.78 -34.80
CA LEU A 28 10.17 13.05 -35.25
C LEU A 28 9.95 13.21 -36.77
N GLY A 29 9.94 12.09 -37.51
CA GLY A 29 9.69 12.18 -38.94
C GLY A 29 10.68 13.08 -39.64
N ARG A 30 10.19 14.10 -40.32
CA ARG A 30 11.08 15.02 -41.03
C ARG A 30 11.28 16.38 -40.35
N CYS A 31 11.07 16.50 -39.05
CA CYS A 31 11.26 17.79 -38.39
C CYS A 31 12.74 18.23 -38.43
N ILE A 32 13.64 17.30 -38.11
CA ILE A 32 15.08 17.56 -38.12
C ILE A 32 15.64 17.20 -39.49
N TYR A 33 15.75 15.91 -39.76
CA TYR A 33 16.25 15.42 -41.04
C TYR A 33 15.31 15.62 -42.21
N GLY A 34 15.60 16.62 -43.04
CA GLY A 34 14.75 16.91 -44.18
C GLY A 34 13.91 18.14 -43.86
N GLY A 35 14.17 18.72 -42.69
CA GLY A 35 13.44 19.88 -42.24
C GLY A 35 14.32 21.07 -42.00
N ILE A 36 14.94 21.13 -40.84
CA ILE A 36 15.81 22.25 -40.55
C ILE A 36 17.20 21.83 -40.92
N TYR A 37 17.40 20.52 -41.01
CA TYR A 37 18.71 19.91 -41.29
C TYR A 37 18.60 18.94 -42.48
N GLU A 38 19.41 19.19 -43.52
CA GLU A 38 19.42 18.34 -44.71
C GLU A 38 20.84 18.44 -45.27
N GLU A 39 21.71 17.54 -44.82
CA GLU A 39 23.09 17.53 -45.27
C GLU A 39 23.29 17.43 -46.77
N GLY A 40 24.19 18.26 -47.30
CA GLY A 40 24.51 18.25 -48.72
C GLY A 40 23.38 18.45 -49.70
N SER A 41 22.36 19.23 -49.33
CA SER A 41 21.24 19.53 -50.21
C SER A 41 21.60 20.85 -50.85
N PRO A 42 21.04 21.11 -52.03
CA PRO A 42 21.35 22.37 -52.69
C PRO A 42 20.80 23.55 -51.88
N LEU A 43 19.73 23.32 -51.14
CA LEU A 43 19.15 24.42 -50.36
C LEU A 43 19.78 24.60 -48.99
N SER A 44 20.56 23.61 -48.58
CA SER A 44 21.23 23.63 -47.28
C SER A 44 22.61 24.27 -47.34
N ASP A 45 23.00 24.91 -46.25
CA ASP A 45 24.27 25.60 -46.18
C ASP A 45 25.40 24.72 -45.69
N GLU A 46 26.44 25.39 -45.23
CA GLU A 46 27.66 24.77 -44.71
C GLU A 46 27.43 23.67 -43.71
N ARG A 47 26.76 24.03 -42.61
CA ARG A 47 26.51 23.09 -41.54
C ARG A 47 25.31 22.20 -41.78
N GLY A 48 24.75 22.24 -42.99
CA GLY A 48 23.58 21.41 -43.33
C GLY A 48 22.21 22.02 -43.01
N PHE A 49 22.20 23.28 -42.68
CA PHE A 49 20.94 23.93 -42.34
C PHE A 49 20.23 24.44 -43.60
N ARG A 50 18.95 24.14 -43.73
CA ARG A 50 18.23 24.62 -44.88
C ARG A 50 18.21 26.13 -44.74
N LYS A 51 18.71 26.82 -45.77
CA LYS A 51 18.78 28.28 -45.79
C LYS A 51 17.37 28.85 -45.94
N ASP A 52 16.53 28.12 -46.67
CA ASP A 52 15.19 28.63 -46.90
C ASP A 52 14.34 28.53 -45.69
N VAL A 53 14.64 27.52 -44.85
CA VAL A 53 13.93 27.30 -43.57
C VAL A 53 14.52 28.28 -42.54
N LEU A 54 15.84 28.37 -42.58
CA LEU A 54 16.56 29.24 -41.70
C LEU A 54 16.02 30.67 -41.76
N GLU A 55 15.58 31.12 -42.93
CA GLU A 55 15.05 32.49 -43.05
C GLU A 55 13.71 32.57 -42.39
N ALA A 56 12.80 31.72 -42.87
CA ALA A 56 11.46 31.69 -42.33
C ALA A 56 11.50 31.66 -40.80
N VAL A 57 12.50 30.97 -40.23
CA VAL A 57 12.63 30.87 -38.78
C VAL A 57 13.13 32.15 -38.12
N LYS A 58 14.03 32.85 -38.79
CA LYS A 58 14.55 34.08 -38.23
C LYS A 58 13.49 35.17 -38.34
N ARG A 59 12.62 35.02 -39.34
CA ARG A 59 11.58 36.02 -39.55
C ARG A 59 10.59 36.06 -38.42
N ILE A 60 10.49 34.99 -37.64
CA ILE A 60 9.55 35.03 -36.54
C ILE A 60 10.76 34.80 -35.64
N LYS A 61 11.11 35.84 -34.86
CA LYS A 61 12.21 35.83 -33.91
C LYS A 61 11.99 34.85 -32.79
N VAL A 62 12.20 33.56 -33.06
CA VAL A 62 12.01 32.54 -32.04
C VAL A 62 12.86 32.90 -30.80
N PRO A 63 12.23 32.94 -29.60
CA PRO A 63 12.80 33.26 -28.28
C PRO A 63 13.64 32.17 -27.66
N ASN A 64 13.11 30.95 -27.69
CA ASN A 64 13.72 29.75 -27.12
C ASN A 64 13.23 28.55 -27.92
N LEU A 65 14.08 27.56 -28.09
CA LEU A 65 13.71 26.37 -28.85
C LEU A 65 13.92 25.08 -28.08
N ARG A 66 12.85 24.29 -27.98
CA ARG A 66 12.88 23.03 -27.25
C ARG A 66 13.46 21.91 -28.16
N TRP A 67 14.19 20.98 -27.55
CA TRP A 67 14.82 19.90 -28.27
C TRP A 67 15.36 18.94 -27.20
N PRO A 68 15.58 17.67 -27.54
CA PRO A 68 15.42 16.96 -28.81
C PRO A 68 14.04 16.38 -28.87
N GLY A 69 13.24 16.65 -27.86
CA GLY A 69 11.95 16.05 -28.02
C GLY A 69 10.97 15.85 -26.92
N GLY A 70 9.94 15.14 -27.35
CA GLY A 70 8.84 14.76 -26.53
C GLY A 70 9.19 13.30 -26.52
N ASN A 71 8.28 12.45 -26.96
CA ASN A 71 8.48 11.01 -26.95
C ASN A 71 9.91 10.52 -27.30
N PHE A 72 10.50 11.08 -28.32
CA PHE A 72 11.85 10.69 -28.69
C PHE A 72 12.80 10.66 -27.50
N VAL A 73 12.99 11.80 -26.85
CA VAL A 73 13.93 11.91 -25.75
C VAL A 73 13.90 10.82 -24.72
N SER A 74 12.79 10.15 -24.56
CA SER A 74 12.75 9.14 -23.53
C SER A 74 13.59 7.89 -23.80
N ASN A 75 14.31 7.84 -24.91
CA ASN A 75 15.16 6.66 -25.12
C ASN A 75 16.41 7.15 -25.82
N TYR A 76 16.63 8.47 -25.74
CA TYR A 76 17.77 9.16 -26.36
C TYR A 76 18.92 9.34 -25.41
N HIS A 77 20.11 8.89 -25.79
CA HIS A 77 21.26 9.11 -24.93
C HIS A 77 22.11 10.18 -25.60
N TRP A 78 22.08 11.38 -25.02
CA TRP A 78 22.79 12.50 -25.61
C TRP A 78 24.24 12.29 -26.10
N GLU A 79 24.97 11.37 -25.46
CA GLU A 79 26.34 11.14 -25.87
C GLU A 79 26.51 10.54 -27.24
N ASP A 80 25.44 10.07 -27.86
CA ASP A 80 25.57 9.53 -29.21
C ASP A 80 25.44 10.67 -30.23
N GLY A 81 25.36 11.90 -29.73
CA GLY A 81 25.15 13.04 -30.58
C GLY A 81 26.31 14.00 -30.54
N ILE A 82 27.37 13.55 -29.91
CA ILE A 82 28.52 14.41 -29.82
C ILE A 82 29.74 13.79 -30.49
N GLY A 83 30.83 14.53 -30.53
CA GLY A 83 32.02 14.03 -31.15
C GLY A 83 31.89 14.12 -32.67
N PRO A 84 32.98 13.85 -33.40
CA PRO A 84 32.90 13.92 -34.86
C PRO A 84 31.71 13.07 -35.26
N LYS A 85 31.11 13.39 -36.39
CA LYS A 85 29.94 12.64 -36.87
C LYS A 85 30.65 11.43 -37.46
N ASP A 86 29.98 10.63 -38.28
CA ASP A 86 30.67 9.49 -38.88
C ASP A 86 30.88 8.46 -37.83
N GLN A 87 31.47 8.85 -36.70
CA GLN A 87 31.71 7.91 -35.62
C GLN A 87 30.57 7.85 -34.61
N ARG A 88 29.48 8.56 -34.89
CA ARG A 88 28.34 8.54 -33.99
C ARG A 88 27.49 7.32 -34.32
N PRO A 89 27.16 6.54 -33.32
CA PRO A 89 26.36 5.33 -33.50
C PRO A 89 25.00 5.53 -34.10
N VAL A 90 24.57 4.58 -34.93
CA VAL A 90 23.23 4.64 -35.52
C VAL A 90 22.35 3.81 -34.62
N ARG A 91 21.40 4.48 -33.98
CA ARG A 91 20.54 3.83 -33.03
C ARG A 91 19.14 3.74 -33.59
N PHE A 92 18.30 2.90 -33.00
CA PHE A 92 16.93 2.78 -33.45
C PHE A 92 15.98 3.43 -32.41
N ASP A 93 15.32 4.50 -32.82
CA ASP A 93 14.41 5.22 -31.96
C ASP A 93 13.10 4.46 -31.79
N LEU A 94 12.77 4.10 -30.56
CA LEU A 94 11.55 3.38 -30.31
C LEU A 94 10.36 4.30 -30.44
N ALA A 95 10.53 5.56 -30.14
CA ALA A 95 9.40 6.44 -30.20
C ALA A 95 8.69 6.41 -31.53
N TRP A 96 9.37 6.84 -32.60
CA TRP A 96 8.72 6.88 -33.90
C TRP A 96 9.22 5.82 -34.84
N GLN A 97 10.01 4.91 -34.31
CA GLN A 97 10.49 3.81 -35.12
C GLN A 97 11.19 4.15 -36.42
N GLN A 98 12.33 4.82 -36.34
CA GLN A 98 13.11 5.13 -37.52
C GLN A 98 14.53 5.14 -36.95
N GLU A 99 15.55 5.00 -37.80
CA GLU A 99 16.92 4.99 -37.33
C GLU A 99 17.39 6.39 -37.08
N GLU A 100 18.18 6.57 -36.05
CA GLU A 100 18.70 7.89 -35.76
C GLU A 100 20.19 7.91 -36.17
N THR A 101 20.54 8.65 -37.22
CA THR A 101 21.94 8.71 -37.66
C THR A 101 22.72 9.48 -36.59
N ASN A 102 22.02 10.30 -35.82
CA ASN A 102 22.60 11.08 -34.74
C ASN A 102 23.61 12.08 -35.22
N ARG A 103 23.54 12.42 -36.50
CA ARG A 103 24.46 13.41 -37.04
C ARG A 103 23.99 14.75 -36.57
N PHE A 104 22.77 14.80 -36.04
CA PHE A 104 22.27 16.07 -35.53
C PHE A 104 22.21 15.89 -34.02
N GLY A 105 23.28 16.35 -33.36
CA GLY A 105 23.37 16.23 -31.91
C GLY A 105 23.40 17.53 -31.11
N THR A 106 23.68 17.41 -29.82
CA THR A 106 23.74 18.56 -28.96
C THR A 106 24.51 19.71 -29.56
N ASP A 107 25.71 19.45 -30.08
CA ASP A 107 26.53 20.54 -30.66
C ASP A 107 25.78 21.26 -31.79
N GLU A 108 25.22 20.48 -32.71
CA GLU A 108 24.49 21.00 -33.85
C GLU A 108 23.23 21.80 -33.44
N PHE A 109 22.53 21.33 -32.42
CA PHE A 109 21.35 22.02 -31.94
C PHE A 109 21.75 23.39 -31.40
N ILE A 110 22.69 23.44 -30.48
CA ILE A 110 23.11 24.72 -29.93
C ILE A 110 23.57 25.65 -31.05
N GLU A 111 24.22 25.11 -32.08
CA GLU A 111 24.67 25.94 -33.19
C GLU A 111 23.44 26.52 -33.83
N TYR A 112 22.48 25.67 -34.21
CA TYR A 112 21.24 26.15 -34.79
C TYR A 112 20.56 27.20 -33.91
N CYS A 113 20.65 27.03 -32.60
CA CYS A 113 20.03 28.02 -31.70
C CYS A 113 20.73 29.35 -31.80
N ARG A 114 22.05 29.28 -31.69
CA ARG A 114 22.89 30.45 -31.77
C ARG A 114 22.50 31.23 -33.05
N GLU A 115 22.51 30.55 -34.20
CA GLU A 115 22.21 31.13 -35.49
C GLU A 115 20.87 31.83 -35.59
N ILE A 116 19.84 31.31 -34.93
CA ILE A 116 18.54 31.96 -34.96
C ILE A 116 18.28 32.81 -33.72
N GLY A 117 19.31 32.99 -32.89
CA GLY A 117 19.17 33.79 -31.68
C GLY A 117 18.13 33.30 -30.68
N ALA A 118 18.04 31.98 -30.54
CA ALA A 118 17.09 31.37 -29.62
C ALA A 118 17.84 30.76 -28.46
N GLU A 119 17.21 30.82 -27.31
CA GLU A 119 17.77 30.30 -26.10
C GLU A 119 17.40 28.80 -26.14
N PRO A 120 18.40 27.93 -26.03
CA PRO A 120 18.09 26.49 -26.07
C PRO A 120 17.35 26.06 -24.82
N TYR A 121 16.42 25.13 -25.01
CA TYR A 121 15.57 24.55 -23.97
C TYR A 121 15.75 23.06 -24.20
N ILE A 122 16.54 22.38 -23.38
CA ILE A 122 16.80 20.96 -23.59
C ILE A 122 16.04 20.15 -22.59
N SER A 123 15.58 18.97 -23.00
CA SER A 123 14.82 18.13 -22.07
C SER A 123 15.53 16.80 -21.93
N ILE A 124 15.75 16.37 -20.69
CA ILE A 124 16.50 15.16 -20.44
C ILE A 124 15.68 13.91 -20.59
N ASN A 125 16.36 12.77 -20.64
CA ASN A 125 15.74 11.47 -20.81
C ASN A 125 15.50 10.80 -19.46
N MET A 126 14.25 10.68 -19.05
CA MET A 126 14.00 10.00 -17.78
C MET A 126 13.45 8.62 -18.00
N GLY A 127 13.47 8.16 -19.25
CA GLY A 127 12.98 6.84 -19.58
C GLY A 127 14.12 5.85 -19.43
N THR A 128 14.95 5.75 -20.44
CA THR A 128 16.07 4.81 -20.37
C THR A 128 17.30 5.46 -19.85
N GLY A 129 17.25 6.78 -19.63
CA GLY A 129 18.38 7.53 -19.11
C GLY A 129 18.52 7.46 -17.58
N THR A 130 19.46 8.21 -17.02
CA THR A 130 19.68 8.19 -15.57
C THR A 130 20.06 9.55 -15.05
N LEU A 131 20.25 9.65 -13.72
CA LEU A 131 20.62 10.91 -13.10
C LEU A 131 22.06 11.26 -13.43
N ASP A 132 22.90 10.24 -13.47
CA ASP A 132 24.32 10.47 -13.81
C ASP A 132 24.35 11.05 -15.24
N GLU A 133 23.63 10.39 -16.14
CA GLU A 133 23.57 10.80 -17.52
C GLU A 133 23.08 12.23 -17.66
N ALA A 134 22.07 12.60 -16.85
CA ALA A 134 21.52 13.95 -16.94
C ALA A 134 22.55 14.97 -16.49
N LEU A 135 23.16 14.72 -15.34
CA LEU A 135 24.16 15.63 -14.80
C LEU A 135 25.21 15.93 -15.85
N HIS A 136 25.77 14.87 -16.44
CA HIS A 136 26.80 14.94 -17.48
C HIS A 136 26.42 15.84 -18.66
N TRP A 137 25.21 15.70 -19.16
CA TRP A 137 24.74 16.52 -20.25
C TRP A 137 24.76 17.98 -19.82
N LEU A 138 24.37 18.24 -18.57
CA LEU A 138 24.40 19.58 -18.02
C LEU A 138 25.90 20.01 -17.88
N GLU A 139 26.75 19.14 -17.35
CA GLU A 139 28.18 19.46 -17.27
C GLU A 139 28.61 19.87 -18.68
N TYR A 140 28.38 19.00 -19.66
CA TYR A 140 28.75 19.26 -21.04
C TYR A 140 28.24 20.57 -21.60
N CYS A 141 27.02 20.97 -21.28
CA CYS A 141 26.49 22.23 -21.79
C CYS A 141 26.88 23.49 -21.02
N ASN A 142 26.70 23.48 -19.71
CA ASN A 142 27.03 24.65 -18.90
C ASN A 142 28.29 25.01 -18.15
N GLY A 143 28.53 24.35 -17.02
CA GLY A 143 29.80 24.62 -16.35
C GLY A 143 31.10 24.71 -17.11
N LYS A 144 32.02 25.44 -16.49
CA LYS A 144 33.31 25.71 -17.07
C LYS A 144 34.52 25.20 -16.32
N GLY A 145 34.35 24.23 -15.45
CA GLY A 145 35.48 23.73 -14.70
C GLY A 145 36.35 22.88 -15.57
N ASN A 146 37.11 21.99 -14.95
CA ASN A 146 37.96 21.10 -15.70
C ASN A 146 37.41 19.70 -15.58
N THR A 147 36.09 19.60 -15.35
CA THR A 147 35.43 18.31 -15.24
C THR A 147 35.42 17.68 -16.64
N TYR A 148 35.53 16.35 -16.69
CA TYR A 148 35.58 15.59 -17.92
C TYR A 148 34.69 16.08 -19.07
N TYR A 149 33.42 16.25 -18.77
CA TYR A 149 32.48 16.67 -19.78
C TYR A 149 32.59 18.11 -20.22
N ALA A 150 33.11 18.97 -19.37
CA ALA A 150 33.24 20.36 -19.74
C ALA A 150 34.33 20.39 -20.79
N GLN A 151 35.43 19.73 -20.48
CA GLN A 151 36.52 19.69 -21.40
C GLN A 151 36.12 18.96 -22.67
N LEU A 152 35.29 17.94 -22.55
CA LEU A 152 34.87 17.22 -23.76
C LEU A 152 34.21 18.20 -24.76
N ARG A 153 33.40 19.12 -24.23
CA ARG A 153 32.75 20.15 -25.04
C ARG A 153 33.85 20.91 -25.79
N ARG A 154 34.88 21.31 -25.05
CA ARG A 154 35.98 22.02 -25.68
C ARG A 154 36.68 21.17 -26.73
N LYS A 155 37.12 19.98 -26.35
CA LYS A 155 37.79 19.11 -27.30
C LYS A 155 37.02 19.05 -28.60
N TYR A 156 35.70 19.15 -28.51
CA TYR A 156 34.90 19.08 -29.71
C TYR A 156 34.57 20.38 -30.43
N GLY A 157 34.87 21.52 -29.82
CA GLY A 157 34.54 22.76 -30.46
C GLY A 157 35.05 23.96 -29.69
N HIS A 158 32.60 26.42 -28.13
CA HIS A 158 32.38 25.08 -27.47
C HIS A 158 33.55 24.83 -26.56
N PRO A 159 35.19 26.69 -26.93
CA PRO A 159 35.60 26.45 -25.54
C PRO A 159 34.70 27.12 -24.51
N GLU A 160 33.85 28.03 -24.97
CA GLU A 160 32.95 28.70 -24.08
C GLU A 160 31.64 27.90 -23.88
N PRO A 161 31.22 27.72 -22.60
CA PRO A 161 30.01 26.99 -22.22
C PRO A 161 28.71 27.57 -22.77
N TYR A 162 27.86 26.69 -23.31
CA TYR A 162 26.61 27.07 -23.91
C TYR A 162 25.64 27.81 -22.98
N ASN A 163 25.60 27.35 -21.73
CA ASN A 163 24.72 27.93 -20.75
C ASN A 163 23.24 27.74 -21.09
N VAL A 164 22.82 26.50 -21.25
CA VAL A 164 21.42 26.21 -21.56
C VAL A 164 20.66 26.55 -20.30
N LYS A 165 19.73 27.48 -20.40
CA LYS A 165 18.96 27.94 -19.22
C LYS A 165 17.71 27.17 -18.84
N PHE A 166 17.10 26.48 -19.80
CA PHE A 166 15.89 25.76 -19.52
C PHE A 166 16.08 24.27 -19.61
N TRP A 167 15.70 23.54 -18.57
CA TRP A 167 15.82 22.09 -18.66
C TRP A 167 14.51 21.40 -18.39
N GLY A 168 14.04 20.63 -19.37
CA GLY A 168 12.79 19.90 -19.26
C GLY A 168 13.12 18.62 -18.55
N ILE A 169 12.58 18.44 -17.36
CA ILE A 169 12.87 17.26 -16.56
C ILE A 169 11.94 16.07 -16.80
N GLY A 170 12.17 15.43 -17.93
CA GLY A 170 11.41 14.27 -18.36
C GLY A 170 10.37 14.76 -19.33
N ASN A 171 9.79 13.82 -20.06
CA ASN A 171 8.77 14.13 -21.04
C ASN A 171 7.58 13.20 -20.89
N GLU A 172 6.41 13.80 -20.73
CA GLU A 172 5.16 13.07 -20.62
C GLU A 172 5.35 11.75 -19.90
N MET A 173 6.16 11.76 -18.85
CA MET A 173 6.43 10.55 -18.10
C MET A 173 5.20 9.77 -17.61
N TYR A 174 4.04 10.43 -17.65
CA TYR A 174 2.80 9.85 -17.18
C TYR A 174 2.23 8.83 -18.15
N GLY A 175 2.48 9.07 -19.44
CA GLY A 175 1.97 8.27 -20.55
C GLY A 175 2.42 6.84 -20.78
N GLU A 176 1.45 5.94 -20.92
CA GLU A 176 1.73 4.53 -21.12
C GLU A 176 2.51 4.29 -22.39
N TRP A 177 2.58 5.32 -23.21
CA TRP A 177 3.30 5.26 -24.47
C TRP A 177 4.77 5.72 -24.34
N GLN A 178 5.10 6.36 -23.23
CA GLN A 178 6.44 6.89 -23.06
C GLN A 178 7.34 5.77 -22.62
N VAL A 179 8.52 5.69 -23.22
CA VAL A 179 9.43 4.64 -22.81
C VAL A 179 9.77 4.87 -21.34
N GLY A 180 9.63 3.84 -20.51
CA GLY A 180 9.94 3.94 -19.09
C GLY A 180 9.02 4.85 -18.32
N HIS A 181 7.73 4.84 -18.68
CA HIS A 181 6.74 5.70 -18.01
C HIS A 181 6.64 5.34 -16.56
N MET A 182 6.35 6.34 -15.71
CA MET A 182 6.24 6.17 -14.26
C MET A 182 4.87 6.48 -13.69
N THR A 183 4.72 6.21 -12.41
CA THR A 183 3.45 6.51 -11.73
C THR A 183 3.57 7.92 -11.19
N ALA A 184 2.47 8.46 -10.67
CA ALA A 184 2.53 9.81 -10.10
C ALA A 184 3.60 9.88 -9.02
N ASP A 185 3.65 8.92 -8.12
CA ASP A 185 4.65 9.02 -7.08
C ASP A 185 6.05 8.73 -7.55
N GLU A 186 6.20 7.80 -8.49
CA GLU A 186 7.55 7.49 -8.99
C GLU A 186 8.17 8.75 -9.61
N TYR A 187 7.45 9.34 -10.57
CA TYR A 187 7.91 10.55 -11.27
C TYR A 187 8.05 11.73 -10.33
N ALA A 188 7.08 11.86 -9.45
CA ALA A 188 7.10 12.95 -8.52
C ALA A 188 8.40 12.93 -7.73
N ARG A 189 8.70 11.81 -7.08
CA ARG A 189 9.90 11.74 -6.25
C ARG A 189 11.12 11.82 -7.13
N ALA A 190 11.03 11.37 -8.38
CA ALA A 190 12.19 11.44 -9.27
C ALA A 190 12.47 12.87 -9.74
N ALA A 191 11.43 13.62 -10.08
CA ALA A 191 11.60 15.00 -10.52
C ALA A 191 12.35 15.76 -9.49
N LYS A 192 12.05 15.50 -8.22
CA LYS A 192 12.76 16.19 -7.17
C LYS A 192 14.22 15.78 -7.18
N GLU A 193 14.54 14.49 -7.30
CA GLU A 193 15.95 14.06 -7.32
C GLU A 193 16.73 14.67 -8.46
N TYR A 194 16.17 14.67 -9.66
CA TYR A 194 16.90 15.28 -10.76
C TYR A 194 17.06 16.79 -10.57
N THR A 195 15.99 17.45 -10.17
CA THR A 195 16.09 18.88 -9.96
C THR A 195 16.95 19.25 -8.75
N LYS A 196 16.90 18.46 -7.66
CA LYS A 196 17.67 18.70 -6.44
C LYS A 196 19.12 18.83 -6.85
N TRP A 197 19.74 17.78 -7.38
CA TRP A 197 21.14 17.85 -7.86
C TRP A 197 20.95 18.55 -9.17
N MET A 198 21.89 18.54 -10.09
CA MET A 198 21.63 19.30 -11.33
C MET A 198 21.63 20.75 -10.90
N LYS A 199 20.73 21.13 -10.03
CA LYS A 199 20.72 22.50 -9.53
C LYS A 199 21.86 22.77 -8.51
N VAL A 200 22.49 21.72 -7.94
CA VAL A 200 23.62 21.99 -7.02
C VAL A 200 24.81 22.25 -7.92
N PHE A 201 24.78 21.60 -9.08
CA PHE A 201 25.82 21.81 -10.06
C PHE A 201 25.69 23.19 -10.72
N ASP A 202 24.47 23.55 -11.14
CA ASP A 202 24.19 24.83 -11.77
C ASP A 202 22.90 25.42 -11.26
N PRO A 203 22.96 26.21 -10.18
CA PRO A 203 21.85 26.88 -9.50
C PRO A 203 21.02 27.77 -10.37
N THR A 204 21.63 28.28 -11.44
CA THR A 204 20.93 29.18 -12.35
C THR A 204 19.89 28.60 -13.29
N ILE A 205 19.91 27.30 -13.54
CA ILE A 205 18.89 26.74 -14.43
C ILE A 205 17.43 26.73 -13.94
N LYS A 206 16.55 26.74 -14.92
CA LYS A 206 15.14 26.68 -14.67
C LYS A 206 14.72 25.24 -15.02
N ALA A 207 13.94 24.64 -14.14
CA ALA A 207 13.44 23.29 -14.33
C ALA A 207 11.92 23.23 -14.66
N ILE A 208 11.55 22.49 -15.70
CA ILE A 208 10.15 22.32 -16.08
C ILE A 208 9.80 20.84 -15.83
N ALA A 209 8.90 20.62 -14.87
CA ALA A 209 8.46 19.27 -14.47
C ALA A 209 7.26 18.86 -15.25
N VAL A 210 7.12 17.57 -15.50
CA VAL A 210 6.03 17.09 -16.26
C VAL A 210 4.72 17.20 -15.55
N GLY A 211 3.81 17.95 -16.14
CA GLY A 211 2.50 18.09 -15.57
C GLY A 211 1.56 17.57 -16.62
N CYS A 212 0.30 17.39 -16.27
CA CYS A 212 -0.64 16.91 -17.26
C CYS A 212 -2.08 17.11 -16.79
N ASP A 213 -3.04 16.38 -17.31
CA ASP A 213 -4.42 16.59 -16.95
C ASP A 213 -4.93 15.87 -15.72
N ASP A 214 -4.14 14.98 -15.15
CA ASP A 214 -4.54 14.30 -13.94
C ASP A 214 -4.17 15.22 -12.76
N PRO A 215 -5.16 15.70 -12.00
CA PRO A 215 -4.98 16.57 -10.85
C PRO A 215 -4.04 15.98 -9.80
N ILE A 216 -4.23 14.68 -9.53
CA ILE A 216 -3.41 14.00 -8.56
C ILE A 216 -1.99 13.96 -9.02
N TRP A 217 -1.80 13.78 -10.32
CA TRP A 217 -0.43 13.78 -10.84
C TRP A 217 0.23 15.14 -10.49
N ASN A 218 -0.28 16.21 -11.11
CA ASN A 218 0.21 17.56 -10.87
C ASN A 218 0.44 17.81 -9.39
N LEU A 219 -0.62 17.64 -8.63
CA LEU A 219 -0.59 17.84 -7.19
C LEU A 219 0.56 17.07 -6.47
N ARG A 220 0.84 15.87 -6.96
CA ARG A 220 1.89 15.09 -6.36
C ARG A 220 3.22 15.57 -6.83
N VAL A 221 3.27 16.19 -7.99
CA VAL A 221 4.54 16.70 -8.48
C VAL A 221 4.80 17.98 -7.75
N LEU A 222 3.81 18.85 -7.70
CA LEU A 222 4.03 20.11 -7.03
C LEU A 222 4.34 19.89 -5.56
N GLN A 223 3.70 18.89 -4.97
CA GLN A 223 3.90 18.62 -3.55
C GLN A 223 5.27 18.10 -3.21
N GLU A 224 5.86 17.37 -4.14
CA GLU A 224 7.17 16.78 -3.96
C GLU A 224 8.32 17.70 -4.36
N ALA A 225 8.24 18.26 -5.55
CA ALA A 225 9.30 19.11 -6.04
C ALA A 225 8.98 20.59 -6.08
N GLY A 226 7.87 20.97 -5.45
CA GLY A 226 7.45 22.37 -5.42
C GLY A 226 8.41 23.41 -4.87
N ASP A 227 9.47 22.95 -4.22
CA ASP A 227 10.46 23.85 -3.65
C ASP A 227 11.70 23.92 -4.54
N VAL A 228 11.70 23.18 -5.65
CA VAL A 228 12.86 23.22 -6.52
C VAL A 228 12.61 23.35 -7.99
N ILE A 229 11.43 22.99 -8.45
CA ILE A 229 11.17 23.13 -9.87
C ILE A 229 10.70 24.57 -10.10
N ASP A 230 10.76 25.06 -11.34
CA ASP A 230 10.35 26.43 -11.64
C ASP A 230 9.06 26.53 -12.43
N PHE A 231 8.70 25.45 -13.12
CA PHE A 231 7.47 25.37 -13.89
C PHE A 231 6.90 23.99 -13.80
N ILE A 232 5.69 23.85 -14.32
CA ILE A 232 5.04 22.56 -14.39
C ILE A 232 4.49 22.61 -15.81
N SER A 233 4.90 21.61 -16.58
CA SER A 233 4.58 21.47 -17.98
C SER A 233 3.13 21.17 -18.25
N TYR A 234 2.59 21.77 -19.33
CA TYR A 234 1.23 21.49 -19.76
C TYR A 234 1.19 21.34 -21.28
N HIS A 235 0.55 20.26 -21.76
CA HIS A 235 0.46 19.98 -23.18
C HIS A 235 -0.97 20.11 -23.63
N PHE A 236 -1.22 20.91 -24.67
CA PHE A 236 -2.59 21.09 -25.17
C PHE A 236 -2.72 20.89 -26.67
N TYR A 237 -3.43 19.84 -27.07
CA TYR A 237 -3.62 19.57 -28.50
C TYR A 237 -5.11 19.54 -28.77
N THR A 238 -5.56 20.38 -29.70
CA THR A 238 -6.99 20.45 -30.03
C THR A 238 -7.20 20.37 -31.54
N GLY A 239 -8.45 20.25 -31.94
CA GLY A 239 -8.76 20.17 -33.35
C GLY A 239 -10.07 19.49 -33.69
N SER A 240 -10.64 19.87 -34.82
CA SER A 240 -11.89 19.32 -35.28
C SER A 240 -12.16 19.89 -36.65
N ASP A 241 -13.05 19.25 -37.39
CA ASP A 241 -13.36 19.75 -38.72
C ASP A 241 -14.18 21.04 -38.67
N ASP A 242 -15.14 21.09 -37.75
CA ASP A 242 -15.97 22.26 -37.62
C ASP A 242 -15.12 23.45 -37.17
N TYR A 243 -15.27 24.56 -37.91
CA TYR A 243 -14.54 25.77 -37.64
C TYR A 243 -14.54 26.17 -36.18
N TYR A 244 -15.74 26.40 -35.63
CA TYR A 244 -15.89 26.82 -34.24
C TYR A 244 -15.41 25.82 -33.20
N GLU A 245 -15.70 24.54 -33.42
CA GLU A 245 -15.24 23.53 -32.47
C GLU A 245 -13.74 23.71 -32.36
N THR A 246 -13.10 24.15 -33.44
CA THR A 246 -11.66 24.35 -33.40
C THR A 246 -11.23 25.68 -32.78
N VAL A 247 -11.71 26.80 -33.28
CA VAL A 247 -11.28 28.06 -32.69
C VAL A 247 -11.74 28.22 -31.26
N SER A 248 -12.95 27.81 -30.95
CA SER A 248 -13.46 27.97 -29.59
C SER A 248 -12.66 27.28 -28.47
N THR A 249 -11.81 26.33 -28.83
CA THR A 249 -11.04 25.65 -27.82
C THR A 249 -9.93 26.52 -27.29
N VAL A 250 -9.81 27.75 -27.78
CA VAL A 250 -8.76 28.62 -27.25
C VAL A 250 -9.28 29.07 -25.89
N TYR A 251 -10.59 29.04 -25.74
CA TYR A 251 -11.14 29.44 -24.46
C TYR A 251 -11.26 28.26 -23.52
N LEU A 252 -11.08 27.06 -24.06
CA LEU A 252 -11.07 25.85 -23.23
C LEU A 252 -9.66 25.86 -22.63
N LEU A 253 -8.65 26.05 -23.47
CA LEU A 253 -7.27 26.10 -23.00
C LEU A 253 -7.17 27.12 -21.88
N LYS A 254 -8.00 28.16 -21.94
CA LYS A 254 -7.96 29.18 -20.91
C LYS A 254 -8.30 28.58 -19.54
N GLU A 255 -9.46 27.93 -19.45
CA GLU A 255 -9.90 27.34 -18.20
C GLU A 255 -8.94 26.27 -17.73
N ARG A 256 -8.32 25.59 -18.69
CA ARG A 256 -7.39 24.53 -18.35
C ARG A 256 -6.18 25.08 -17.64
N LEU A 257 -5.61 26.15 -18.21
CA LEU A 257 -4.45 26.78 -17.63
C LEU A 257 -4.78 27.33 -16.25
N ILE A 258 -5.92 28.02 -16.13
CA ILE A 258 -6.24 28.56 -14.80
C ILE A 258 -6.47 27.43 -13.82
N GLY A 259 -6.85 26.28 -14.35
CA GLY A 259 -7.04 25.12 -13.52
C GLY A 259 -5.71 24.82 -12.87
N VAL A 260 -4.75 24.40 -13.71
CA VAL A 260 -3.42 24.09 -13.24
C VAL A 260 -2.91 25.19 -12.34
N LYS A 261 -3.21 26.44 -12.72
CA LYS A 261 -2.76 27.59 -11.94
C LYS A 261 -3.20 27.46 -10.50
N LYS A 262 -4.48 27.19 -10.31
CA LYS A 262 -4.99 27.05 -8.97
C LYS A 262 -4.45 25.84 -8.18
N LEU A 263 -4.08 24.76 -8.87
CA LEU A 263 -3.54 23.62 -8.16
C LEU A 263 -2.28 24.12 -7.54
N ILE A 264 -1.48 24.85 -8.30
CA ILE A 264 -0.24 25.38 -7.76
C ILE A 264 -0.51 26.21 -6.50
N ASP A 265 -1.54 27.04 -6.55
CA ASP A 265 -1.83 27.86 -5.39
C ASP A 265 -2.08 27.00 -4.17
N MET A 266 -2.56 25.79 -4.39
CA MET A 266 -2.88 24.87 -3.30
C MET A 266 -1.72 24.07 -2.68
N VAL A 267 -0.51 24.26 -3.18
CA VAL A 267 0.64 23.57 -2.60
C VAL A 267 1.56 24.63 -2.01
N ASP A 268 1.47 24.82 -0.70
CA ASP A 268 2.27 25.84 -0.05
C ASP A 268 3.66 26.08 -0.59
N THR A 269 4.52 25.06 -0.61
CA THR A 269 5.86 25.33 -1.15
C THR A 269 5.85 25.86 -2.59
N ALA A 270 5.10 25.22 -3.48
CA ALA A 270 5.03 25.66 -4.87
C ALA A 270 4.50 27.07 -5.00
N ARG A 271 3.56 27.45 -4.15
CA ARG A 271 3.00 28.79 -4.24
C ARG A 271 3.99 29.83 -3.73
N LYS A 272 4.67 29.54 -2.63
CA LYS A 272 5.65 30.46 -2.08
C LYS A 272 6.65 30.82 -3.18
N ARG A 273 7.33 29.85 -3.78
CA ARG A 273 8.26 30.15 -4.90
C ARG A 273 7.26 30.39 -6.01
N GLY A 274 7.50 31.32 -6.92
CA GLY A 274 6.49 31.51 -7.95
C GLY A 274 6.41 30.45 -9.04
N VAL A 275 6.26 29.16 -8.70
CA VAL A 275 6.22 28.13 -9.74
C VAL A 275 5.18 28.51 -10.72
N LYS A 276 5.50 28.40 -12.01
CA LYS A 276 4.54 28.76 -13.04
C LYS A 276 4.26 27.69 -14.05
N ILE A 277 3.40 27.99 -15.00
CA ILE A 277 3.07 27.03 -15.99
C ILE A 277 3.90 27.20 -17.25
N ALA A 278 4.35 26.08 -17.80
CA ALA A 278 5.09 26.11 -19.05
C ALA A 278 4.26 25.33 -20.07
N LEU A 279 3.62 26.03 -21.00
CA LEU A 279 2.80 25.35 -22.00
C LEU A 279 3.78 24.95 -23.10
N ASP A 280 4.64 23.96 -22.80
CA ASP A 280 5.70 23.53 -23.74
C ASP A 280 5.31 22.61 -24.87
N GLU A 281 4.03 22.49 -25.17
CA GLU A 281 3.61 21.66 -26.28
C GLU A 281 2.15 21.97 -26.58
N TRP A 282 1.91 22.71 -27.66
CA TRP A 282 0.53 23.04 -28.02
C TRP A 282 0.09 23.54 -29.41
N ASN A 283 -0.59 22.69 -30.15
CA ASN A 283 -1.07 23.09 -31.45
C ASN A 283 -2.37 22.38 -31.79
N VAL A 284 -2.75 22.48 -33.04
CA VAL A 284 -3.95 21.80 -33.50
C VAL A 284 -3.42 20.49 -33.98
N TRP A 285 -4.15 19.42 -33.74
CA TRP A 285 -3.71 18.13 -34.19
C TRP A 285 -4.85 17.14 -34.07
N TYR A 286 -5.46 16.79 -35.20
CA TYR A 286 -6.55 15.84 -35.13
C TYR A 286 -6.58 14.95 -36.37
N ARG A 287 -6.07 15.48 -37.47
CA ARG A 287 -6.08 14.78 -38.73
C ARG A 287 -5.16 13.58 -38.94
N VAL A 288 -3.88 13.80 -38.78
CA VAL A 288 -2.89 12.77 -38.99
C VAL A 288 -2.60 12.05 -37.67
N SER A 289 -2.42 10.74 -37.74
CA SER A 289 -2.10 9.99 -36.55
C SER A 289 -1.15 8.87 -36.89
N ASP A 290 -0.02 9.24 -37.49
CA ASP A 290 1.02 8.30 -37.86
C ASP A 290 2.27 8.70 -37.10
N ASN A 291 3.44 8.56 -37.72
CA ASN A 291 4.71 8.92 -37.10
C ASN A 291 5.60 9.85 -37.95
N LYS A 292 4.90 10.67 -38.75
CA LYS A 292 5.46 11.72 -39.61
C LYS A 292 4.70 12.97 -39.14
N LEU A 293 3.46 12.73 -38.74
CA LEU A 293 2.59 13.77 -38.23
C LEU A 293 2.60 15.02 -39.06
N GLU A 294 2.44 14.90 -40.38
CA GLU A 294 2.48 16.10 -41.20
C GLU A 294 1.07 16.66 -41.47
N GLU A 295 0.54 17.27 -40.41
CA GLU A 295 -0.78 17.87 -40.35
C GLU A 295 -0.92 19.04 -41.33
N PRO A 296 -1.96 19.01 -42.21
CA PRO A 296 -2.22 20.04 -43.21
C PRO A 296 -3.02 21.17 -42.59
N TYR A 297 -2.33 22.11 -42.00
CA TYR A 297 -3.01 23.23 -41.34
C TYR A 297 -3.64 24.21 -42.31
N ASP A 298 -4.85 24.65 -41.97
CA ASP A 298 -5.55 25.62 -42.79
C ASP A 298 -5.85 26.87 -41.95
N LEU A 299 -6.41 27.92 -42.59
CA LEU A 299 -6.72 29.19 -41.91
C LEU A 299 -7.47 29.03 -40.59
N LYS A 300 -8.42 28.08 -40.55
CA LYS A 300 -9.18 27.80 -39.34
C LYS A 300 -8.18 27.64 -38.19
N ASP A 301 -7.22 26.72 -38.37
CA ASP A 301 -6.22 26.43 -37.37
C ASP A 301 -5.36 27.63 -37.07
N GLY A 302 -5.04 28.39 -38.11
CA GLY A 302 -4.22 29.59 -37.90
C GLY A 302 -4.88 30.61 -36.98
N ILE A 303 -6.20 30.71 -37.08
CA ILE A 303 -6.95 31.63 -36.24
C ILE A 303 -6.84 31.15 -34.79
N PHE A 304 -6.96 29.83 -34.58
CA PHE A 304 -6.84 29.27 -33.24
C PHE A 304 -5.50 29.67 -32.66
N ALA A 305 -4.47 29.51 -33.49
CA ALA A 305 -3.12 29.83 -33.09
C ALA A 305 -3.05 31.30 -32.76
N CYS A 306 -3.74 32.09 -33.56
CA CYS A 306 -3.74 33.51 -33.37
C CYS A 306 -4.34 33.82 -31.98
N GLY A 307 -5.46 33.19 -31.71
CA GLY A 307 -6.14 33.38 -30.44
C GLY A 307 -5.32 32.97 -29.24
N VAL A 308 -4.68 31.81 -29.36
CA VAL A 308 -3.84 31.34 -28.28
C VAL A 308 -2.79 32.41 -27.93
N LEU A 309 -2.10 32.94 -28.94
CA LEU A 309 -1.09 33.97 -28.71
C LEU A 309 -1.66 35.19 -28.00
N VAL A 310 -2.88 35.57 -28.38
CA VAL A 310 -3.50 36.71 -27.74
C VAL A 310 -3.75 36.39 -26.26
N LEU A 311 -4.24 35.16 -26.00
CA LEU A 311 -4.52 34.69 -24.65
C LEU A 311 -3.23 34.78 -23.83
N LEU A 312 -2.19 34.12 -24.33
CA LEU A 312 -0.89 34.12 -23.67
C LEU A 312 -0.44 35.54 -23.46
N GLN A 313 -0.65 36.37 -24.47
CA GLN A 313 -0.22 37.74 -24.39
C GLN A 313 -0.74 38.30 -23.05
N LYS A 314 -1.97 37.94 -22.69
CA LYS A 314 -2.49 38.48 -21.46
C LYS A 314 -2.43 37.59 -20.26
N MET A 315 -1.68 36.49 -20.36
CA MET A 315 -1.54 35.58 -19.23
C MET A 315 -0.10 35.18 -18.95
N SER A 316 0.81 35.79 -19.69
CA SER A 316 2.23 35.47 -19.56
C SER A 316 2.73 35.55 -18.14
N ASP A 317 1.90 36.06 -17.22
CA ASP A 317 2.33 36.17 -15.83
C ASP A 317 2.25 34.83 -15.13
N ILE A 318 1.37 33.95 -15.60
CA ILE A 318 1.30 32.63 -14.99
C ILE A 318 1.80 31.56 -15.97
N VAL A 319 1.81 31.88 -17.25
CA VAL A 319 2.28 30.96 -18.27
C VAL A 319 3.34 31.72 -19.04
N PRO A 320 4.48 31.97 -18.41
CA PRO A 320 5.53 32.72 -19.10
C PRO A 320 6.25 31.99 -20.23
N LEU A 321 6.17 30.67 -20.21
CA LEU A 321 6.86 29.89 -21.22
C LEU A 321 5.89 29.06 -22.07
N ALA A 322 6.04 29.13 -23.40
CA ALA A 322 5.14 28.38 -24.29
C ALA A 322 5.85 27.95 -25.57
N ASN A 323 5.55 26.75 -26.03
CA ASN A 323 6.16 26.22 -27.22
C ASN A 323 5.20 25.56 -28.22
N LEU A 324 5.18 26.07 -29.44
CA LEU A 324 4.27 25.53 -30.44
C LEU A 324 4.68 24.08 -30.59
N ALA A 325 3.75 23.24 -31.00
CA ALA A 325 4.05 21.81 -31.16
C ALA A 325 5.45 21.62 -31.75
N GLN A 326 5.59 22.01 -33.02
CA GLN A 326 6.85 21.93 -33.70
C GLN A 326 6.87 23.05 -34.70
N LEU A 327 7.91 23.11 -35.51
CA LEU A 327 8.02 24.20 -36.48
C LEU A 327 8.73 23.72 -37.73
N VAL A 328 8.27 22.60 -38.28
CA VAL A 328 8.89 22.09 -39.39
C VAL A 328 8.11 21.14 -40.23
N ASN A 329 7.82 19.96 -39.94
CA ASN A 329 7.08 19.04 -40.79
C ASN A 329 6.16 18.34 -39.77
N ALA A 330 6.77 17.86 -38.68
CA ALA A 330 6.02 17.17 -37.64
C ALA A 330 5.08 18.19 -36.99
N LEU A 331 3.79 18.06 -37.27
CA LEU A 331 2.79 18.96 -36.71
C LEU A 331 3.38 20.33 -36.99
N GLY A 332 4.17 20.38 -38.07
CA GLY A 332 4.88 21.58 -38.49
C GLY A 332 4.19 22.84 -38.93
N ALA A 333 4.81 23.94 -38.50
CA ALA A 333 4.31 25.27 -38.80
C ALA A 333 4.86 25.67 -40.16
N ILE A 334 6.03 25.13 -40.50
CA ILE A 334 6.69 25.40 -41.77
C ILE A 334 6.81 24.07 -42.52
N HIS A 335 5.99 23.79 -43.52
CA HIS A 335 6.14 22.52 -44.26
C HIS A 335 7.35 22.48 -45.25
N THR A 336 8.08 21.39 -45.28
CA THR A 336 9.25 21.31 -46.12
C THR A 336 9.11 20.30 -47.21
N GLU A 337 9.96 20.45 -48.22
CA GLU A 337 10.01 19.52 -49.31
C GLU A 337 11.46 19.59 -49.82
N LYS A 338 11.92 18.50 -50.43
CA LYS A 338 13.28 18.38 -50.95
C LYS A 338 13.76 19.61 -51.73
N ASP A 339 12.81 20.33 -52.33
CA ASP A 339 13.09 21.52 -53.15
C ASP A 339 12.41 22.85 -52.76
N GLY A 340 11.77 22.92 -51.61
CA GLY A 340 11.11 24.16 -51.25
C GLY A 340 10.61 24.23 -49.84
N LEU A 341 9.84 25.28 -49.61
CA LEU A 341 9.28 25.58 -48.32
C LEU A 341 7.86 26.00 -48.63
N ILE A 342 7.06 26.21 -47.58
CA ILE A 342 5.65 26.63 -47.63
C ILE A 342 5.28 26.95 -46.18
N LEU A 343 4.67 28.11 -45.98
CA LEU A 343 4.28 28.53 -44.65
C LEU A 343 2.79 28.32 -44.44
N THR A 344 2.43 27.52 -43.42
CA THR A 344 1.03 27.24 -43.10
C THR A 344 0.48 28.36 -42.25
N PRO A 345 -0.85 28.51 -42.25
CA PRO A 345 -1.55 29.55 -41.49
C PRO A 345 -1.06 29.67 -40.03
N VAL A 346 -0.61 28.55 -39.47
CA VAL A 346 -0.11 28.55 -38.10
C VAL A 346 1.18 29.37 -38.08
N TYR A 347 2.03 29.17 -39.08
CA TYR A 347 3.27 29.94 -39.15
C TYR A 347 2.93 31.42 -39.25
N LYS A 348 1.99 31.74 -40.13
CA LYS A 348 1.58 33.10 -40.33
C LYS A 348 1.18 33.78 -39.04
N ALA A 349 0.35 33.09 -38.24
CA ALA A 349 -0.11 33.66 -36.97
C ALA A 349 1.07 34.20 -36.18
N PHE A 350 2.15 33.45 -36.17
CA PHE A 350 3.31 33.93 -35.45
C PHE A 350 3.95 35.11 -36.17
N GLU A 351 4.06 35.01 -37.50
CA GLU A 351 4.67 36.09 -38.28
C GLU A 351 4.00 37.40 -37.90
N LEU A 352 2.68 37.34 -37.79
CA LEU A 352 1.89 38.51 -37.46
C LEU A 352 2.09 39.00 -36.05
N ILE A 353 1.86 38.15 -35.06
CA ILE A 353 1.98 38.62 -33.68
C ILE A 353 3.38 38.87 -33.17
N VAL A 354 4.36 38.11 -33.61
CA VAL A 354 5.70 38.36 -33.08
C VAL A 354 6.32 39.66 -33.61
N ASN A 355 5.98 40.04 -34.83
CA ASN A 355 6.55 41.25 -35.37
C ASN A 355 5.70 42.50 -35.08
N HIS A 356 4.52 42.30 -34.49
CA HIS A 356 3.62 43.43 -34.18
C HIS A 356 3.03 43.27 -32.79
N SER A 357 3.92 43.29 -31.78
CA SER A 357 3.52 43.10 -30.38
C SER A 357 4.50 43.76 -29.44
N GLY A 358 3.96 44.35 -28.36
CA GLY A 358 4.79 45.02 -27.36
C GLY A 358 5.28 44.17 -26.20
N GLU A 359 6.16 44.74 -25.39
CA GLU A 359 6.71 44.03 -24.25
C GLU A 359 5.89 44.19 -22.98
N LYS A 360 4.87 45.06 -23.04
CA LYS A 360 4.01 45.32 -21.87
C LYS A 360 2.53 45.26 -22.26
N LEU A 361 1.70 44.68 -21.38
CA LEU A 361 0.25 44.55 -21.60
C LEU A 361 -0.41 45.75 -20.96
N VAL A 362 -1.32 46.41 -21.70
CA VAL A 362 -1.96 47.63 -21.21
C VAL A 362 -3.45 47.51 -21.05
N LYS A 363 -4.00 48.13 -20.01
CA LYS A 363 -5.42 48.06 -19.72
C LYS A 363 -6.13 48.00 -21.05
N THR A 364 -6.77 46.87 -21.28
CA THR A 364 -7.50 46.67 -22.52
C THR A 364 -8.76 45.92 -22.06
N HIS A 365 -9.93 46.44 -22.43
CA HIS A 365 -11.21 45.87 -22.02
C HIS A 365 -12.10 45.75 -23.25
N VAL A 366 -12.58 44.55 -23.56
CA VAL A 366 -13.43 44.38 -24.72
C VAL A 366 -14.83 43.88 -24.38
N GLU A 367 -15.79 44.09 -25.30
CA GLU A 367 -17.17 43.67 -25.10
C GLU A 367 -17.67 42.87 -26.31
N SER A 368 -17.76 41.54 -26.20
CA SER A 368 -18.24 40.74 -27.33
C SER A 368 -19.59 40.07 -27.10
N GLU A 369 -20.03 39.34 -28.12
CA GLU A 369 -21.32 38.70 -28.05
C GLU A 369 -20.41 37.50 -27.84
N THR A 370 -20.91 36.49 -27.12
CA THR A 370 -20.16 35.25 -26.81
C THR A 370 -21.17 34.21 -27.30
N TYR A 371 -20.83 32.95 -27.06
CA TYR A 371 -21.65 31.80 -27.43
C TYR A 371 -21.22 30.61 -26.59
N ASN A 372 -21.98 29.55 -26.72
CA ASN A 372 -21.65 28.33 -26.02
C ASN A 372 -21.40 27.27 -27.09
N ILE A 373 -20.59 26.27 -26.80
CA ILE A 373 -20.36 25.27 -27.79
C ILE A 373 -20.07 23.90 -27.18
N GLU A 374 -20.17 22.89 -28.04
CA GLU A 374 -19.93 21.52 -27.64
C GLU A 374 -19.34 20.90 -28.89
N GLY A 375 -18.22 20.21 -28.73
CA GLY A 375 -17.60 19.59 -29.87
C GLY A 375 -16.56 18.57 -29.48
N VAL A 376 -15.76 18.14 -30.44
CA VAL A 376 -14.71 17.17 -30.14
C VAL A 376 -13.39 17.89 -30.44
N MET A 377 -12.35 17.20 -30.12
CA MET A 377 -11.06 17.64 -30.16
C MET A 377 -9.88 17.35 -30.92
N PHE A 378 -9.23 16.30 -30.65
CA PHE A 378 -7.96 15.88 -31.19
C PHE A 378 -7.83 14.52 -31.66
N ILE A 379 -8.71 14.13 -32.57
CA ILE A 379 -8.61 12.81 -33.19
C ILE A 379 -9.14 11.48 -32.68
N ASN A 380 -9.63 11.48 -31.43
CA ASN A 380 -10.27 10.30 -30.89
C ASN A 380 -11.55 11.10 -30.74
N LYS A 381 -11.46 12.39 -31.02
CA LYS A 381 -12.62 13.27 -30.94
C LYS A 381 -13.10 13.48 -29.51
N MET A 382 -12.16 13.44 -28.56
CA MET A 382 -12.50 13.65 -27.16
C MET A 382 -13.54 14.76 -27.02
N PRO A 383 -14.62 14.47 -26.29
CA PRO A 383 -15.70 15.44 -26.13
C PRO A 383 -15.30 16.57 -25.23
N PHE A 384 -15.76 17.79 -25.52
CA PHE A 384 -15.43 18.99 -24.74
C PHE A 384 -16.52 20.03 -24.90
N SER A 385 -16.49 21.04 -24.04
CA SER A 385 -17.49 22.10 -24.12
C SER A 385 -16.98 23.41 -23.58
N VAL A 386 -17.32 24.50 -24.25
CA VAL A 386 -16.88 25.81 -23.81
C VAL A 386 -18.08 26.66 -23.52
N GLU A 387 -17.96 27.54 -22.53
CA GLU A 387 -19.06 28.41 -22.16
C GLU A 387 -18.74 29.88 -22.29
N ASN A 388 -19.54 30.58 -23.08
CA ASN A 388 -19.39 31.99 -23.27
C ASN A 388 -18.10 32.37 -23.93
N ALA A 389 -17.84 31.74 -25.05
CA ALA A 389 -16.65 32.00 -25.82
C ALA A 389 -16.88 33.29 -26.60
N PRO A 390 -15.98 34.28 -26.47
CA PRO A 390 -16.21 35.53 -27.22
C PRO A 390 -16.05 35.39 -28.75
N PHE A 391 -16.81 36.19 -29.48
CA PHE A 391 -16.74 36.21 -30.94
C PHE A 391 -15.61 37.16 -31.30
N LEU A 392 -15.29 38.04 -30.35
CA LEU A 392 -14.25 39.03 -30.51
C LEU A 392 -13.45 39.16 -29.23
N ASP A 393 -12.14 39.17 -29.35
CA ASP A 393 -11.29 39.33 -28.16
C ASP A 393 -10.08 40.09 -28.61
N ALA A 394 -9.32 40.65 -27.67
CA ALA A 394 -8.16 41.42 -28.07
C ALA A 394 -7.21 41.79 -26.92
N ALA A 395 -6.00 42.21 -27.31
CA ALA A 395 -4.97 42.55 -26.34
C ALA A 395 -4.10 43.66 -26.84
N ALA A 396 -3.95 44.67 -26.00
CA ALA A 396 -3.18 45.83 -26.33
C ALA A 396 -1.83 45.86 -25.66
N SER A 397 -0.77 45.92 -26.46
CA SER A 397 0.58 45.93 -25.92
C SER A 397 1.26 47.23 -26.29
N ILE A 398 2.29 47.58 -25.52
CA ILE A 398 3.09 48.78 -25.72
C ILE A 398 4.56 48.40 -25.87
N SER A 399 5.30 49.09 -26.73
CA SER A 399 6.72 48.74 -26.90
C SER A 399 7.49 49.09 -25.61
N GLU A 400 8.73 48.63 -25.48
CA GLU A 400 9.50 48.90 -24.27
C GLU A 400 9.62 50.38 -23.98
N ASP A 401 10.03 51.12 -25.00
CA ASP A 401 10.23 52.58 -24.95
C ASP A 401 8.92 53.37 -24.94
N GLY A 402 7.83 52.67 -24.70
CA GLY A 402 6.53 53.31 -24.62
C GLY A 402 6.14 54.26 -25.73
N LYS A 403 6.73 54.11 -26.93
CA LYS A 403 6.38 54.99 -28.04
C LYS A 403 5.63 54.27 -29.16
N LYS A 404 5.12 53.08 -28.89
CA LYS A 404 4.42 52.34 -29.92
C LYS A 404 3.35 51.43 -29.34
N LEU A 405 2.15 51.46 -29.92
CA LEU A 405 1.04 50.66 -29.45
C LEU A 405 0.60 49.61 -30.46
N PHE A 406 0.21 48.42 -29.97
CA PHE A 406 -0.27 47.35 -30.82
C PHE A 406 -1.53 46.85 -30.19
N ILE A 407 -2.59 46.92 -30.96
CA ILE A 407 -3.86 46.43 -30.52
C ILE A 407 -4.21 45.23 -31.38
N ALA A 408 -4.02 44.04 -30.83
CA ALA A 408 -4.29 42.86 -31.58
C ALA A 408 -5.69 42.41 -31.27
N VAL A 409 -6.46 42.19 -32.34
CA VAL A 409 -7.83 41.74 -32.21
C VAL A 409 -8.15 40.56 -33.13
N VAL A 410 -9.05 39.72 -32.64
CA VAL A 410 -9.47 38.52 -33.33
C VAL A 410 -10.98 38.46 -33.43
N ASN A 411 -11.44 38.42 -34.66
CA ASN A 411 -12.84 38.31 -34.95
C ASN A 411 -12.97 36.85 -35.25
N TYR A 412 -13.55 36.10 -34.31
CA TYR A 412 -13.73 34.66 -34.49
C TYR A 412 -15.13 34.35 -35.00
N ARG A 413 -15.50 34.98 -36.12
CA ARG A 413 -16.81 34.76 -36.72
C ARG A 413 -16.32 34.58 -38.15
N LYS A 414 -17.10 33.86 -38.94
CA LYS A 414 -16.75 33.61 -40.34
C LYS A 414 -17.75 34.33 -41.24
N GLU A 415 -19.03 34.14 -40.96
CA GLU A 415 -20.09 34.76 -41.74
C GLU A 415 -20.26 36.27 -41.30
N ASP A 416 -19.17 36.92 -41.00
CA ASP A 416 -19.44 38.27 -40.59
C ASP A 416 -18.24 39.14 -40.54
N ALA A 417 -18.41 40.39 -40.96
CA ALA A 417 -17.33 41.28 -40.61
C ALA A 417 -17.93 42.08 -39.46
N LEU A 418 -17.12 42.76 -38.66
CA LEU A 418 -17.69 43.53 -37.55
C LEU A 418 -17.09 44.93 -37.45
N LYS A 419 -17.96 45.94 -37.26
CA LYS A 419 -17.54 47.34 -37.21
C LYS A 419 -17.46 47.96 -35.80
N VAL A 420 -16.96 47.19 -34.84
CA VAL A 420 -16.69 47.67 -33.50
C VAL A 420 -15.95 49.00 -33.30
N PRO A 421 -16.48 49.84 -32.41
CA PRO A 421 -15.91 51.15 -32.07
C PRO A 421 -14.81 50.99 -31.06
N ILE A 422 -13.56 51.08 -31.49
CA ILE A 422 -12.46 50.94 -30.55
C ILE A 422 -12.23 52.34 -29.98
N ARG A 423 -11.52 52.45 -28.85
CA ARG A 423 -11.24 53.78 -28.29
C ARG A 423 -9.97 53.71 -27.47
N VAL A 424 -9.09 54.68 -27.66
CA VAL A 424 -7.82 54.69 -26.95
C VAL A 424 -7.65 55.97 -26.13
N GLU A 425 -7.87 55.91 -24.81
CA GLU A 425 -7.75 57.08 -23.94
C GLU A 425 -6.61 58.04 -24.25
N GLY A 426 -6.97 59.25 -24.69
CA GLY A 426 -6.00 60.29 -25.03
C GLY A 426 -5.03 60.04 -26.17
N LEU A 427 -5.50 59.46 -27.27
CA LEU A 427 -4.65 59.17 -28.41
C LEU A 427 -4.49 60.39 -29.35
N GLY A 428 -5.60 60.89 -29.87
CA GLY A 428 -5.51 62.02 -30.78
C GLY A 428 -5.50 61.52 -32.21
N GLN A 429 -5.24 62.36 -33.19
CA GLN A 429 -5.25 61.91 -34.58
C GLN A 429 -3.90 61.55 -35.17
N LYS A 430 -3.67 60.26 -35.33
CA LYS A 430 -2.43 59.76 -35.93
C LYS A 430 -2.77 58.96 -37.19
N LYS A 431 -1.74 58.54 -37.91
CA LYS A 431 -1.96 57.78 -39.13
C LYS A 431 -1.42 56.37 -38.95
N ALA A 432 -2.09 55.59 -38.11
CA ALA A 432 -1.69 54.22 -37.84
C ALA A 432 -1.86 53.27 -39.05
N THR A 433 -1.14 52.15 -39.03
CA THR A 433 -1.22 51.15 -40.09
C THR A 433 -1.68 49.80 -39.50
N VAL A 434 -2.63 49.11 -40.14
CA VAL A 434 -3.10 47.83 -39.59
C VAL A 434 -2.71 46.62 -40.40
N TYR A 435 -2.07 45.65 -39.73
CA TYR A 435 -1.70 44.43 -40.43
C TYR A 435 -2.69 43.39 -40.07
N THR A 436 -3.42 42.89 -41.06
CA THR A 436 -4.42 41.89 -40.80
C THR A 436 -4.12 40.58 -41.54
N LEU A 437 -4.51 39.46 -40.93
CA LEU A 437 -4.26 38.14 -41.51
C LEU A 437 -5.52 37.32 -41.66
N THR A 438 -5.84 36.99 -42.91
CA THR A 438 -7.02 36.18 -43.20
C THR A 438 -6.81 35.62 -44.59
N GLY A 439 -7.88 35.12 -45.19
CA GLY A 439 -7.79 34.56 -46.53
C GLY A 439 -9.15 34.19 -47.10
N PRO A 440 -9.17 33.60 -48.31
CA PRO A 440 -10.41 33.18 -48.99
C PRO A 440 -11.54 32.60 -48.13
N ASP A 441 -11.31 31.42 -47.56
CA ASP A 441 -12.31 30.78 -46.74
C ASP A 441 -11.63 30.18 -45.52
N VAL A 442 -12.42 29.70 -44.57
CA VAL A 442 -11.85 29.15 -43.36
C VAL A 442 -11.09 27.88 -43.63
N ASN A 443 -10.84 27.58 -44.89
CA ASN A 443 -10.10 26.37 -45.17
C ASN A 443 -9.00 26.61 -46.14
N ALA A 444 -8.70 27.88 -46.33
CA ALA A 444 -7.64 28.24 -47.26
C ALA A 444 -6.33 27.76 -46.65
N ARG A 445 -5.35 27.51 -47.52
CA ARG A 445 -4.05 27.06 -47.07
C ARG A 445 -3.05 27.37 -48.18
N ASN A 446 -1.79 27.55 -47.81
CA ASN A 446 -0.76 27.88 -48.79
C ASN A 446 -0.17 26.63 -49.40
N THR A 447 0.17 26.69 -50.67
CA THR A 447 0.76 25.55 -51.36
C THR A 447 2.10 25.92 -51.92
N MET A 448 2.74 24.97 -52.59
CA MET A 448 4.03 25.23 -53.18
C MET A 448 3.88 26.27 -54.31
N GLU A 449 2.74 26.24 -55.00
CA GLU A 449 2.45 27.19 -56.09
C GLU A 449 1.70 28.46 -55.69
N ASN A 450 1.07 28.42 -54.51
CA ASN A 450 0.32 29.55 -53.97
C ASN A 450 0.79 29.86 -52.56
N PRO A 451 2.08 30.20 -52.41
CA PRO A 451 2.64 30.49 -51.09
C PRO A 451 2.07 31.73 -50.47
N ASN A 452 0.94 32.21 -51.01
CA ASN A 452 0.30 33.40 -50.48
C ASN A 452 -1.21 33.48 -50.33
N VAL A 453 -1.90 32.35 -50.46
CA VAL A 453 -3.35 32.31 -50.31
C VAL A 453 -3.76 32.95 -48.96
N VAL A 454 -3.13 32.48 -47.89
CA VAL A 454 -3.36 32.99 -46.53
C VAL A 454 -2.11 33.83 -46.19
N ASP A 455 -2.27 35.14 -45.97
CA ASP A 455 -1.11 35.97 -45.69
C ASP A 455 -1.44 37.26 -44.93
N ILE A 456 -0.39 38.01 -44.58
CA ILE A 456 -0.52 39.27 -43.87
C ILE A 456 -0.49 40.43 -44.84
N THR A 457 -1.35 41.42 -44.62
CA THR A 457 -1.43 42.60 -45.50
C THR A 457 -1.64 43.91 -44.75
N SER A 458 -0.79 44.89 -45.05
CA SER A 458 -0.89 46.18 -44.38
C SER A 458 -1.95 47.02 -45.04
N GLU A 459 -2.23 48.17 -44.44
CA GLU A 459 -3.24 49.09 -44.94
C GLU A 459 -3.15 50.26 -43.98
N THR A 460 -3.22 51.48 -44.50
CA THR A 460 -3.13 52.63 -43.63
C THR A 460 -4.46 53.16 -43.15
N ILE A 461 -4.43 53.81 -42.00
CA ILE A 461 -5.63 54.36 -41.39
C ILE A 461 -5.37 55.62 -40.60
N THR A 462 -6.44 56.40 -40.44
CA THR A 462 -6.38 57.61 -39.65
C THR A 462 -7.13 57.16 -38.41
N VAL A 463 -6.48 57.30 -37.25
CA VAL A 463 -7.11 56.89 -36.00
C VAL A 463 -7.19 58.06 -35.01
N ASP A 464 -8.15 58.01 -34.09
CA ASP A 464 -8.33 59.07 -33.09
C ASP A 464 -8.72 58.44 -31.76
N THR A 465 -8.72 59.26 -30.70
CA THR A 465 -9.09 58.83 -29.34
C THR A 465 -10.32 57.92 -29.36
N GLU A 466 -11.11 58.08 -30.39
CA GLU A 466 -12.29 57.27 -30.55
C GLU A 466 -12.45 57.05 -32.05
N PHE A 467 -12.65 55.81 -32.46
CA PHE A 467 -12.86 55.54 -33.86
C PHE A 467 -13.46 54.18 -34.13
N GLU A 468 -13.41 53.77 -35.38
CA GLU A 468 -13.94 52.48 -35.82
C GLU A 468 -13.05 51.88 -36.90
N HIS A 469 -13.16 50.56 -37.03
CA HIS A 469 -12.41 49.81 -38.02
C HIS A 469 -13.15 48.48 -38.10
N THR A 470 -13.45 48.03 -39.30
CA THR A 470 -14.16 46.79 -39.43
C THR A 470 -13.17 45.63 -39.57
N PHE A 471 -13.44 44.52 -38.88
CA PHE A 471 -12.56 43.36 -38.94
C PHE A 471 -13.27 42.26 -39.70
N LYS A 472 -12.61 41.75 -40.74
CA LYS A 472 -13.18 40.67 -41.55
C LYS A 472 -13.46 39.40 -40.76
N PRO A 473 -14.31 38.53 -41.32
CA PRO A 473 -14.63 37.28 -40.61
C PRO A 473 -13.35 36.46 -40.49
N PHE A 474 -13.32 35.57 -39.50
CA PHE A 474 -12.14 34.73 -39.26
C PHE A 474 -10.82 35.45 -39.59
N SER A 475 -10.64 36.59 -38.97
CA SER A 475 -9.44 37.39 -39.18
C SER A 475 -8.75 37.75 -37.84
N CYS A 476 -7.49 38.09 -37.94
CA CYS A 476 -6.68 38.39 -36.78
C CYS A 476 -5.96 39.64 -37.24
N SER A 477 -6.10 40.72 -36.49
CA SER A 477 -5.49 41.97 -36.89
C SER A 477 -4.73 42.68 -35.78
N VAL A 478 -3.74 43.46 -36.15
CA VAL A 478 -2.95 44.22 -35.19
C VAL A 478 -2.89 45.66 -35.70
N ILE A 479 -3.58 46.54 -35.01
CA ILE A 479 -3.57 47.94 -35.38
C ILE A 479 -2.31 48.50 -34.72
N GLU A 480 -1.36 48.93 -35.54
CA GLU A 480 -0.10 49.46 -35.02
C GLU A 480 -0.11 50.97 -35.12
N VAL A 481 -0.28 51.61 -33.97
CA VAL A 481 -0.39 53.06 -33.87
C VAL A 481 0.75 53.74 -33.11
N GLU A 482 0.53 55.02 -32.78
CA GLU A 482 1.46 55.88 -32.04
C GLU A 482 2.77 55.98 -32.82
N SER B 2 31.59 10.99 47.67
CA SER B 2 32.59 9.90 47.88
C SER B 2 32.78 9.03 46.63
N TYR B 3 33.96 9.14 46.02
CA TYR B 3 34.30 8.36 44.84
C TYR B 3 35.27 7.26 45.24
N ARG B 4 35.43 6.27 44.38
CA ARG B 4 36.32 5.14 44.66
C ARG B 4 36.26 4.23 43.43
N ILE B 5 37.35 3.51 43.15
CA ILE B 5 37.40 2.59 42.01
C ILE B 5 38.19 1.36 42.49
N VAL B 6 37.76 0.19 42.02
CA VAL B 6 38.35 -1.08 42.42
C VAL B 6 38.63 -2.03 41.24
N VAL B 7 39.90 -2.33 41.00
CA VAL B 7 40.31 -3.21 39.90
C VAL B 7 40.74 -4.61 40.38
N ASP B 8 40.41 -5.66 39.62
CA ASP B 8 40.82 -7.01 39.96
C ASP B 8 41.43 -7.66 38.72
N PRO B 9 42.70 -7.32 38.43
CA PRO B 9 43.44 -7.85 37.28
C PRO B 9 43.34 -9.35 37.06
N LYS B 10 43.00 -10.08 38.11
CA LYS B 10 42.89 -11.54 38.02
C LYS B 10 41.62 -11.95 37.28
N GLU B 11 40.64 -11.05 37.21
CA GLU B 11 39.37 -11.37 36.54
C GLU B 11 39.15 -10.68 35.19
N VAL B 12 39.37 -11.40 34.10
CA VAL B 12 39.16 -10.85 32.76
C VAL B 12 37.68 -10.93 32.47
N VAL B 13 37.13 -9.81 32.02
CA VAL B 13 35.72 -9.73 31.69
C VAL B 13 35.46 -10.11 30.23
N LYS B 14 36.20 -9.49 29.32
CA LYS B 14 36.04 -9.77 27.90
C LYS B 14 37.17 -9.17 27.10
N PRO B 15 37.26 -9.55 25.84
CA PRO B 15 38.36 -8.93 25.07
C PRO B 15 37.95 -7.51 24.70
N ILE B 16 38.90 -6.76 24.15
CA ILE B 16 38.64 -5.40 23.70
C ILE B 16 38.95 -5.45 22.20
N SER B 17 37.91 -5.38 21.38
CA SER B 17 38.08 -5.41 19.94
C SER B 17 39.04 -4.28 19.58
N ARG B 18 40.18 -4.66 19.03
CA ARG B 18 41.19 -3.68 18.67
C ARG B 18 40.73 -2.66 17.68
N HIS B 19 39.58 -2.88 17.07
CA HIS B 19 39.06 -1.96 16.09
C HIS B 19 38.17 -0.88 16.60
N ILE B 20 38.17 -0.62 17.91
CA ILE B 20 37.31 0.44 18.43
C ILE B 20 38.01 1.75 18.21
N TYR B 21 39.32 1.67 17.97
CA TYR B 21 40.13 2.86 17.74
C TYR B 21 40.30 3.23 16.27
N GLY B 22 39.36 2.78 15.44
CA GLY B 22 39.44 3.05 14.00
C GLY B 22 39.14 4.46 13.58
N HIS B 23 39.67 4.84 12.42
CA HIS B 23 39.49 6.18 11.88
C HIS B 23 38.83 6.23 10.51
N PHE B 24 38.41 7.43 10.14
CA PHE B 24 37.69 7.65 8.89
C PHE B 24 38.34 8.77 8.07
N THR B 25 38.38 8.59 6.75
CA THR B 25 39.02 9.55 5.88
C THR B 25 38.27 9.74 4.54
N GLU B 26 37.40 10.75 4.26
CA GLU B 26 36.52 11.12 3.12
C GLU B 26 37.08 12.18 2.17
N HIS B 27 36.54 12.13 1.17
CA HIS B 27 36.95 13.13 0.19
C HIS B 27 36.13 14.41 0.38
N LEU B 28 36.31 14.99 1.56
CA LEU B 28 35.61 16.19 1.92
C LEU B 28 36.57 17.31 2.26
N GLY B 29 36.40 18.48 1.63
CA GLY B 29 37.29 19.58 1.92
C GLY B 29 38.74 19.19 1.76
N ARG B 30 39.55 19.41 2.79
CA ARG B 30 40.97 19.11 2.71
C ARG B 30 41.39 17.82 3.39
N CYS B 31 40.47 16.90 3.66
CA CYS B 31 40.85 15.66 4.32
C CYS B 31 41.85 14.84 3.52
N ILE B 32 41.59 14.71 2.23
CA ILE B 32 42.48 13.98 1.34
C ILE B 32 43.46 14.97 0.74
N TYR B 33 42.99 15.77 -0.21
CA TYR B 33 43.83 16.76 -0.87
C TYR B 33 44.22 17.94 0.02
N GLY B 34 45.47 17.93 0.46
CA GLY B 34 45.97 18.98 1.34
C GLY B 34 46.00 18.53 2.78
N GLY B 35 45.68 17.24 2.97
CA GLY B 35 45.65 16.64 4.29
C GLY B 35 46.61 15.48 4.39
N ILE B 36 46.21 14.31 3.94
CA ILE B 36 47.10 13.16 4.01
C ILE B 36 47.82 13.07 2.68
N TYR B 37 47.22 13.66 1.66
CA TYR B 37 47.76 13.63 0.31
C TYR B 37 47.94 15.08 -0.21
N GLU B 38 49.17 15.43 -0.62
CA GLU B 38 49.49 16.76 -1.15
C GLU B 38 50.61 16.56 -2.16
N GLU B 39 50.26 16.27 -3.41
CA GLU B 39 51.26 16.04 -4.43
C GLU B 39 52.31 17.16 -4.60
N GLY B 40 53.57 16.75 -4.73
CA GLY B 40 54.68 17.67 -4.96
C GLY B 40 54.90 18.76 -3.94
N SER B 41 54.48 18.53 -2.71
CA SER B 41 54.69 19.52 -1.66
C SER B 41 56.04 19.21 -1.06
N PRO B 42 56.67 20.18 -0.43
CA PRO B 42 57.98 19.92 0.17
C PRO B 42 57.85 18.93 1.36
N LEU B 43 56.67 18.93 2.02
CA LEU B 43 56.42 18.06 3.18
C LEU B 43 55.94 16.67 2.82
N SER B 44 55.54 16.51 1.56
CA SER B 44 55.03 15.23 1.08
C SER B 44 56.15 14.38 0.48
N ASP B 45 55.97 13.08 0.56
CA ASP B 45 56.96 12.15 0.07
C ASP B 45 56.74 11.77 -1.39
N GLU B 46 57.33 10.64 -1.75
CA GLU B 46 57.27 10.06 -3.09
C GLU B 46 55.90 9.91 -3.69
N ARG B 47 55.04 9.21 -2.95
CA ARG B 47 53.68 8.95 -3.38
C ARG B 47 52.70 10.07 -3.03
N GLY B 48 53.23 11.22 -2.62
CA GLY B 48 52.39 12.37 -2.27
C GLY B 48 51.79 12.40 -0.88
N PHE B 49 52.31 11.56 0.00
CA PHE B 49 51.81 11.50 1.36
C PHE B 49 52.56 12.48 2.23
N ARG B 50 51.83 13.30 2.98
CA ARG B 50 52.49 14.23 3.86
C ARG B 50 53.22 13.40 4.88
N LYS B 51 54.54 13.58 4.94
CA LYS B 51 55.34 12.85 5.87
C LYS B 51 55.02 13.28 7.28
N ASP B 52 54.72 14.56 7.49
CA ASP B 52 54.44 15.04 8.84
C ASP B 52 53.14 14.52 9.41
N VAL B 53 52.19 14.24 8.51
CA VAL B 53 50.87 13.71 8.85
C VAL B 53 51.07 12.22 9.02
N LEU B 54 51.82 11.65 8.10
CA LEU B 54 52.10 10.23 8.10
C LEU B 54 52.66 9.76 9.43
N GLU B 55 53.42 10.61 10.11
CA GLU B 55 53.98 10.26 11.41
C GLU B 55 52.90 10.27 12.47
N ALA B 56 52.22 11.42 12.56
CA ALA B 56 51.15 11.60 13.54
C ALA B 56 50.17 10.45 13.47
N VAL B 57 49.91 10.01 12.23
CA VAL B 57 48.99 8.88 12.03
C VAL B 57 49.57 7.55 12.55
N LYS B 58 50.84 7.27 12.26
CA LYS B 58 51.44 6.03 12.72
C LYS B 58 51.52 6.03 14.24
N ARG B 59 51.73 7.21 14.81
CA ARG B 59 51.86 7.30 16.26
C ARG B 59 50.64 6.82 17.02
N ILE B 60 49.46 6.79 16.38
CA ILE B 60 48.25 6.33 17.07
C ILE B 60 48.20 5.29 15.96
N LYS B 61 48.47 4.06 16.38
CA LYS B 61 48.40 2.87 15.53
C LYS B 61 46.96 2.70 15.08
N VAL B 62 46.61 3.36 13.98
CA VAL B 62 45.25 3.18 13.45
C VAL B 62 45.03 1.70 13.03
N PRO B 63 43.95 1.06 13.53
CA PRO B 63 43.55 -0.35 13.27
C PRO B 63 42.97 -0.65 11.90
N ASN B 64 42.06 0.22 11.51
CA ASN B 64 41.33 0.14 10.28
C ASN B 64 40.92 1.56 9.87
N LEU B 65 40.97 1.85 8.57
CA LEU B 65 40.63 3.17 8.05
C LEU B 65 39.53 3.14 6.99
N ARG B 66 38.45 3.87 7.24
CA ARG B 66 37.29 3.94 6.34
C ARG B 66 37.54 4.94 5.21
N TRP B 67 37.02 4.66 4.03
CA TRP B 67 37.24 5.48 2.83
C TRP B 67 36.27 4.94 1.77
N PRO B 68 35.92 5.74 0.76
CA PRO B 68 36.27 7.10 0.43
C PRO B 68 35.27 8.03 1.05
N GLY B 69 34.30 7.50 1.78
CA GLY B 69 33.42 8.45 2.38
C GLY B 69 32.12 8.09 3.01
N GLY B 70 31.45 9.20 3.26
CA GLY B 70 30.12 9.22 3.80
C GLY B 70 29.45 9.83 2.59
N ASN B 71 28.86 11.00 2.75
CA ASN B 71 28.17 11.64 1.65
C ASN B 71 28.87 11.51 0.30
N PHE B 72 30.16 11.71 0.27
CA PHE B 72 30.88 11.62 -1.01
C PHE B 72 30.61 10.36 -1.79
N VAL B 73 30.91 9.20 -1.21
CA VAL B 73 30.76 7.94 -1.91
C VAL B 73 29.44 7.75 -2.66
N SER B 74 28.36 8.39 -2.22
CA SER B 74 27.10 8.16 -2.90
C SER B 74 26.97 8.65 -4.36
N ASN B 75 28.05 9.18 -4.90
CA ASN B 75 28.03 9.58 -6.28
C ASN B 75 29.44 9.37 -6.85
N TYR B 76 30.18 8.48 -6.17
CA TYR B 76 31.55 8.13 -6.53
C TYR B 76 31.67 6.81 -7.32
N HIS B 77 32.23 6.85 -8.53
CA HIS B 77 32.40 5.59 -9.26
C HIS B 77 33.86 5.20 -9.14
N TRP B 78 34.11 4.17 -8.35
CA TRP B 78 35.49 3.80 -8.08
C TRP B 78 36.43 3.65 -9.25
N GLU B 79 35.88 3.40 -10.43
CA GLU B 79 36.75 3.19 -11.58
C GLU B 79 37.43 4.45 -12.08
N ASP B 80 37.04 5.60 -11.59
CA ASP B 80 37.70 6.81 -12.05
C ASP B 80 38.92 7.07 -11.16
N GLY B 81 39.21 6.14 -10.26
CA GLY B 81 40.31 6.35 -9.35
C GLY B 81 41.40 5.34 -9.55
N ILE B 82 41.29 4.60 -10.65
CA ILE B 82 42.29 3.58 -10.91
C ILE B 82 42.98 3.89 -12.20
N GLY B 83 44.00 3.11 -12.52
CA GLY B 83 44.72 3.33 -13.77
C GLY B 83 45.68 4.46 -13.63
N PRO B 84 46.56 4.72 -14.62
CA PRO B 84 47.51 5.82 -14.52
C PRO B 84 46.74 7.06 -14.21
N LYS B 85 47.36 7.96 -13.45
CA LYS B 85 46.70 9.21 -13.08
C LYS B 85 46.74 9.97 -14.41
N ASP B 86 46.47 11.26 -14.43
CA ASP B 86 46.54 12.00 -15.70
C ASP B 86 45.36 11.62 -16.59
N GLN B 87 45.10 10.33 -16.75
CA GLN B 87 43.98 9.88 -17.59
C GLN B 87 42.74 9.64 -16.77
N ARG B 88 42.79 9.95 -15.48
CA ARG B 88 41.61 9.77 -14.65
C ARG B 88 40.72 10.98 -14.83
N PRO B 89 39.46 10.74 -15.15
CA PRO B 89 38.48 11.83 -15.35
C PRO B 89 38.26 12.76 -14.19
N VAL B 90 38.13 14.05 -14.46
CA VAL B 90 37.85 14.96 -13.38
C VAL B 90 36.34 15.09 -13.31
N ARG B 91 35.77 14.64 -12.20
CA ARG B 91 34.34 14.65 -12.01
C ARG B 91 33.92 15.71 -11.00
N PHE B 92 32.63 16.03 -10.97
CA PHE B 92 32.16 17.04 -10.03
C PHE B 92 31.40 16.34 -8.92
N ASP B 93 31.92 16.42 -7.69
CA ASP B 93 31.30 15.78 -6.53
C ASP B 93 30.11 16.58 -6.03
N LEU B 94 28.92 15.96 -6.07
CA LEU B 94 27.71 16.66 -5.65
C LEU B 94 27.66 16.82 -4.15
N ALA B 95 28.32 15.92 -3.45
CA ALA B 95 28.28 15.99 -2.01
C ALA B 95 28.79 17.29 -1.44
N TRP B 96 30.06 17.59 -1.69
CA TRP B 96 30.61 18.80 -1.12
C TRP B 96 30.89 19.85 -2.16
N GLN B 97 30.49 19.57 -3.39
CA GLN B 97 30.63 20.53 -4.48
C GLN B 97 32.02 21.07 -4.76
N GLN B 98 32.93 20.18 -5.11
CA GLN B 98 34.27 20.61 -5.48
C GLN B 98 34.66 19.58 -6.56
N GLU B 99 35.63 19.89 -7.40
CA GLU B 99 36.02 18.94 -8.43
C GLU B 99 36.87 17.84 -7.85
N GLU B 100 36.70 16.62 -8.37
CA GLU B 100 37.47 15.51 -7.89
C GLU B 100 38.54 15.16 -8.93
N THR B 101 39.78 15.49 -8.67
CA THR B 101 40.85 15.19 -9.62
C THR B 101 40.99 13.66 -9.76
N ASN B 102 40.49 12.95 -8.75
CA ASN B 102 40.55 11.48 -8.69
C ASN B 102 41.94 10.84 -8.76
N ARG B 103 42.95 11.66 -8.48
CA ARG B 103 44.33 11.22 -8.46
C ARG B 103 44.53 10.42 -7.20
N PHE B 104 43.59 10.55 -6.28
CA PHE B 104 43.66 9.73 -5.07
C PHE B 104 42.55 8.70 -5.21
N GLY B 105 42.89 7.51 -5.69
CA GLY B 105 41.89 6.49 -5.88
C GLY B 105 42.14 5.24 -5.03
N THR B 106 41.42 4.16 -5.36
CA THR B 106 41.53 2.89 -4.68
C THR B 106 42.96 2.42 -4.48
N ASP B 107 43.80 2.45 -5.51
CA ASP B 107 45.20 2.00 -5.38
C ASP B 107 45.97 2.81 -4.35
N GLU B 108 45.85 4.11 -4.43
CA GLU B 108 46.52 5.01 -3.50
C GLU B 108 46.01 4.85 -2.04
N PHE B 109 44.71 4.59 -1.85
CA PHE B 109 44.16 4.41 -0.51
C PHE B 109 44.72 3.15 0.10
N ILE B 110 44.65 2.04 -0.60
CA ILE B 110 45.21 0.81 -0.06
C ILE B 110 46.71 0.98 0.24
N GLU B 111 47.43 1.76 -0.56
CA GLU B 111 48.84 1.96 -0.30
C GLU B 111 48.99 2.71 1.01
N TYR B 112 48.19 3.77 1.19
CA TYR B 112 48.24 4.55 2.41
C TYR B 112 47.90 3.65 3.58
N CYS B 113 46.99 2.71 3.39
CA CYS B 113 46.62 1.81 4.49
C CYS B 113 47.81 0.91 4.83
N ARG B 114 48.37 0.32 3.78
CA ARG B 114 49.51 -0.55 3.93
C ARG B 114 50.56 0.20 4.78
N GLU B 115 50.95 1.39 4.32
CA GLU B 115 51.96 2.21 5.00
C GLU B 115 51.71 2.50 6.48
N ILE B 116 50.47 2.68 6.91
CA ILE B 116 50.21 2.93 8.33
C ILE B 116 49.75 1.67 9.08
N GLY B 117 49.77 0.55 8.38
CA GLY B 117 49.36 -0.69 8.99
C GLY B 117 47.90 -0.76 9.39
N ALA B 118 47.05 -0.15 8.60
CA ALA B 118 45.62 -0.19 8.88
C ALA B 118 44.92 -1.14 7.89
N GLU B 119 43.82 -1.72 8.34
CA GLU B 119 43.02 -2.62 7.56
C GLU B 119 42.03 -1.72 6.82
N PRO B 120 42.04 -1.73 5.47
CA PRO B 120 41.12 -0.86 4.75
C PRO B 120 39.68 -1.27 4.98
N TYR B 121 38.82 -0.27 5.05
CA TYR B 121 37.38 -0.43 5.26
C TYR B 121 36.83 0.44 4.18
N ILE B 122 36.38 -0.14 3.08
CA ILE B 122 35.82 0.58 1.94
C ILE B 122 34.31 0.57 1.98
N SER B 123 33.68 1.67 1.58
CA SER B 123 32.23 1.68 1.58
C SER B 123 31.76 1.88 0.14
N ILE B 124 30.83 1.08 -0.37
CA ILE B 124 30.38 1.24 -1.75
C ILE B 124 29.34 2.33 -1.98
N ASN B 125 29.11 2.66 -3.26
CA ASN B 125 28.16 3.69 -3.65
C ASN B 125 26.77 3.13 -3.92
N MET B 126 25.78 3.41 -3.08
CA MET B 126 24.42 2.91 -3.35
C MET B 126 23.48 3.99 -3.86
N GLY B 127 24.04 5.14 -4.19
CA GLY B 127 23.26 6.24 -4.71
C GLY B 127 23.25 6.15 -6.22
N THR B 128 24.29 6.63 -6.89
CA THR B 128 24.35 6.57 -8.34
C THR B 128 25.02 5.32 -8.84
N GLY B 129 25.52 4.49 -7.92
CA GLY B 129 26.21 3.26 -8.29
C GLY B 129 25.26 2.09 -8.44
N THR B 130 25.80 0.89 -8.69
CA THR B 130 24.97 -0.32 -8.89
C THR B 130 25.56 -1.57 -8.26
N LEU B 131 24.85 -2.67 -8.38
CA LEU B 131 25.31 -3.94 -7.83
C LEU B 131 26.49 -4.48 -8.65
N ASP B 132 26.40 -4.33 -9.96
CA ASP B 132 27.47 -4.79 -10.84
C ASP B 132 28.72 -4.00 -10.44
N GLU B 133 28.55 -2.68 -10.31
CA GLU B 133 29.65 -1.84 -9.96
C GLU B 133 30.28 -2.24 -8.65
N ALA B 134 29.45 -2.54 -7.65
CA ALA B 134 29.96 -2.91 -6.34
C ALA B 134 30.75 -4.18 -6.45
N LEU B 135 30.14 -5.21 -7.03
CA LEU B 135 30.83 -6.48 -7.23
C LEU B 135 32.23 -6.29 -7.85
N HIS B 136 32.33 -5.53 -8.95
CA HIS B 136 33.59 -5.27 -9.63
C HIS B 136 34.65 -4.71 -8.73
N TRP B 137 34.29 -3.73 -7.93
CA TRP B 137 35.23 -3.11 -7.00
C TRP B 137 35.75 -4.22 -6.07
N LEU B 138 34.87 -5.10 -5.63
CA LEU B 138 35.29 -6.19 -4.76
C LEU B 138 36.23 -7.11 -5.55
N GLU B 139 35.88 -7.43 -6.79
CA GLU B 139 36.73 -8.27 -7.66
C GLU B 139 38.08 -7.60 -7.69
N TYR B 140 38.09 -6.32 -8.06
CA TYR B 140 39.32 -5.57 -8.15
C TYR B 140 40.16 -5.59 -6.90
N CYS B 141 39.53 -5.51 -5.72
CA CYS B 141 40.30 -5.51 -4.48
C CYS B 141 40.70 -6.89 -3.96
N ASN B 142 39.70 -7.76 -3.81
CA ASN B 142 39.93 -9.14 -3.34
C ASN B 142 40.29 -10.44 -4.03
N GLY B 143 39.37 -11.01 -4.76
CA GLY B 143 39.75 -12.22 -5.46
C GLY B 143 40.98 -12.25 -6.30
N LYS B 144 41.43 -13.49 -6.55
CA LYS B 144 42.63 -13.75 -7.32
C LYS B 144 42.46 -14.60 -8.57
N GLY B 145 41.26 -14.74 -9.11
CA GLY B 145 41.07 -15.54 -10.30
C GLY B 145 41.60 -14.84 -11.53
N ASN B 146 41.06 -15.14 -12.69
CA ASN B 146 41.53 -14.45 -13.90
C ASN B 146 40.41 -13.59 -14.40
N THR B 147 39.61 -13.09 -13.46
CA THR B 147 38.48 -12.26 -13.86
C THR B 147 39.05 -10.90 -14.28
N TYR B 148 38.38 -10.25 -15.22
CA TYR B 148 38.79 -8.95 -15.75
C TYR B 148 39.31 -7.97 -14.72
N TYR B 149 38.52 -7.72 -13.68
CA TYR B 149 38.92 -6.78 -12.65
C TYR B 149 40.05 -7.21 -11.75
N ALA B 150 40.25 -8.50 -11.57
CA ALA B 150 41.35 -8.91 -10.74
C ALA B 150 42.64 -8.64 -11.55
N GLN B 151 42.62 -8.95 -12.85
CA GLN B 151 43.80 -8.74 -13.64
C GLN B 151 44.04 -7.27 -13.80
N LEU B 152 42.96 -6.51 -13.81
CA LEU B 152 43.13 -5.08 -13.96
C LEU B 152 43.98 -4.55 -12.81
N ARG B 153 43.71 -5.04 -11.60
CA ARG B 153 44.47 -4.65 -10.41
C ARG B 153 45.95 -4.92 -10.66
N ARG B 154 46.25 -6.11 -11.21
CA ARG B 154 47.63 -6.51 -11.54
C ARG B 154 48.26 -5.63 -12.64
N LYS B 155 47.52 -5.44 -13.73
CA LYS B 155 48.00 -4.62 -14.82
C LYS B 155 48.43 -3.28 -14.24
N TYR B 156 47.71 -2.81 -13.24
CA TYR B 156 48.07 -1.52 -12.67
C TYR B 156 49.10 -1.49 -11.54
N GLY B 157 49.50 -2.65 -11.03
CA GLY B 157 50.46 -2.63 -9.96
C GLY B 157 50.79 -4.01 -9.53
N HIS B 158 49.89 -5.41 -6.11
CA HIS B 158 48.60 -5.16 -6.81
C HIS B 158 48.46 -6.21 -7.87
N PRO B 159 50.58 -7.54 -7.79
CA PRO B 159 49.74 -8.62 -8.30
C PRO B 159 48.97 -9.33 -7.20
N GLU B 160 49.37 -9.13 -5.96
CA GLU B 160 48.68 -9.78 -4.86
C GLU B 160 47.43 -9.00 -4.42
N PRO B 161 46.30 -9.67 -4.29
CA PRO B 161 45.02 -9.04 -3.90
C PRO B 161 45.08 -8.36 -2.55
N TYR B 162 44.44 -7.20 -2.48
CA TYR B 162 44.39 -6.39 -1.26
C TYR B 162 43.69 -7.07 -0.11
N ASN B 163 42.60 -7.72 -0.41
CA ASN B 163 41.85 -8.39 0.61
C ASN B 163 41.21 -7.44 1.61
N VAL B 164 40.41 -6.51 1.11
CA VAL B 164 39.71 -5.54 1.95
C VAL B 164 38.69 -6.34 2.75
N LYS B 165 38.79 -6.30 4.08
CA LYS B 165 37.89 -7.08 4.92
C LYS B 165 36.54 -6.47 5.30
N PHE B 166 36.49 -5.15 5.35
CA PHE B 166 35.28 -4.50 5.76
C PHE B 166 34.65 -3.76 4.62
N TRP B 167 33.36 -3.96 4.41
CA TRP B 167 32.68 -3.26 3.33
C TRP B 167 31.44 -2.61 3.84
N GLY B 168 31.42 -1.27 3.74
CA GLY B 168 30.27 -0.48 4.17
C GLY B 168 29.22 -0.54 3.08
N ILE B 169 28.06 -1.10 3.39
CA ILE B 169 27.06 -1.23 2.38
C ILE B 169 26.12 -0.06 2.21
N GLY B 170 26.66 1.00 1.61
CA GLY B 170 25.90 2.22 1.40
C GLY B 170 26.28 3.21 2.50
N ASN B 171 25.89 4.47 2.35
CA ASN B 171 26.17 5.48 3.35
C ASN B 171 24.97 6.36 3.64
N GLU B 172 24.61 6.46 4.92
CA GLU B 172 23.47 7.25 5.37
C GLU B 172 22.36 7.27 4.35
N MET B 173 22.12 6.12 3.74
CA MET B 173 21.11 6.04 2.71
C MET B 173 19.72 6.54 3.10
N TYR B 174 19.50 6.76 4.39
CA TYR B 174 18.20 7.21 4.90
C TYR B 174 17.98 8.70 4.68
N GLY B 175 19.08 9.44 4.66
CA GLY B 175 19.05 10.89 4.54
C GLY B 175 18.63 11.59 3.25
N GLU B 176 17.72 12.55 3.37
CA GLU B 176 17.26 13.27 2.21
C GLU B 176 18.41 13.99 1.53
N TRP B 177 19.51 14.15 2.23
CA TRP B 177 20.67 14.82 1.65
C TRP B 177 21.63 13.88 0.88
N GLN B 178 21.42 12.57 1.00
CA GLN B 178 22.28 11.59 0.35
C GLN B 178 21.84 11.47 -1.10
N VAL B 179 22.80 11.41 -2.00
CA VAL B 179 22.44 11.28 -3.38
C VAL B 179 21.77 9.93 -3.52
N GLY B 180 20.58 9.89 -4.10
CA GLY B 180 19.87 8.65 -4.31
C GLY B 180 19.42 8.01 -3.06
N HIS B 181 18.89 8.81 -2.14
CA HIS B 181 18.45 8.25 -0.88
C HIS B 181 17.28 7.33 -1.05
N MET B 182 17.19 6.32 -0.19
CA MET B 182 16.09 5.34 -0.21
C MET B 182 15.15 5.35 1.03
N THR B 183 14.07 4.59 0.94
CA THR B 183 13.15 4.51 2.07
C THR B 183 13.64 3.35 2.89
N ALA B 184 13.03 3.14 4.05
CA ALA B 184 13.42 2.02 4.88
C ALA B 184 13.35 0.71 4.07
N ASP B 185 12.21 0.43 3.46
CA ASP B 185 12.11 -0.82 2.71
C ASP B 185 12.96 -0.88 1.46
N GLU B 186 13.15 0.23 0.73
CA GLU B 186 13.98 0.22 -0.46
C GLU B 186 15.37 -0.21 -0.05
N TYR B 187 15.94 0.53 0.91
CA TYR B 187 17.29 0.23 1.38
C TYR B 187 17.42 -1.13 2.02
N ALA B 188 16.43 -1.49 2.82
CA ALA B 188 16.50 -2.75 3.50
C ALA B 188 16.63 -3.87 2.50
N ARG B 189 15.70 -3.94 1.56
CA ARG B 189 15.78 -5.01 0.60
C ARG B 189 17.04 -4.88 -0.23
N ALA B 190 17.56 -3.66 -0.39
CA ALA B 190 18.76 -3.51 -1.21
C ALA B 190 20.01 -3.97 -0.50
N ALA B 191 20.09 -3.68 0.79
CA ALA B 191 21.27 -4.07 1.52
C ALA B 191 21.37 -5.58 1.48
N LYS B 192 20.23 -6.27 1.47
CA LYS B 192 20.30 -7.71 1.40
C LYS B 192 20.92 -8.08 0.07
N GLU B 193 20.33 -7.62 -1.04
CA GLU B 193 20.85 -7.95 -2.37
C GLU B 193 22.35 -7.76 -2.51
N TYR B 194 22.85 -6.60 -2.12
CA TYR B 194 24.29 -6.37 -2.22
C TYR B 194 25.10 -7.31 -1.32
N THR B 195 24.62 -7.54 -0.10
CA THR B 195 25.35 -8.40 0.80
C THR B 195 25.21 -9.84 0.36
N LYS B 196 24.01 -10.23 -0.11
CA LYS B 196 23.76 -11.61 -0.59
C LYS B 196 24.87 -12.00 -1.57
N TRP B 197 24.93 -11.36 -2.74
CA TRP B 197 25.98 -11.63 -3.71
C TRP B 197 27.13 -10.89 -3.06
N MET B 198 28.21 -10.56 -3.75
CA MET B 198 29.29 -9.87 -3.03
C MET B 198 29.84 -10.91 -2.07
N LYS B 199 29.01 -11.41 -1.15
CA LYS B 199 29.45 -12.48 -0.27
C LYS B 199 29.51 -13.85 -0.99
N VAL B 200 28.83 -14.03 -2.13
CA VAL B 200 28.96 -15.32 -2.82
C VAL B 200 30.30 -15.30 -3.52
N PHE B 201 30.75 -14.10 -3.86
CA PHE B 201 32.04 -13.93 -4.49
C PHE B 201 33.14 -14.03 -3.46
N ASP B 202 32.96 -13.39 -2.32
CA ASP B 202 33.96 -13.43 -1.26
C ASP B 202 33.31 -13.58 0.09
N PRO B 203 33.04 -14.80 0.51
CA PRO B 203 32.43 -15.17 1.78
C PRO B 203 33.07 -14.61 3.02
N THR B 204 34.34 -14.27 2.91
CA THR B 204 35.07 -13.78 4.07
C THR B 204 34.80 -12.35 4.53
N ILE B 205 34.27 -11.49 3.68
CA ILE B 205 34.06 -10.11 4.08
C ILE B 205 33.00 -9.85 5.15
N LYS B 206 33.17 -8.74 5.84
CA LYS B 206 32.23 -8.35 6.87
C LYS B 206 31.46 -7.21 6.24
N ALA B 207 30.15 -7.22 6.36
CA ALA B 207 29.33 -6.17 5.78
C ALA B 207 28.77 -5.26 6.86
N ILE B 208 28.77 -3.95 6.63
CA ILE B 208 28.19 -2.99 7.58
C ILE B 208 26.99 -2.33 6.89
N ALA B 209 25.79 -2.55 7.43
CA ALA B 209 24.57 -1.98 6.84
C ALA B 209 24.20 -0.69 7.49
N VAL B 210 23.58 0.20 6.73
CA VAL B 210 23.27 1.51 7.27
C VAL B 210 22.20 1.49 8.31
N GLY B 211 22.55 2.00 9.47
CA GLY B 211 21.61 2.03 10.56
C GLY B 211 21.54 3.49 10.91
N CYS B 212 20.56 3.86 11.73
CA CYS B 212 20.42 5.25 12.14
C CYS B 212 19.51 5.35 13.35
N ASP B 213 18.93 6.52 13.58
CA ASP B 213 18.08 6.69 14.75
C ASP B 213 16.62 6.28 14.63
N ASP B 214 16.18 5.97 13.42
CA ASP B 214 14.80 5.54 13.23
C ASP B 214 14.70 4.03 13.56
N PRO B 215 13.96 3.67 14.62
CA PRO B 215 13.79 2.27 15.03
C PRO B 215 13.26 1.39 13.91
N ILE B 216 12.25 1.91 13.20
CA ILE B 216 11.66 1.19 12.08
C ILE B 216 12.70 0.97 11.00
N TRP B 217 13.52 1.99 10.70
CA TRP B 217 14.55 1.79 9.71
C TRP B 217 15.43 0.59 10.14
N ASN B 218 16.18 0.73 11.24
CA ASN B 218 17.07 -0.32 11.76
C ASN B 218 16.37 -1.65 11.73
N LEU B 219 15.21 -1.68 12.38
CA LEU B 219 14.43 -2.89 12.47
C LEU B 219 14.14 -3.54 11.10
N ARG B 220 13.91 -2.71 10.08
CA ARG B 220 13.59 -3.24 8.79
C ARG B 220 14.83 -3.70 8.09
N VAL B 221 15.96 -3.15 8.48
CA VAL B 221 17.21 -3.56 7.90
C VAL B 221 17.60 -4.90 8.53
N LEU B 222 17.63 -4.94 9.85
CA LEU B 222 17.96 -6.18 10.52
C LEU B 222 17.01 -7.30 10.06
N GLN B 223 15.72 -6.97 9.96
CA GLN B 223 14.74 -7.96 9.56
C GLN B 223 14.97 -8.54 8.17
N GLU B 224 15.45 -7.72 7.25
CA GLU B 224 15.66 -8.11 5.88
C GLU B 224 17.02 -8.74 5.64
N ALA B 225 18.05 -8.11 6.16
CA ALA B 225 19.40 -8.61 5.95
C ALA B 225 20.07 -9.16 7.21
N GLY B 226 19.28 -9.45 8.23
CA GLY B 226 19.85 -9.95 9.47
C GLY B 226 20.62 -11.25 9.40
N ASP B 227 20.40 -12.00 8.33
CA ASP B 227 21.06 -13.30 8.16
C ASP B 227 22.31 -13.18 7.32
N VAL B 228 22.66 -11.97 6.91
CA VAL B 228 23.85 -11.83 6.08
C VAL B 228 24.76 -10.68 6.37
N ILE B 229 24.24 -9.64 7.02
CA ILE B 229 25.07 -8.50 7.36
C ILE B 229 25.77 -8.82 8.68
N ASP B 230 26.90 -8.16 8.96
CA ASP B 230 27.65 -8.44 10.17
C ASP B 230 27.52 -7.36 11.20
N PHE B 231 27.26 -6.15 10.73
CA PHE B 231 27.06 -4.98 11.58
C PHE B 231 25.92 -4.13 11.07
N ILE B 232 25.53 -3.19 11.91
CA ILE B 232 24.52 -2.21 11.58
C ILE B 232 25.19 -0.91 12.04
N SER B 233 25.37 -0.02 11.08
CA SER B 233 26.03 1.25 11.28
C SER B 233 25.28 2.22 12.18
N TYR B 234 26.02 2.98 12.98
CA TYR B 234 25.44 4.03 13.83
C TYR B 234 26.35 5.26 13.78
N HIS B 235 25.76 6.43 13.56
CA HIS B 235 26.56 7.66 13.48
C HIS B 235 26.19 8.52 14.63
N PHE B 236 27.18 9.01 15.37
CA PHE B 236 26.90 9.87 16.55
C PHE B 236 27.69 11.15 16.53
N TYR B 237 26.99 12.28 16.40
CA TYR B 237 27.67 13.55 16.40
C TYR B 237 27.10 14.42 17.52
N THR B 238 27.95 14.86 18.46
CA THR B 238 27.48 15.66 19.58
C THR B 238 28.28 16.95 19.73
N GLY B 239 27.85 17.83 20.64
CA GLY B 239 28.54 19.09 20.81
C GLY B 239 27.66 20.21 21.33
N SER B 240 28.34 21.19 21.93
CA SER B 240 27.71 22.35 22.54
C SER B 240 28.82 23.20 23.15
N ASP B 241 28.47 24.45 23.46
CA ASP B 241 29.44 25.36 24.06
C ASP B 241 29.70 25.02 25.51
N ASP B 242 28.64 24.73 26.25
CA ASP B 242 28.77 24.38 27.66
C ASP B 242 29.58 23.11 27.80
N TYR B 243 30.58 23.16 28.68
CA TYR B 243 31.46 22.02 28.93
C TYR B 243 30.72 20.72 29.16
N TYR B 244 29.87 20.70 30.18
CA TYR B 244 29.10 19.52 30.53
C TYR B 244 28.13 19.03 29.48
N GLU B 245 27.43 19.96 28.81
CA GLU B 245 26.49 19.55 27.78
C GLU B 245 27.27 18.70 26.74
N THR B 246 28.55 19.02 26.58
CA THR B 246 29.39 18.30 25.64
C THR B 246 29.93 16.97 26.19
N VAL B 247 30.63 16.99 27.32
CA VAL B 247 31.17 15.75 27.86
C VAL B 247 30.12 14.76 28.29
N SER B 248 29.03 15.22 28.89
CA SER B 248 27.99 14.34 29.37
C SER B 248 27.28 13.54 28.32
N THR B 249 27.43 13.91 27.04
CA THR B 249 26.77 13.18 25.96
C THR B 249 27.42 11.84 25.69
N VAL B 250 28.53 11.56 26.38
CA VAL B 250 29.21 10.28 26.21
C VAL B 250 28.30 9.24 26.85
N TYR B 251 27.50 9.68 27.81
CA TYR B 251 26.60 8.75 28.48
C TYR B 251 25.25 8.71 27.77
N LEU B 252 25.07 9.63 26.83
CA LEU B 252 23.87 9.62 26.02
C LEU B 252 24.17 8.54 24.97
N LEU B 253 25.34 8.66 24.33
CA LEU B 253 25.76 7.67 23.33
C LEU B 253 25.65 6.29 23.93
N LYS B 254 25.93 6.17 25.22
CA LYS B 254 25.84 4.88 25.88
C LYS B 254 24.44 4.31 25.73
N GLU B 255 23.42 5.08 26.07
CA GLU B 255 22.04 4.59 25.99
C GLU B 255 21.63 4.35 24.57
N ARG B 256 22.19 5.15 23.66
CA ARG B 256 21.84 5.03 22.26
C ARG B 256 22.30 3.69 21.73
N LEU B 257 23.57 3.38 21.98
CA LEU B 257 24.14 2.12 21.53
C LEU B 257 23.35 0.97 22.12
N ILE B 258 23.09 0.99 23.43
CA ILE B 258 22.36 -0.14 24.03
C ILE B 258 20.97 -0.26 23.44
N GLY B 259 20.50 0.86 22.90
CA GLY B 259 19.20 0.84 22.26
C GLY B 259 19.26 -0.05 21.02
N VAL B 260 20.10 0.40 20.08
CA VAL B 260 20.32 -0.30 18.85
C VAL B 260 20.61 -1.76 19.16
N LYS B 261 21.42 -1.99 20.19
CA LYS B 261 21.78 -3.34 20.62
C LYS B 261 20.52 -4.17 20.89
N LYS B 262 19.58 -3.60 21.64
CA LYS B 262 18.36 -4.35 21.94
C LYS B 262 17.47 -4.55 20.73
N LEU B 263 17.54 -3.65 19.77
CA LEU B 263 16.71 -3.82 18.57
C LEU B 263 17.20 -5.09 17.91
N ILE B 264 18.52 -5.24 17.82
CA ILE B 264 19.08 -6.44 17.21
C ILE B 264 18.57 -7.67 17.96
N ASP B 265 18.55 -7.60 19.29
CA ASP B 265 18.08 -8.74 20.06
C ASP B 265 16.67 -9.13 19.63
N MET B 266 15.90 -8.17 19.14
CA MET B 266 14.51 -8.42 18.77
C MET B 266 14.27 -8.96 17.37
N VAL B 267 15.34 -9.20 16.61
CA VAL B 267 15.17 -9.77 15.27
C VAL B 267 15.83 -11.11 15.32
N ASP B 268 15.03 -12.17 15.39
CA ASP B 268 15.59 -13.52 15.52
C ASP B 268 16.81 -13.82 14.67
N THR B 269 16.72 -13.67 13.34
CA THR B 269 17.89 -13.97 12.50
C THR B 269 19.12 -13.16 12.85
N ALA B 270 18.95 -11.85 13.03
CA ALA B 270 20.04 -10.96 13.38
C ALA B 270 20.64 -11.30 14.73
N ARG B 271 19.83 -11.77 15.68
CA ARG B 271 20.33 -12.12 17.00
C ARG B 271 21.08 -13.43 16.94
N LYS B 272 20.53 -14.42 16.23
CA LYS B 272 21.19 -15.73 16.06
C LYS B 272 22.65 -15.52 15.60
N ARG B 273 22.89 -14.86 14.46
CA ARG B 273 24.27 -14.59 14.02
C ARG B 273 24.62 -13.43 14.94
N GLY B 274 25.86 -13.33 15.39
CA GLY B 274 26.15 -12.22 16.30
C GLY B 274 26.20 -10.84 15.67
N VAL B 275 25.14 -10.36 15.01
CA VAL B 275 25.20 -9.03 14.38
C VAL B 275 25.55 -8.00 15.42
N LYS B 276 26.52 -7.15 15.14
CA LYS B 276 26.89 -6.16 16.10
C LYS B 276 26.83 -4.74 15.60
N ILE B 277 27.16 -3.79 16.47
CA ILE B 277 27.10 -2.38 16.10
C ILE B 277 28.44 -1.86 15.65
N ALA B 278 28.45 -1.09 14.59
CA ALA B 278 29.68 -0.49 14.09
C ALA B 278 29.45 1.01 14.17
N LEU B 279 30.12 1.67 15.10
CA LEU B 279 29.96 3.10 15.29
C LEU B 279 30.92 3.72 14.30
N ASP B 280 30.63 3.58 13.01
CA ASP B 280 31.57 4.07 11.99
C ASP B 280 31.57 5.54 11.68
N GLU B 281 31.11 6.38 12.59
CA GLU B 281 31.12 7.82 12.36
C GLU B 281 30.75 8.37 13.72
N TRP B 282 31.64 9.16 14.30
CA TRP B 282 31.41 9.76 15.61
C TRP B 282 32.47 10.75 16.04
N ASN B 283 32.00 11.92 16.48
CA ASN B 283 32.90 12.96 16.92
C ASN B 283 32.06 14.15 17.44
N VAL B 284 32.74 15.23 17.79
CA VAL B 284 32.05 16.42 18.22
C VAL B 284 31.95 17.32 17.00
N TRP B 285 30.77 17.85 16.75
CA TRP B 285 30.58 18.72 15.60
C TRP B 285 29.36 19.63 15.67
N TYR B 286 29.56 20.85 16.13
CA TYR B 286 28.43 21.74 16.25
C TYR B 286 28.76 23.17 15.85
N ARG B 287 30.05 23.44 15.68
CA ARG B 287 30.48 24.79 15.32
C ARG B 287 30.43 25.19 13.84
N VAL B 288 31.11 24.40 13.00
CA VAL B 288 31.16 24.66 11.57
C VAL B 288 30.06 23.90 10.85
N SER B 289 29.44 24.55 9.89
CA SER B 289 28.41 23.88 9.09
C SER B 289 28.51 24.28 7.62
N ASP B 290 29.70 24.07 7.06
CA ASP B 290 29.98 24.36 5.65
C ASP B 290 30.38 23.05 4.96
N ASN B 291 31.25 23.15 3.96
CA ASN B 291 31.72 21.95 3.28
C ASN B 291 33.24 21.74 3.27
N LYS B 292 33.87 22.22 4.35
CA LYS B 292 35.30 22.09 4.63
C LYS B 292 35.28 21.44 6.00
N LEU B 293 34.27 21.80 6.79
CA LEU B 293 34.05 21.25 8.11
C LEU B 293 35.28 21.27 9.00
N GLU B 294 36.03 22.37 9.02
CA GLU B 294 37.22 22.36 9.84
C GLU B 294 36.96 22.86 11.24
N GLU B 295 36.29 22.01 12.02
CA GLU B 295 35.93 22.24 13.42
C GLU B 295 37.17 22.45 14.32
N PRO B 296 37.19 23.54 15.12
CA PRO B 296 38.28 23.88 16.04
C PRO B 296 38.07 23.19 17.39
N TYR B 297 38.55 21.95 17.49
CA TYR B 297 38.39 21.17 18.69
C TYR B 297 39.27 21.72 19.80
N ASP B 298 38.72 21.73 21.02
CA ASP B 298 39.43 22.18 22.22
C ASP B 298 39.41 21.05 23.26
N LEU B 299 40.10 21.26 24.37
CA LEU B 299 40.18 20.25 25.43
C LEU B 299 38.84 19.63 25.86
N LYS B 300 37.80 20.45 25.88
CA LYS B 300 36.46 20.02 26.25
C LYS B 300 36.12 18.82 25.39
N ASP B 301 36.24 19.01 24.07
CA ASP B 301 35.95 17.96 23.11
C ASP B 301 36.90 16.77 23.28
N GLY B 302 38.17 17.05 23.54
CA GLY B 302 39.14 15.98 23.74
C GLY B 302 38.70 15.07 24.88
N ILE B 303 38.12 15.65 25.92
CA ILE B 303 37.66 14.86 27.08
C ILE B 303 36.50 13.96 26.67
N PHE B 304 35.61 14.48 25.86
CA PHE B 304 34.49 13.68 25.39
C PHE B 304 35.03 12.47 24.64
N ALA B 305 36.01 12.72 23.77
CA ALA B 305 36.64 11.66 22.97
C ALA B 305 37.28 10.67 23.90
N CYS B 306 37.95 11.18 24.93
CA CYS B 306 38.58 10.35 25.92
C CYS B 306 37.49 9.44 26.52
N GLY B 307 36.39 10.04 26.94
CA GLY B 307 35.31 9.26 27.53
C GLY B 307 34.74 8.20 26.61
N VAL B 308 34.48 8.55 25.37
CA VAL B 308 33.94 7.61 24.39
C VAL B 308 34.83 6.36 24.31
N LEU B 309 36.13 6.58 24.17
CA LEU B 309 37.08 5.49 24.07
C LEU B 309 37.03 4.59 25.29
N VAL B 310 36.83 5.19 26.47
CA VAL B 310 36.72 4.39 27.68
C VAL B 310 35.43 3.52 27.60
N LEU B 311 34.34 4.15 27.16
CA LEU B 311 33.06 3.48 27.01
C LEU B 311 33.19 2.29 26.07
N LEU B 312 33.79 2.56 24.91
CA LEU B 312 33.99 1.51 23.94
C LEU B 312 34.91 0.44 24.50
N GLN B 313 35.89 0.85 25.29
CA GLN B 313 36.83 -0.09 25.90
C GLN B 313 36.01 -1.14 26.62
N LYS B 314 34.95 -0.69 27.32
CA LYS B 314 34.10 -1.63 28.01
C LYS B 314 32.80 -2.08 27.34
N MET B 315 32.65 -1.83 26.04
CA MET B 315 31.49 -2.29 25.28
C MET B 315 31.84 -2.92 23.93
N SER B 316 33.14 -3.01 23.63
CA SER B 316 33.62 -3.57 22.37
C SER B 316 32.99 -4.92 22.04
N ASP B 317 32.25 -5.51 22.97
CA ASP B 317 31.65 -6.80 22.68
C ASP B 317 30.43 -6.60 21.83
N ILE B 318 29.79 -5.45 21.92
CA ILE B 318 28.62 -5.21 21.08
C ILE B 318 28.93 -4.13 20.05
N VAL B 319 29.97 -3.35 20.32
CA VAL B 319 30.37 -2.33 19.37
C VAL B 319 31.84 -2.59 19.06
N PRO B 320 32.14 -3.68 18.37
CA PRO B 320 33.55 -3.95 18.09
C PRO B 320 34.23 -3.02 17.13
N LEU B 321 33.45 -2.34 16.29
CA LEU B 321 34.02 -1.45 15.28
C LEU B 321 33.62 0.01 15.49
N ALA B 322 34.60 0.91 15.47
CA ALA B 322 34.32 2.34 15.66
C ALA B 322 35.31 3.22 14.89
N ASN B 323 34.79 4.27 14.29
CA ASN B 323 35.64 5.15 13.50
C ASN B 323 35.46 6.63 13.83
N LEU B 324 36.53 7.36 14.07
CA LEU B 324 36.35 8.79 14.37
C LEU B 324 36.06 9.65 13.10
N ALA B 325 35.14 10.61 13.17
CA ALA B 325 34.96 11.49 12.01
C ALA B 325 35.69 12.82 12.17
N GLN B 326 36.73 13.09 11.36
CA GLN B 326 37.27 12.18 10.35
C GLN B 326 38.72 12.20 10.82
N LEU B 327 39.62 11.96 9.87
CA LEU B 327 41.05 11.91 10.13
C LEU B 327 41.89 13.19 10.16
N VAL B 328 41.89 13.95 9.07
CA VAL B 328 42.65 15.09 9.01
C VAL B 328 41.90 16.24 8.80
N ASN B 329 42.18 17.25 8.03
CA ASN B 329 40.99 18.09 8.18
C ASN B 329 39.50 18.28 8.41
N ALA B 330 38.69 17.49 7.71
CA ALA B 330 37.25 17.60 7.83
C ALA B 330 36.94 17.04 9.19
N LEU B 331 36.36 17.83 10.05
CA LEU B 331 36.06 17.35 11.40
C LEU B 331 37.32 16.70 11.92
N GLY B 332 38.44 17.16 11.35
CA GLY B 332 39.75 16.63 11.65
C GLY B 332 40.40 16.55 13.03
N ALA B 333 41.02 15.41 13.26
CA ALA B 333 41.71 15.16 14.50
C ALA B 333 43.08 15.79 14.40
N ILE B 334 43.62 15.83 13.19
CA ILE B 334 44.94 16.38 12.93
C ILE B 334 44.74 17.56 11.97
N HIS B 335 44.83 18.82 12.40
CA HIS B 335 44.65 19.92 11.45
C HIS B 335 45.90 20.18 10.55
N THR B 336 45.67 20.43 9.28
CA THR B 336 46.79 20.58 8.38
C THR B 336 46.93 21.97 7.89
N GLU B 337 48.10 22.29 7.36
CA GLU B 337 48.33 23.59 6.74
C GLU B 337 49.43 23.34 5.72
N LYS B 338 49.47 24.15 4.66
CA LYS B 338 50.45 24.02 3.56
C LYS B 338 51.88 23.79 4.04
N ASP B 339 52.18 24.28 5.24
CA ASP B 339 53.53 24.19 5.82
C ASP B 339 53.64 23.54 7.21
N GLY B 340 52.57 22.92 7.69
CA GLY B 340 52.66 22.31 9.01
C GLY B 340 51.51 21.42 9.42
N LEU B 341 51.58 21.04 10.68
CA LEU B 341 50.63 20.14 11.30
C LEU B 341 50.33 20.81 12.60
N ILE B 342 49.40 20.21 13.34
CA ILE B 342 48.94 20.65 14.65
C ILE B 342 47.99 19.53 15.08
N LEU B 343 48.12 19.08 16.32
CA LEU B 343 47.29 17.99 16.81
C LEU B 343 46.23 18.56 17.76
N THR B 344 44.96 18.32 17.47
CA THR B 344 43.91 18.79 18.36
C THR B 344 43.72 17.85 19.53
N PRO B 345 43.06 18.33 20.62
CA PRO B 345 42.79 17.54 21.82
C PRO B 345 42.11 16.22 21.50
N VAL B 346 41.43 16.16 20.37
CA VAL B 346 40.78 14.92 19.98
C VAL B 346 41.90 13.94 19.58
N TYR B 347 42.89 14.45 18.85
CA TYR B 347 43.98 13.61 18.43
C TYR B 347 44.71 13.13 19.66
N LYS B 348 44.91 14.01 20.61
CA LYS B 348 45.61 13.63 21.83
C LYS B 348 44.91 12.47 22.55
N ALA B 349 43.59 12.56 22.71
CA ALA B 349 42.83 11.50 23.37
C ALA B 349 43.22 10.13 22.82
N PHE B 350 43.34 10.03 21.51
CA PHE B 350 43.75 8.76 20.96
C PHE B 350 45.21 8.44 21.29
N GLU B 351 46.09 9.43 21.13
CA GLU B 351 47.50 9.21 21.41
C GLU B 351 47.64 8.59 22.80
N LEU B 352 46.83 9.07 23.74
CA LEU B 352 46.87 8.57 25.10
C LEU B 352 46.32 7.18 25.23
N ILE B 353 45.07 6.96 24.86
CA ILE B 353 44.53 5.62 25.04
C ILE B 353 45.04 4.48 24.14
N VAL B 354 45.48 4.79 22.92
CA VAL B 354 45.94 3.70 22.05
C VAL B 354 47.30 3.17 22.44
N ASN B 355 48.11 4.04 23.02
CA ASN B 355 49.44 3.63 23.42
C ASN B 355 49.51 3.17 24.86
N HIS B 356 48.40 3.29 25.59
CA HIS B 356 48.34 2.89 26.99
C HIS B 356 47.01 2.16 27.26
N SER B 357 46.84 1.01 26.62
CA SER B 357 45.62 0.22 26.77
C SER B 357 45.89 -1.25 26.45
N GLY B 358 45.19 -2.14 27.15
CA GLY B 358 45.40 -3.56 26.95
C GLY B 358 44.39 -4.23 26.04
N GLU B 359 44.65 -5.48 25.71
CA GLU B 359 43.78 -6.26 24.83
C GLU B 359 42.60 -6.94 25.54
N LYS B 360 42.58 -6.88 26.88
CA LYS B 360 41.51 -7.52 27.65
C LYS B 360 40.98 -6.59 28.74
N LEU B 361 39.66 -6.58 28.93
CA LEU B 361 39.02 -5.75 29.96
C LEU B 361 38.95 -6.56 31.24
N VAL B 362 39.34 -5.96 32.37
CA VAL B 362 39.33 -6.69 33.65
C VAL B 362 38.38 -6.10 34.68
N LYS B 363 37.78 -6.97 35.48
CA LYS B 363 36.81 -6.55 36.50
C LYS B 363 37.27 -5.21 37.02
N THR B 364 36.45 -4.21 36.75
CA THR B 364 36.74 -2.85 37.18
C THR B 364 35.36 -2.27 37.61
N HIS B 365 35.30 -1.79 38.84
CA HIS B 365 34.08 -1.26 39.43
C HIS B 365 34.37 0.11 40.07
N VAL B 366 33.67 1.14 39.62
CA VAL B 366 33.89 2.49 40.16
C VAL B 366 32.66 3.07 40.85
N GLU B 367 32.88 4.03 41.75
CA GLU B 367 31.82 4.71 42.49
C GLU B 367 31.93 6.23 42.37
N SER B 368 31.06 6.83 41.57
CA SER B 368 31.10 8.28 41.37
C SER B 368 29.88 8.98 41.93
N GLU B 369 29.89 10.30 41.81
CA GLU B 369 28.83 11.14 42.34
C GLU B 369 28.44 11.56 40.93
N THR B 370 27.27 11.12 40.46
CA THR B 370 26.76 11.44 39.12
C THR B 370 26.00 12.77 39.17
N TYR B 371 25.30 13.07 38.09
CA TYR B 371 24.50 14.28 37.95
C TYR B 371 23.58 14.12 36.77
N ASN B 372 22.56 14.95 36.71
CA ASN B 372 21.63 14.93 35.60
C ASN B 372 21.86 16.17 34.76
N ILE B 373 21.49 16.14 33.49
CA ILE B 373 21.73 17.30 32.67
C ILE B 373 20.74 17.42 31.53
N GLU B 374 20.71 18.60 30.94
CA GLU B 374 19.82 18.88 29.84
C GLU B 374 20.59 19.88 29.00
N GLY B 375 20.63 19.67 27.70
CA GLY B 375 21.35 20.61 26.87
C GLY B 375 21.08 20.35 25.41
N VAL B 376 21.91 20.93 24.56
CA VAL B 376 21.75 20.72 23.14
C VAL B 376 22.98 20.03 22.64
N MET B 377 22.94 19.50 21.42
CA MET B 377 24.06 18.71 20.92
C MET B 377 24.68 19.10 19.57
N PHE B 378 23.86 19.20 18.54
CA PHE B 378 24.34 19.21 17.16
C PHE B 378 24.36 20.56 16.42
N ILE B 379 24.81 20.56 15.16
CA ILE B 379 24.74 21.78 14.36
C ILE B 379 23.30 22.30 14.32
N ASN B 380 22.37 21.51 14.85
CA ASN B 380 20.98 21.92 14.90
C ASN B 380 20.54 22.19 16.33
N LYS B 381 21.51 22.17 17.26
CA LYS B 381 21.19 22.39 18.66
C LYS B 381 19.99 21.55 19.12
N MET B 382 19.94 20.31 18.63
CA MET B 382 18.89 19.36 18.97
C MET B 382 18.94 19.20 20.48
N PRO B 383 17.76 19.15 21.12
CA PRO B 383 17.66 19.01 22.57
C PRO B 383 17.91 17.58 23.03
N PHE B 384 18.57 17.43 24.18
CA PHE B 384 18.87 16.09 24.74
C PHE B 384 18.97 16.15 26.26
N SER B 385 19.04 14.98 26.88
CA SER B 385 19.15 14.91 28.32
C SER B 385 19.81 13.60 28.77
N VAL B 386 20.64 13.71 29.79
CA VAL B 386 21.30 12.54 30.32
C VAL B 386 20.96 12.41 31.78
N GLU B 387 20.79 11.18 32.25
CA GLU B 387 20.47 10.95 33.64
C GLU B 387 21.57 10.19 34.38
N ASN B 388 22.03 10.73 35.49
CA ASN B 388 23.04 10.11 36.31
C ASN B 388 24.32 9.85 35.59
N ALA B 389 24.86 10.91 35.02
CA ALA B 389 26.13 10.82 34.32
C ALA B 389 27.24 10.86 35.38
N PRO B 390 28.13 9.86 35.40
CA PRO B 390 29.19 9.91 36.41
C PRO B 390 30.18 11.07 36.21
N PHE B 391 30.74 11.53 37.34
CA PHE B 391 31.71 12.61 37.35
C PHE B 391 33.04 11.93 37.17
N LEU B 392 33.04 10.65 37.50
CA LEU B 392 34.24 9.84 37.37
C LEU B 392 33.87 8.46 36.83
N ASP B 393 34.66 7.98 35.85
CA ASP B 393 34.44 6.67 35.28
C ASP B 393 35.80 6.12 34.90
N ALA B 394 35.89 4.81 34.66
CA ALA B 394 37.18 4.25 34.32
C ALA B 394 37.12 2.82 33.85
N ALA B 395 38.22 2.37 33.28
CA ALA B 395 38.24 1.03 32.74
C ALA B 395 39.66 0.46 32.82
N ALA B 396 39.72 -0.78 33.32
CA ALA B 396 41.00 -1.43 33.50
C ALA B 396 41.24 -2.50 32.45
N SER B 397 42.36 -2.37 31.76
CA SER B 397 42.72 -3.33 30.74
C SER B 397 44.05 -4.00 31.10
N ILE B 398 44.26 -5.19 30.54
CA ILE B 398 45.48 -5.99 30.75
C ILE B 398 46.13 -6.31 29.42
N SER B 399 47.46 -6.32 29.35
CA SER B 399 48.12 -6.63 28.08
C SER B 399 47.86 -8.10 27.73
N GLU B 400 48.13 -8.50 26.49
CA GLU B 400 47.88 -9.88 26.05
C GLU B 400 48.60 -10.91 26.93
N ASP B 401 49.89 -10.68 27.12
CA ASP B 401 50.77 -11.52 27.92
C ASP B 401 50.53 -11.35 29.41
N GLY B 402 49.42 -10.73 29.77
CA GLY B 402 49.07 -10.52 31.17
C GLY B 402 50.11 -9.96 32.12
N LYS B 403 51.11 -9.24 31.60
CA LYS B 403 52.15 -8.69 32.47
C LYS B 403 52.09 -7.18 32.58
N LYS B 404 50.99 -6.57 32.14
CA LYS B 404 50.88 -5.11 32.19
C LYS B 404 49.45 -4.65 32.38
N LEU B 405 49.25 -3.71 33.30
CA LEU B 405 47.90 -3.22 33.58
C LEU B 405 47.80 -1.76 33.25
N PHE B 406 46.63 -1.36 32.78
CA PHE B 406 46.34 0.03 32.44
C PHE B 406 45.00 0.35 33.05
N ILE B 407 44.99 1.37 33.89
CA ILE B 407 43.75 1.80 34.51
C ILE B 407 43.52 3.18 33.97
N ALA B 408 42.56 3.27 33.06
CA ALA B 408 42.25 4.55 32.46
C ALA B 408 41.09 5.16 33.22
N VAL B 409 41.28 6.40 33.67
CA VAL B 409 40.23 7.07 34.40
C VAL B 409 40.00 8.49 33.87
N VAL B 410 38.73 8.90 33.93
CA VAL B 410 38.31 10.19 33.48
C VAL B 410 37.58 10.95 34.58
N ASN B 411 38.12 12.11 34.92
CA ASN B 411 37.51 12.96 35.92
C ASN B 411 36.84 14.00 35.04
N TYR B 412 35.52 13.89 34.91
CA TYR B 412 34.76 14.84 34.10
C TYR B 412 34.11 15.91 34.97
N ARG B 413 34.85 16.37 35.98
CA ARG B 413 34.38 17.42 36.87
C ARG B 413 35.32 18.61 36.74
N LYS B 414 34.90 19.62 35.99
CA LYS B 414 35.77 20.74 35.65
C LYS B 414 36.25 21.55 36.86
N GLU B 415 37.57 21.68 36.99
CA GLU B 415 38.18 22.55 37.97
C GLU B 415 38.37 22.08 39.41
N ASP B 416 37.77 20.94 39.72
CA ASP B 416 37.90 20.32 41.03
C ASP B 416 38.61 18.98 40.87
N ALA B 417 39.71 18.80 41.59
CA ALA B 417 40.55 17.63 41.40
C ALA B 417 39.94 16.62 42.36
N LEU B 418 40.24 15.34 42.17
CA LEU B 418 39.66 14.33 43.05
C LEU B 418 40.70 13.29 43.51
N LYS B 419 40.75 13.04 44.81
CA LYS B 419 41.69 12.09 45.40
C LYS B 419 41.29 10.66 45.63
N VAL B 420 40.27 10.20 44.91
CA VAL B 420 39.77 8.82 45.00
C VAL B 420 40.77 7.71 45.29
N PRO B 421 40.39 6.82 46.22
CA PRO B 421 41.19 5.67 46.66
C PRO B 421 40.97 4.53 45.70
N ILE B 422 41.98 4.24 44.88
CA ILE B 422 41.85 3.15 43.93
C ILE B 422 42.38 1.92 44.68
N ARG B 423 42.08 0.73 44.20
CA ARG B 423 42.56 -0.47 44.86
C ARG B 423 42.64 -1.61 43.83
N VAL B 424 43.76 -2.31 43.82
CA VAL B 424 43.97 -3.41 42.87
C VAL B 424 44.24 -4.73 43.61
N GLU B 425 43.24 -5.61 43.63
CA GLU B 425 43.37 -6.91 44.32
C GLU B 425 44.70 -7.65 44.14
N GLY B 426 45.45 -7.73 45.23
CA GLY B 426 46.72 -8.41 45.23
C GLY B 426 47.84 -7.83 44.38
N LEU B 427 48.00 -6.51 44.37
CA LEU B 427 49.06 -5.88 43.56
C LEU B 427 50.43 -5.85 44.25
N GLY B 428 50.48 -5.22 45.42
CA GLY B 428 51.74 -5.12 46.13
C GLY B 428 52.37 -3.78 45.80
N GLN B 429 53.62 -3.58 46.20
CA GLN B 429 54.28 -2.30 45.96
C GLN B 429 55.17 -2.24 44.72
N LYS B 430 54.68 -1.57 43.69
CA LYS B 430 55.40 -1.40 42.44
C LYS B 430 55.60 0.10 42.18
N LYS B 431 56.40 0.40 41.18
CA LYS B 431 56.67 1.79 40.84
C LYS B 431 56.04 2.13 39.49
N ALA B 432 54.70 2.18 39.47
CA ALA B 432 53.97 2.49 38.25
C ALA B 432 54.16 3.93 37.78
N THR B 433 53.90 4.17 36.49
CA THR B 433 53.99 5.51 35.90
C THR B 433 52.60 5.95 35.35
N VAL B 434 52.16 7.18 35.58
CA VAL B 434 50.85 7.61 35.08
C VAL B 434 50.95 8.69 34.02
N TYR B 435 50.30 8.43 32.88
CA TYR B 435 50.25 9.36 31.77
C TYR B 435 48.89 10.03 31.83
N THR B 436 48.90 11.33 32.05
CA THR B 436 47.65 12.06 32.15
C THR B 436 47.59 13.17 31.09
N LEU B 437 46.36 13.41 30.60
CA LEU B 437 46.15 14.41 29.56
C LEU B 437 45.16 15.46 29.99
N THR B 438 45.61 16.71 30.00
CA THR B 438 44.76 17.82 30.36
C THR B 438 45.45 19.08 29.85
N GLY B 439 44.95 20.24 30.28
CA GLY B 439 45.57 21.50 29.86
C GLY B 439 45.11 22.69 30.68
N PRO B 440 45.56 23.89 30.32
CA PRO B 440 45.17 25.12 31.03
C PRO B 440 43.70 25.22 31.47
N ASP B 441 42.79 25.33 30.50
CA ASP B 441 41.37 25.43 30.80
C ASP B 441 40.57 24.52 29.86
N VAL B 442 39.28 24.37 30.12
CA VAL B 442 38.47 23.50 29.30
C VAL B 442 38.35 23.99 27.86
N ASN B 443 39.12 25.00 27.51
CA ASN B 443 39.04 25.52 26.15
C ASN B 443 40.42 25.70 25.52
N ALA B 444 41.40 25.10 26.16
CA ALA B 444 42.74 25.19 25.65
C ALA B 444 42.71 24.40 24.36
N ARG B 445 43.62 24.75 23.45
CA ARG B 445 43.74 24.07 22.16
C ARG B 445 45.16 24.31 21.64
N ASN B 446 45.67 23.41 20.82
CA ASN B 446 47.03 23.60 20.31
C ASN B 446 47.02 24.44 19.03
N THR B 447 48.06 25.23 18.85
CA THR B 447 48.15 26.06 17.65
C THR B 447 49.45 25.76 16.93
N MET B 448 49.69 26.46 15.82
CA MET B 448 50.89 26.24 15.06
C MET B 448 52.11 26.63 15.89
N GLU B 449 51.95 27.63 16.76
CA GLU B 449 53.04 28.11 17.62
C GLU B 449 53.09 27.48 19.02
N ASN B 450 51.99 26.84 19.41
CA ASN B 450 51.90 26.17 20.71
C ASN B 450 51.40 24.75 20.52
N PRO B 451 52.13 23.93 19.76
CA PRO B 451 51.72 22.56 19.52
C PRO B 451 51.65 21.71 20.78
N ASN B 452 51.77 22.36 21.94
CA ASN B 452 51.75 21.63 23.19
C ASN B 452 50.91 22.11 24.35
N VAL B 453 50.04 23.08 24.13
CA VAL B 453 49.18 23.58 25.20
C VAL B 453 48.43 22.43 25.87
N VAL B 454 47.80 21.59 25.06
CA VAL B 454 47.07 20.41 25.53
C VAL B 454 47.93 19.22 25.14
N ASP B 455 48.44 18.47 26.13
CA ASP B 455 49.32 17.35 25.85
C ASP B 455 49.36 16.26 26.92
N ILE B 456 50.10 15.19 26.64
CA ILE B 456 50.25 14.07 27.57
C ILE B 456 51.55 14.21 28.35
N THR B 457 51.49 13.91 29.65
CA THR B 457 52.65 14.01 30.50
C THR B 457 52.76 12.85 31.48
N SER B 458 53.96 12.27 31.58
CA SER B 458 54.19 11.16 32.47
C SER B 458 54.47 11.69 33.86
N GLU B 459 54.73 10.78 34.79
CA GLU B 459 55.01 11.15 36.17
C GLU B 459 55.32 9.74 36.66
N THR B 460 55.84 9.61 37.88
CA THR B 460 56.16 8.27 38.39
C THR B 460 55.43 8.19 39.73
N ILE B 461 55.06 6.97 40.12
CA ILE B 461 54.35 6.78 41.37
C ILE B 461 54.65 5.44 42.01
N THR B 462 54.47 5.39 43.32
CA THR B 462 54.65 4.17 44.06
C THR B 462 53.19 3.74 44.28
N VAL B 463 52.86 2.52 43.87
CA VAL B 463 51.49 2.04 44.03
C VAL B 463 51.44 0.75 44.82
N ASP B 464 50.32 0.50 45.51
CA ASP B 464 50.12 -0.70 46.31
C ASP B 464 48.70 -1.24 46.14
N THR B 465 48.47 -2.44 46.66
CA THR B 465 47.17 -3.08 46.62
C THR B 465 46.06 -2.11 46.95
N GLU B 466 46.42 -1.06 47.64
CA GLU B 466 45.44 -0.05 47.99
C GLU B 466 46.20 1.25 48.01
N PHE B 467 45.70 2.27 47.34
CA PHE B 467 46.37 3.55 47.36
C PHE B 467 45.50 4.69 46.89
N GLU B 468 46.11 5.83 46.64
CA GLU B 468 45.39 7.00 46.18
C GLU B 468 46.22 7.75 45.13
N HIS B 469 45.51 8.56 44.35
CA HIS B 469 46.13 9.37 43.33
C HIS B 469 45.07 10.39 43.02
N THR B 470 45.44 11.66 42.95
CA THR B 470 44.47 12.70 42.64
C THR B 470 44.46 12.96 41.13
N PHE B 471 43.27 13.08 40.56
CA PHE B 471 43.10 13.35 39.12
C PHE B 471 42.61 14.77 38.92
N LYS B 472 43.33 15.53 38.11
CA LYS B 472 42.99 16.94 37.89
C LYS B 472 41.61 17.10 37.27
N PRO B 473 41.07 18.32 37.31
CA PRO B 473 39.75 18.53 36.72
C PRO B 473 39.87 18.32 35.21
N PHE B 474 38.75 17.98 34.57
CA PHE B 474 38.74 17.73 33.13
C PHE B 474 40.04 17.07 32.64
N SER B 475 40.37 15.94 33.24
CA SER B 475 41.57 15.22 32.85
C SER B 475 41.22 13.76 32.55
N CYS B 476 42.13 13.10 31.86
CA CYS B 476 41.91 11.71 31.45
C CYS B 476 43.25 11.12 31.74
N SER B 477 43.28 10.10 32.59
CA SER B 477 44.57 9.50 32.95
C SER B 477 44.62 7.98 32.83
N VAL B 478 45.81 7.46 32.56
CA VAL B 478 46.03 6.01 32.45
C VAL B 478 47.19 5.66 33.36
N ILE B 479 46.87 5.00 34.46
CA ILE B 479 47.90 4.59 35.40
C ILE B 479 48.42 3.27 34.84
N GLU B 480 49.70 3.28 34.43
CA GLU B 480 50.31 2.10 33.85
C GLU B 480 51.22 1.41 34.86
N VAL B 481 50.74 0.28 35.38
CA VAL B 481 51.44 -0.48 36.41
C VAL B 481 51.90 -1.87 35.98
N GLU B 482 52.25 -2.68 36.97
CA GLU B 482 52.73 -4.06 36.81
C GLU B 482 53.96 -4.08 35.92
N SER C 2 -8.53 -54.89 -16.74
CA SER C 2 -8.76 -55.00 -18.20
C SER C 2 -8.32 -53.72 -18.91
N TYR C 3 -7.26 -53.84 -19.71
CA TYR C 3 -6.72 -52.71 -20.47
C TYR C 3 -7.09 -52.92 -21.92
N ARG C 4 -7.05 -51.83 -22.70
CA ARG C 4 -7.38 -51.86 -24.12
C ARG C 4 -7.22 -50.47 -24.71
N ILE C 5 -6.70 -50.39 -25.95
CA ILE C 5 -6.55 -49.10 -26.62
C ILE C 5 -7.11 -49.18 -28.04
N VAL C 6 -7.71 -48.08 -28.51
CA VAL C 6 -8.39 -48.00 -29.81
C VAL C 6 -8.05 -46.74 -30.59
N VAL C 7 -7.39 -46.91 -31.74
CA VAL C 7 -6.95 -45.80 -32.59
C VAL C 7 -7.81 -45.69 -33.81
N ASP C 8 -8.10 -44.48 -34.29
CA ASP C 8 -8.89 -44.28 -35.54
C ASP C 8 -8.10 -43.26 -36.39
N PRO C 9 -7.12 -43.74 -37.15
CA PRO C 9 -6.26 -42.91 -38.01
C PRO C 9 -7.02 -41.93 -38.92
N LYS C 10 -8.27 -42.27 -39.23
CA LYS C 10 -9.08 -41.44 -40.10
C LYS C 10 -9.50 -40.13 -39.43
N GLU C 11 -9.49 -40.08 -38.09
CA GLU C 11 -9.91 -38.90 -37.33
C GLU C 11 -8.78 -38.12 -36.71
N VAL C 12 -8.38 -37.00 -37.34
CA VAL C 12 -7.30 -36.18 -36.77
C VAL C 12 -7.89 -35.28 -35.70
N VAL C 13 -7.23 -35.22 -34.57
CA VAL C 13 -7.71 -34.42 -33.47
C VAL C 13 -7.12 -33.02 -33.46
N LYS C 14 -5.79 -32.90 -33.58
CA LYS C 14 -5.13 -31.59 -33.62
C LYS C 14 -3.71 -31.77 -34.03
N PRO C 15 -3.03 -30.67 -34.31
CA PRO C 15 -1.63 -30.86 -34.70
C PRO C 15 -0.78 -31.09 -33.43
N ILE C 16 0.47 -31.48 -33.65
CA ILE C 16 1.37 -31.69 -32.54
C ILE C 16 2.46 -30.67 -32.79
N SER C 17 2.52 -29.63 -31.97
CA SER C 17 3.55 -28.59 -32.13
C SER C 17 4.92 -29.28 -32.11
N ARG C 18 5.62 -29.21 -33.23
CA ARG C 18 6.93 -29.83 -33.30
C ARG C 18 7.90 -29.35 -32.24
N HIS C 19 7.54 -28.29 -31.53
CA HIS C 19 8.40 -27.72 -30.49
C HIS C 19 8.19 -28.24 -29.09
N ILE C 20 7.60 -29.40 -28.95
CA ILE C 20 7.40 -29.91 -27.61
C ILE C 20 8.64 -30.68 -27.30
N TYR C 21 9.43 -30.99 -28.32
CA TYR C 21 10.64 -31.75 -28.11
C TYR C 21 11.90 -30.88 -27.99
N GLY C 22 11.72 -29.63 -27.58
CA GLY C 22 12.84 -28.72 -27.44
C GLY C 22 13.75 -28.97 -26.25
N HIS C 23 14.99 -28.47 -26.32
CA HIS C 23 15.96 -28.65 -25.27
C HIS C 23 16.54 -27.35 -24.77
N PHE C 24 17.24 -27.44 -23.65
CA PHE C 24 17.80 -26.25 -22.99
C PHE C 24 19.27 -26.43 -22.72
N THR C 25 20.03 -25.36 -22.80
CA THR C 25 21.48 -25.44 -22.60
C THR C 25 22.03 -24.17 -21.91
N GLU C 26 22.36 -23.97 -20.62
CA GLU C 26 22.83 -22.93 -19.69
C GLU C 26 24.33 -22.98 -19.40
N HIS C 27 24.68 -22.05 -19.01
CA HIS C 27 26.08 -21.98 -18.61
C HIS C 27 26.21 -22.38 -17.13
N LEU C 28 25.88 -23.64 -16.89
CA LEU C 28 25.95 -24.21 -15.56
C LEU C 28 26.90 -25.41 -15.58
N GLY C 29 27.89 -25.40 -14.70
CA GLY C 29 28.82 -26.51 -14.62
C GLY C 29 29.46 -26.87 -15.94
N ARG C 30 29.34 -28.13 -16.36
CA ARG C 30 29.92 -28.56 -17.62
C ARG C 30 28.98 -28.63 -18.82
N CYS C 31 27.82 -27.96 -18.77
CA CYS C 31 26.88 -28.01 -19.90
C CYS C 31 27.47 -27.44 -21.16
N ILE C 32 28.08 -26.26 -21.04
CA ILE C 32 28.71 -25.60 -22.17
C ILE C 32 30.16 -26.05 -22.25
N TYR C 33 30.97 -25.55 -21.34
CA TYR C 33 32.38 -25.87 -21.29
C TYR C 33 32.67 -27.28 -20.82
N GLY C 34 33.05 -28.16 -21.73
CA GLY C 34 33.32 -29.55 -21.38
C GLY C 34 32.12 -30.41 -21.73
N GLY C 35 31.12 -29.77 -22.36
CA GLY C 35 29.90 -30.45 -22.76
C GLY C 35 29.74 -30.38 -24.25
N ILE C 36 29.12 -29.32 -24.73
CA ILE C 36 28.93 -29.22 -26.16
C ILE C 36 30.12 -28.49 -26.76
N TYR C 37 30.79 -27.74 -25.90
CA TYR C 37 31.93 -26.92 -26.30
C TYR C 37 33.19 -27.28 -25.49
N GLU C 38 34.27 -27.65 -26.18
CA GLU C 38 35.52 -28.01 -25.50
C GLU C 38 36.65 -27.65 -26.49
N GLU C 39 37.12 -26.41 -26.41
CA GLU C 39 38.16 -25.94 -27.32
C GLU C 39 39.42 -26.82 -27.32
N GLY C 40 39.97 -27.01 -28.51
CA GLY C 40 41.18 -27.80 -28.69
C GLY C 40 41.23 -29.21 -28.13
N SER C 41 40.08 -29.86 -28.00
CA SER C 41 40.01 -31.23 -27.52
C SER C 41 40.17 -32.13 -28.73
N PRO C 42 40.63 -33.36 -28.51
CA PRO C 42 40.79 -34.26 -29.65
C PRO C 42 39.41 -34.65 -30.22
N LEU C 43 38.36 -34.61 -29.39
CA LEU C 43 37.00 -34.97 -29.83
C LEU C 43 36.22 -33.78 -30.39
N SER C 44 36.73 -32.57 -30.15
CA SER C 44 36.07 -31.36 -30.63
C SER C 44 36.53 -30.98 -32.03
N ASP C 45 35.67 -30.29 -32.76
CA ASP C 45 35.99 -29.91 -34.11
C ASP C 45 36.58 -28.53 -34.21
N GLU C 46 36.46 -27.97 -35.40
CA GLU C 46 36.97 -26.65 -35.75
C GLU C 46 36.59 -25.53 -34.82
N ARG C 47 35.29 -25.38 -34.62
CA ARG C 47 34.76 -24.32 -33.79
C ARG C 47 34.66 -24.70 -32.32
N GLY C 48 35.26 -25.83 -31.94
CA GLY C 48 35.24 -26.24 -30.54
C GLY C 48 34.06 -27.07 -30.08
N PHE C 49 33.30 -27.58 -31.03
CA PHE C 49 32.14 -28.39 -30.73
C PHE C 49 32.53 -29.86 -30.64
N ARG C 50 32.10 -30.52 -29.59
CA ARG C 50 32.38 -31.94 -29.49
C ARG C 50 31.65 -32.65 -30.64
N LYS C 51 32.38 -33.35 -31.50
CA LYS C 51 31.76 -34.05 -32.60
C LYS C 51 30.92 -35.22 -32.09
N ASP C 52 31.33 -35.84 -30.99
CA ASP C 52 30.60 -36.98 -30.47
C ASP C 52 29.28 -36.58 -29.84
N VAL C 53 29.24 -35.37 -29.29
CA VAL C 53 28.04 -34.82 -28.66
C VAL C 53 27.18 -34.26 -29.78
N LEU C 54 27.85 -33.63 -30.75
CA LEU C 54 27.19 -33.06 -31.91
C LEU C 54 26.37 -34.13 -32.68
N GLU C 55 26.81 -35.39 -32.67
CA GLU C 55 26.06 -36.44 -33.36
C GLU C 55 24.86 -36.79 -32.56
N ALA C 56 25.08 -37.16 -31.31
CA ALA C 56 24.01 -37.51 -30.41
C ALA C 56 22.92 -36.46 -30.41
N VAL C 57 23.31 -35.20 -30.58
CA VAL C 57 22.34 -34.10 -30.60
C VAL C 57 21.53 -34.06 -31.90
N LYS C 58 22.21 -34.28 -33.03
CA LYS C 58 21.53 -34.29 -34.32
C LYS C 58 20.58 -35.49 -34.39
N ARG C 59 20.98 -36.59 -33.75
CA ARG C 59 20.18 -37.81 -33.76
C ARG C 59 18.79 -37.64 -33.21
N ILE C 60 18.65 -36.68 -32.28
CA ILE C 60 17.38 -36.32 -31.68
C ILE C 60 17.31 -34.88 -32.15
N LYS C 61 16.59 -34.77 -33.27
CA LYS C 61 16.52 -33.60 -34.14
C LYS C 61 15.88 -32.48 -33.38
N VAL C 62 16.67 -31.92 -32.48
CA VAL C 62 16.21 -30.85 -31.62
C VAL C 62 15.55 -29.74 -32.49
N PRO C 63 14.33 -29.31 -32.11
CA PRO C 63 13.51 -28.28 -32.77
C PRO C 63 13.95 -26.86 -32.50
N ASN C 64 14.21 -26.56 -31.24
CA ASN C 64 14.61 -25.23 -30.77
C ASN C 64 15.44 -25.44 -29.53
N LEU C 65 16.42 -24.57 -29.31
CA LEU C 65 17.29 -24.68 -28.12
C LEU C 65 17.34 -23.40 -27.30
N ARG C 66 17.12 -23.54 -25.99
CA ARG C 66 17.13 -22.41 -25.06
C ARG C 66 18.55 -22.10 -24.56
N TRP C 67 18.88 -20.83 -24.39
CA TRP C 67 20.23 -20.42 -23.97
C TRP C 67 20.07 -18.96 -23.61
N PRO C 68 20.98 -18.40 -22.81
CA PRO C 68 22.14 -18.97 -22.17
C PRO C 68 21.71 -19.48 -20.84
N GLY C 69 20.44 -19.33 -20.52
CA GLY C 69 20.14 -19.92 -19.25
C GLY C 69 18.93 -19.63 -18.45
N GLY C 70 19.05 -20.14 -17.23
CA GLY C 70 18.05 -20.01 -16.20
C GLY C 70 18.85 -19.10 -15.31
N ASN C 71 18.99 -19.43 -14.05
CA ASN C 71 19.74 -18.62 -13.11
C ASN C 71 20.92 -17.83 -13.66
N PHE C 72 21.74 -18.44 -14.52
CA PHE C 72 22.90 -17.74 -15.10
C PHE C 72 22.53 -16.43 -15.74
N VAL C 73 21.67 -16.46 -16.75
CA VAL C 73 21.29 -15.25 -17.47
C VAL C 73 20.95 -14.02 -16.64
N SER C 74 20.61 -14.22 -15.38
CA SER C 74 20.22 -13.07 -14.58
C SER C 74 21.34 -12.17 -14.10
N ASN C 75 22.54 -12.38 -14.63
CA ASN C 75 23.65 -11.52 -14.32
C ASN C 75 24.61 -11.54 -15.48
N TYR C 76 24.11 -12.00 -16.64
CA TYR C 76 24.87 -12.11 -17.90
C TYR C 76 24.65 -10.95 -18.85
N HIS C 77 25.73 -10.30 -19.26
CA HIS C 77 25.59 -9.20 -20.20
C HIS C 77 26.08 -9.73 -21.51
N TRP C 78 25.14 -10.01 -22.40
CA TRP C 78 25.45 -10.59 -23.70
C TRP C 78 26.60 -10.02 -24.49
N GLU C 79 26.93 -8.75 -24.28
CA GLU C 79 28.02 -8.12 -25.03
C GLU C 79 29.39 -8.65 -24.68
N ASP C 80 29.52 -9.38 -23.57
CA ASP C 80 30.83 -9.92 -23.25
C ASP C 80 31.02 -11.25 -23.98
N GLY C 81 30.06 -11.59 -24.82
CA GLY C 81 30.11 -12.83 -25.54
C GLY C 81 30.27 -12.63 -27.03
N ILE C 82 30.52 -11.38 -27.43
CA ILE C 82 30.71 -11.12 -28.84
C ILE C 82 32.09 -10.58 -29.15
N GLY C 83 32.34 -10.38 -30.44
CA GLY C 83 33.63 -9.89 -30.89
C GLY C 83 34.67 -11.00 -30.84
N PRO C 84 35.88 -10.72 -31.29
CA PRO C 84 36.89 -11.77 -31.24
C PRO C 84 36.99 -12.29 -29.80
N LYS C 85 37.33 -13.56 -29.64
CA LYS C 85 37.47 -14.15 -28.31
C LYS C 85 38.76 -13.55 -27.81
N ASP C 86 39.37 -14.08 -26.77
CA ASP C 86 40.64 -13.49 -26.31
C ASP C 86 40.41 -12.11 -25.67
N GLN C 87 39.70 -11.23 -26.38
CA GLN C 87 39.41 -9.90 -25.86
C GLN C 87 38.07 -9.87 -25.10
N ARG C 88 37.48 -11.03 -24.86
CA ARG C 88 36.22 -11.05 -24.13
C ARG C 88 36.51 -11.16 -22.67
N PRO C 89 35.96 -10.24 -21.90
CA PRO C 89 36.19 -10.21 -20.45
C PRO C 89 35.82 -11.48 -19.71
N VAL C 90 36.63 -11.86 -18.74
CA VAL C 90 36.33 -13.01 -17.93
C VAL C 90 35.59 -12.45 -16.73
N ARG C 91 34.32 -12.83 -16.63
CA ARG C 91 33.46 -12.36 -15.57
C ARG C 91 33.23 -13.48 -14.56
N PHE C 92 32.69 -13.15 -13.39
CA PHE C 92 32.45 -14.18 -12.37
C PHE C 92 30.94 -14.36 -12.29
N ASP C 93 30.46 -15.53 -12.67
CA ASP C 93 29.04 -15.82 -12.61
C ASP C 93 28.52 -16.02 -11.17
N LEU C 94 27.59 -15.18 -10.71
CA LEU C 94 27.12 -15.34 -9.35
C LEU C 94 26.23 -16.56 -9.22
N ALA C 95 25.53 -16.91 -10.29
CA ALA C 95 24.61 -18.03 -10.23
C ALA C 95 25.28 -19.29 -9.74
N TRP C 96 26.23 -19.79 -10.51
CA TRP C 96 26.87 -21.04 -10.13
C TRP C 96 28.25 -20.89 -9.61
N GLN C 97 28.66 -19.64 -9.46
CA GLN C 97 29.97 -19.35 -8.91
C GLN C 97 31.15 -20.02 -9.60
N GLN C 98 31.44 -19.64 -10.84
CA GLN C 98 32.59 -20.16 -11.56
C GLN C 98 32.90 -19.01 -12.50
N GLU C 99 34.12 -18.94 -13.02
CA GLU C 99 34.42 -17.83 -13.91
C GLU C 99 33.87 -18.09 -15.28
N GLU C 100 33.40 -17.04 -15.95
CA GLU C 100 32.89 -17.22 -17.28
C GLU C 100 33.95 -16.72 -18.27
N THR C 101 34.55 -17.62 -19.06
CA THR C 101 35.59 -17.17 -20.01
C THR C 101 34.88 -16.39 -21.11
N ASN C 102 33.58 -16.66 -21.25
CA ASN C 102 32.74 -16.03 -22.27
C ASN C 102 33.16 -16.28 -23.71
N ARG C 103 33.98 -17.31 -23.92
CA ARG C 103 34.45 -17.66 -25.25
C ARG C 103 33.26 -18.29 -25.98
N PHE C 104 32.25 -18.66 -25.22
CA PHE C 104 31.03 -19.22 -25.82
C PHE C 104 29.95 -18.15 -25.68
N GLY C 105 29.81 -17.33 -26.71
CA GLY C 105 28.82 -16.25 -26.67
C GLY C 105 27.71 -16.35 -27.71
N THR C 106 26.99 -15.27 -27.88
CA THR C 106 25.88 -15.22 -28.82
C THR C 106 26.22 -15.76 -30.19
N ASP C 107 27.34 -15.37 -30.79
CA ASP C 107 27.69 -15.88 -32.13
C ASP C 107 27.86 -17.40 -32.17
N GLU C 108 28.57 -17.94 -31.18
CA GLU C 108 28.86 -19.36 -31.06
C GLU C 108 27.57 -20.17 -30.83
N PHE C 109 26.65 -19.61 -30.06
CA PHE C 109 25.39 -20.27 -29.80
C PHE C 109 24.60 -20.39 -31.10
N ILE C 110 24.41 -19.28 -31.79
CA ILE C 110 23.68 -19.33 -33.03
C ILE C 110 24.34 -20.28 -34.04
N GLU C 111 25.66 -20.34 -34.03
CA GLU C 111 26.32 -21.24 -34.95
C GLU C 111 25.90 -22.63 -34.51
N TYR C 112 26.06 -22.98 -33.24
CA TYR C 112 25.68 -24.33 -32.77
C TYR C 112 24.23 -24.65 -33.10
N CYS C 113 23.38 -23.65 -33.11
CA CYS C 113 22.00 -23.90 -33.45
C CYS C 113 21.90 -24.24 -34.91
N ARG C 114 22.44 -23.35 -35.74
CA ARG C 114 22.45 -23.54 -37.17
C ARG C 114 22.89 -25.00 -37.47
N GLU C 115 24.04 -25.39 -36.92
CA GLU C 115 24.58 -26.72 -37.15
C GLU C 115 23.68 -27.88 -36.80
N ILE C 116 22.87 -27.73 -35.76
CA ILE C 116 21.99 -28.83 -35.41
C ILE C 116 20.59 -28.59 -35.92
N GLY C 117 20.42 -27.51 -36.69
CA GLY C 117 19.10 -27.19 -37.23
C GLY C 117 18.02 -26.84 -36.22
N ALA C 118 18.42 -26.23 -35.12
CA ALA C 118 17.47 -25.86 -34.10
C ALA C 118 17.23 -24.38 -34.19
N GLU C 119 16.02 -23.99 -33.81
CA GLU C 119 15.61 -22.59 -33.82
C GLU C 119 16.09 -22.04 -32.46
N PRO C 120 16.94 -20.99 -32.46
CA PRO C 120 17.41 -20.46 -31.19
C PRO C 120 16.29 -19.80 -30.40
N TYR C 121 16.36 -20.00 -29.08
CA TYR C 121 15.41 -19.48 -28.11
C TYR C 121 16.33 -18.83 -27.11
N ILE C 122 16.43 -17.51 -27.11
CA ILE C 122 17.32 -16.77 -26.20
C ILE C 122 16.53 -16.14 -25.09
N SER C 123 17.06 -16.12 -23.88
CA SER C 123 16.34 -15.49 -22.76
C SER C 123 17.14 -14.29 -22.23
N ILE C 124 16.51 -13.13 -22.09
CA ILE C 124 17.25 -11.96 -21.65
C ILE C 124 17.49 -11.87 -20.17
N ASN C 125 18.37 -10.94 -19.79
CA ASN C 125 18.70 -10.78 -18.38
C ASN C 125 17.89 -9.66 -17.74
N MET C 126 16.94 -10.01 -16.88
CA MET C 126 16.18 -9.00 -16.19
C MET C 126 16.63 -8.79 -14.74
N GLY C 127 17.80 -9.33 -14.39
CA GLY C 127 18.34 -9.16 -13.05
C GLY C 127 19.22 -7.94 -13.05
N THR C 128 20.47 -8.10 -13.49
CA THR C 128 21.38 -6.98 -13.55
C THR C 128 21.35 -6.30 -14.90
N GLY C 129 20.54 -6.79 -15.83
CA GLY C 129 20.49 -6.14 -17.15
C GLY C 129 19.44 -5.04 -17.27
N THR C 130 19.22 -4.50 -18.46
CA THR C 130 18.21 -3.45 -18.60
C THR C 130 17.43 -3.59 -19.89
N LEU C 131 16.50 -2.64 -20.11
CA LEU C 131 15.68 -2.63 -21.32
C LEU C 131 16.54 -2.24 -22.53
N ASP C 132 17.42 -1.29 -22.32
CA ASP C 132 18.28 -0.85 -23.38
C ASP C 132 19.09 -2.07 -23.81
N GLU C 133 19.67 -2.74 -22.83
CA GLU C 133 20.50 -3.89 -23.10
C GLU C 133 19.73 -4.96 -23.88
N ALA C 134 18.50 -5.22 -23.47
CA ALA C 134 17.69 -6.23 -24.12
C ALA C 134 17.51 -5.87 -25.55
N LEU C 135 16.97 -4.69 -25.78
CA LEU C 135 16.75 -4.21 -27.14
C LEU C 135 17.97 -4.44 -28.03
N HIS C 136 19.13 -4.02 -27.55
CA HIS C 136 20.34 -4.16 -28.31
C HIS C 136 20.62 -5.57 -28.71
N TRP C 137 20.41 -6.48 -27.80
CA TRP C 137 20.68 -7.89 -28.10
C TRP C 137 19.76 -8.28 -29.25
N LEU C 138 18.52 -7.82 -29.20
CA LEU C 138 17.59 -8.12 -30.25
C LEU C 138 18.09 -7.45 -31.54
N GLU C 139 18.50 -6.19 -31.46
CA GLU C 139 19.03 -5.51 -32.63
C GLU C 139 20.12 -6.38 -33.20
N TYR C 140 21.06 -6.77 -32.36
CA TYR C 140 22.17 -7.57 -32.83
C TYR C 140 21.77 -8.89 -33.49
N CYS C 141 20.76 -9.53 -32.91
CA CYS C 141 20.29 -10.82 -33.38
C CYS C 141 19.38 -10.67 -34.58
N ASN C 142 18.75 -9.50 -34.68
CA ASN C 142 17.82 -9.18 -35.76
C ASN C 142 17.36 -7.79 -36.15
N GLY C 143 18.10 -7.16 -37.06
CA GLY C 143 17.84 -5.80 -37.47
C GLY C 143 18.72 -5.58 -38.69
N LYS C 144 18.11 -5.45 -39.85
CA LYS C 144 18.85 -5.33 -41.10
C LYS C 144 19.06 -3.88 -41.51
N GLY C 145 18.75 -2.95 -40.61
CA GLY C 145 18.92 -1.54 -40.88
C GLY C 145 20.37 -1.31 -40.49
N ASN C 146 20.70 -0.04 -40.24
CA ASN C 146 22.04 0.33 -39.84
C ASN C 146 22.35 0.52 -38.37
N THR C 147 21.60 -0.16 -37.49
CA THR C 147 21.78 0.06 -36.29
C THR C 147 23.09 -0.27 -35.91
N TYR C 148 23.69 0.53 -35.20
CA TYR C 148 24.98 0.13 -34.63
C TYR C 148 25.15 -1.38 -34.39
N TYR C 149 24.22 -1.95 -33.63
CA TYR C 149 24.31 -3.36 -33.28
C TYR C 149 24.07 -4.35 -34.40
N ALA C 150 23.39 -3.92 -35.45
CA ALA C 150 23.12 -4.78 -36.57
C ALA C 150 24.46 -4.89 -37.27
N GLN C 151 25.05 -3.74 -37.56
CA GLN C 151 26.33 -3.74 -38.25
C GLN C 151 27.38 -4.44 -37.40
N LEU C 152 27.24 -4.37 -36.09
CA LEU C 152 28.23 -5.01 -35.25
C LEU C 152 28.19 -6.50 -35.54
N ARG C 153 26.99 -7.03 -35.75
CA ARG C 153 26.85 -8.45 -36.04
C ARG C 153 27.67 -8.78 -37.29
N ARG C 154 27.48 -7.94 -38.31
CA ARG C 154 28.19 -8.09 -39.57
C ARG C 154 29.69 -7.92 -39.38
N LYS C 155 30.12 -6.83 -38.77
CA LYS C 155 31.56 -6.64 -38.57
C LYS C 155 32.17 -7.92 -37.97
N TYR C 156 31.42 -8.60 -37.13
CA TYR C 156 31.94 -9.82 -36.53
C TYR C 156 31.79 -11.14 -37.34
N GLY C 157 30.95 -11.18 -38.35
CA GLY C 157 30.77 -12.41 -39.09
C GLY C 157 29.96 -12.23 -40.36
N HIS C 158 26.41 -13.69 -40.57
CA HIS C 158 26.34 -12.76 -39.41
C HIS C 158 26.38 -11.37 -39.99
N PRO C 159 26.65 -11.81 -42.56
CA PRO C 159 26.00 -10.49 -42.61
C PRO C 159 24.52 -10.60 -42.52
N GLU C 160 24.03 -11.82 -42.67
CA GLU C 160 22.59 -12.06 -42.61
C GLU C 160 22.09 -12.24 -41.17
N PRO C 161 21.03 -11.51 -40.79
CA PRO C 161 20.41 -11.57 -39.45
C PRO C 161 19.93 -12.93 -39.04
N TYR C 162 20.28 -13.31 -37.82
CA TYR C 162 19.95 -14.60 -37.22
C TYR C 162 18.49 -14.89 -37.14
N ASN C 163 17.72 -13.87 -36.82
CA ASN C 163 16.27 -14.01 -36.71
C ASN C 163 15.80 -14.94 -35.61
N VAL C 164 16.26 -14.67 -34.39
CA VAL C 164 15.88 -15.45 -33.22
C VAL C 164 14.39 -15.18 -33.00
N LYS C 165 13.59 -16.24 -33.09
CA LYS C 165 12.15 -16.16 -32.97
C LYS C 165 11.59 -16.20 -31.55
N PHE C 166 12.29 -16.84 -30.64
CA PHE C 166 11.79 -16.94 -29.28
C PHE C 166 12.62 -16.14 -28.31
N TRP C 167 11.97 -15.32 -27.50
CA TRP C 167 12.68 -14.55 -26.49
C TRP C 167 12.10 -14.75 -25.09
N GLY C 168 12.88 -15.36 -24.20
CA GLY C 168 12.45 -15.60 -22.84
C GLY C 168 12.57 -14.31 -22.09
N ILE C 169 11.46 -13.79 -21.59
CA ILE C 169 11.51 -12.51 -20.94
C ILE C 169 11.75 -12.60 -19.46
N GLY C 170 13.00 -12.88 -19.11
CA GLY C 170 13.40 -12.98 -17.72
C GLY C 170 13.44 -14.43 -17.35
N ASN C 171 14.13 -14.75 -16.27
CA ASN C 171 14.20 -16.14 -15.83
C ASN C 171 13.89 -16.32 -14.34
N GLU C 172 12.88 -17.12 -14.04
CA GLU C 172 12.48 -17.37 -12.66
C GLU C 172 12.60 -16.13 -11.78
N MET C 173 12.22 -14.97 -12.33
CA MET C 173 12.29 -13.70 -11.62
C MET C 173 11.59 -13.67 -10.25
N TYR C 174 10.75 -14.66 -9.99
CA TYR C 174 10.03 -14.74 -8.73
C TYR C 174 10.94 -15.21 -7.59
N GLY C 175 11.91 -16.07 -7.93
CA GLY C 175 12.82 -16.68 -6.98
C GLY C 175 13.78 -15.86 -6.15
N GLU C 176 13.78 -16.07 -4.82
CA GLU C 176 14.68 -15.33 -3.92
C GLU C 176 16.14 -15.60 -4.25
N TRP C 177 16.37 -16.61 -5.07
CA TRP C 177 17.71 -17.02 -5.48
C TRP C 177 18.16 -16.36 -6.78
N GLN C 178 17.22 -15.74 -7.49
CA GLN C 178 17.53 -15.12 -8.77
C GLN C 178 18.20 -13.79 -8.51
N VAL C 179 19.25 -13.50 -9.25
CA VAL C 179 19.88 -12.23 -9.03
C VAL C 179 18.84 -11.17 -9.45
N GLY C 180 18.62 -10.16 -8.62
CA GLY C 180 17.66 -9.10 -8.93
C GLY C 180 16.21 -9.58 -8.99
N HIS C 181 15.83 -10.48 -8.10
CA HIS C 181 14.47 -10.99 -8.15
C HIS C 181 13.44 -9.91 -7.89
N MET C 182 12.24 -10.08 -8.47
CA MET C 182 11.16 -9.10 -8.33
C MET C 182 9.90 -9.65 -7.64
N THR C 183 8.96 -8.74 -7.38
CA THR C 183 7.71 -9.13 -6.75
C THR C 183 6.79 -9.35 -7.90
N ALA C 184 5.60 -9.91 -7.63
CA ALA C 184 4.65 -10.16 -8.70
C ALA C 184 4.38 -8.88 -9.47
N ASP C 185 4.15 -7.77 -8.77
CA ASP C 185 3.84 -6.55 -9.52
C ASP C 185 5.02 -5.96 -10.26
N GLU C 186 6.19 -5.97 -9.62
CA GLU C 186 7.37 -5.42 -10.26
C GLU C 186 7.59 -6.15 -11.60
N TYR C 187 7.78 -7.48 -11.54
CA TYR C 187 7.99 -8.28 -12.75
C TYR C 187 6.84 -8.14 -13.73
N ALA C 188 5.63 -8.20 -13.22
CA ALA C 188 4.50 -8.12 -14.07
C ALA C 188 4.56 -6.88 -14.95
N ARG C 189 4.69 -5.71 -14.32
CA ARG C 189 4.72 -4.49 -15.11
C ARG C 189 5.99 -4.44 -15.96
N ALA C 190 7.06 -5.05 -15.49
CA ALA C 190 8.27 -5.04 -16.25
C ALA C 190 8.13 -5.91 -17.50
N ALA C 191 7.53 -7.08 -17.33
CA ALA C 191 7.40 -7.97 -18.49
C ALA C 191 6.70 -7.24 -19.61
N LYS C 192 5.66 -6.47 -19.27
CA LYS C 192 4.98 -5.72 -20.31
C LYS C 192 5.95 -4.72 -20.97
N GLU C 193 6.64 -3.90 -20.19
CA GLU C 193 7.58 -2.93 -20.79
C GLU C 193 8.57 -3.57 -21.77
N TYR C 194 9.22 -4.66 -21.38
CA TYR C 194 10.17 -5.31 -22.30
C TYR C 194 9.48 -5.89 -23.53
N THR C 195 8.33 -6.51 -23.33
CA THR C 195 7.65 -7.08 -24.47
C THR C 195 7.04 -5.99 -25.36
N LYS C 196 6.52 -4.90 -24.74
CA LYS C 196 5.90 -3.74 -25.46
C LYS C 196 6.86 -3.27 -26.53
N TRP C 197 8.01 -2.77 -26.09
CA TRP C 197 9.05 -2.34 -27.01
C TRP C 197 9.63 -3.68 -27.38
N MET C 198 10.81 -3.77 -27.96
CA MET C 198 11.32 -5.12 -28.32
C MET C 198 10.40 -5.57 -29.42
N LYS C 199 9.10 -5.66 -29.12
CA LYS C 199 8.13 -6.01 -30.12
C LYS C 199 7.84 -4.85 -31.07
N VAL C 200 8.18 -3.60 -30.71
CA VAL C 200 7.96 -2.53 -31.68
C VAL C 200 9.11 -2.62 -32.68
N PHE C 201 10.23 -3.10 -32.18
CA PHE C 201 11.41 -3.25 -33.02
C PHE C 201 11.26 -4.43 -33.96
N ASP C 202 10.81 -5.55 -33.40
CA ASP C 202 10.58 -6.76 -34.18
C ASP C 202 9.28 -7.45 -33.76
N PRO C 203 8.20 -7.06 -34.41
CA PRO C 203 6.85 -7.56 -34.21
C PRO C 203 6.69 -9.07 -34.33
N THR C 204 7.54 -9.67 -35.14
CA THR C 204 7.47 -11.10 -35.34
C THR C 204 7.90 -12.03 -34.19
N ILE C 205 8.58 -11.54 -33.15
CA ILE C 205 9.02 -12.43 -32.08
C ILE C 205 7.95 -12.89 -31.14
N LYS C 206 8.19 -14.05 -30.57
CA LYS C 206 7.28 -14.64 -29.61
C LYS C 206 7.93 -14.42 -28.25
N ALA C 207 7.17 -13.91 -27.29
CA ALA C 207 7.71 -13.67 -25.95
C ALA C 207 7.21 -14.67 -24.91
N ILE C 208 8.09 -15.13 -24.04
CA ILE C 208 7.72 -16.09 -23.00
C ILE C 208 7.90 -15.38 -21.68
N ALA C 209 6.82 -15.19 -20.93
CA ALA C 209 6.89 -14.47 -19.66
C ALA C 209 7.04 -15.43 -18.53
N VAL C 210 7.70 -15.00 -17.46
CA VAL C 210 7.91 -15.91 -16.36
C VAL C 210 6.67 -16.19 -15.58
N GLY C 211 6.37 -17.48 -15.48
CA GLY C 211 5.21 -17.92 -14.75
C GLY C 211 5.77 -18.89 -13.75
N CYS C 212 4.96 -19.30 -12.80
CA CYS C 212 5.42 -20.27 -11.80
C CYS C 212 4.20 -20.83 -11.02
N ASP C 213 4.43 -21.41 -9.85
CA ASP C 213 3.33 -21.98 -9.10
C ASP C 213 2.44 -21.08 -8.28
N ASP C 214 2.82 -19.80 -8.16
CA ASP C 214 2.00 -18.87 -7.42
C ASP C 214 0.89 -18.37 -8.37
N PRO C 215 -0.37 -18.64 -8.03
CA PRO C 215 -1.47 -18.21 -8.88
C PRO C 215 -1.49 -16.70 -9.05
N ILE C 216 -1.31 -16.00 -7.94
CA ILE C 216 -1.34 -14.56 -7.97
C ILE C 216 -0.26 -14.06 -8.90
N TRP C 217 0.93 -14.64 -8.82
CA TRP C 217 2.01 -14.24 -9.72
C TRP C 217 1.52 -14.38 -11.17
N ASN C 218 1.23 -15.61 -11.61
CA ASN C 218 0.77 -15.83 -12.95
C ASN C 218 -0.34 -14.87 -13.35
N LEU C 219 -1.37 -14.83 -12.53
CA LEU C 219 -2.53 -14.00 -12.79
C LEU C 219 -2.15 -12.54 -13.00
N ARG C 220 -1.19 -12.06 -12.22
CA ARG C 220 -0.77 -10.68 -12.32
C ARG C 220 0.07 -10.44 -13.56
N VAL C 221 0.72 -11.49 -14.04
CA VAL C 221 1.52 -11.37 -15.26
C VAL C 221 0.58 -11.35 -16.44
N LEU C 222 -0.32 -12.33 -16.49
CA LEU C 222 -1.29 -12.41 -17.57
C LEU C 222 -2.14 -11.16 -17.62
N GLN C 223 -2.49 -10.64 -16.45
CA GLN C 223 -3.32 -9.47 -16.37
C GLN C 223 -2.66 -8.23 -16.90
N GLU C 224 -1.35 -8.14 -16.68
CA GLU C 224 -0.56 -6.99 -17.11
C GLU C 224 -0.05 -7.07 -18.56
N ALA C 225 0.55 -8.21 -18.89
CA ALA C 225 1.12 -8.39 -20.21
C ALA C 225 0.36 -9.33 -21.12
N GLY C 226 -0.86 -9.68 -20.72
CA GLY C 226 -1.67 -10.60 -21.51
C GLY C 226 -2.01 -10.20 -22.93
N ASP C 227 -1.81 -8.94 -23.25
CA ASP C 227 -2.12 -8.48 -24.58
C ASP C 227 -0.87 -8.43 -25.44
N VAL C 228 0.31 -8.77 -24.88
CA VAL C 228 1.55 -8.71 -25.68
C VAL C 228 2.47 -9.91 -25.59
N ILE C 229 2.36 -10.70 -24.52
CA ILE C 229 3.21 -11.88 -24.41
C ILE C 229 2.54 -13.02 -25.20
N ASP C 230 3.31 -14.05 -25.55
CA ASP C 230 2.75 -15.16 -26.31
C ASP C 230 2.63 -16.43 -25.49
N PHE C 231 3.46 -16.55 -24.47
CA PHE C 231 3.47 -17.70 -23.60
C PHE C 231 3.70 -17.27 -22.18
N ILE C 232 3.48 -18.20 -21.27
CA ILE C 232 3.74 -17.98 -19.86
C ILE C 232 4.52 -19.24 -19.49
N SER C 233 5.71 -19.03 -19.01
CA SER C 233 6.63 -20.09 -18.63
C SER C 233 6.16 -20.92 -17.44
N TYR C 234 6.45 -22.22 -17.48
CA TYR C 234 6.18 -23.11 -16.37
C TYR C 234 7.38 -24.05 -16.22
N HIS C 235 7.87 -24.22 -15.00
CA HIS C 235 9.03 -25.07 -14.75
C HIS C 235 8.58 -26.22 -13.90
N PHE C 236 8.89 -27.46 -14.32
CA PHE C 236 8.53 -28.68 -13.57
C PHE C 236 9.68 -29.62 -13.32
N TYR C 237 10.01 -29.81 -12.05
CA TYR C 237 11.11 -30.68 -11.66
C TYR C 237 10.58 -31.67 -10.64
N THR C 238 10.64 -32.96 -10.98
CA THR C 238 10.13 -33.99 -10.09
C THR C 238 11.19 -35.07 -9.84
N GLY C 239 10.88 -35.99 -8.93
CA GLY C 239 11.81 -37.04 -8.62
C GLY C 239 11.66 -37.65 -7.24
N SER C 240 12.11 -38.88 -7.12
CA SER C 240 12.05 -39.60 -5.88
C SER C 240 12.71 -40.94 -6.11
N ASP C 241 13.09 -41.63 -5.04
CA ASP C 241 13.71 -42.94 -5.19
C ASP C 241 12.71 -44.03 -5.64
N ASP C 242 11.50 -43.97 -5.07
CA ASP C 242 10.47 -44.92 -5.40
C ASP C 242 10.08 -44.76 -6.85
N TYR C 243 10.08 -45.86 -7.59
CA TYR C 243 9.72 -45.89 -9.02
C TYR C 243 8.44 -45.11 -9.34
N TYR C 244 7.35 -45.52 -8.73
CA TYR C 244 6.05 -44.91 -8.95
C TYR C 244 5.95 -43.45 -8.52
N GLU C 245 6.52 -43.13 -7.37
CA GLU C 245 6.46 -41.74 -6.94
C GLU C 245 7.05 -40.88 -8.08
N THR C 246 7.99 -41.44 -8.80
CA THR C 246 8.64 -40.75 -9.90
C THR C 246 7.86 -40.76 -11.21
N VAL C 247 7.45 -41.92 -11.70
CA VAL C 247 6.72 -41.93 -12.98
C VAL C 247 5.36 -41.31 -12.86
N SER C 248 4.68 -41.55 -11.72
CA SER C 248 3.31 -41.06 -11.54
C SER C 248 3.17 -39.57 -11.56
N THR C 249 4.27 -38.85 -11.40
CA THR C 249 4.20 -37.42 -11.39
C THR C 249 3.99 -36.87 -12.78
N VAL C 250 3.94 -37.73 -13.79
CA VAL C 250 3.70 -37.24 -15.15
C VAL C 250 2.23 -36.85 -15.18
N TYR C 251 1.46 -37.47 -14.31
CA TYR C 251 0.07 -37.11 -14.29
C TYR C 251 -0.17 -35.95 -13.32
N LEU C 252 0.84 -35.61 -12.52
CA LEU C 252 0.68 -34.48 -11.64
C LEU C 252 0.92 -33.31 -12.59
N LEU C 253 1.98 -33.40 -13.39
CA LEU C 253 2.32 -32.35 -14.34
C LEU C 253 1.12 -32.04 -15.21
N LYS C 254 0.33 -33.06 -15.46
CA LYS C 254 -0.85 -32.88 -16.29
C LYS C 254 -1.78 -31.85 -15.66
N GLU C 255 -2.14 -32.07 -14.39
CA GLU C 255 -3.08 -31.20 -13.69
C GLU C 255 -2.50 -29.84 -13.51
N ARG C 256 -1.19 -29.79 -13.33
CA ARG C 256 -0.53 -28.53 -13.14
C ARG C 256 -0.66 -27.65 -14.37
N LEU C 257 -0.34 -28.21 -15.53
CA LEU C 257 -0.46 -27.48 -16.78
C LEU C 257 -1.91 -27.05 -17.01
N ILE C 258 -2.89 -27.94 -16.83
CA ILE C 258 -4.30 -27.54 -17.04
C ILE C 258 -4.70 -26.46 -16.06
N GLY C 259 -3.98 -26.39 -14.93
CA GLY C 259 -4.22 -25.38 -13.92
C GLY C 259 -3.89 -24.05 -14.58
N VAL C 260 -2.60 -23.88 -14.87
CA VAL C 260 -2.11 -22.69 -15.55
C VAL C 260 -2.97 -22.36 -16.76
N LYS C 261 -3.39 -23.39 -17.48
CA LYS C 261 -4.20 -23.19 -18.67
C LYS C 261 -5.45 -22.44 -18.30
N LYS C 262 -6.11 -22.87 -17.23
CA LYS C 262 -7.34 -22.24 -16.80
C LYS C 262 -7.20 -20.83 -16.27
N LEU C 263 -6.06 -20.53 -15.65
CA LEU C 263 -5.81 -19.16 -15.17
C LEU C 263 -5.84 -18.28 -16.41
N ILE C 264 -5.15 -18.68 -17.49
CA ILE C 264 -5.13 -17.91 -18.73
C ILE C 264 -6.55 -17.64 -19.23
N ASP C 265 -7.38 -18.67 -19.15
CA ASP C 265 -8.76 -18.53 -19.56
C ASP C 265 -9.46 -17.40 -18.76
N MET C 266 -8.99 -17.18 -17.52
CA MET C 266 -9.59 -16.18 -16.64
C MET C 266 -9.13 -14.72 -16.83
N VAL C 267 -8.22 -14.47 -17.75
CA VAL C 267 -7.78 -13.10 -17.99
C VAL C 267 -8.20 -12.74 -19.40
N ASP C 268 -9.30 -12.02 -19.53
CA ASP C 268 -9.83 -11.67 -20.83
C ASP C 268 -8.83 -11.39 -21.94
N THR C 269 -7.93 -10.42 -21.76
CA THR C 269 -6.98 -10.15 -22.83
C THR C 269 -6.12 -11.37 -23.21
N ALA C 270 -5.58 -12.02 -22.19
CA ALA C 270 -4.73 -13.19 -22.38
C ALA C 270 -5.48 -14.29 -23.11
N ARG C 271 -6.76 -14.46 -22.79
CA ARG C 271 -7.54 -15.51 -23.44
C ARG C 271 -7.88 -15.12 -24.89
N LYS C 272 -8.21 -13.85 -25.12
CA LYS C 272 -8.51 -13.41 -26.47
C LYS C 272 -7.35 -13.76 -27.39
N ARG C 273 -6.12 -13.33 -27.08
CA ARG C 273 -4.96 -13.70 -27.91
C ARG C 273 -4.69 -15.10 -27.39
N GLY C 274 -4.28 -16.02 -28.25
CA GLY C 274 -4.09 -17.36 -27.75
C GLY C 274 -2.87 -17.58 -26.88
N VAL C 275 -2.74 -16.83 -25.78
CA VAL C 275 -1.57 -17.02 -24.92
C VAL C 275 -1.48 -18.47 -24.51
N LYS C 276 -0.32 -19.08 -24.64
CA LYS C 276 -0.21 -20.47 -24.28
C LYS C 276 0.86 -20.78 -23.27
N ILE C 277 1.02 -22.04 -22.94
CA ILE C 277 2.00 -22.42 -21.95
C ILE C 277 3.28 -22.90 -22.59
N ALA C 278 4.41 -22.49 -22.02
CA ALA C 278 5.71 -22.89 -22.50
C ALA C 278 6.39 -23.63 -21.34
N LEU C 279 6.46 -24.95 -21.43
CA LEU C 279 7.09 -25.75 -20.38
C LEU C 279 8.55 -25.67 -20.73
N ASP C 280 9.18 -24.52 -20.50
CA ASP C 280 10.58 -24.32 -20.85
C ASP C 280 11.63 -24.84 -19.89
N GLU C 281 11.24 -25.66 -18.91
CA GLU C 281 12.24 -26.23 -18.01
C GLU C 281 11.63 -27.39 -17.31
N TRP C 282 11.95 -28.62 -17.70
CA TRP C 282 11.38 -29.78 -17.00
C TRP C 282 12.19 -31.05 -17.06
N ASN C 283 12.36 -31.70 -15.92
CA ASN C 283 13.13 -32.95 -15.90
C ASN C 283 13.00 -33.54 -14.50
N VAL C 284 13.71 -34.63 -14.27
CA VAL C 284 13.70 -35.27 -12.98
C VAL C 284 14.94 -34.69 -12.34
N TRP C 285 14.83 -34.34 -11.07
CA TRP C 285 15.94 -33.75 -10.36
C TRP C 285 15.76 -33.74 -8.86
N TYR C 286 16.29 -34.75 -8.19
CA TYR C 286 16.12 -34.81 -6.76
C TYR C 286 17.41 -35.22 -6.08
N ARG C 287 18.27 -35.92 -6.80
CA ARG C 287 19.51 -36.42 -6.22
C ARG C 287 20.65 -35.47 -5.90
N VAL C 288 21.11 -34.75 -6.91
CA VAL C 288 22.23 -33.83 -6.79
C VAL C 288 21.72 -32.43 -6.50
N SER C 289 22.38 -31.73 -5.59
CA SER C 289 21.98 -30.37 -5.26
C SER C 289 23.18 -29.51 -5.02
N ASP C 290 24.08 -29.48 -6.02
CA ASP C 290 25.30 -28.66 -5.97
C ASP C 290 25.20 -27.68 -7.14
N ASN C 291 26.34 -27.34 -7.75
CA ASN C 291 26.34 -26.43 -8.90
C ASN C 291 27.05 -26.98 -10.16
N LYS C 292 26.89 -28.29 -10.33
CA LYS C 292 27.40 -29.04 -11.46
C LYS C 292 26.13 -29.77 -11.93
N LEU C 293 25.26 -30.08 -10.96
CA LEU C 293 23.98 -30.76 -11.16
C LEU C 293 24.05 -31.97 -12.08
N GLU C 294 25.02 -32.84 -11.87
CA GLU C 294 25.15 -33.97 -12.77
C GLU C 294 24.40 -35.19 -12.28
N GLU C 295 23.08 -35.07 -12.35
CA GLU C 295 22.13 -36.09 -11.93
C GLU C 295 22.29 -37.43 -12.70
N PRO C 296 22.42 -38.56 -11.99
CA PRO C 296 22.58 -39.88 -12.61
C PRO C 296 21.23 -40.48 -12.95
N TYR C 297 20.70 -40.14 -14.13
CA TYR C 297 19.40 -40.65 -14.53
C TYR C 297 19.40 -42.14 -14.84
N ASP C 298 18.36 -42.82 -14.40
CA ASP C 298 18.19 -44.25 -14.67
C ASP C 298 16.88 -44.51 -15.42
N LEU C 299 16.67 -45.74 -15.89
CA LEU C 299 15.47 -46.09 -16.64
C LEU C 299 14.17 -45.54 -16.03
N LYS C 300 14.06 -45.56 -14.70
CA LYS C 300 12.88 -45.04 -13.99
C LYS C 300 12.57 -43.64 -14.54
N ASP C 301 13.58 -42.80 -14.48
CA ASP C 301 13.46 -41.42 -14.94
C ASP C 301 13.17 -41.36 -16.44
N GLY C 302 13.79 -42.24 -17.20
CA GLY C 302 13.57 -42.25 -18.62
C GLY C 302 12.12 -42.55 -18.98
N ILE C 303 11.48 -43.39 -18.17
CA ILE C 303 10.08 -43.71 -18.40
C ILE C 303 9.25 -42.44 -18.11
N PHE C 304 9.59 -41.72 -17.05
CA PHE C 304 8.87 -40.51 -16.75
C PHE C 304 8.94 -39.57 -17.95
N ALA C 305 10.15 -39.44 -18.50
CA ALA C 305 10.40 -38.55 -19.64
C ALA C 305 9.60 -39.06 -20.82
N CYS C 306 9.51 -40.38 -20.91
CA CYS C 306 8.76 -41.00 -21.99
C CYS C 306 7.27 -40.59 -21.85
N GLY C 307 6.77 -40.64 -20.63
CA GLY C 307 5.38 -40.28 -20.37
C GLY C 307 5.11 -38.83 -20.66
N VAL C 308 6.01 -37.97 -20.20
CA VAL C 308 5.82 -36.55 -20.42
C VAL C 308 5.62 -36.27 -21.89
N LEU C 309 6.51 -36.81 -22.73
CA LEU C 309 6.44 -36.60 -24.18
C LEU C 309 5.11 -37.08 -24.73
N VAL C 310 4.62 -38.19 -24.23
CA VAL C 310 3.34 -38.68 -24.69
C VAL C 310 2.29 -37.66 -24.30
N LEU C 311 2.33 -37.20 -23.04
CA LEU C 311 1.38 -36.19 -22.54
C LEU C 311 1.35 -34.96 -23.48
N LEU C 312 2.53 -34.38 -23.63
CA LEU C 312 2.69 -33.23 -24.49
C LEU C 312 2.20 -33.54 -25.89
N GLN C 313 2.40 -34.78 -26.32
CA GLN C 313 2.02 -35.15 -27.67
C GLN C 313 0.56 -34.87 -27.78
N LYS C 314 -0.18 -35.06 -26.69
CA LYS C 314 -1.59 -34.81 -26.79
C LYS C 314 -2.08 -33.55 -26.16
N MET C 315 -1.17 -32.66 -25.79
CA MET C 315 -1.57 -31.36 -25.22
C MET C 315 -0.89 -30.18 -25.92
N SER C 316 -0.08 -30.46 -26.93
CA SER C 316 0.65 -29.43 -27.69
C SER C 316 -0.20 -28.23 -28.04
N ASP C 317 -1.52 -28.39 -28.04
CA ASP C 317 -2.35 -27.26 -28.36
C ASP C 317 -2.33 -26.18 -27.30
N ILE C 318 -2.08 -26.52 -26.04
CA ILE C 318 -2.01 -25.49 -25.01
C ILE C 318 -0.55 -25.34 -24.51
N VAL C 319 0.27 -26.35 -24.74
CA VAL C 319 1.68 -26.31 -24.33
C VAL C 319 2.48 -26.61 -25.58
N PRO C 320 2.45 -25.73 -26.56
CA PRO C 320 3.20 -25.98 -27.80
C PRO C 320 4.72 -25.91 -27.70
N LEU C 321 5.22 -25.33 -26.62
CA LEU C 321 6.67 -25.18 -26.44
C LEU C 321 7.16 -25.83 -25.17
N ALA C 322 8.13 -26.72 -25.27
CA ALA C 322 8.66 -27.41 -24.12
C ALA C 322 10.15 -27.68 -24.23
N ASN C 323 10.87 -27.50 -23.13
CA ASN C 323 12.31 -27.73 -23.11
C ASN C 323 12.80 -28.65 -21.98
N LEU C 324 13.52 -29.69 -22.34
CA LEU C 324 14.03 -30.58 -21.30
C LEU C 324 14.99 -29.72 -20.47
N ALA C 325 15.07 -30.06 -19.18
CA ALA C 325 15.76 -29.22 -18.21
C ALA C 325 17.05 -28.68 -18.80
N GLN C 326 17.92 -29.59 -19.20
CA GLN C 326 19.25 -29.24 -19.65
C GLN C 326 19.77 -30.38 -20.47
N LEU C 327 20.50 -30.07 -21.53
CA LEU C 327 20.92 -31.10 -22.45
C LEU C 327 22.26 -31.80 -22.53
N VAL C 328 23.22 -31.43 -21.69
CA VAL C 328 24.23 -32.26 -21.53
C VAL C 328 24.83 -32.59 -20.34
N ASN C 329 25.17 -31.69 -19.45
CA ASN C 329 25.58 -32.25 -18.24
C ASN C 329 24.89 -31.80 -17.16
N ALA C 330 24.53 -30.59 -17.13
CA ALA C 330 23.80 -30.13 -15.98
C ALA C 330 22.47 -30.81 -16.13
N LEU C 331 22.05 -31.60 -15.15
CA LEU C 331 20.77 -32.31 -15.24
C LEU C 331 20.70 -32.85 -16.66
N GLY C 332 21.88 -33.13 -17.19
CA GLY C 332 22.04 -33.60 -18.55
C GLY C 332 21.46 -34.90 -19.06
N ALA C 333 21.02 -34.80 -20.30
CA ALA C 333 20.44 -35.93 -21.01
C ALA C 333 21.58 -36.78 -21.60
N ILE C 334 22.66 -36.10 -21.99
CA ILE C 334 23.85 -36.69 -22.58
C ILE C 334 25.03 -36.43 -21.66
N HIS C 335 25.48 -37.39 -20.85
CA HIS C 335 26.63 -37.11 -19.97
C HIS C 335 27.97 -37.07 -20.72
N THR C 336 28.82 -36.14 -20.35
CA THR C 336 30.10 -36.01 -21.03
C THR C 336 31.31 -36.36 -20.16
N GLU C 337 32.43 -36.60 -20.82
CA GLU C 337 33.67 -36.86 -20.12
C GLU C 337 34.73 -36.46 -21.11
N LYS C 338 35.90 -36.06 -20.59
CA LYS C 338 37.05 -35.61 -21.40
C LYS C 338 37.32 -36.46 -22.63
N ASP C 339 37.01 -37.74 -22.53
CA ASP C 339 37.26 -38.70 -23.59
C ASP C 339 36.06 -39.48 -24.15
N GLY C 340 34.84 -39.09 -23.80
CA GLY C 340 33.71 -39.83 -24.30
C GLY C 340 32.36 -39.21 -24.06
N LEU C 341 31.34 -40.02 -24.36
CA LEU C 341 29.93 -39.67 -24.26
C LEU C 341 29.28 -40.87 -23.62
N ILE C 342 28.01 -40.70 -23.30
CA ILE C 342 27.15 -41.73 -22.69
C ILE C 342 25.75 -41.15 -22.72
N LEU C 343 24.80 -41.96 -23.20
CA LEU C 343 23.42 -41.50 -23.30
C LEU C 343 22.57 -42.07 -22.16
N THR C 344 21.98 -41.17 -21.36
CA THR C 344 21.13 -41.60 -20.25
C THR C 344 19.74 -41.94 -20.73
N PRO C 345 18.99 -42.74 -19.95
CA PRO C 345 17.62 -43.13 -20.32
C PRO C 345 16.79 -41.95 -20.74
N VAL C 346 17.06 -40.78 -20.19
CA VAL C 346 16.27 -39.61 -20.56
C VAL C 346 16.54 -39.29 -22.02
N TYR C 347 17.80 -39.39 -22.43
CA TYR C 347 18.16 -39.11 -23.80
C TYR C 347 17.48 -40.08 -24.68
N LYS C 348 17.46 -41.35 -24.27
CA LYS C 348 16.87 -42.43 -25.05
C LYS C 348 15.42 -42.13 -25.29
N ALA C 349 14.70 -41.73 -24.24
CA ALA C 349 13.29 -41.39 -24.37
C ALA C 349 13.08 -40.47 -25.60
N PHE C 350 13.93 -39.48 -25.73
CA PHE C 350 13.79 -38.63 -26.87
C PHE C 350 14.16 -39.36 -28.14
N GLU C 351 15.23 -40.12 -28.11
CA GLU C 351 15.65 -40.83 -29.32
C GLU C 351 14.48 -41.59 -29.86
N LEU C 352 13.78 -42.28 -28.97
CA LEU C 352 12.64 -43.07 -29.36
C LEU C 352 11.48 -42.25 -29.91
N ILE C 353 10.94 -41.31 -29.12
CA ILE C 353 9.79 -40.55 -29.60
C ILE C 353 9.99 -39.54 -30.70
N VAL C 354 11.16 -38.94 -30.80
CA VAL C 354 11.33 -37.94 -31.86
C VAL C 354 11.49 -38.60 -33.25
N ASN C 355 12.04 -39.80 -33.29
CA ASN C 355 12.26 -40.44 -34.57
C ASN C 355 11.10 -41.35 -34.97
N HIS C 356 10.12 -41.50 -34.08
CA HIS C 356 8.96 -42.35 -34.32
C HIS C 356 7.68 -41.66 -33.81
N SER C 357 7.34 -40.53 -34.45
CA SER C 357 6.16 -39.76 -34.07
C SER C 357 5.70 -38.92 -35.23
N GLY C 358 4.37 -38.75 -35.35
CA GLY C 358 3.81 -37.97 -36.45
C GLY C 358 3.53 -36.52 -36.16
N GLU C 359 3.14 -35.77 -37.18
CA GLU C 359 2.84 -34.36 -37.05
C GLU C 359 1.42 -34.06 -36.62
N LYS C 360 0.55 -35.07 -36.59
CA LYS C 360 -0.88 -34.90 -36.23
C LYS C 360 -1.33 -35.96 -35.20
N LEU C 361 -2.10 -35.54 -34.19
CA LEU C 361 -2.62 -36.45 -33.17
C LEU C 361 -3.92 -37.03 -33.69
N VAL C 362 -4.14 -38.34 -33.57
CA VAL C 362 -5.38 -38.93 -34.12
C VAL C 362 -6.19 -39.60 -33.04
N LYS C 363 -7.51 -39.61 -33.19
CA LYS C 363 -8.44 -40.18 -32.19
C LYS C 363 -7.81 -41.41 -31.60
N THR C 364 -7.46 -41.30 -30.33
CA THR C 364 -6.84 -42.42 -29.67
C THR C 364 -7.50 -42.45 -28.29
N HIS C 365 -8.05 -43.60 -27.93
CA HIS C 365 -8.78 -43.80 -26.66
C HIS C 365 -8.28 -45.05 -25.95
N VAL C 366 -7.72 -44.93 -24.76
CA VAL C 366 -7.22 -46.11 -24.07
C VAL C 366 -7.98 -46.40 -22.77
N GLU C 367 -7.93 -47.65 -22.28
CA GLU C 367 -8.62 -48.04 -21.04
C GLU C 367 -7.64 -48.70 -20.09
N SER C 368 -7.52 -48.23 -18.90
CA SER C 368 -6.59 -48.85 -18.06
C SER C 368 -6.96 -48.98 -16.68
N GLU C 369 -6.38 -49.94 -15.97
CA GLU C 369 -6.56 -50.04 -14.53
C GLU C 369 -5.65 -49.02 -13.84
N THR C 370 -6.26 -48.07 -13.14
CA THR C 370 -5.51 -46.97 -12.54
C THR C 370 -5.18 -47.16 -11.06
N TYR C 371 -4.51 -46.17 -10.49
CA TYR C 371 -4.11 -46.20 -9.08
C TYR C 371 -4.10 -44.79 -8.49
N ASN C 372 -3.80 -44.72 -7.19
CA ASN C 372 -3.67 -43.43 -6.52
C ASN C 372 -2.31 -43.46 -5.88
N ILE C 373 -1.73 -42.31 -5.61
CA ILE C 373 -0.42 -42.35 -4.99
C ILE C 373 -0.13 -41.11 -4.15
N GLU C 374 0.86 -41.25 -3.29
CA GLU C 374 1.31 -40.19 -2.42
C GLU C 374 2.84 -40.35 -2.32
N GLY C 375 3.58 -39.29 -2.54
CA GLY C 375 5.02 -39.41 -2.45
C GLY C 375 5.64 -38.03 -2.37
N VAL C 376 6.96 -37.98 -2.55
CA VAL C 376 7.68 -36.71 -2.52
C VAL C 376 8.28 -36.54 -3.92
N MET C 377 8.82 -35.35 -4.18
CA MET C 377 9.45 -35.08 -5.47
C MET C 377 10.65 -34.19 -5.17
N PHE C 378 11.37 -33.82 -6.23
CA PHE C 378 12.51 -32.92 -6.12
C PHE C 378 13.84 -33.04 -5.39
N ILE C 379 14.20 -31.99 -4.66
CA ILE C 379 15.45 -31.95 -3.92
C ILE C 379 14.96 -31.71 -2.50
N ASN C 380 13.85 -31.00 -2.36
CA ASN C 380 13.30 -30.71 -1.04
C ASN C 380 12.30 -31.77 -0.57
N LYS C 381 12.16 -32.85 -1.32
CA LYS C 381 11.22 -33.90 -0.95
C LYS C 381 9.84 -33.32 -0.63
N MET C 382 9.43 -32.34 -1.42
CA MET C 382 8.13 -31.69 -1.29
C MET C 382 7.07 -32.78 -1.45
N PRO C 383 6.01 -32.74 -0.63
CA PRO C 383 4.91 -33.72 -0.67
C PRO C 383 3.93 -33.47 -1.82
N PHE C 384 3.46 -34.55 -2.43
CA PHE C 384 2.52 -34.48 -3.55
C PHE C 384 1.63 -35.71 -3.61
N SER C 385 0.59 -35.64 -4.42
CA SER C 385 -0.31 -36.76 -4.55
C SER C 385 -1.00 -36.73 -5.90
N VAL C 386 -1.20 -37.91 -6.49
CA VAL C 386 -1.85 -38.05 -7.79
C VAL C 386 -3.01 -38.97 -7.62
N GLU C 387 -4.10 -38.69 -8.33
CA GLU C 387 -5.28 -39.52 -8.26
C GLU C 387 -5.61 -40.16 -9.60
N ASN C 388 -5.79 -41.48 -9.59
CA ASN C 388 -6.13 -42.20 -10.81
C ASN C 388 -5.15 -42.09 -11.96
N ALA C 389 -3.90 -42.37 -11.64
CA ALA C 389 -2.81 -42.36 -12.62
C ALA C 389 -2.92 -43.65 -13.42
N PRO C 390 -2.99 -43.58 -14.76
CA PRO C 390 -3.10 -44.83 -15.53
C PRO C 390 -1.86 -45.68 -15.50
N PHE C 391 -2.06 -46.98 -15.59
CA PHE C 391 -0.95 -47.91 -15.59
C PHE C 391 -0.48 -47.98 -17.03
N LEU C 392 -1.41 -47.63 -17.91
CA LEU C 392 -1.15 -47.63 -19.34
C LEU C 392 -1.75 -46.41 -19.98
N ASP C 393 -0.99 -45.76 -20.86
CA ASP C 393 -1.51 -44.60 -21.56
C ASP C 393 -0.86 -44.63 -22.93
N ALA C 394 -1.41 -43.86 -23.85
CA ALA C 394 -0.84 -43.86 -25.19
C ALA C 394 -1.35 -42.76 -26.07
N ALA C 395 -0.63 -42.52 -27.16
CA ALA C 395 -1.00 -41.49 -28.10
C ALA C 395 -0.66 -41.88 -29.54
N ALA C 396 -1.62 -41.76 -30.42
CA ALA C 396 -1.40 -42.13 -31.80
C ALA C 396 -1.19 -40.91 -32.67
N SER C 397 -0.11 -40.91 -33.42
CA SER C 397 0.15 -39.79 -34.33
C SER C 397 0.21 -40.32 -35.76
N ILE C 398 0.03 -39.42 -36.72
CA ILE C 398 0.06 -39.73 -38.15
C ILE C 398 1.06 -38.83 -38.83
N SER C 399 1.76 -39.32 -39.84
CA SER C 399 2.75 -38.46 -40.53
C SER C 399 2.02 -37.38 -41.33
N GLU C 400 2.75 -36.34 -41.73
CA GLU C 400 2.14 -35.25 -42.47
C GLU C 400 1.35 -35.73 -43.67
N ASP C 401 2.03 -36.57 -44.48
CA ASP C 401 1.51 -37.17 -45.72
C ASP C 401 0.55 -38.31 -45.48
N GLY C 402 0.10 -38.39 -44.24
CA GLY C 402 -0.88 -39.37 -43.84
C GLY C 402 -0.66 -40.81 -44.26
N LYS C 403 0.56 -41.19 -44.58
CA LYS C 403 0.81 -42.55 -45.00
C LYS C 403 1.57 -43.34 -43.93
N LYS C 404 1.60 -42.86 -42.68
CA LYS C 404 2.34 -43.55 -41.64
C LYS C 404 1.73 -43.30 -40.27
N LEU C 405 1.61 -44.36 -39.49
CA LEU C 405 1.01 -44.26 -38.15
C LEU C 405 2.01 -44.63 -37.09
N PHE C 406 1.92 -43.97 -35.94
CA PHE C 406 2.80 -44.27 -34.81
C PHE C 406 1.91 -44.33 -33.61
N ILE C 407 1.96 -45.44 -32.92
CA ILE C 407 1.16 -45.60 -31.72
C ILE C 407 2.17 -45.77 -30.60
N ALA C 408 2.32 -44.71 -29.84
CA ALA C 408 3.23 -44.73 -28.72
C ALA C 408 2.47 -45.15 -27.47
N VAL C 409 2.95 -46.16 -26.80
CA VAL C 409 2.29 -46.58 -25.58
C VAL C 409 3.29 -46.74 -24.44
N VAL C 410 2.82 -46.49 -23.23
CA VAL C 410 3.68 -46.60 -22.07
C VAL C 410 3.04 -47.52 -21.07
N ASN C 411 3.79 -48.53 -20.66
CA ASN C 411 3.32 -49.45 -19.66
C ASN C 411 4.08 -49.00 -18.43
N TYR C 412 3.40 -48.30 -17.54
CA TYR C 412 4.01 -47.82 -16.30
C TYR C 412 4.07 -48.94 -15.27
N ARG C 413 3.81 -50.17 -15.72
CA ARG C 413 3.82 -51.32 -14.83
C ARG C 413 5.25 -51.77 -14.51
N LYS C 414 5.56 -51.87 -13.22
CA LYS C 414 6.78 -52.26 -12.81
C LYS C 414 7.23 -53.64 -12.87
N GLU C 415 6.44 -54.64 -12.78
CA GLU C 415 6.82 -56.03 -12.59
C GLU C 415 5.88 -56.93 -13.38
N ASP C 416 5.12 -56.33 -14.29
CA ASP C 416 4.18 -57.08 -15.09
C ASP C 416 4.16 -56.61 -16.52
N ALA C 417 4.01 -57.55 -17.43
CA ALA C 417 3.92 -57.21 -18.84
C ALA C 417 2.42 -57.19 -19.06
N LEU C 418 1.96 -56.52 -20.11
CA LEU C 418 0.54 -56.46 -20.36
C LEU C 418 0.19 -56.76 -21.83
N LYS C 419 -0.81 -57.62 -22.04
CA LYS C 419 -1.19 -58.05 -23.38
C LYS C 419 -2.45 -57.39 -23.96
N VAL C 420 -2.66 -56.12 -23.63
CA VAL C 420 -3.75 -55.33 -24.21
C VAL C 420 -4.04 -55.44 -25.71
N PRO C 421 -5.34 -55.61 -26.03
CA PRO C 421 -5.83 -55.73 -27.39
C PRO C 421 -5.97 -54.35 -27.98
N ILE C 422 -5.09 -54.03 -28.93
CA ILE C 422 -5.14 -52.72 -29.57
C ILE C 422 -6.02 -52.91 -30.83
N ARG C 423 -6.59 -51.84 -31.36
CA ARG C 423 -7.43 -51.95 -32.55
C ARG C 423 -7.36 -50.64 -33.34
N VAL C 424 -7.19 -50.76 -34.65
CA VAL C 424 -7.05 -49.59 -35.52
C VAL C 424 -8.12 -49.57 -36.61
N GLU C 425 -9.17 -48.78 -36.44
CA GLU C 425 -10.27 -48.72 -37.41
C GLU C 425 -9.85 -48.79 -38.88
N GLY C 426 -10.29 -49.85 -39.55
CA GLY C 426 -9.97 -50.03 -40.96
C GLY C 426 -8.50 -50.15 -41.33
N LEU C 427 -7.71 -50.86 -40.57
CA LEU C 427 -6.30 -51.02 -40.90
C LEU C 427 -6.01 -52.15 -41.91
N GLY C 428 -6.36 -53.38 -41.57
CA GLY C 428 -6.09 -54.46 -42.49
C GLY C 428 -4.83 -55.18 -42.06
N GLN C 429 -4.30 -56.08 -42.89
CA GLN C 429 -3.12 -56.85 -42.50
C GLN C 429 -1.79 -56.38 -43.06
N LYS C 430 -1.04 -55.63 -42.25
CA LYS C 430 0.25 -55.13 -42.67
C LYS C 430 1.34 -55.77 -41.81
N LYS C 431 2.57 -55.45 -42.13
CA LYS C 431 3.70 -55.96 -41.38
C LYS C 431 4.39 -54.81 -40.65
N ALA C 432 3.77 -54.24 -39.61
CA ALA C 432 4.37 -53.14 -38.84
C ALA C 432 5.59 -53.55 -37.97
N THR C 433 6.43 -52.58 -37.65
CA THR C 433 7.62 -52.85 -36.83
C THR C 433 7.51 -52.05 -35.52
N VAL C 434 7.82 -52.65 -34.35
CA VAL C 434 7.71 -51.90 -33.08
C VAL C 434 9.05 -51.64 -32.40
N TYR C 435 9.29 -50.36 -32.10
CA TYR C 435 10.52 -49.95 -31.44
C TYR C 435 10.15 -49.72 -29.98
N THR C 436 10.71 -50.55 -29.11
CA THR C 436 10.42 -50.44 -27.70
C THR C 436 11.71 -50.15 -26.92
N LEU C 437 11.56 -49.38 -25.85
CA LEU C 437 12.67 -48.97 -24.99
C LEU C 437 12.47 -49.34 -23.52
N THR C 438 13.37 -50.17 -23.01
CA THR C 438 13.30 -50.62 -21.63
C THR C 438 14.69 -51.13 -21.30
N GLY C 439 14.81 -51.84 -20.19
CA GLY C 439 16.10 -52.32 -19.77
C GLY C 439 16.00 -53.30 -18.63
N PRO C 440 17.13 -53.86 -18.16
CA PRO C 440 17.16 -54.84 -17.07
C PRO C 440 16.18 -54.65 -15.92
N ASP C 441 16.34 -53.55 -15.20
CA ASP C 441 15.49 -53.25 -14.05
C ASP C 441 15.21 -51.76 -14.07
N VAL C 442 14.30 -51.32 -13.23
CA VAL C 442 13.92 -49.91 -13.18
C VAL C 442 15.06 -49.00 -12.72
N ASN C 443 16.26 -49.52 -12.63
CA ASN C 443 17.36 -48.68 -12.20
C ASN C 443 18.52 -48.86 -13.10
N ALA C 444 18.28 -49.49 -14.22
CA ALA C 444 19.36 -49.70 -15.17
C ALA C 444 19.79 -48.32 -15.67
N ARG C 445 21.05 -48.20 -16.08
CA ARG C 445 21.56 -46.95 -16.61
C ARG C 445 22.75 -47.25 -17.51
N ASN C 446 23.07 -46.38 -18.46
CA ASN C 446 24.18 -46.67 -19.35
C ASN C 446 25.46 -46.14 -18.80
N THR C 447 26.56 -46.86 -19.02
CA THR C 447 27.86 -46.40 -18.55
C THR C 447 28.83 -46.21 -19.72
N MET C 448 30.07 -45.82 -19.41
CA MET C 448 31.07 -45.61 -20.45
C MET C 448 31.39 -46.97 -21.11
N GLU C 449 31.35 -48.06 -20.32
CA GLU C 449 31.60 -49.43 -20.80
C GLU C 449 30.38 -50.22 -21.26
N ASN C 450 29.19 -49.76 -20.87
CA ASN C 450 27.93 -50.39 -21.26
C ASN C 450 27.01 -49.33 -21.82
N PRO C 451 27.39 -48.69 -22.92
CA PRO C 451 26.56 -47.63 -23.52
C PRO C 451 25.24 -48.15 -24.07
N ASN C 452 24.88 -49.38 -23.69
CA ASN C 452 23.66 -49.97 -24.21
C ASN C 452 22.74 -50.72 -23.28
N VAL C 453 22.99 -50.67 -21.98
CA VAL C 453 22.14 -51.38 -21.01
C VAL C 453 20.65 -51.03 -21.23
N VAL C 454 20.38 -49.74 -21.34
CA VAL C 454 19.03 -49.24 -21.60
C VAL C 454 19.02 -48.73 -23.05
N ASP C 455 18.27 -49.38 -23.92
CA ASP C 455 18.29 -48.94 -25.31
C ASP C 455 17.00 -49.23 -26.10
N ILE C 456 16.97 -48.79 -27.36
CA ILE C 456 15.83 -49.00 -28.22
C ILE C 456 16.06 -50.22 -29.09
N THR C 457 15.04 -51.04 -29.26
CA THR C 457 15.16 -52.23 -30.10
C THR C 457 13.94 -52.43 -30.98
N SER C 458 14.16 -52.76 -32.24
CA SER C 458 13.04 -52.98 -33.15
C SER C 458 12.58 -54.41 -33.01
N GLU C 459 11.60 -54.79 -33.80
CA GLU C 459 11.06 -56.13 -33.79
C GLU C 459 9.98 -56.02 -34.85
N THR C 460 9.70 -57.11 -35.56
CA THR C 460 8.68 -57.02 -36.60
C THR C 460 7.38 -57.71 -36.18
N ILE C 461 6.26 -57.23 -36.69
CA ILE C 461 4.97 -57.79 -36.34
C ILE C 461 3.98 -57.78 -37.48
N THR C 462 3.01 -58.67 -37.40
CA THR C 462 1.95 -58.70 -38.38
C THR C 462 0.80 -58.05 -37.56
N VAL C 463 0.20 -57.00 -38.11
CA VAL C 463 -0.89 -56.35 -37.39
C VAL C 463 -2.18 -56.37 -38.23
N ASP C 464 -3.33 -56.20 -37.57
CA ASP C 464 -4.61 -56.19 -38.27
C ASP C 464 -5.56 -55.21 -37.60
N THR C 465 -6.66 -54.88 -38.26
CA THR C 465 -7.63 -53.93 -37.71
C THR C 465 -7.84 -54.15 -36.22
N GLU C 466 -7.57 -55.39 -35.81
CA GLU C 466 -7.74 -55.77 -34.41
C GLU C 466 -6.61 -56.74 -34.12
N PHE C 467 -5.89 -56.52 -33.02
CA PHE C 467 -4.83 -57.42 -32.65
C PHE C 467 -4.34 -57.19 -31.24
N GLU C 468 -3.24 -57.87 -30.91
CA GLU C 468 -2.63 -57.81 -29.58
C GLU C 468 -1.12 -57.77 -29.66
N HIS C 469 -0.51 -57.20 -28.62
CA HIS C 469 0.92 -57.08 -28.53
C HIS C 469 1.14 -56.89 -27.06
N THR C 470 2.12 -57.57 -26.51
CA THR C 470 2.39 -57.40 -25.08
C THR C 470 3.50 -56.35 -24.85
N PHE C 471 3.30 -55.48 -23.88
CA PHE C 471 4.29 -54.45 -23.60
C PHE C 471 4.96 -54.78 -22.28
N LYS C 472 6.29 -54.85 -22.28
CA LYS C 472 7.04 -55.18 -21.05
C LYS C 472 6.84 -54.19 -19.88
N PRO C 473 7.13 -54.63 -18.65
CA PRO C 473 6.96 -53.71 -17.53
C PRO C 473 7.89 -52.52 -17.73
N PHE C 474 7.55 -51.38 -17.13
CA PHE C 474 8.34 -50.15 -17.28
C PHE C 474 8.96 -49.97 -18.67
N SER C 475 8.12 -50.01 -19.69
CA SER C 475 8.58 -49.87 -21.07
C SER C 475 7.77 -48.82 -21.79
N CYS C 476 8.32 -48.36 -22.88
CA CYS C 476 7.72 -47.31 -23.68
C CYS C 476 7.90 -47.84 -25.09
N SER C 477 6.81 -47.98 -25.82
CA SER C 477 6.91 -48.54 -27.16
C SER C 477 6.19 -47.72 -28.20
N VAL C 478 6.68 -47.77 -29.42
CA VAL C 478 6.05 -47.09 -30.54
C VAL C 478 5.85 -48.12 -31.64
N ILE C 479 4.61 -48.54 -31.87
CA ILE C 479 4.32 -49.47 -32.95
C ILE C 479 4.20 -48.63 -34.20
N GLU C 480 5.13 -48.81 -35.14
CA GLU C 480 5.13 -48.05 -36.38
C GLU C 480 4.56 -48.91 -37.52
N VAL C 481 3.35 -48.55 -37.96
CA VAL C 481 2.62 -49.28 -39.01
C VAL C 481 2.30 -48.46 -40.27
N GLU C 482 1.40 -48.99 -41.08
CA GLU C 482 0.91 -48.37 -42.32
C GLU C 482 2.10 -48.22 -43.25
N SER D 2 -9.46 56.56 -9.01
CA SER D 2 -10.73 56.77 -9.74
C SER D 2 -11.61 55.53 -9.67
N TYR D 3 -12.72 55.62 -8.95
CA TYR D 3 -13.67 54.52 -8.83
C TYR D 3 -14.94 54.87 -9.63
N ARG D 4 -15.71 53.85 -10.00
CA ARG D 4 -16.93 54.04 -10.77
C ARG D 4 -17.62 52.71 -11.01
N ILE D 5 -18.94 52.64 -10.86
CA ILE D 5 -19.67 51.39 -11.10
C ILE D 5 -20.77 51.60 -12.12
N VAL D 6 -21.08 50.57 -12.90
CA VAL D 6 -22.05 50.66 -13.99
C VAL D 6 -22.98 49.48 -14.06
N VAL D 7 -24.26 49.71 -13.85
CA VAL D 7 -25.27 48.64 -13.85
C VAL D 7 -26.15 48.65 -15.09
N ASP D 8 -26.51 47.50 -15.61
CA ASP D 8 -27.43 47.45 -16.75
C ASP D 8 -28.57 46.50 -16.40
N PRO D 9 -29.62 47.01 -15.71
CA PRO D 9 -30.78 46.21 -15.30
C PRO D 9 -31.43 45.40 -16.40
N LYS D 10 -31.20 45.79 -17.64
CA LYS D 10 -31.78 45.11 -18.77
C LYS D 10 -31.07 43.75 -19.02
N GLU D 11 -29.84 43.61 -18.54
CA GLU D 11 -29.10 42.37 -18.75
C GLU D 11 -28.97 41.48 -17.52
N VAL D 12 -29.79 40.43 -17.46
CA VAL D 12 -29.68 39.50 -16.33
C VAL D 12 -28.54 38.54 -16.56
N VAL D 13 -27.73 38.33 -15.54
CA VAL D 13 -26.57 37.43 -15.67
C VAL D 13 -26.90 36.00 -15.23
N LYS D 14 -27.43 35.85 -14.04
CA LYS D 14 -27.77 34.53 -13.56
C LYS D 14 -28.64 34.65 -12.33
N PRO D 15 -29.28 33.57 -11.95
CA PRO D 15 -30.12 33.72 -10.77
C PRO D 15 -29.22 33.82 -9.54
N ILE D 16 -29.81 34.14 -8.39
CA ILE D 16 -29.06 34.21 -7.13
C ILE D 16 -29.71 33.16 -6.26
N SER D 17 -29.00 32.07 -5.99
CA SER D 17 -29.57 31.00 -5.21
C SER D 17 -30.00 31.58 -3.87
N ARG D 18 -31.30 31.54 -3.59
CA ARG D 18 -31.80 32.11 -2.35
C ARG D 18 -31.18 31.51 -1.10
N HIS D 19 -30.48 30.38 -1.26
CA HIS D 19 -29.87 29.69 -0.13
C HIS D 19 -28.47 30.13 0.25
N ILE D 20 -28.03 31.28 -0.28
CA ILE D 20 -26.71 31.74 0.05
C ILE D 20 -26.79 32.40 1.40
N TYR D 21 -28.01 32.74 1.82
CA TYR D 21 -28.18 33.41 3.09
C TYR D 21 -28.55 32.48 4.24
N GLY D 22 -28.23 31.21 4.09
CA GLY D 22 -28.56 30.24 5.13
C GLY D 22 -27.76 30.35 6.42
N HIS D 23 -28.31 29.78 7.50
CA HIS D 23 -27.65 29.83 8.82
C HIS D 23 -27.45 28.49 9.46
N PHE D 24 -26.58 28.47 10.47
CA PHE D 24 -26.24 27.23 11.15
C PHE D 24 -26.47 27.33 12.65
N THR D 25 -26.93 26.22 13.22
CA THR D 25 -27.26 26.15 14.66
C THR D 25 -26.88 24.78 15.35
N GLU D 26 -25.96 24.39 16.16
CA GLU D 26 -25.25 23.26 16.79
C GLU D 26 -25.47 23.16 18.30
N HIS D 27 -25.26 22.32 18.67
CA HIS D 27 -25.42 22.17 20.12
C HIS D 27 -24.09 22.43 20.76
N LEU D 28 -23.68 23.68 20.66
CA LEU D 28 -22.42 24.12 21.21
C LEU D 28 -22.66 25.27 22.18
N GLY D 29 -22.16 25.14 23.42
CA GLY D 29 -22.34 26.21 24.39
C GLY D 29 -23.79 26.61 24.56
N ARG D 30 -24.09 27.89 24.36
CA ARG D 30 -25.46 28.38 24.51
C ARG D 30 -26.23 28.64 23.20
N CYS D 31 -25.80 28.04 22.10
CA CYS D 31 -26.49 28.27 20.84
C CYS D 31 -27.92 27.73 20.91
N ILE D 32 -28.08 26.52 21.41
CA ILE D 32 -29.41 25.92 21.52
C ILE D 32 -29.97 26.28 22.90
N TYR D 33 -29.41 25.65 23.94
CA TYR D 33 -29.82 25.89 25.32
C TYR D 33 -29.41 27.26 25.86
N GLY D 34 -30.35 28.19 25.91
CA GLY D 34 -30.06 29.51 26.42
C GLY D 34 -29.95 30.49 25.27
N GLY D 35 -30.21 29.98 24.07
CA GLY D 35 -30.13 30.80 22.88
C GLY D 35 -31.45 30.85 22.15
N ILE D 36 -31.76 29.82 21.39
CA ILE D 36 -33.02 29.82 20.66
C ILE D 36 -34.02 29.08 21.48
N TYR D 37 -33.50 28.26 22.39
CA TYR D 37 -34.32 27.40 23.26
C TYR D 37 -33.97 27.64 24.71
N GLU D 38 -34.97 27.99 25.53
CA GLU D 38 -34.76 28.23 26.96
C GLU D 38 -36.10 27.89 27.64
N GLU D 39 -36.26 26.63 28.02
CA GLU D 39 -37.50 26.16 28.64
C GLU D 39 -37.93 26.94 29.86
N GLY D 40 -39.23 27.25 29.92
CA GLY D 40 -39.79 27.96 31.06
C GLY D 40 -39.19 29.31 31.42
N SER D 41 -38.66 30.01 30.43
CA SER D 41 -38.09 31.32 30.68
C SER D 41 -39.23 32.30 30.47
N PRO D 42 -39.10 33.51 31.05
CA PRO D 42 -40.17 34.50 30.88
C PRO D 42 -40.22 34.99 29.42
N LEU D 43 -39.07 35.01 28.75
CA LEU D 43 -38.98 35.44 27.36
C LEU D 43 -39.29 34.34 26.32
N SER D 44 -39.31 33.08 26.77
CA SER D 44 -39.60 31.94 25.92
C SER D 44 -41.11 31.59 25.88
N ASP D 45 -41.54 31.13 24.72
CA ASP D 45 -42.94 30.79 24.49
C ASP D 45 -43.30 29.38 24.93
N GLU D 46 -44.40 28.92 24.36
CA GLU D 46 -44.95 27.59 24.60
C GLU D 46 -43.98 26.44 24.47
N ARG D 47 -43.40 26.33 23.28
CA ARG D 47 -42.47 25.25 23.00
C ARG D 47 -41.05 25.52 23.48
N GLY D 48 -40.86 26.58 24.25
CA GLY D 48 -39.54 26.89 24.77
C GLY D 48 -38.65 27.75 23.89
N PHE D 49 -39.23 28.35 22.86
CA PHE D 49 -38.46 29.19 21.95
C PHE D 49 -38.43 30.64 22.43
N ARG D 50 -37.25 31.22 22.50
CA ARG D 50 -37.17 32.59 22.91
C ARG D 50 -37.92 33.40 21.86
N LYS D 51 -38.92 34.14 22.30
CA LYS D 51 -39.72 34.97 21.40
C LYS D 51 -38.88 36.15 20.91
N ASP D 52 -37.96 36.65 21.73
CA ASP D 52 -37.15 37.80 21.32
C ASP D 52 -36.10 37.42 20.28
N VAL D 53 -35.66 36.16 20.36
CA VAL D 53 -34.70 35.63 19.42
C VAL D 53 -35.51 35.24 18.16
N LEU D 54 -36.65 34.61 18.40
CA LEU D 54 -37.56 34.19 17.34
C LEU D 54 -37.92 35.33 16.37
N GLU D 55 -37.96 36.57 16.85
CA GLU D 55 -38.29 37.70 15.98
C GLU D 55 -37.07 38.04 15.16
N ALA D 56 -35.99 38.33 15.86
CA ALA D 56 -34.75 38.68 15.19
C ALA D 56 -34.46 37.67 14.08
N VAL D 57 -34.79 36.42 14.32
CA VAL D 57 -34.54 35.38 13.32
C VAL D 57 -35.49 35.49 12.12
N LYS D 58 -36.76 35.81 12.38
CA LYS D 58 -37.70 35.91 11.28
C LYS D 58 -37.39 37.16 10.47
N ARG D 59 -36.83 38.16 11.13
CA ARG D 59 -36.51 39.41 10.46
C ARG D 59 -35.50 39.28 9.35
N ILE D 60 -34.69 38.22 9.39
CA ILE D 60 -33.70 38.05 8.32
C ILE D 60 -33.98 36.89 7.37
N LYS D 61 -35.26 36.54 7.30
CA LYS D 61 -35.78 35.48 6.46
C LYS D 61 -34.85 34.32 6.17
N VAL D 62 -34.39 33.63 7.21
CA VAL D 62 -33.50 32.51 7.01
C VAL D 62 -34.10 31.48 6.02
N PRO D 63 -33.36 31.11 4.96
CA PRO D 63 -33.73 30.19 3.90
C PRO D 63 -33.72 28.73 4.27
N ASN D 64 -32.65 28.34 4.95
CA ASN D 64 -32.43 26.96 5.37
C ASN D 64 -31.54 26.98 6.61
N LEU D 65 -31.79 26.08 7.53
CA LEU D 65 -30.99 26.05 8.76
C LEU D 65 -30.30 24.70 9.00
N ARG D 66 -29.00 24.75 9.24
CA ARG D 66 -28.21 23.56 9.48
C ARG D 66 -28.26 23.14 10.94
N TRP D 67 -28.28 21.84 11.21
CA TRP D 67 -28.39 21.30 12.58
C TRP D 67 -28.17 19.78 12.48
N PRO D 68 -27.74 19.13 13.57
CA PRO D 68 -27.44 19.58 14.93
C PRO D 68 -26.03 20.06 15.06
N GLY D 69 -25.29 20.01 13.98
CA GLY D 69 -23.96 20.52 14.15
C GLY D 69 -22.81 20.20 13.24
N GLY D 70 -21.68 20.59 13.82
CA GLY D 70 -20.39 20.40 13.24
C GLY D 70 -19.90 19.36 14.21
N ASN D 71 -18.79 19.63 14.88
CA ASN D 71 -18.21 18.68 15.82
C ASN D 71 -19.21 17.87 16.69
N PHE D 72 -20.24 18.52 17.21
CA PHE D 72 -21.23 17.83 18.00
C PHE D 72 -21.76 16.57 17.31
N VAL D 73 -22.39 16.71 16.16
CA VAL D 73 -23.00 15.55 15.47
C VAL D 73 -22.18 14.27 15.36
N SER D 74 -20.86 14.37 15.39
CA SER D 74 -20.05 13.19 15.24
C SER D 74 -20.10 12.19 16.40
N ASN D 75 -20.97 12.41 17.36
CA ASN D 75 -21.11 11.48 18.48
C ASN D 75 -22.52 11.62 18.97
N TYR D 76 -23.39 12.14 18.10
CA TYR D 76 -24.82 12.35 18.38
C TYR D 76 -25.70 11.24 17.78
N HIS D 77 -26.52 10.59 18.59
CA HIS D 77 -27.39 9.57 18.04
C HIS D 77 -28.77 10.16 18.07
N TRP D 78 -29.25 10.55 16.90
CA TRP D 78 -30.53 11.22 16.78
C TRP D 78 -31.70 10.64 17.56
N GLU D 79 -31.64 9.34 17.86
CA GLU D 79 -32.75 8.71 18.57
C GLU D 79 -32.89 9.11 20.02
N ASP D 80 -31.92 9.78 20.59
CA ASP D 80 -32.06 10.23 21.98
C ASP D 80 -32.74 11.61 21.98
N GLY D 81 -33.16 12.08 20.81
CA GLY D 81 -33.79 13.38 20.73
C GLY D 81 -35.24 13.29 20.32
N ILE D 82 -35.79 12.09 20.31
CA ILE D 82 -37.18 11.95 19.94
C ILE D 82 -38.00 11.36 21.10
N GLY D 83 -39.30 11.20 20.86
CA GLY D 83 -40.17 10.66 21.88
C GLY D 83 -40.53 11.75 22.86
N PRO D 84 -41.19 11.40 23.98
CA PRO D 84 -41.56 12.42 24.96
C PRO D 84 -40.18 12.97 25.35
N LYS D 85 -40.16 13.95 26.25
CA LYS D 85 -38.93 14.54 26.70
C LYS D 85 -38.96 13.80 28.02
N ASP D 86 -38.16 14.21 29.02
CA ASP D 86 -38.20 13.51 30.32
C ASP D 86 -37.58 12.09 30.23
N GLN D 87 -38.04 11.30 29.26
CA GLN D 87 -37.53 9.95 29.03
C GLN D 87 -36.38 9.93 28.02
N ARG D 88 -35.88 11.09 27.63
CA ARG D 88 -34.77 11.13 26.70
C ARG D 88 -33.48 11.11 27.50
N PRO D 89 -32.60 10.15 27.21
CA PRO D 89 -31.31 10.01 27.90
C PRO D 89 -30.40 11.22 27.94
N VAL D 90 -29.78 11.45 29.09
CA VAL D 90 -28.86 12.55 29.24
C VAL D 90 -27.51 11.93 28.91
N ARG D 91 -26.92 12.39 27.82
CA ARG D 91 -25.64 11.87 27.36
C ARG D 91 -24.57 12.92 27.55
N PHE D 92 -23.32 12.50 27.43
CA PHE D 92 -22.19 13.42 27.56
C PHE D 92 -21.58 13.68 26.19
N ASP D 93 -21.64 14.93 25.73
CA ASP D 93 -21.12 15.30 24.43
C ASP D 93 -19.62 15.45 24.48
N LEU D 94 -18.92 14.60 23.73
CA LEU D 94 -17.47 14.66 23.72
C LEU D 94 -16.94 15.96 23.06
N ALA D 95 -17.64 16.39 22.02
CA ALA D 95 -17.26 17.59 21.28
C ALA D 95 -16.96 18.76 22.17
N TRP D 96 -17.97 19.29 22.86
CA TRP D 96 -17.73 20.45 23.70
C TRP D 96 -17.75 20.18 25.18
N GLN D 97 -17.86 18.90 25.53
CA GLN D 97 -17.85 18.47 26.90
C GLN D 97 -18.85 19.14 27.82
N GLN D 98 -20.12 18.86 27.60
CA GLN D 98 -21.18 19.37 28.44
C GLN D 98 -22.24 18.29 28.28
N GLU D 99 -23.17 18.19 29.22
CA GLU D 99 -24.17 17.15 29.13
C GLU D 99 -25.23 17.58 28.15
N GLU D 100 -25.80 16.60 27.48
CA GLU D 100 -26.85 16.89 26.53
C GLU D 100 -28.17 16.40 27.11
N THR D 101 -29.04 17.33 27.49
CA THR D 101 -30.34 16.93 28.07
C THR D 101 -31.18 16.25 26.97
N ASN D 102 -30.87 16.62 25.72
CA ASN D 102 -31.53 16.09 24.54
C ASN D 102 -33.00 16.41 24.45
N ARG D 103 -33.39 17.44 25.19
CA ARG D 103 -34.77 17.90 25.21
C ARG D 103 -35.00 18.62 23.90
N PHE D 104 -33.91 19.02 23.26
CA PHE D 104 -34.01 19.68 21.96
C PHE D 104 -33.54 18.67 20.92
N GLY D 105 -34.51 17.94 20.36
CA GLY D 105 -34.19 16.93 19.38
C GLY D 105 -34.75 17.18 18.00
N THR D 106 -34.73 16.15 17.17
CA THR D 106 -35.21 16.23 15.79
C THR D 106 -36.58 16.89 15.64
N ASP D 107 -37.58 16.45 16.42
CA ASP D 107 -38.93 17.04 16.36
C ASP D 107 -38.93 18.56 16.62
N GLU D 108 -38.23 18.95 17.69
CA GLU D 108 -38.11 20.34 18.10
C GLU D 108 -37.42 21.21 17.03
N PHE D 109 -36.37 20.66 16.41
CA PHE D 109 -35.65 21.40 15.37
C PHE D 109 -36.59 21.65 14.20
N ILE D 110 -37.18 20.60 13.66
CA ILE D 110 -38.08 20.77 12.53
C ILE D 110 -39.17 21.79 12.87
N GLU D 111 -39.65 21.77 14.10
CA GLU D 111 -40.69 22.71 14.49
C GLU D 111 -40.13 24.12 14.38
N TYR D 112 -38.99 24.38 15.01
CA TYR D 112 -38.33 25.68 14.95
C TYR D 112 -38.10 26.10 13.51
N CYS D 113 -37.84 25.14 12.63
CA CYS D 113 -37.64 25.46 11.22
C CYS D 113 -38.95 25.92 10.61
N ARG D 114 -39.99 25.11 10.83
CA ARG D 114 -41.33 25.40 10.35
C ARG D 114 -41.72 26.84 10.74
N GLU D 115 -41.59 27.15 12.04
CA GLU D 115 -41.91 28.46 12.59
C GLU D 115 -41.17 29.63 11.99
N ILE D 116 -39.93 29.44 11.55
CA ILE D 116 -39.19 30.54 10.92
C ILE D 116 -39.16 30.40 9.37
N GLY D 117 -39.89 29.43 8.85
CA GLY D 117 -39.97 29.23 7.40
C GLY D 117 -38.68 28.85 6.70
N ALA D 118 -37.84 28.12 7.44
CA ALA D 118 -36.56 27.68 6.93
C ALA D 118 -36.64 26.20 6.56
N GLU D 119 -35.87 25.85 5.55
CA GLU D 119 -35.81 24.51 5.08
C GLU D 119 -34.76 23.81 5.96
N PRO D 120 -35.11 22.71 6.64
CA PRO D 120 -34.11 22.05 7.49
C PRO D 120 -33.00 21.41 6.68
N TYR D 121 -31.80 21.54 7.20
CA TYR D 121 -30.57 20.99 6.63
C TYR D 121 -29.98 20.20 7.81
N ILE D 122 -30.14 18.88 7.78
CA ILE D 122 -29.65 18.00 8.84
C ILE D 122 -28.37 17.31 8.39
N SER D 123 -27.41 17.15 9.30
CA SER D 123 -26.17 16.46 8.96
C SER D 123 -26.03 15.24 9.86
N ILE D 124 -25.79 14.09 9.24
CA ILE D 124 -25.70 12.85 9.99
C ILE D 124 -24.38 12.65 10.73
N ASN D 125 -24.36 11.66 11.61
CA ASN D 125 -23.17 11.33 12.39
C ASN D 125 -22.34 10.21 11.75
N MET D 126 -21.15 10.53 11.24
CA MET D 126 -20.31 9.50 10.66
C MET D 126 -19.14 9.14 11.55
N GLY D 127 -19.21 9.60 12.80
CA GLY D 127 -18.16 9.31 13.76
C GLY D 127 -18.59 8.04 14.47
N THR D 128 -19.41 8.18 15.51
CA THR D 128 -19.86 7.01 16.25
C THR D 128 -21.15 6.42 15.70
N GLY D 129 -21.72 7.08 14.69
CA GLY D 129 -22.95 6.59 14.09
C GLY D 129 -22.74 5.54 13.01
N THR D 130 -23.80 5.12 12.32
CA THR D 130 -23.67 4.11 11.25
C THR D 130 -24.59 4.36 10.08
N LEU D 131 -24.51 3.49 9.09
CA LEU D 131 -25.32 3.66 7.91
C LEU D 131 -26.75 3.31 8.23
N ASP D 132 -26.94 2.29 9.05
CA ASP D 132 -28.29 1.88 9.43
C ASP D 132 -28.90 3.07 10.14
N GLU D 133 -28.16 3.61 11.12
CA GLU D 133 -28.63 4.76 11.88
C GLU D 133 -29.02 5.95 10.99
N ALA D 134 -28.18 6.25 10.01
CA ALA D 134 -28.47 7.36 9.12
C ALA D 134 -29.76 7.08 8.37
N LEU D 135 -29.85 5.91 7.75
CA LEU D 135 -31.02 5.58 6.99
C LEU D 135 -32.28 5.80 7.82
N HIS D 136 -32.26 5.33 9.05
CA HIS D 136 -33.41 5.46 9.95
C HIS D 136 -33.83 6.92 10.16
N TRP D 137 -32.84 7.77 10.45
CA TRP D 137 -33.11 9.18 10.65
C TRP D 137 -33.85 9.69 9.42
N LEU D 138 -33.38 9.28 8.24
CA LEU D 138 -34.01 9.69 6.99
C LEU D 138 -35.42 9.10 6.92
N GLU D 139 -35.58 7.84 7.31
CA GLU D 139 -36.91 7.22 7.30
C GLU D 139 -37.80 8.10 8.19
N TYR D 140 -37.32 8.37 9.40
CA TYR D 140 -38.06 9.16 10.37
C TYR D 140 -38.45 10.54 9.89
N CYS D 141 -37.60 11.20 9.10
CA CYS D 141 -37.95 12.54 8.62
C CYS D 141 -38.76 12.59 7.35
N ASN D 142 -38.32 11.89 6.32
CA ASN D 142 -39.03 11.88 5.04
C ASN D 142 -40.11 10.93 4.54
N GLY D 143 -39.73 9.73 4.13
CA GLY D 143 -40.76 8.78 3.72
C GLY D 143 -42.03 8.55 4.49
N LYS D 144 -43.06 8.23 3.74
CA LYS D 144 -44.37 8.03 4.28
C LYS D 144 -44.93 6.61 4.22
N GLY D 145 -44.08 5.60 4.18
CA GLY D 145 -44.61 4.24 4.13
C GLY D 145 -45.08 3.80 5.51
N ASN D 146 -45.10 2.50 5.74
CA ASN D 146 -45.50 2.00 7.05
C ASN D 146 -44.29 1.41 7.74
N THR D 147 -43.13 1.93 7.39
CA THR D 147 -41.89 1.50 7.97
C THR D 147 -41.90 1.97 9.43
N TYR D 148 -41.27 1.18 10.29
CA TYR D 148 -41.18 1.47 11.71
C TYR D 148 -40.91 2.94 12.06
N TYR D 149 -39.88 3.51 11.44
CA TYR D 149 -39.50 4.86 11.76
C TYR D 149 -40.42 5.92 11.24
N ALA D 150 -41.12 5.62 10.15
CA ALA D 150 -42.05 6.61 9.61
C ALA D 150 -43.21 6.74 10.62
N GLN D 151 -43.78 5.60 11.01
CA GLN D 151 -44.86 5.58 11.97
C GLN D 151 -44.40 6.13 13.31
N LEU D 152 -43.14 5.90 13.67
CA LEU D 152 -42.65 6.42 14.94
C LEU D 152 -42.78 7.93 14.97
N ARG D 153 -42.56 8.57 13.81
CA ARG D 153 -42.68 10.03 13.68
C ARG D 153 -44.12 10.43 13.96
N ARG D 154 -45.05 9.64 13.42
CA ARG D 154 -46.50 9.87 13.61
C ARG D 154 -46.88 9.66 15.08
N LYS D 155 -46.51 8.50 15.62
CA LYS D 155 -46.79 8.19 17.02
C LYS D 155 -46.39 9.39 17.91
N TYR D 156 -45.31 10.04 17.53
CA TYR D 156 -44.84 11.16 18.32
C TYR D 156 -45.39 12.51 17.95
N GLY D 157 -46.07 12.63 16.82
CA GLY D 157 -46.58 13.94 16.46
C GLY D 157 -47.51 13.96 15.26
N HIS D 158 -46.49 15.66 12.08
CA HIS D 158 -45.46 14.62 12.36
C HIS D 158 -46.08 13.27 12.08
N PRO D 159 -48.51 13.82 11.47
CA PRO D 159 -48.42 12.56 10.71
C PRO D 159 -47.82 12.75 9.32
N GLU D 160 -47.67 14.02 8.93
CA GLU D 160 -47.10 14.33 7.63
C GLU D 160 -45.58 14.43 7.69
N PRO D 161 -44.87 13.73 6.77
CA PRO D 161 -43.40 13.73 6.69
C PRO D 161 -42.77 15.10 6.50
N TYR D 162 -41.76 15.40 7.31
CA TYR D 162 -41.03 16.67 7.28
C TYR D 162 -40.45 16.96 5.89
N ASN D 163 -39.91 15.94 5.24
CA ASN D 163 -39.29 16.14 3.94
C ASN D 163 -38.02 17.04 4.00
N VAL D 164 -37.02 16.60 4.78
CA VAL D 164 -35.77 17.33 4.93
C VAL D 164 -35.03 17.14 3.62
N LYS D 165 -34.76 18.26 2.92
CA LYS D 165 -34.13 18.24 1.60
C LYS D 165 -32.59 18.23 1.55
N PHE D 166 -31.97 18.76 2.58
CA PHE D 166 -30.52 18.79 2.60
C PHE D 166 -29.94 17.88 3.65
N TRP D 167 -29.03 17.00 3.24
CA TRP D 167 -28.38 16.14 4.21
C TRP D 167 -26.85 16.26 4.13
N GLY D 168 -26.25 16.70 5.23
CA GLY D 168 -24.81 16.84 5.33
C GLY D 168 -24.27 15.48 5.64
N ILE D 169 -23.47 14.94 4.74
CA ILE D 169 -22.97 13.60 4.94
C ILE D 169 -21.68 13.54 5.69
N GLY D 170 -21.78 13.74 6.99
CA GLY D 170 -20.64 13.73 7.90
C GLY D 170 -20.21 15.17 8.13
N ASN D 171 -19.39 15.39 9.16
CA ASN D 171 -18.89 16.71 9.47
C ASN D 171 -17.40 16.77 9.72
N GLU D 172 -16.70 17.59 8.93
CA GLU D 172 -15.26 17.76 9.10
C GLU D 172 -14.55 16.45 9.42
N MET D 173 -15.04 15.35 8.84
CA MET D 173 -14.46 14.03 9.03
C MET D 173 -12.91 13.93 8.82
N TYR D 174 -12.29 14.96 8.27
CA TYR D 174 -10.86 14.94 8.01
C TYR D 174 -10.10 15.29 9.24
N GLY D 175 -10.72 16.08 10.11
CA GLY D 175 -10.08 16.57 11.32
C GLY D 175 -9.71 15.62 12.45
N GLU D 176 -8.48 15.71 12.92
CA GLU D 176 -8.04 14.84 13.98
C GLU D 176 -8.87 15.08 15.23
N TRP D 177 -9.57 16.21 15.27
CA TRP D 177 -10.41 16.56 16.41
C TRP D 177 -11.84 15.98 16.32
N GLN D 178 -12.21 15.48 15.15
CA GLN D 178 -13.54 14.95 14.97
C GLN D 178 -13.63 13.54 15.55
N VAL D 179 -14.67 13.24 16.31
CA VAL D 179 -14.79 11.90 16.86
C VAL D 179 -14.89 10.91 15.72
N GLY D 180 -14.00 9.90 15.68
CA GLY D 180 -14.02 8.90 14.61
C GLY D 180 -13.59 9.43 13.24
N HIS D 181 -12.59 10.30 13.22
CA HIS D 181 -12.10 10.90 11.98
C HIS D 181 -11.51 9.88 11.02
N MET D 182 -11.71 10.11 9.74
CA MET D 182 -11.23 9.20 8.71
C MET D 182 -10.12 9.77 7.86
N THR D 183 -9.58 8.91 6.99
CA THR D 183 -8.53 9.34 6.07
C THR D 183 -9.27 9.74 4.81
N ALA D 184 -8.53 10.31 3.85
CA ALA D 184 -9.16 10.70 2.59
C ALA D 184 -9.86 9.51 1.97
N ASP D 185 -9.21 8.37 1.87
CA ASP D 185 -9.88 7.25 1.24
C ASP D 185 -10.98 6.63 2.04
N GLU D 186 -10.80 6.58 3.36
CA GLU D 186 -11.85 6.01 4.23
C GLU D 186 -13.14 6.79 4.04
N TYR D 187 -13.08 8.10 4.30
CA TYR D 187 -14.23 8.98 4.14
C TYR D 187 -14.78 9.01 2.70
N ALA D 188 -13.88 9.05 1.74
CA ALA D 188 -14.28 9.12 0.36
C ALA D 188 -15.16 7.96 0.02
N ARG D 189 -14.69 6.74 0.30
CA ARG D 189 -15.50 5.57 -0.04
C ARG D 189 -16.75 5.52 0.80
N ALA D 190 -16.69 6.00 2.04
CA ALA D 190 -17.86 5.98 2.92
C ALA D 190 -18.93 6.96 2.47
N ALA D 191 -18.52 8.16 2.01
CA ALA D 191 -19.50 9.15 1.58
C ALA D 191 -20.30 8.54 0.46
N LYS D 192 -19.64 7.80 -0.43
CA LYS D 192 -20.40 7.18 -1.49
C LYS D 192 -21.40 6.20 -0.89
N GLU D 193 -20.97 5.28 -0.03
CA GLU D 193 -21.92 4.33 0.58
C GLU D 193 -23.14 4.99 1.22
N TYR D 194 -22.94 6.01 2.03
CA TYR D 194 -24.09 6.68 2.63
C TYR D 194 -24.99 7.38 1.60
N THR D 195 -24.37 8.07 0.64
CA THR D 195 -25.14 8.74 -0.36
C THR D 195 -25.79 7.75 -1.32
N LYS D 196 -25.09 6.65 -1.67
CA LYS D 196 -25.61 5.61 -2.58
C LYS D 196 -26.96 5.17 -2.07
N TRP D 197 -26.99 4.57 -0.89
CA TRP D 197 -28.27 4.17 -0.29
C TRP D 197 -28.73 5.53 0.21
N MET D 198 -29.72 5.60 1.09
CA MET D 198 -30.16 6.92 1.53
C MET D 198 -30.86 7.50 0.32
N LYS D 199 -30.14 7.62 -0.79
CA LYS D 199 -30.75 8.11 -2.01
C LYS D 199 -31.56 7.02 -2.73
N VAL D 200 -31.46 5.76 -2.31
CA VAL D 200 -32.29 4.77 -2.97
C VAL D 200 -33.62 4.87 -2.23
N PHE D 201 -33.51 5.25 -0.97
CA PHE D 201 -34.68 5.40 -0.12
C PHE D 201 -35.43 6.69 -0.48
N ASP D 202 -34.69 7.78 -0.63
CA ASP D 202 -35.31 9.05 -1.00
C ASP D 202 -34.46 9.78 -2.02
N PRO D 203 -34.68 9.49 -3.32
CA PRO D 203 -33.98 10.06 -4.49
C PRO D 203 -33.93 11.57 -4.59
N THR D 204 -34.90 12.23 -3.97
CA THR D 204 -34.99 13.67 -4.03
C THR D 204 -34.01 14.46 -3.17
N ILE D 205 -33.37 13.84 -2.18
CA ILE D 205 -32.46 14.58 -1.32
C ILE D 205 -31.16 15.04 -1.95
N LYS D 206 -30.65 16.12 -1.41
CA LYS D 206 -29.41 16.67 -1.88
C LYS D 206 -28.41 16.27 -0.81
N ALA D 207 -27.24 15.79 -1.23
CA ALA D 207 -26.18 15.39 -0.30
C ALA D 207 -24.98 16.35 -0.32
N ILE D 208 -24.47 16.70 0.85
CA ILE D 208 -23.31 17.58 0.90
C ILE D 208 -22.21 16.75 1.51
N ALA D 209 -21.13 16.53 0.75
CA ALA D 209 -19.99 15.72 1.25
C ALA D 209 -18.93 16.58 1.84
N VAL D 210 -18.19 16.05 2.78
CA VAL D 210 -17.18 16.86 3.41
C VAL D 210 -15.98 17.21 2.55
N GLY D 211 -15.78 18.50 2.37
CA GLY D 211 -14.65 18.96 1.60
C GLY D 211 -13.81 19.78 2.56
N CYS D 212 -12.62 20.16 2.13
CA CYS D 212 -11.78 20.97 3.00
C CYS D 212 -10.61 21.52 2.20
N ASP D 213 -9.57 22.00 2.89
CA ASP D 213 -8.45 22.56 2.16
C ASP D 213 -7.40 21.64 1.56
N ASP D 214 -7.46 20.35 1.85
CA ASP D 214 -6.52 19.39 1.27
C ASP D 214 -7.07 18.98 -0.13
N PRO D 215 -6.35 19.35 -1.21
CA PRO D 215 -6.74 19.05 -2.59
C PRO D 215 -6.95 17.56 -2.84
N ILE D 216 -6.07 16.75 -2.27
CA ILE D 216 -6.15 15.31 -2.40
C ILE D 216 -7.45 14.87 -1.76
N TRP D 217 -7.75 15.39 -0.58
CA TRP D 217 -9.01 15.00 0.07
C TRP D 217 -10.17 15.23 -0.90
N ASN D 218 -10.46 16.50 -1.17
CA ASN D 218 -11.52 16.89 -2.08
C ASN D 218 -11.54 16.03 -3.36
N LEU D 219 -10.39 16.01 -4.02
CA LEU D 219 -10.27 15.24 -5.25
C LEU D 219 -10.66 13.79 -5.08
N ARG D 220 -10.33 13.19 -3.93
CA ARG D 220 -10.64 11.80 -3.68
C ARG D 220 -12.11 11.62 -3.37
N VAL D 221 -12.72 12.67 -2.82
CA VAL D 221 -14.14 12.61 -2.52
C VAL D 221 -14.89 12.79 -3.80
N LEU D 222 -14.53 13.80 -4.58
CA LEU D 222 -15.23 14.00 -5.86
C LEU D 222 -15.07 12.80 -6.76
N GLN D 223 -13.87 12.21 -6.71
CA GLN D 223 -13.56 11.05 -7.52
C GLN D 223 -14.37 9.79 -7.18
N GLU D 224 -14.60 9.62 -5.88
CA GLU D 224 -15.34 8.48 -5.39
C GLU D 224 -16.85 8.66 -5.44
N ALA D 225 -17.34 9.79 -4.95
CA ALA D 225 -18.77 10.02 -4.91
C ALA D 225 -19.27 11.06 -5.85
N GLY D 226 -18.45 11.46 -6.81
CA GLY D 226 -18.85 12.48 -7.76
C GLY D 226 -20.09 12.23 -8.60
N ASP D 227 -20.56 10.99 -8.63
CA ASP D 227 -21.75 10.66 -9.41
C ASP D 227 -22.99 10.62 -8.52
N VAL D 228 -22.86 10.91 -7.23
CA VAL D 228 -24.01 10.83 -6.35
C VAL D 228 -24.16 11.95 -5.35
N ILE D 229 -23.10 12.66 -5.08
CA ILE D 229 -23.23 13.75 -4.13
C ILE D 229 -23.65 14.98 -4.93
N ASP D 230 -24.19 16.01 -4.27
CA ASP D 230 -24.64 17.20 -4.97
C ASP D 230 -23.76 18.42 -4.71
N PHE D 231 -23.05 18.38 -3.59
CA PHE D 231 -22.18 19.46 -3.17
C PHE D 231 -20.95 18.89 -2.48
N ILE D 232 -19.98 19.77 -2.31
CA ILE D 232 -18.81 19.43 -1.58
C ILE D 232 -18.67 20.62 -0.63
N SER D 233 -18.70 20.33 0.65
CA SER D 233 -18.63 21.28 1.74
C SER D 233 -17.33 22.08 1.84
N TYR D 234 -17.40 23.37 2.11
CA TYR D 234 -16.18 24.13 2.33
C TYR D 234 -16.39 25.00 3.57
N HIS D 235 -15.43 24.98 4.49
CA HIS D 235 -15.53 25.77 5.72
C HIS D 235 -14.49 26.89 5.72
N PHE D 236 -14.91 28.13 5.99
CA PHE D 236 -13.98 29.27 5.99
C PHE D 236 -14.10 30.13 7.22
N TYR D 237 -13.03 30.22 7.99
CA TYR D 237 -13.05 31.02 9.19
C TYR D 237 -11.88 31.98 9.09
N THR D 238 -12.17 33.26 9.16
CA THR D 238 -11.11 34.28 9.08
C THR D 238 -11.16 35.26 10.25
N GLY D 239 -10.17 36.14 10.34
CA GLY D 239 -10.15 37.10 11.40
C GLY D 239 -8.78 37.60 11.76
N SER D 240 -8.76 38.80 12.33
CA SER D 240 -7.54 39.44 12.75
C SER D 240 -7.89 40.76 13.41
N ASP D 241 -6.98 41.31 14.19
CA ASP D 241 -7.26 42.59 14.84
C ASP D 241 -7.26 43.73 13.82
N ASP D 242 -6.29 43.73 12.92
CA ASP D 242 -6.18 44.77 11.92
C ASP D 242 -7.41 44.73 11.04
N TYR D 243 -8.00 45.90 10.83
CA TYR D 243 -9.21 46.07 10.01
C TYR D 243 -9.13 45.36 8.66
N TYR D 244 -8.17 45.80 7.84
CA TYR D 244 -7.93 45.24 6.51
C TYR D 244 -7.60 43.74 6.47
N GLU D 245 -6.70 43.30 7.32
CA GLU D 245 -6.37 41.90 7.33
C GLU D 245 -7.69 41.13 7.45
N THR D 246 -8.67 41.73 8.10
CA THR D 246 -9.95 41.06 8.28
C THR D 246 -10.86 41.18 7.09
N VAL D 247 -11.18 42.40 6.67
CA VAL D 247 -12.09 42.54 5.55
C VAL D 247 -11.53 41.98 4.27
N SER D 248 -10.22 42.17 4.03
CA SER D 248 -9.61 41.72 2.78
C SER D 248 -9.68 40.21 2.53
N THR D 249 -9.89 39.45 3.58
CA THR D 249 -9.97 38.02 3.41
C THR D 249 -11.22 37.60 2.65
N VAL D 250 -12.08 38.56 2.34
CA VAL D 250 -13.29 38.19 1.60
C VAL D 250 -12.80 37.85 0.20
N TYR D 251 -11.70 38.48 -0.19
CA TYR D 251 -11.21 38.20 -1.51
C TYR D 251 -10.28 36.98 -1.48
N LEU D 252 -9.94 36.50 -0.29
CA LEU D 252 -9.12 35.31 -0.21
C LEU D 252 -10.15 34.18 -0.39
N LEU D 253 -11.27 34.29 0.32
CA LEU D 253 -12.31 33.28 0.20
C LEU D 253 -12.73 33.16 -1.26
N LYS D 254 -12.61 34.24 -2.01
CA LYS D 254 -12.98 34.20 -3.40
C LYS D 254 -12.10 33.21 -4.16
N GLU D 255 -10.79 33.38 -4.02
CA GLU D 255 -9.85 32.49 -4.69
C GLU D 255 -10.00 31.05 -4.20
N ARG D 256 -10.28 30.90 -2.91
CA ARG D 256 -10.42 29.59 -2.32
C ARG D 256 -11.58 28.83 -2.95
N LEU D 257 -12.72 29.52 -3.11
CA LEU D 257 -13.88 28.90 -3.69
C LEU D 257 -13.61 28.51 -5.15
N ILE D 258 -13.05 29.43 -5.94
CA ILE D 258 -12.77 29.12 -7.34
C ILE D 258 -11.77 27.98 -7.45
N GLY D 259 -10.98 27.80 -6.39
CA GLY D 259 -10.02 26.71 -6.39
C GLY D 259 -10.85 25.44 -6.36
N VAL D 260 -11.59 25.25 -5.27
CA VAL D 260 -12.42 24.07 -5.13
C VAL D 260 -13.25 23.87 -6.39
N LYS D 261 -13.74 24.98 -6.94
CA LYS D 261 -14.58 24.93 -8.12
C LYS D 261 -13.83 24.23 -9.22
N LYS D 262 -12.58 24.63 -9.44
CA LYS D 262 -11.80 24.00 -10.50
C LYS D 262 -11.45 22.52 -10.24
N LEU D 263 -11.30 22.12 -8.98
CA LEU D 263 -11.02 20.71 -8.71
C LEU D 263 -12.22 19.92 -9.27
N ILE D 264 -13.43 20.40 -8.99
CA ILE D 264 -14.63 19.73 -9.47
C ILE D 264 -14.55 19.61 -10.97
N ASP D 265 -14.13 20.68 -11.62
CA ASP D 265 -14.03 20.64 -13.06
C ASP D 265 -13.10 19.53 -13.50
N MET D 266 -12.18 19.14 -12.63
CA MET D 266 -11.20 18.11 -12.98
C MET D 266 -11.59 16.64 -12.74
N VAL D 267 -12.81 16.40 -12.27
CA VAL D 267 -13.28 15.03 -12.03
C VAL D 267 -14.47 14.80 -12.93
N ASP D 268 -14.24 14.17 -14.07
CA ASP D 268 -15.29 13.93 -15.05
C ASP D 268 -16.66 13.66 -14.50
N THR D 269 -16.83 12.68 -13.65
CA THR D 269 -18.18 12.43 -13.15
C THR D 269 -18.77 13.63 -12.40
N ALA D 270 -17.99 14.19 -11.48
CA ALA D 270 -18.45 15.33 -10.70
C ALA D 270 -18.82 16.51 -11.57
N ARG D 271 -18.02 16.76 -12.60
CA ARG D 271 -18.31 17.88 -13.49
C ARG D 271 -19.55 17.64 -14.31
N LYS D 272 -19.73 16.42 -14.85
CA LYS D 272 -20.92 16.06 -15.64
C LYS D 272 -22.17 16.40 -14.83
N ARG D 273 -22.33 15.85 -13.61
CA ARG D 273 -23.49 16.24 -12.80
C ARG D 273 -23.01 17.59 -12.29
N GLY D 274 -23.89 18.58 -12.17
CA GLY D 274 -23.40 19.88 -11.70
C GLY D 274 -23.01 19.98 -10.24
N VAL D 275 -22.13 19.12 -9.76
CA VAL D 275 -21.73 19.19 -8.34
C VAL D 275 -21.29 20.60 -7.99
N LYS D 276 -21.77 21.12 -6.88
CA LYS D 276 -21.38 22.47 -6.55
C LYS D 276 -20.80 22.63 -5.18
N ILE D 277 -20.45 23.85 -4.84
CA ILE D 277 -19.87 24.10 -3.54
C ILE D 277 -20.90 24.55 -2.53
N ALA D 278 -20.81 24.00 -1.31
CA ALA D 278 -21.70 24.40 -0.24
C ALA D 278 -20.83 25.01 0.84
N LEU D 279 -20.85 26.32 0.97
CA LEU D 279 -20.04 27.00 1.99
C LEU D 279 -20.83 26.89 3.29
N ASP D 280 -20.99 25.67 3.81
CA ASP D 280 -21.81 25.45 4.99
C ASP D 280 -21.22 25.79 6.34
N GLU D 281 -20.23 26.65 6.39
CA GLU D 281 -19.65 27.07 7.66
C GLU D 281 -18.74 28.23 7.32
N TRP D 282 -19.04 29.43 7.79
CA TRP D 282 -18.19 30.55 7.46
C TRP D 282 -18.51 31.80 8.25
N ASN D 283 -17.50 32.36 8.90
CA ASN D 283 -17.65 33.57 9.72
C ASN D 283 -16.28 34.01 10.17
N VAL D 284 -16.26 35.07 10.97
CA VAL D 284 -15.03 35.58 11.53
C VAL D 284 -14.87 34.84 12.83
N TRP D 285 -13.65 34.44 13.15
CA TRP D 285 -13.40 33.71 14.37
C TRP D 285 -11.92 33.63 14.70
N TYR D 286 -11.46 34.51 15.57
CA TYR D 286 -10.07 34.48 15.92
C TYR D 286 -9.79 34.88 17.36
N ARG D 287 -10.81 35.40 18.04
CA ARG D 287 -10.65 35.88 19.42
C ARG D 287 -10.85 34.85 20.54
N VAL D 288 -11.97 34.16 20.51
CA VAL D 288 -12.28 33.17 21.52
C VAL D 288 -11.89 31.77 21.02
N SER D 289 -11.35 30.95 21.92
CA SER D 289 -10.96 29.58 21.56
C SER D 289 -11.24 28.62 22.70
N ASP D 290 -12.48 28.64 23.18
CA ASP D 290 -12.93 27.77 24.27
C ASP D 290 -14.02 26.90 23.71
N ASN D 291 -15.00 26.57 24.54
CA ASN D 291 -16.13 25.74 24.07
C ASN D 291 -17.51 26.34 24.32
N LYS D 292 -17.55 27.68 24.24
CA LYS D 292 -18.76 28.50 24.36
C LYS D 292 -18.72 29.33 23.07
N LEU D 293 -17.48 29.63 22.68
CA LEU D 293 -17.19 30.36 21.46
C LEU D 293 -18.00 31.62 21.27
N GLU D 294 -18.11 32.41 22.34
CA GLU D 294 -18.90 33.62 22.22
C GLU D 294 -18.08 34.83 21.79
N GLU D 295 -17.71 34.80 20.51
CA GLU D 295 -16.93 35.86 19.82
C GLU D 295 -17.62 37.24 19.83
N PRO D 296 -16.91 38.27 20.26
CA PRO D 296 -17.46 39.62 20.30
C PRO D 296 -17.31 40.32 18.96
N TYR D 297 -18.28 40.11 18.06
CA TYR D 297 -18.19 40.72 16.76
C TYR D 297 -18.38 42.22 16.77
N ASP D 298 -17.56 42.93 16.01
CA ASP D 298 -17.65 44.39 15.87
C ASP D 298 -17.89 44.77 14.39
N LEU D 299 -18.06 46.07 14.12
CA LEU D 299 -18.33 46.54 12.76
C LEU D 299 -17.35 46.00 11.72
N LYS D 300 -16.09 45.89 12.10
CA LYS D 300 -15.05 45.38 11.21
C LYS D 300 -15.56 44.09 10.63
N ASP D 301 -15.88 43.15 11.51
CA ASP D 301 -16.37 41.83 11.11
C ASP D 301 -17.68 41.89 10.33
N GLY D 302 -18.53 42.84 10.66
CA GLY D 302 -19.79 42.96 9.92
C GLY D 302 -19.57 43.32 8.45
N ILE D 303 -18.56 44.16 8.20
CA ILE D 303 -18.23 44.56 6.85
C ILE D 303 -17.74 43.34 6.08
N PHE D 304 -16.94 42.51 6.72
CA PHE D 304 -16.48 41.31 6.05
C PHE D 304 -17.68 40.48 5.65
N ALA D 305 -18.60 40.29 6.58
CA ALA D 305 -19.82 39.51 6.35
C ALA D 305 -20.59 40.19 5.23
N CYS D 306 -20.62 41.51 5.26
CA CYS D 306 -21.29 42.21 4.20
C CYS D 306 -20.63 41.84 2.84
N GLY D 307 -19.30 41.91 2.77
CA GLY D 307 -18.58 41.59 1.55
C GLY D 307 -18.85 40.19 1.06
N VAL D 308 -18.74 39.21 1.96
CA VAL D 308 -18.98 37.82 1.61
C VAL D 308 -20.34 37.66 0.92
N LEU D 309 -21.37 38.26 1.51
CA LEU D 309 -22.69 38.16 0.96
C LEU D 309 -22.72 38.76 -0.42
N VAL D 310 -21.96 39.83 -0.64
CA VAL D 310 -21.97 40.43 -1.97
C VAL D 310 -21.30 39.48 -2.96
N LEU D 311 -20.20 38.86 -2.52
CA LEU D 311 -19.46 37.89 -3.31
C LEU D 311 -20.41 36.75 -3.71
N LEU D 312 -21.00 36.11 -2.70
CA LEU D 312 -21.94 35.01 -2.93
C LEU D 312 -23.07 35.45 -3.85
N GLN D 313 -23.48 36.70 -3.72
CA GLN D 313 -24.57 37.23 -4.53
C GLN D 313 -24.13 37.06 -6.00
N LYS D 314 -22.86 37.25 -6.28
CA LYS D 314 -22.43 37.07 -7.64
C LYS D 314 -21.72 35.76 -7.99
N MET D 315 -21.77 34.77 -7.09
CA MET D 315 -21.18 33.46 -7.34
C MET D 315 -22.12 32.28 -7.04
N SER D 316 -23.35 32.61 -6.63
CA SER D 316 -24.36 31.61 -6.26
C SER D 316 -24.51 30.50 -7.27
N ASP D 317 -23.93 30.68 -8.45
CA ASP D 317 -24.04 29.65 -9.47
C ASP D 317 -23.14 28.48 -9.18
N ILE D 318 -22.04 28.72 -8.47
CA ILE D 318 -21.15 27.62 -8.12
C ILE D 318 -21.21 27.33 -6.59
N VAL D 319 -21.67 28.32 -5.83
CA VAL D 319 -21.81 28.21 -4.39
C VAL D 319 -23.23 28.55 -4.05
N PRO D 320 -24.18 27.75 -4.51
CA PRO D 320 -25.59 28.01 -4.22
C PRO D 320 -26.05 27.88 -2.77
N LEU D 321 -25.27 27.17 -1.95
CA LEU D 321 -25.61 26.96 -0.55
C LEU D 321 -24.56 27.55 0.41
N ALA D 322 -24.98 28.35 1.37
CA ALA D 322 -24.02 28.90 2.31
C ALA D 322 -24.65 29.08 3.68
N ASN D 323 -23.89 28.86 4.74
CA ASN D 323 -24.43 28.97 6.08
C ASN D 323 -23.53 29.69 7.04
N LEU D 324 -24.01 30.75 7.66
CA LEU D 324 -23.11 31.48 8.58
C LEU D 324 -22.72 30.51 9.67
N ALA D 325 -21.61 30.81 10.35
CA ALA D 325 -21.10 29.95 11.41
C ALA D 325 -22.39 30.20 12.18
N GLN D 326 -22.82 29.22 12.95
CA GLN D 326 -24.04 29.34 13.75
C GLN D 326 -24.61 30.60 14.39
N LEU D 327 -25.86 30.91 14.06
CA LEU D 327 -26.54 32.03 14.59
C LEU D 327 -26.83 32.45 15.92
N VAL D 328 -26.71 31.72 16.93
CA VAL D 328 -27.24 32.29 18.06
C VAL D 328 -26.29 32.18 19.10
N ASN D 329 -25.64 33.18 19.63
CA ASN D 329 -24.58 32.98 20.56
C ASN D 329 -23.15 32.57 20.15
N ALA D 330 -23.03 31.33 19.68
CA ALA D 330 -21.76 30.82 19.19
C ALA D 330 -21.31 31.28 17.81
N LEU D 331 -20.37 32.21 17.75
CA LEU D 331 -20.04 32.81 16.48
C LEU D 331 -21.41 33.41 16.21
N GLY D 332 -22.28 33.20 17.18
CA GLY D 332 -23.64 33.67 17.16
C GLY D 332 -23.70 35.00 16.46
N ALA D 333 -24.67 35.07 15.55
CA ALA D 333 -25.07 36.30 14.94
C ALA D 333 -25.70 37.15 16.04
N ILE D 334 -26.71 36.62 16.70
CA ILE D 334 -27.39 37.36 17.75
C ILE D 334 -26.99 36.86 19.14
N HIS D 335 -26.33 37.71 19.92
CA HIS D 335 -25.94 37.32 21.29
C HIS D 335 -27.14 37.23 22.28
N THR D 336 -27.16 36.23 23.13
CA THR D 336 -28.27 36.09 24.05
C THR D 336 -27.86 36.27 25.49
N GLU D 337 -28.84 36.51 26.34
CA GLU D 337 -28.60 36.64 27.77
C GLU D 337 -29.92 36.23 28.39
N LYS D 338 -29.88 35.72 29.61
CA LYS D 338 -31.07 35.28 30.35
C LYS D 338 -32.29 36.23 30.24
N ASP D 339 -32.01 37.53 30.15
CA ASP D 339 -33.04 38.59 30.07
C ASP D 339 -33.10 39.46 28.82
N GLY D 340 -32.34 39.15 27.78
CA GLY D 340 -32.41 39.99 26.60
C GLY D 340 -31.74 39.45 25.36
N LEU D 341 -31.61 40.35 24.40
CA LEU D 341 -31.01 40.05 23.12
C LEU D 341 -30.14 41.26 22.77
N ILE D 342 -29.32 41.10 21.74
CA ILE D 342 -28.39 42.10 21.22
C ILE D 342 -27.95 41.58 19.84
N LEU D 343 -28.02 42.45 18.84
CA LEU D 343 -27.67 42.08 17.49
C LEU D 343 -26.29 42.57 17.12
N THR D 344 -25.40 41.65 16.74
CA THR D 344 -24.03 42.04 16.40
C THR D 344 -24.00 42.49 14.95
N PRO D 345 -22.96 43.28 14.60
CA PRO D 345 -22.79 43.80 13.25
C PRO D 345 -22.92 42.68 12.22
N VAL D 346 -22.57 41.46 12.58
CA VAL D 346 -22.69 40.35 11.63
C VAL D 346 -24.16 40.10 11.34
N TYR D 347 -24.98 40.14 12.39
CA TYR D 347 -26.40 39.97 12.19
C TYR D 347 -26.93 41.10 11.31
N LYS D 348 -26.49 42.32 11.61
CA LYS D 348 -26.93 43.45 10.84
C LYS D 348 -26.71 43.25 9.34
N ALA D 349 -25.49 42.84 8.97
CA ALA D 349 -25.13 42.62 7.57
C ALA D 349 -26.23 41.79 6.88
N PHE D 350 -26.70 40.76 7.55
CA PHE D 350 -27.77 39.98 6.97
C PHE D 350 -29.05 40.78 6.91
N GLU D 351 -29.39 41.47 7.99
CA GLU D 351 -30.61 42.25 8.03
C GLU D 351 -30.65 43.15 6.78
N LEU D 352 -29.51 43.79 6.51
CA LEU D 352 -29.40 44.68 5.37
C LEU D 352 -29.55 43.99 4.03
N ILE D 353 -28.69 43.03 3.73
CA ILE D 353 -28.78 42.38 2.42
C ILE D 353 -29.97 41.47 2.13
N VAL D 354 -30.47 40.76 3.13
CA VAL D 354 -31.59 39.86 2.87
C VAL D 354 -32.86 40.61 2.58
N ASN D 355 -33.03 41.77 3.20
CA ASN D 355 -34.26 42.52 2.99
C ASN D 355 -34.15 43.52 1.86
N HIS D 356 -32.96 43.65 1.28
CA HIS D 356 -32.75 44.59 0.16
C HIS D 356 -31.85 43.93 -0.91
N SER D 357 -32.37 42.87 -1.53
CA SER D 357 -31.65 42.12 -2.55
C SER D 357 -32.63 41.38 -3.46
N GLY D 358 -32.29 41.32 -4.75
CA GLY D 358 -33.15 40.64 -5.72
C GLY D 358 -32.89 39.17 -5.98
N GLU D 359 -33.73 38.57 -6.81
CA GLU D 359 -33.60 37.16 -7.13
C GLU D 359 -32.73 36.93 -8.35
N LYS D 360 -32.37 37.99 -9.07
CA LYS D 360 -31.52 37.84 -10.27
C LYS D 360 -30.36 38.83 -10.25
N LEU D 361 -29.18 38.37 -10.69
CA LEU D 361 -27.96 39.20 -10.76
C LEU D 361 -27.93 39.88 -12.11
N VAL D 362 -27.71 41.19 -12.15
CA VAL D 362 -27.71 41.91 -13.42
C VAL D 362 -26.36 42.52 -13.78
N LYS D 363 -26.06 42.59 -15.09
CA LYS D 363 -24.77 43.14 -15.52
C LYS D 363 -24.38 44.30 -14.60
N THR D 364 -23.32 44.07 -13.85
CA THR D 364 -22.83 45.08 -12.94
C THR D 364 -21.30 45.03 -13.10
N HIS D 365 -20.71 46.18 -13.39
CA HIS D 365 -19.27 46.30 -13.61
C HIS D 365 -18.71 47.46 -12.81
N VAL D 366 -17.76 47.21 -11.91
CA VAL D 366 -17.21 48.29 -11.08
C VAL D 366 -15.69 48.51 -11.31
N GLU D 367 -15.20 49.70 -10.98
CA GLU D 367 -13.79 50.03 -11.15
C GLU D 367 -13.23 50.58 -9.84
N SER D 368 -12.45 49.79 -9.12
CA SER D 368 -11.88 50.24 -7.84
C SER D 368 -10.37 50.46 -7.89
N GLU D 369 -9.86 50.50 -6.81
CA GLU D 369 -8.60 50.84 -6.63
C GLU D 369 -8.52 49.77 -5.70
N THR D 370 -7.52 49.01 -5.93
CA THR D 370 -7.26 47.85 -5.03
C THR D 370 -6.05 47.97 -4.37
N TYR D 371 -5.63 46.95 -3.69
CA TYR D 371 -4.42 46.98 -2.88
C TYR D 371 -3.98 45.55 -2.69
N ASN D 372 -2.82 45.37 -2.07
CA ASN D 372 -2.29 44.04 -1.79
C ASN D 372 -2.11 43.95 -0.28
N ILE D 373 -2.21 42.77 0.28
CA ILE D 373 -2.07 42.71 1.71
C ILE D 373 -1.45 41.40 2.18
N GLU D 374 -1.02 41.41 3.43
CA GLU D 374 -0.43 40.24 4.03
C GLU D 374 -0.87 40.31 5.48
N GLY D 375 -1.39 39.22 6.01
CA GLY D 375 -1.83 39.27 7.37
C GLY D 375 -2.06 37.89 7.92
N VAL D 376 -2.97 37.72 8.81
CA VAL D 376 -3.02 36.49 9.37
C VAL D 376 -4.33 36.03 9.75
N MET D 377 -4.67 34.81 9.56
CA MET D 377 -5.89 34.65 9.82
C MET D 377 -6.66 33.98 10.71
N PHE D 378 -6.39 33.28 11.73
CA PHE D 378 -7.57 32.96 12.45
C PHE D 378 -7.28 32.60 13.80
N ILE D 379 -8.02 31.92 14.58
CA ILE D 379 -7.33 31.57 15.81
C ILE D 379 -5.87 31.19 15.97
N ASN D 380 -5.34 30.49 14.96
CA ASN D 380 -3.95 30.05 14.95
C ASN D 380 -3.09 31.11 14.27
N LYS D 381 -3.67 32.28 13.98
CA LYS D 381 -2.94 33.35 13.31
C LYS D 381 -2.21 32.83 12.05
N MET D 382 -2.86 31.91 11.34
CA MET D 382 -2.34 31.34 10.11
C MET D 382 -2.01 32.48 9.14
N PRO D 383 -0.84 32.44 8.49
CA PRO D 383 -0.46 33.49 7.53
C PRO D 383 -1.21 33.35 6.22
N PHE D 384 -1.53 34.48 5.60
CA PHE D 384 -2.27 34.54 4.32
C PHE D 384 -1.95 35.81 3.54
N SER D 385 -2.32 35.86 2.27
CA SER D 385 -2.08 37.06 1.50
C SER D 385 -3.10 37.19 0.40
N VAL D 386 -3.49 38.44 0.12
CA VAL D 386 -4.45 38.70 -0.93
C VAL D 386 -3.79 39.66 -1.91
N GLU D 387 -4.13 39.53 -3.19
CA GLU D 387 -3.58 40.39 -4.21
C GLU D 387 -4.68 41.12 -4.92
N ASN D 388 -4.52 42.44 -5.02
CA ASN D 388 -5.50 43.32 -5.69
C ASN D 388 -6.92 43.25 -5.17
N ALA D 389 -7.05 43.48 -3.87
CA ALA D 389 -8.33 43.44 -3.20
C ALA D 389 -8.97 44.80 -3.46
N PRO D 390 -10.19 44.84 -4.02
CA PRO D 390 -10.80 46.13 -4.29
C PRO D 390 -11.17 46.89 -3.05
N PHE D 391 -11.10 48.21 -3.16
CA PHE D 391 -11.47 49.07 -2.05
C PHE D 391 -12.97 49.25 -2.13
N LEU D 392 -13.49 49.01 -3.33
CA LEU D 392 -14.90 49.15 -3.60
C LEU D 392 -15.34 48.01 -4.50
N ASP D 393 -16.48 47.42 -4.16
CA ASP D 393 -17.03 46.33 -4.96
C ASP D 393 -18.53 46.44 -4.85
N ALA D 394 -19.25 45.75 -5.72
CA ALA D 394 -20.67 45.85 -5.65
C ALA D 394 -21.43 44.83 -6.52
N ALA D 395 -22.73 44.71 -6.30
CA ALA D 395 -23.54 43.76 -7.02
C ALA D 395 -24.97 44.23 -7.14
N ALA D 396 -25.43 44.20 -8.39
CA ALA D 396 -26.77 44.64 -8.69
C ALA D 396 -27.76 43.50 -8.90
N SER D 397 -28.80 43.49 -8.10
CA SER D 397 -29.81 42.47 -8.24
C SER D 397 -31.13 43.11 -8.64
N ILE D 398 -32.03 42.30 -9.19
CA ILE D 398 -33.36 42.72 -9.63
C ILE D 398 -34.38 41.81 -8.99
N SER D 399 -35.55 42.35 -8.65
CA SER D 399 -36.60 41.50 -8.05
C SER D 399 -37.16 40.51 -9.08
N GLU D 400 -37.84 39.47 -8.63
CA GLU D 400 -38.38 38.48 -9.56
C GLU D 400 -39.19 39.12 -10.69
N ASP D 401 -40.18 39.95 -10.29
CA ASP D 401 -41.11 40.67 -11.18
C ASP D 401 -40.46 41.82 -11.93
N GLY D 402 -39.14 41.83 -11.92
CA GLY D 402 -38.39 42.84 -12.59
C GLY D 402 -38.80 44.29 -12.41
N LYS D 403 -39.45 44.62 -11.30
CA LYS D 403 -39.84 46.01 -11.09
C LYS D 403 -39.05 46.70 -9.98
N LYS D 404 -37.95 46.09 -9.54
CA LYS D 404 -37.19 46.67 -8.46
C LYS D 404 -35.72 46.34 -8.57
N LEU D 405 -34.87 47.35 -8.39
CA LEU D 405 -33.43 47.17 -8.48
C LEU D 405 -32.74 47.45 -7.16
N PHE D 406 -31.72 46.65 -6.85
CA PHE D 406 -30.95 46.86 -5.64
C PHE D 406 -29.50 46.86 -6.07
N ILE D 407 -28.80 47.92 -5.70
CA ILE D 407 -27.39 48.01 -6.01
C ILE D 407 -26.67 48.03 -4.66
N ALA D 408 -26.10 46.88 -4.30
CA ALA D 408 -25.40 46.79 -3.04
C ALA D 408 -23.95 47.12 -3.33
N VAL D 409 -23.40 48.03 -2.54
CA VAL D 409 -22.01 48.41 -2.68
C VAL D 409 -21.34 48.43 -1.30
N VAL D 410 -20.04 48.13 -1.31
CA VAL D 410 -19.26 48.12 -0.10
C VAL D 410 -18.02 48.96 -0.29
N ASN D 411 -17.84 49.91 0.61
CA ASN D 411 -16.67 50.76 0.56
C ASN D 411 -15.87 50.20 1.69
N TYR D 412 -14.79 49.50 1.36
CA TYR D 412 -13.84 49.04 2.36
C TYR D 412 -13.08 50.26 2.86
N ARG D 413 -13.06 51.31 2.06
CA ARG D 413 -12.44 52.57 2.48
C ARG D 413 -12.82 52.85 3.93
N LYS D 414 -11.83 52.83 4.81
CA LYS D 414 -12.08 52.97 6.24
C LYS D 414 -12.11 54.41 6.73
N GLU D 415 -11.11 55.20 6.33
CA GLU D 415 -10.96 56.55 6.83
C GLU D 415 -11.31 57.55 5.75
N ASP D 416 -11.92 57.06 4.67
CA ASP D 416 -12.30 57.92 3.57
C ASP D 416 -13.65 57.57 3.04
N ALA D 417 -14.40 58.59 2.64
CA ALA D 417 -15.70 58.35 2.03
C ALA D 417 -15.39 58.42 0.53
N LEU D 418 -16.25 57.88 -0.30
CA LEU D 418 -15.94 57.94 -1.72
C LEU D 418 -17.15 58.36 -2.56
N LYS D 419 -16.95 59.31 -3.47
CA LYS D 419 -18.05 59.85 -4.28
C LYS D 419 -18.17 59.29 -5.69
N VAL D 420 -17.90 57.99 -5.85
CA VAL D 420 -18.12 57.28 -7.13
C VAL D 420 -19.42 57.52 -7.93
N PRO D 421 -19.25 57.79 -9.24
CA PRO D 421 -20.33 58.05 -10.18
C PRO D 421 -20.87 56.72 -10.61
N ILE D 422 -22.07 56.40 -10.14
CA ILE D 422 -22.69 55.14 -10.51
C ILE D 422 -23.48 55.50 -11.76
N ARG D 423 -23.90 54.50 -12.55
CA ARG D 423 -24.70 54.74 -13.77
C ARG D 423 -25.58 53.54 -14.09
N VAL D 424 -26.84 53.77 -14.40
CA VAL D 424 -27.78 52.69 -14.66
C VAL D 424 -28.43 52.84 -16.03
N GLU D 425 -27.96 52.08 -17.01
CA GLU D 425 -28.47 52.16 -18.40
C GLU D 425 -29.97 52.30 -18.55
N GLY D 426 -30.38 53.49 -19.01
CA GLY D 426 -31.79 53.82 -19.23
C GLY D 426 -32.71 53.87 -18.01
N LEU D 427 -32.24 54.47 -16.91
CA LEU D 427 -33.04 54.56 -15.69
C LEU D 427 -34.02 55.76 -15.71
N GLY D 428 -33.47 56.95 -15.85
CA GLY D 428 -34.31 58.14 -15.85
C GLY D 428 -34.34 58.71 -14.45
N GLN D 429 -35.20 59.69 -14.18
CA GLN D 429 -35.25 60.31 -12.85
C GLN D 429 -36.29 59.77 -11.87
N LYS D 430 -35.84 58.98 -10.91
CA LYS D 430 -36.72 58.40 -9.90
C LYS D 430 -36.29 58.91 -8.52
N LYS D 431 -37.03 58.53 -7.51
CA LYS D 431 -36.72 58.94 -6.16
C LYS D 431 -36.37 57.71 -5.30
N ALA D 432 -35.25 57.08 -5.60
CA ALA D 432 -34.82 55.90 -4.86
C ALA D 432 -34.41 56.17 -3.39
N THR D 433 -34.40 55.13 -2.57
CA THR D 433 -34.02 55.27 -1.17
C THR D 433 -32.81 54.38 -0.87
N VAL D 434 -31.81 54.87 -0.13
CA VAL D 434 -30.65 54.03 0.15
C VAL D 434 -30.49 53.62 1.61
N TYR D 435 -30.40 52.33 1.85
CA TYR D 435 -30.22 51.83 3.20
C TYR D 435 -28.76 51.53 3.35
N THR D 436 -28.10 52.23 4.26
CA THR D 436 -26.69 52.01 4.47
C THR D 436 -26.41 51.58 5.92
N LEU D 437 -25.40 50.72 6.09
CA LEU D 437 -25.04 50.19 7.39
C LEU D 437 -23.61 50.51 7.74
N THR D 438 -23.42 51.24 8.84
CA THR D 438 -22.09 51.61 9.31
C THR D 438 -22.22 51.99 10.78
N GLY D 439 -21.19 52.62 11.33
CA GLY D 439 -21.23 53.02 12.72
C GLY D 439 -20.07 53.92 13.08
N PRO D 440 -19.96 54.33 14.35
CA PRO D 440 -18.90 55.22 14.85
C PRO D 440 -17.50 54.95 14.30
N ASP D 441 -16.92 53.81 14.67
CA ASP D 441 -15.58 53.43 14.24
C ASP D 441 -15.58 51.97 13.83
N VAL D 442 -14.50 51.52 13.20
CA VAL D 442 -14.41 50.14 12.77
C VAL D 442 -14.43 49.15 13.91
N ASN D 443 -14.70 49.62 15.12
CA ASN D 443 -14.75 48.70 16.26
C ASN D 443 -16.00 48.87 17.06
N ALA D 444 -16.95 49.61 16.49
CA ALA D 444 -18.21 49.82 17.14
C ALA D 444 -18.91 48.47 17.25
N ARG D 445 -19.73 48.32 18.28
CA ARG D 445 -20.48 47.09 18.48
C ARG D 445 -21.72 47.43 19.33
N ASN D 446 -22.76 46.63 19.21
CA ASN D 446 -24.00 46.85 19.98
C ASN D 446 -23.98 46.18 21.35
N THR D 447 -24.52 46.87 22.33
CA THR D 447 -24.55 46.34 23.68
C THR D 447 -25.99 46.18 24.14
N MET D 448 -26.16 45.74 25.37
CA MET D 448 -27.49 45.55 25.93
C MET D 448 -28.12 46.94 26.09
N GLU D 449 -27.30 47.93 26.42
CA GLU D 449 -27.80 49.30 26.59
C GLU D 449 -27.75 50.19 25.34
N ASN D 450 -26.99 49.77 24.33
CA ASN D 450 -26.87 50.52 23.08
C ASN D 450 -27.10 49.52 21.97
N PRO D 451 -28.32 49.00 21.84
CA PRO D 451 -28.65 48.02 20.79
C PRO D 451 -28.67 48.65 19.41
N ASN D 452 -28.15 49.87 19.29
CA ASN D 452 -28.16 50.54 18.00
C ASN D 452 -26.92 51.29 17.52
N VAL D 453 -25.79 51.13 18.23
CA VAL D 453 -24.54 51.81 17.83
C VAL D 453 -24.23 51.53 16.34
N VAL D 454 -24.35 50.27 15.95
CA VAL D 454 -24.12 49.86 14.57
C VAL D 454 -25.49 49.47 14.05
N ASP D 455 -25.99 50.19 13.05
CA ASP D 455 -27.33 49.90 12.54
C ASP D 455 -27.59 50.35 11.09
N ILE D 456 -28.76 50.00 10.58
CA ILE D 456 -29.16 50.35 9.21
C ILE D 456 -29.99 51.62 9.22
N THR D 457 -29.75 52.50 8.25
CA THR D 457 -30.49 53.74 8.19
C THR D 457 -30.87 54.10 6.77
N SER D 458 -32.13 54.49 6.56
CA SER D 458 -32.59 54.88 5.23
C SER D 458 -32.23 56.32 4.96
N GLU D 459 -32.63 56.82 3.81
CA GLU D 459 -32.32 58.16 3.40
C GLU D 459 -33.02 58.15 2.05
N THR D 460 -33.30 59.31 1.50
CA THR D 460 -34.00 59.33 0.22
C THR D 460 -33.05 60.04 -0.73
N ILE D 461 -33.16 59.69 -2.01
CA ILE D 461 -32.34 60.26 -3.06
C ILE D 461 -33.05 60.38 -4.41
N THR D 462 -32.56 61.31 -5.22
CA THR D 462 -33.09 61.51 -6.56
C THR D 462 -31.99 60.88 -7.39
N VAL D 463 -32.35 59.89 -8.20
CA VAL D 463 -31.37 59.20 -9.03
C VAL D 463 -31.71 59.30 -10.51
N ASP D 464 -30.68 59.22 -11.35
CA ASP D 464 -30.87 59.31 -12.81
C ASP D 464 -29.94 58.30 -13.50
N THR D 465 -30.16 58.09 -14.80
CA THR D 465 -29.36 57.19 -15.62
C THR D 465 -27.90 57.36 -15.31
N GLU D 466 -27.54 58.51 -14.79
CA GLU D 466 -26.16 58.76 -14.42
C GLU D 466 -26.22 59.67 -13.19
N PHE D 467 -25.49 59.32 -12.13
CA PHE D 467 -25.49 60.14 -10.94
C PHE D 467 -24.35 59.81 -10.00
N GLU D 468 -24.40 60.37 -8.81
CA GLU D 468 -23.37 60.16 -7.81
C GLU D 468 -24.00 59.98 -6.44
N HIS D 469 -23.25 59.35 -5.55
CA HIS D 469 -23.68 59.13 -4.19
C HIS D 469 -22.41 58.79 -3.46
N THR D 470 -22.17 59.43 -2.33
CA THR D 470 -20.96 59.14 -1.60
C THR D 470 -21.20 58.01 -0.58
N PHE D 471 -20.26 57.08 -0.46
CA PHE D 471 -20.38 55.98 0.50
C PHE D 471 -19.36 56.18 1.59
N LYS D 472 -19.84 56.16 2.84
CA LYS D 472 -18.99 56.38 4.00
C LYS D 472 -17.91 55.31 4.15
N PRO D 473 -16.85 55.61 4.91
CA PRO D 473 -15.79 54.62 5.09
C PRO D 473 -16.40 53.40 5.75
N PHE D 474 -15.75 52.26 5.60
CA PHE D 474 -16.24 51.01 6.17
C PHE D 474 -17.75 50.92 6.24
N SER D 475 -18.38 51.13 5.09
CA SER D 475 -19.82 51.06 5.00
C SER D 475 -20.26 50.08 3.92
N CYS D 476 -21.50 49.65 4.01
CA CYS D 476 -22.11 48.69 3.11
C CYS D 476 -23.48 49.29 2.83
N SER D 477 -23.77 49.61 1.58
CA SER D 477 -25.05 50.23 1.27
C SER D 477 -25.82 49.51 0.16
N VAL D 478 -27.14 49.65 0.17
CA VAL D 478 -27.96 49.08 -0.90
C VAL D 478 -28.88 50.19 -1.40
N ILE D 479 -28.62 50.68 -2.60
CA ILE D 479 -29.45 51.72 -3.18
C ILE D 479 -30.63 50.98 -3.80
N GLU D 480 -31.82 51.23 -3.28
CA GLU D 480 -33.05 50.56 -3.75
C GLU D 480 -33.84 51.51 -4.61
N VAL D 481 -33.81 51.28 -5.92
CA VAL D 481 -34.46 52.14 -6.88
C VAL D 481 -35.58 51.45 -7.67
N GLU D 482 -35.99 52.10 -8.77
CA GLU D 482 -37.04 51.65 -9.68
C GLU D 482 -38.33 51.49 -8.88
N SER E 2 32.59 -17.62 44.68
CA SER E 2 32.54 -16.64 45.80
C SER E 2 31.35 -15.66 45.64
N TYR E 3 30.38 -15.79 46.53
CA TYR E 3 29.20 -14.93 46.53
C TYR E 3 29.34 -13.91 47.67
N ARG E 4 28.49 -12.89 47.64
CA ARG E 4 28.51 -11.86 48.66
C ARG E 4 27.38 -10.90 48.31
N ILE E 5 26.85 -10.18 49.31
CA ILE E 5 25.81 -9.19 49.04
C ILE E 5 26.04 -8.02 50.05
N VAL E 6 25.81 -6.80 49.62
CA VAL E 6 26.08 -5.63 50.44
C VAL E 6 24.96 -4.59 50.38
N VAL E 7 24.26 -4.37 51.48
CA VAL E 7 23.16 -3.40 51.55
C VAL E 7 23.56 -2.12 52.27
N ASP E 8 23.06 -0.97 51.81
CA ASP E 8 23.33 0.31 52.48
C ASP E 8 21.98 1.00 52.68
N PRO E 9 21.27 0.66 53.78
CA PRO E 9 19.95 1.23 54.09
C PRO E 9 19.91 2.76 54.06
N LYS E 10 21.08 3.39 54.18
CA LYS E 10 21.12 4.85 54.18
C LYS E 10 20.89 5.43 52.80
N GLU E 11 21.10 4.62 51.77
CA GLU E 11 20.95 5.07 50.37
C GLU E 11 19.73 4.52 49.62
N VAL E 12 18.67 5.33 49.53
CA VAL E 12 17.45 4.93 48.82
C VAL E 12 17.70 5.16 47.35
N VAL E 13 17.35 4.15 46.58
CA VAL E 13 17.54 4.18 45.13
C VAL E 13 16.29 4.74 44.42
N LYS E 14 15.14 4.17 44.72
CA LYS E 14 13.91 4.59 44.08
C LYS E 14 12.73 3.95 44.77
N PRO E 15 11.53 4.45 44.49
CA PRO E 15 10.38 3.81 45.15
C PRO E 15 10.10 2.45 44.54
N ILE E 16 9.23 1.69 45.16
CA ILE E 16 8.82 0.40 44.64
C ILE E 16 7.32 0.59 44.42
N SER E 17 6.91 0.63 43.17
CA SER E 17 5.51 0.82 42.85
C SER E 17 4.79 -0.31 43.51
N ARG E 18 3.90 0.04 44.43
CA ARG E 18 3.16 -0.97 45.15
C ARG E 18 2.30 -1.86 44.24
N HIS E 19 2.18 -1.48 42.97
CA HIS E 19 1.36 -2.27 42.04
C HIS E 19 2.08 -3.35 41.25
N ILE E 20 3.28 -3.71 41.70
CA ILE E 20 4.01 -4.75 41.00
C ILE E 20 3.47 -6.06 41.48
N TYR E 21 2.74 -6.03 42.60
CA TYR E 21 2.17 -7.25 43.18
C TYR E 21 0.71 -7.48 42.83
N GLY E 22 0.28 -6.92 41.69
CA GLY E 22 -1.09 -7.07 41.25
C GLY E 22 -1.45 -8.43 40.67
N HIS E 23 -2.74 -8.74 40.71
CA HIS E 23 -3.26 -10.01 40.20
C HIS E 23 -4.32 -9.89 39.12
N PHE E 24 -4.58 -10.99 38.45
CA PHE E 24 -5.53 -10.99 37.36
C PHE E 24 -6.60 -12.07 37.55
N THR E 25 -7.84 -11.75 37.20
CA THR E 25 -8.95 -12.69 37.33
C THR E 25 -9.87 -12.60 36.13
N GLU E 26 -9.74 -13.57 35.21
CA GLU E 26 -10.54 -13.58 34.00
C GLU E 26 -11.63 -14.66 34.04
N HIS E 27 -12.59 -14.54 33.13
CA HIS E 27 -13.68 -15.50 33.03
C HIS E 27 -13.26 -16.71 32.20
N LEU E 28 -12.38 -17.52 32.78
CA LEU E 28 -11.86 -18.70 32.10
C LEU E 28 -11.97 -19.90 33.02
N GLY E 29 -12.58 -20.97 32.54
CA GLY E 29 -12.72 -22.18 33.36
C GLY E 29 -13.36 -21.92 34.71
N ARG E 30 -12.68 -22.31 35.78
CA ARG E 30 -13.21 -22.09 37.13
C ARG E 30 -12.62 -20.90 37.92
N CYS E 31 -12.01 -19.92 37.24
CA CYS E 31 -11.42 -18.80 37.94
C CYS E 31 -12.48 -17.99 38.64
N ILE E 32 -13.59 -17.74 37.96
CA ILE E 32 -14.67 -16.97 38.58
C ILE E 32 -15.63 -17.96 39.20
N TYR E 33 -16.38 -18.64 38.33
CA TYR E 33 -17.39 -19.64 38.74
C TYR E 33 -16.81 -20.93 39.31
N GLY E 34 -16.79 -21.01 40.64
CA GLY E 34 -16.24 -22.17 41.30
C GLY E 34 -14.88 -21.83 41.87
N GLY E 35 -14.52 -20.54 41.77
CA GLY E 35 -13.24 -20.08 42.27
C GLY E 35 -13.42 -19.02 43.34
N ILE E 36 -13.60 -17.79 42.92
CA ILE E 36 -13.77 -16.71 43.89
C ILE E 36 -15.26 -16.55 44.12
N TYR E 37 -16.02 -17.04 43.15
CA TYR E 37 -17.48 -16.94 43.17
C TYR E 37 -18.12 -18.31 43.02
N GLU E 38 -18.98 -18.67 43.98
CA GLU E 38 -19.68 -19.95 43.97
C GLU E 38 -20.99 -19.70 44.72
N GLU E 39 -22.03 -19.36 43.98
CA GLU E 39 -23.33 -19.07 44.57
C GLU E 39 -23.93 -20.20 45.38
N GLY E 40 -24.46 -19.86 46.57
CA GLY E 40 -25.10 -20.83 47.45
C GLY E 40 -24.28 -22.04 47.87
N SER E 41 -22.97 -21.87 47.96
CA SER E 41 -22.12 -22.96 48.39
C SER E 41 -22.02 -22.83 49.88
N PRO E 42 -21.65 -23.93 50.56
CA PRO E 42 -21.54 -23.83 52.02
C PRO E 42 -20.34 -22.95 52.42
N LEU E 43 -19.31 -22.94 51.58
CA LEU E 43 -18.10 -22.14 51.85
C LEU E 43 -18.21 -20.69 51.39
N SER E 44 -19.23 -20.41 50.58
CA SER E 44 -19.43 -19.07 50.06
C SER E 44 -20.29 -18.26 50.99
N ASP E 45 -20.07 -16.96 51.01
CA ASP E 45 -20.83 -16.06 51.85
C ASP E 45 -22.11 -15.50 51.18
N GLU E 46 -22.55 -14.38 51.74
CA GLU E 46 -23.73 -13.67 51.28
C GLU E 46 -23.79 -13.43 49.77
N ARG E 47 -22.80 -12.68 49.29
CA ARG E 47 -22.71 -12.31 47.90
C ARG E 47 -22.14 -13.39 46.96
N GLY E 48 -21.99 -14.63 47.46
CA GLY E 48 -21.46 -15.74 46.66
C GLY E 48 -19.95 -15.91 46.62
N PHE E 49 -19.23 -15.12 47.42
CA PHE E 49 -17.78 -15.18 47.46
C PHE E 49 -17.29 -16.28 48.39
N ARG E 50 -16.38 -17.12 47.91
CA ARG E 50 -15.83 -18.15 48.76
C ARG E 50 -15.11 -17.45 49.90
N LYS E 51 -15.49 -17.77 51.15
CA LYS E 51 -14.85 -17.16 52.32
C LYS E 51 -13.43 -17.69 52.51
N ASP E 52 -13.20 -18.94 52.11
CA ASP E 52 -11.88 -19.55 52.24
C ASP E 52 -10.88 -18.99 51.24
N VAL E 53 -11.40 -18.61 50.07
CA VAL E 53 -10.59 -18.02 49.01
C VAL E 53 -10.39 -16.55 49.37
N LEU E 54 -11.47 -15.94 49.84
CA LEU E 54 -11.47 -14.53 50.23
C LEU E 54 -10.40 -14.21 51.32
N GLU E 55 -10.08 -15.21 52.14
CA GLU E 55 -9.08 -15.02 53.18
C GLU E 55 -7.73 -15.06 52.52
N ALA E 56 -7.46 -16.18 51.87
CA ALA E 56 -6.20 -16.37 51.17
C ALA E 56 -5.83 -15.13 50.32
N VAL E 57 -6.84 -14.52 49.71
CA VAL E 57 -6.65 -13.32 48.87
C VAL E 57 -6.33 -12.06 49.70
N LYS E 58 -6.96 -11.92 50.86
CA LYS E 58 -6.70 -10.77 51.68
C LYS E 58 -5.31 -10.90 52.29
N ARG E 59 -4.89 -12.15 52.52
CA ARG E 59 -3.60 -12.42 53.14
C ARG E 59 -2.41 -11.94 52.35
N ILE E 60 -2.59 -11.78 51.04
CA ILE E 60 -1.49 -11.30 50.20
C ILE E 60 -1.62 -9.84 49.70
N LYS E 61 -2.46 -9.07 50.40
CA LYS E 61 -2.76 -7.66 50.13
C LYS E 61 -2.73 -7.25 48.66
N VAL E 62 -3.58 -7.87 47.86
CA VAL E 62 -3.62 -7.54 46.43
C VAL E 62 -3.85 -6.03 46.28
N PRO E 63 -2.96 -5.34 45.50
CA PRO E 63 -2.97 -3.90 45.21
C PRO E 63 -4.04 -3.44 44.21
N ASN E 64 -4.17 -4.21 43.13
CA ASN E 64 -5.09 -3.95 42.02
C ASN E 64 -5.43 -5.30 41.38
N LEU E 65 -6.65 -5.42 40.87
CA LEU E 65 -7.04 -6.68 40.23
C LEU E 65 -7.60 -6.45 38.81
N ARG E 66 -7.08 -7.21 37.86
CA ARG E 66 -7.48 -7.11 36.47
C ARG E 66 -8.70 -7.99 36.22
N TRP E 67 -9.60 -7.51 35.36
CA TRP E 67 -10.86 -8.21 35.03
C TRP E 67 -11.49 -7.46 33.84
N PRO E 68 -12.35 -8.15 33.04
CA PRO E 68 -12.86 -9.52 33.10
C PRO E 68 -11.99 -10.43 32.33
N GLY E 69 -10.91 -9.89 31.79
CA GLY E 69 -10.09 -10.82 31.08
C GLY E 69 -9.05 -10.46 30.06
N GLY E 70 -8.63 -11.56 29.45
CA GLY E 70 -7.68 -11.57 28.38
C GLY E 70 -8.65 -12.00 27.32
N ASN E 71 -8.35 -13.10 26.65
CA ASN E 71 -9.20 -13.60 25.57
C ASN E 71 -10.70 -13.45 25.76
N PHE E 72 -11.21 -13.73 26.95
CA PHE E 72 -12.65 -13.59 27.20
C PHE E 72 -13.21 -12.21 26.81
N VAL E 73 -12.68 -11.13 27.42
CA VAL E 73 -13.19 -9.78 27.16
C VAL E 73 -13.43 -9.38 25.68
N SER E 74 -12.70 -9.98 24.74
CA SER E 74 -12.84 -9.62 23.32
C SER E 74 -14.15 -10.00 22.65
N ASN E 75 -15.12 -10.50 23.42
CA ASN E 75 -16.45 -10.81 22.90
C ASN E 75 -17.47 -10.62 24.02
N TYR E 76 -17.02 -9.92 25.08
CA TYR E 76 -17.82 -9.63 26.25
C TYR E 76 -18.48 -8.25 26.22
N HIS E 77 -19.81 -8.19 26.33
CA HIS E 77 -20.47 -6.89 26.37
C HIS E 77 -20.88 -6.64 27.83
N TRP E 78 -20.14 -5.75 28.48
CA TRP E 78 -20.34 -5.46 29.89
C TRP E 78 -21.78 -5.29 30.37
N GLU E 79 -22.66 -4.83 29.49
CA GLU E 79 -24.05 -4.58 29.87
C GLU E 79 -24.84 -5.83 30.20
N ASP E 80 -24.32 -7.00 29.86
CA ASP E 80 -25.05 -8.21 30.19
C ASP E 80 -24.68 -8.64 31.62
N GLY E 81 -23.82 -7.84 32.27
CA GLY E 81 -23.36 -8.16 33.61
C GLY E 81 -23.89 -7.22 34.66
N ILE E 82 -24.82 -6.36 34.27
CA ILE E 82 -25.40 -5.43 35.22
C ILE E 82 -26.88 -5.67 35.40
N GLY E 83 -27.46 -4.91 36.32
CA GLY E 83 -28.88 -5.05 36.61
C GLY E 83 -29.14 -6.28 37.44
N PRO E 84 -30.39 -6.49 37.91
CA PRO E 84 -30.67 -7.67 38.71
C PRO E 84 -30.16 -8.88 37.92
N LYS E 85 -29.76 -9.92 38.65
CA LYS E 85 -29.26 -11.12 38.02
C LYS E 85 -30.58 -11.74 37.54
N ASP E 86 -30.57 -13.02 37.14
CA ASP E 86 -31.83 -13.66 36.71
C ASP E 86 -32.24 -13.13 35.32
N GLN E 87 -32.27 -11.81 35.18
CA GLN E 87 -32.61 -11.19 33.92
C GLN E 87 -31.39 -10.92 33.04
N ARG E 88 -30.21 -11.36 33.49
CA ARG E 88 -29.00 -11.16 32.69
C ARG E 88 -28.89 -12.29 31.68
N PRO E 89 -28.82 -11.95 30.41
CA PRO E 89 -28.73 -12.96 29.34
C PRO E 89 -27.60 -13.97 29.48
N VAL E 90 -27.87 -15.19 29.05
CA VAL E 90 -26.86 -16.24 29.08
C VAL E 90 -26.27 -16.25 27.68
N ARG E 91 -25.02 -15.83 27.59
CA ARG E 91 -24.33 -15.76 26.32
C ARG E 91 -23.32 -16.89 26.20
N PHE E 92 -22.85 -17.15 24.98
CA PHE E 92 -21.85 -18.20 24.76
C PHE E 92 -20.49 -17.55 24.52
N ASP E 93 -19.55 -17.76 25.44
CA ASP E 93 -18.23 -17.18 25.31
C ASP E 93 -17.39 -17.95 24.27
N LEU E 94 -17.01 -17.25 23.20
CA LEU E 94 -16.23 -17.88 22.13
C LEU E 94 -14.81 -18.22 22.58
N ALA E 95 -14.28 -17.39 23.46
CA ALA E 95 -12.94 -17.58 23.96
C ALA E 95 -12.67 -18.98 24.49
N TRP E 96 -13.34 -19.33 25.57
CA TRP E 96 -13.10 -20.63 26.16
C TRP E 96 -14.24 -21.60 25.95
N GLN E 97 -15.23 -21.17 25.17
CA GLN E 97 -16.37 -22.02 24.83
C GLN E 97 -17.13 -22.65 26.00
N GLN E 98 -17.77 -21.82 26.78
CA GLN E 98 -18.58 -22.28 27.88
C GLN E 98 -19.64 -21.17 27.95
N GLU E 99 -20.79 -21.46 28.53
CA GLU E 99 -21.80 -20.43 28.61
C GLU E 99 -21.46 -19.44 29.73
N GLU E 100 -21.86 -18.20 29.54
CA GLU E 100 -21.62 -17.19 30.54
C GLU E 100 -22.96 -16.83 31.18
N THR E 101 -23.16 -17.24 32.45
CA THR E 101 -24.42 -16.94 33.14
C THR E 101 -24.50 -15.43 33.31
N ASN E 102 -23.33 -14.81 33.41
CA ASN E 102 -23.18 -13.37 33.59
C ASN E 102 -23.69 -12.85 34.92
N ARG E 103 -23.83 -13.78 35.86
CA ARG E 103 -24.29 -13.43 37.19
C ARG E 103 -23.15 -12.71 37.88
N PHE E 104 -21.95 -12.88 37.35
CA PHE E 104 -20.81 -12.19 37.94
C PHE E 104 -20.51 -11.10 36.94
N GLY E 105 -20.99 -9.90 37.24
CA GLY E 105 -20.77 -8.76 36.36
C GLY E 105 -19.98 -7.61 36.99
N THR E 106 -19.96 -6.49 36.27
CA THR E 106 -19.25 -5.31 36.73
C THR E 106 -19.52 -4.95 38.18
N ASP E 107 -20.78 -4.91 38.60
CA ASP E 107 -21.12 -4.59 39.98
C ASP E 107 -20.46 -5.56 40.98
N GLU E 108 -20.58 -6.84 40.69
CA GLU E 108 -20.02 -7.91 41.52
C GLU E 108 -18.49 -7.83 41.61
N PHE E 109 -17.83 -7.53 40.50
CA PHE E 109 -16.37 -7.42 40.48
C PHE E 109 -15.90 -6.27 41.38
N ILE E 110 -16.46 -5.07 41.20
CA ILE E 110 -16.09 -3.90 42.01
C ILE E 110 -16.34 -4.20 43.48
N GLU E 111 -17.38 -4.96 43.78
CA GLU E 111 -17.67 -5.30 45.16
C GLU E 111 -16.53 -6.16 45.64
N TYR E 112 -16.21 -7.23 44.91
CA TYR E 112 -15.11 -8.11 45.29
C TYR E 112 -13.79 -7.33 45.45
N CYS E 113 -13.62 -6.26 44.68
CA CYS E 113 -12.40 -5.46 44.78
C CYS E 113 -12.46 -4.65 46.04
N ARG E 114 -13.60 -4.04 46.28
CA ARG E 114 -13.81 -3.26 47.47
C ARG E 114 -13.43 -4.13 48.67
N GLU E 115 -14.07 -5.30 48.76
CA GLU E 115 -13.85 -6.27 49.85
C GLU E 115 -12.40 -6.69 50.14
N ILE E 116 -11.57 -6.79 49.11
CA ILE E 116 -10.16 -7.18 49.28
C ILE E 116 -9.22 -5.96 49.20
N GLY E 117 -9.80 -4.78 49.18
CA GLY E 117 -9.00 -3.57 49.14
C GLY E 117 -8.09 -3.41 47.92
N ALA E 118 -8.56 -3.91 46.79
CA ALA E 118 -7.83 -3.83 45.54
C ALA E 118 -8.48 -2.78 44.62
N GLU E 119 -7.62 -2.12 43.85
CA GLU E 119 -8.00 -1.09 42.91
C GLU E 119 -8.39 -1.86 41.66
N PRO E 120 -9.64 -1.68 41.18
CA PRO E 120 -10.05 -2.41 39.99
C PRO E 120 -9.31 -1.94 38.76
N TYR E 121 -8.98 -2.90 37.90
CA TYR E 121 -8.27 -2.70 36.65
C TYR E 121 -9.19 -3.42 35.64
N ILE E 122 -9.98 -2.65 34.91
CA ILE E 122 -10.89 -3.21 33.91
C ILE E 122 -10.29 -3.08 32.51
N SER E 123 -10.55 -4.09 31.67
CA SER E 123 -10.05 -4.04 30.32
C SER E 123 -11.23 -4.11 29.34
N ILE E 124 -11.35 -3.15 28.43
CA ILE E 124 -12.48 -3.12 27.48
C ILE E 124 -12.44 -4.10 26.33
N ASN E 125 -13.56 -4.25 25.65
CA ASN E 125 -13.64 -5.18 24.54
C ASN E 125 -13.40 -4.49 23.20
N MET E 126 -12.28 -4.76 22.54
CA MET E 126 -12.02 -4.16 21.23
C MET E 126 -12.22 -5.15 20.09
N GLY E 127 -12.77 -6.32 20.41
CA GLY E 127 -13.04 -7.32 19.38
C GLY E 127 -14.43 -7.06 18.86
N THR E 128 -15.45 -7.54 19.55
CA THR E 128 -16.83 -7.33 19.12
C THR E 128 -17.45 -6.07 19.71
N GLY E 129 -16.69 -5.40 20.58
CA GLY E 129 -17.16 -4.18 21.20
C GLY E 129 -16.95 -2.94 20.33
N THR E 130 -17.23 -1.75 20.88
CA THR E 130 -17.09 -0.47 20.15
C THR E 130 -16.66 0.67 21.06
N LEU E 131 -16.44 1.82 20.48
CA LEU E 131 -16.01 2.97 21.24
C LEU E 131 -17.17 3.46 22.05
N ASP E 132 -18.35 3.43 21.46
CA ASP E 132 -19.53 3.89 22.19
C ASP E 132 -19.64 3.04 23.46
N GLU E 133 -19.62 1.72 23.26
CA GLU E 133 -19.73 0.76 24.34
C GLU E 133 -18.68 0.96 25.41
N ALA E 134 -17.46 1.25 24.99
CA ALA E 134 -16.39 1.48 25.95
C ALA E 134 -16.70 2.71 26.77
N LEU E 135 -17.00 3.81 26.10
CA LEU E 135 -17.29 5.06 26.78
C LEU E 135 -18.34 4.84 27.88
N HIS E 136 -19.43 4.17 27.51
CA HIS E 136 -20.53 3.88 28.43
C HIS E 136 -20.11 3.12 29.69
N TRP E 137 -19.26 2.11 29.53
CA TRP E 137 -18.78 1.34 30.65
C TRP E 137 -18.03 2.29 31.56
N LEU E 138 -17.28 3.21 30.97
CA LEU E 138 -16.53 4.17 31.76
C LEU E 138 -17.56 5.08 32.45
N GLU E 139 -18.54 5.56 31.70
CA GLU E 139 -19.60 6.42 32.29
C GLU E 139 -20.14 5.70 33.52
N TYR E 140 -20.61 4.45 33.30
CA TYR E 140 -21.19 3.62 34.36
C TYR E 140 -20.31 3.49 35.59
N CYS E 141 -18.99 3.33 35.42
CA CYS E 141 -18.06 3.17 36.55
C CYS E 141 -17.64 4.45 37.21
N ASN E 142 -17.10 5.39 36.45
CA ASN E 142 -16.66 6.67 37.02
C ASN E 142 -17.35 7.99 37.22
N GLY E 143 -17.62 8.70 36.13
CA GLY E 143 -18.34 9.95 36.31
C GLY E 143 -19.59 9.95 37.17
N LYS E 144 -19.91 11.14 37.66
CA LYS E 144 -21.03 11.35 38.55
C LYS E 144 -22.08 12.30 38.05
N GLY E 145 -22.15 12.51 36.73
CA GLY E 145 -23.14 13.43 36.19
C GLY E 145 -24.53 12.81 36.21
N ASN E 146 -25.43 13.31 35.37
CA ASN E 146 -26.77 12.77 35.29
C ASN E 146 -26.94 12.08 33.95
N THR E 147 -25.82 11.59 33.44
CA THR E 147 -25.78 10.88 32.19
C THR E 147 -26.44 9.54 32.44
N TYR E 148 -27.13 9.02 31.44
CA TYR E 148 -27.85 7.74 31.50
C TYR E 148 -27.16 6.60 32.27
N TYR E 149 -25.91 6.34 31.92
CA TYR E 149 -25.16 5.26 32.55
C TYR E 149 -24.68 5.52 33.97
N ALA E 150 -24.53 6.79 34.36
CA ALA E 150 -24.10 7.09 35.73
C ALA E 150 -25.28 6.75 36.64
N GLN E 151 -26.46 7.27 36.27
CA GLN E 151 -27.66 6.99 37.03
C GLN E 151 -27.99 5.52 37.01
N LEU E 152 -27.72 4.82 35.91
CA LEU E 152 -28.00 3.38 35.85
C LEU E 152 -27.20 2.65 36.94
N ARG E 153 -26.00 3.13 37.24
CA ARG E 153 -25.17 2.53 38.29
C ARG E 153 -25.91 2.71 39.62
N ARG E 154 -26.44 3.93 39.86
CA ARG E 154 -27.19 4.25 41.07
C ARG E 154 -28.47 3.43 41.15
N LYS E 155 -29.27 3.46 40.09
CA LYS E 155 -30.50 2.67 40.06
C LYS E 155 -30.19 1.22 40.48
N TYR E 156 -28.99 0.75 40.15
CA TYR E 156 -28.65 -0.62 40.50
C TYR E 156 -27.93 -0.84 41.85
N GLY E 157 -27.51 0.25 42.48
CA GLY E 157 -26.84 0.11 43.76
C GLY E 157 -26.54 1.43 44.42
N HIS E 158 -22.93 2.50 44.87
CA HIS E 158 -23.18 2.39 43.40
C HIS E 158 -24.08 3.55 42.98
N PRO E 159 -24.66 4.72 45.19
CA PRO E 159 -24.81 5.90 44.32
C PRO E 159 -23.48 6.58 44.07
N GLU E 160 -22.47 6.19 44.83
CA GLU E 160 -21.17 6.79 44.64
C GLU E 160 -20.36 6.06 43.54
N PRO E 161 -19.74 6.83 42.62
CA PRO E 161 -18.94 6.29 41.52
C PRO E 161 -17.72 5.45 41.93
N TYR E 162 -17.57 4.28 41.31
CA TYR E 162 -16.47 3.37 41.58
C TYR E 162 -15.09 4.02 41.39
N ASN E 163 -14.93 4.79 40.34
CA ASN E 163 -13.65 5.41 40.04
C ASN E 163 -12.56 4.39 39.68
N VAL E 164 -12.81 3.58 38.67
CA VAL E 164 -11.83 2.60 38.23
C VAL E 164 -10.70 3.43 37.63
N LYS E 165 -9.50 3.25 38.14
CA LYS E 165 -8.35 4.01 37.67
C LYS E 165 -7.54 3.46 36.48
N PHE E 166 -7.57 2.14 36.31
CA PHE E 166 -6.81 1.51 35.24
C PHE E 166 -7.71 0.91 34.17
N TRP E 167 -7.46 1.28 32.92
CA TRP E 167 -8.25 0.73 31.85
C TRP E 167 -7.37 0.09 30.76
N GLY E 168 -7.55 -1.21 30.60
CA GLY E 168 -6.81 -1.97 29.60
C GLY E 168 -7.47 -1.70 28.27
N ILE E 169 -6.74 -1.10 27.37
CA ILE E 169 -7.32 -0.77 26.09
C ILE E 169 -7.18 -1.86 25.06
N GLY E 170 -7.93 -2.94 25.28
CA GLY E 170 -7.89 -4.07 24.38
C GLY E 170 -7.04 -5.16 24.98
N ASN E 171 -7.20 -6.37 24.46
CA ASN E 171 -6.46 -7.52 24.94
C ASN E 171 -5.85 -8.32 23.83
N GLU E 172 -4.53 -8.45 23.89
CA GLU E 172 -3.77 -9.22 22.91
C GLU E 172 -4.36 -9.09 21.51
N MET E 173 -4.78 -7.89 21.16
CA MET E 173 -5.39 -7.65 19.87
C MET E 173 -4.57 -8.11 18.68
N TYR E 174 -3.29 -8.39 18.91
CA TYR E 174 -2.40 -8.83 17.84
C TYR E 174 -2.63 -10.28 17.45
N GLY E 175 -3.03 -11.11 18.41
CA GLY E 175 -3.22 -12.53 18.18
C GLY E 175 -4.32 -13.02 17.28
N GLU E 176 -3.96 -13.95 16.40
CA GLU E 176 -4.93 -14.49 15.47
C GLU E 176 -6.04 -15.20 16.19
N TRP E 177 -5.79 -15.50 17.45
CA TRP E 177 -6.77 -16.20 18.29
C TRP E 177 -7.77 -15.26 18.98
N GLN E 178 -7.46 -13.97 18.98
CA GLN E 178 -8.31 -13.01 19.65
C GLN E 178 -9.49 -12.71 18.76
N VAL E 179 -10.69 -12.66 19.33
CA VAL E 179 -11.85 -12.36 18.52
C VAL E 179 -11.67 -10.91 17.98
N GLY E 180 -11.81 -10.75 16.66
CA GLY E 180 -11.68 -9.45 16.03
C GLY E 180 -10.28 -8.87 16.09
N HIS E 181 -9.28 -9.71 15.92
CA HIS E 181 -7.89 -9.28 15.99
C HIS E 181 -7.59 -8.28 14.91
N MET E 182 -6.69 -7.35 15.22
CA MET E 182 -6.26 -6.28 14.31
C MET E 182 -4.81 -6.35 13.88
N THR E 183 -4.44 -5.48 12.93
CA THR E 183 -3.08 -5.45 12.45
C THR E 183 -2.37 -4.41 13.29
N ALA E 184 -1.06 -4.30 13.11
CA ALA E 184 -0.33 -3.31 13.87
C ALA E 184 -0.99 -1.94 13.65
N ASP E 185 -1.17 -1.51 12.41
CA ASP E 185 -1.77 -0.20 12.19
C ASP E 185 -3.22 -0.05 12.59
N GLU E 186 -4.04 -1.07 12.38
CA GLU E 186 -5.45 -0.99 12.76
C GLU E 186 -5.53 -0.74 14.27
N TYR E 187 -4.90 -1.61 15.07
CA TYR E 187 -4.92 -1.47 16.52
C TYR E 187 -4.24 -0.22 17.00
N ALA E 188 -3.15 0.13 16.35
CA ALA E 188 -2.42 1.30 16.77
C ALA E 188 -3.31 2.51 16.65
N ARG E 189 -3.93 2.72 15.50
CA ARG E 189 -4.76 3.92 15.34
C ARG E 189 -6.00 3.82 16.22
N ALA E 190 -6.46 2.60 16.46
CA ALA E 190 -7.64 2.42 17.30
C ALA E 190 -7.33 2.73 18.77
N ALA E 191 -6.20 2.27 19.25
CA ALA E 191 -5.85 2.51 20.63
C ALA E 191 -5.85 4.00 20.87
N LYS E 192 -5.40 4.79 19.90
CA LYS E 192 -5.41 6.22 20.11
C LYS E 192 -6.84 6.73 20.17
N GLU E 193 -7.71 6.31 19.26
CA GLU E 193 -9.10 6.77 19.31
C GLU E 193 -9.75 6.49 20.66
N TYR E 194 -9.67 5.26 21.16
CA TYR E 194 -10.29 4.93 22.46
C TYR E 194 -9.66 5.74 23.60
N THR E 195 -8.36 5.84 23.62
CA THR E 195 -7.69 6.60 24.66
C THR E 195 -7.90 8.11 24.51
N LYS E 196 -8.01 8.60 23.27
CA LYS E 196 -8.23 10.03 23.02
C LYS E 196 -9.52 10.45 23.74
N TRP E 197 -10.65 9.86 23.34
CA TRP E 197 -11.93 10.13 24.00
C TRP E 197 -11.75 9.28 25.24
N MET E 198 -12.80 8.97 25.98
CA MET E 198 -12.56 8.16 27.20
C MET E 198 -11.78 9.06 28.12
N LYS E 199 -10.65 9.57 27.64
CA LYS E 199 -9.86 10.47 28.46
C LYS E 199 -10.42 11.88 28.41
N VAL E 200 -11.32 12.16 27.48
CA VAL E 200 -11.90 13.51 27.49
C VAL E 200 -12.99 13.47 28.54
N PHE E 201 -13.61 12.30 28.66
CA PHE E 201 -14.68 12.09 29.64
C PHE E 201 -14.09 12.01 31.05
N ASP E 202 -13.02 11.25 31.22
CA ASP E 202 -12.35 11.11 32.50
C ASP E 202 -10.84 11.18 32.32
N PRO E 203 -10.26 12.38 32.39
CA PRO E 203 -8.82 12.67 32.25
C PRO E 203 -7.94 11.92 33.22
N THR E 204 -8.45 11.61 34.39
CA THR E 204 -7.66 10.92 35.40
C THR E 204 -7.25 9.48 35.16
N ILE E 205 -7.93 8.78 34.26
CA ILE E 205 -7.60 7.37 34.05
C ILE E 205 -6.26 7.10 33.40
N LYS E 206 -5.77 5.90 33.66
CA LYS E 206 -4.51 5.44 33.12
C LYS E 206 -4.90 4.38 32.11
N ALA E 207 -4.29 4.46 30.92
CA ALA E 207 -4.58 3.54 29.85
C ALA E 207 -3.40 2.60 29.57
N ILE E 208 -3.73 1.33 29.37
CA ILE E 208 -2.69 0.37 29.08
C ILE E 208 -3.00 -0.11 27.67
N ALA E 209 -2.05 0.08 26.75
CA ALA E 209 -2.24 -0.33 25.35
C ALA E 209 -1.57 -1.65 25.11
N VAL E 210 -2.16 -2.46 24.25
CA VAL E 210 -1.59 -3.77 24.00
C VAL E 210 -0.22 -3.76 23.40
N GLY E 211 0.73 -4.36 24.09
CA GLY E 211 2.06 -4.44 23.54
C GLY E 211 2.30 -5.93 23.40
N CYS E 212 3.41 -6.29 22.77
CA CYS E 212 3.75 -7.71 22.65
C CYS E 212 5.18 -7.88 22.14
N ASP E 213 5.54 -9.05 21.65
CA ASP E 213 6.90 -9.25 21.19
C ASP E 213 7.34 -8.75 19.82
N ASP E 214 6.39 -8.28 19.01
CA ASP E 214 6.71 -7.75 17.68
C ASP E 214 7.13 -6.29 17.86
N PRO E 215 8.39 -5.99 17.57
CA PRO E 215 8.91 -4.62 17.73
C PRO E 215 8.12 -3.59 16.92
N ILE E 216 7.78 -3.97 15.70
CA ILE E 216 7.02 -3.11 14.81
C ILE E 216 5.68 -2.82 15.45
N TRP E 217 5.05 -3.83 16.02
CA TRP E 217 3.78 -3.62 16.67
C TRP E 217 3.93 -2.56 17.76
N ASN E 218 4.73 -2.84 18.78
CA ASN E 218 4.96 -1.91 19.88
C ASN E 218 5.30 -0.52 19.38
N LEU E 219 6.30 -0.45 18.51
CA LEU E 219 6.74 0.82 17.94
C LEU E 219 5.58 1.61 17.26
N ARG E 220 4.69 0.92 16.57
CA ARG E 220 3.59 1.57 15.90
C ARG E 220 2.55 2.02 16.90
N VAL E 221 2.47 1.34 18.04
CA VAL E 221 1.50 1.71 19.05
C VAL E 221 2.05 2.91 19.78
N LEU E 222 3.29 2.83 20.17
CA LEU E 222 3.88 3.94 20.87
C LEU E 222 3.88 5.16 19.97
N GLN E 223 4.15 4.96 18.69
CA GLN E 223 4.20 6.08 17.75
C GLN E 223 2.85 6.77 17.54
N GLU E 224 1.79 6.00 17.51
CA GLU E 224 0.46 6.50 17.30
C GLU E 224 -0.20 7.06 18.55
N ALA E 225 -0.17 6.32 19.64
CA ALA E 225 -0.81 6.75 20.87
C ALA E 225 0.16 7.14 21.98
N GLY E 226 1.42 7.31 21.64
CA GLY E 226 2.41 7.66 22.65
C GLY E 226 2.22 8.95 23.43
N ASP E 227 1.26 9.76 23.01
CA ASP E 227 0.97 11.03 23.68
C ASP E 227 -0.28 10.92 24.57
N VAL E 228 -0.88 9.75 24.64
CA VAL E 228 -2.09 9.62 25.44
C VAL E 228 -2.21 8.34 26.28
N ILE E 229 -1.45 7.31 25.93
CA ILE E 229 -1.52 6.09 26.69
C ILE E 229 -0.55 6.24 27.83
N ASP E 230 -0.68 5.43 28.88
CA ASP E 230 0.22 5.54 30.01
C ASP E 230 1.18 4.37 30.15
N PHE E 231 0.77 3.23 29.59
CA PHE E 231 1.57 2.03 29.63
C PHE E 231 1.42 1.29 28.34
N ILE E 232 2.31 0.32 28.19
CA ILE E 232 2.26 -0.57 27.05
C ILE E 232 2.37 -1.95 27.69
N SER E 233 1.37 -2.75 27.41
CA SER E 233 1.21 -4.09 27.96
C SER E 233 2.24 -5.10 27.46
N TYR E 234 2.70 -5.97 28.36
CA TYR E 234 3.63 -7.03 28.00
C TYR E 234 3.18 -8.33 28.71
N HIS E 235 3.12 -9.41 27.96
CA HIS E 235 2.71 -10.68 28.51
C HIS E 235 3.87 -11.64 28.47
N PHE E 236 4.19 -12.27 29.60
CA PHE E 236 5.30 -13.23 29.69
C PHE E 236 4.93 -14.57 30.30
N TYR E 237 4.94 -15.63 29.50
CA TYR E 237 4.62 -16.98 29.98
C TYR E 237 5.79 -17.91 29.71
N THR E 238 6.36 -18.45 30.77
CA THR E 238 7.52 -19.33 30.68
C THR E 238 7.28 -20.68 31.34
N GLY E 239 8.21 -21.60 31.18
CA GLY E 239 8.04 -22.90 31.79
C GLY E 239 8.77 -24.00 31.06
N SER E 240 9.09 -25.04 31.82
CA SER E 240 9.80 -26.21 31.31
C SER E 240 9.92 -27.20 32.45
N ASP E 241 10.18 -28.46 32.12
CA ASP E 241 10.34 -29.49 33.14
C ASP E 241 11.62 -29.32 33.91
N ASP E 242 12.71 -28.98 33.20
CA ASP E 242 14.01 -28.76 33.83
C ASP E 242 13.94 -27.55 34.77
N TYR E 243 14.40 -27.77 35.99
CA TYR E 243 14.42 -26.75 37.02
C TYR E 243 14.95 -25.41 36.52
N TYR E 244 16.23 -25.42 36.11
CA TYR E 244 16.92 -24.23 35.63
C TYR E 244 16.32 -23.58 34.40
N GLU E 245 15.94 -24.39 33.41
CA GLU E 245 15.31 -23.84 32.23
C GLU E 245 14.15 -22.97 32.69
N THR E 246 13.53 -23.36 33.79
CA THR E 246 12.40 -22.62 34.32
C THR E 246 12.79 -21.40 35.16
N VAL E 247 13.63 -21.59 36.16
CA VAL E 247 13.98 -20.44 36.99
C VAL E 247 14.77 -19.40 36.25
N SER E 248 15.71 -19.83 35.41
CA SER E 248 16.58 -18.90 34.69
C SER E 248 15.88 -17.92 33.76
N THR E 249 14.64 -18.23 33.37
CA THR E 249 13.89 -17.36 32.49
C THR E 249 13.46 -16.09 33.20
N VAL E 250 13.80 -15.94 34.47
CA VAL E 250 13.44 -14.72 35.16
C VAL E 250 14.41 -13.70 34.63
N TYR E 251 15.59 -14.16 34.22
CA TYR E 251 16.54 -13.22 33.71
C TYR E 251 16.33 -12.99 32.23
N LEU E 252 15.52 -13.83 31.58
CA LEU E 252 15.20 -13.63 30.17
C LEU E 252 14.16 -12.49 30.21
N LEU E 253 13.18 -12.61 31.11
CA LEU E 253 12.15 -11.58 31.25
C LEU E 253 12.80 -10.24 31.53
N LYS E 254 13.97 -10.26 32.17
CA LYS E 254 14.68 -9.03 32.46
C LYS E 254 15.09 -8.31 31.18
N GLU E 255 15.71 -9.03 30.25
CA GLU E 255 16.16 -8.44 28.98
C GLU E 255 15.00 -8.07 28.11
N ARG E 256 13.91 -8.84 28.22
CA ARG E 256 12.73 -8.59 27.44
C ARG E 256 12.11 -7.23 27.83
N LEU E 257 11.96 -7.00 29.14
CA LEU E 257 11.39 -5.75 29.61
C LEU E 257 12.31 -4.59 29.19
N ILE E 258 13.61 -4.71 29.43
CA ILE E 258 14.49 -3.60 29.07
C ILE E 258 14.42 -3.36 27.56
N GLY E 259 14.02 -4.39 26.82
CA GLY E 259 13.91 -4.27 25.38
C GLY E 259 12.81 -3.29 25.13
N VAL E 260 11.60 -3.69 25.52
CA VAL E 260 10.43 -2.84 25.41
C VAL E 260 10.71 -1.45 26.00
N LYS E 261 11.48 -1.42 27.07
CA LYS E 261 11.79 -0.14 27.68
C LYS E 261 12.48 0.77 26.68
N LYS E 262 13.54 0.26 26.01
CA LYS E 262 14.28 1.05 25.03
C LYS E 262 13.47 1.47 23.79
N LEU E 263 12.51 0.63 23.37
CA LEU E 263 11.67 0.97 22.23
C LEU E 263 10.98 2.27 22.61
N ILE E 264 10.40 2.35 23.80
CA ILE E 264 9.71 3.57 24.27
C ILE E 264 10.66 4.77 24.21
N ASP E 265 11.90 4.53 24.59
CA ASP E 265 12.86 5.63 24.54
C ASP E 265 13.03 6.17 23.12
N MET E 266 12.76 5.32 22.14
CA MET E 266 12.93 5.68 20.73
C MET E 266 11.75 6.40 20.07
N VAL E 267 10.64 6.59 20.79
CA VAL E 267 9.49 7.29 20.23
C VAL E 267 9.34 8.61 20.99
N ASP E 268 9.91 9.68 20.48
CA ASP E 268 9.85 10.96 21.17
C ASP E 268 8.62 11.26 22.03
N THR E 269 7.41 11.22 21.47
CA THR E 269 6.22 11.52 22.30
C THR E 269 6.06 10.59 23.50
N ALA E 270 6.19 9.30 23.26
CA ALA E 270 6.06 8.31 24.31
C ALA E 270 7.13 8.49 25.37
N ARG E 271 8.33 8.91 24.96
CA ARG E 271 9.41 9.10 25.92
C ARG E 271 9.20 10.36 26.75
N LYS E 272 8.78 11.46 26.11
CA LYS E 272 8.49 12.72 26.82
C LYS E 272 7.51 12.45 27.99
N ARG E 273 6.34 11.90 27.72
CA ARG E 273 5.43 11.54 28.81
C ARG E 273 6.11 10.27 29.35
N GLY E 274 6.11 10.03 30.65
CA GLY E 274 6.77 8.81 31.11
C GLY E 274 6.08 7.47 30.82
N VAL E 275 5.79 7.16 29.56
CA VAL E 275 5.09 5.90 29.25
C VAL E 275 5.84 4.74 29.84
N LYS E 276 5.15 3.85 30.52
CA LYS E 276 5.88 2.76 31.10
C LYS E 276 5.34 1.39 30.76
N ILE E 277 6.01 0.37 31.29
CA ILE E 277 5.59 -0.97 30.99
C ILE E 277 4.62 -1.52 32.01
N ALA E 278 3.58 -2.22 31.55
CA ALA E 278 2.62 -2.83 32.43
C ALA E 278 2.70 -4.31 32.17
N LEU E 279 3.35 -5.08 33.05
CA LEU E 279 3.47 -6.52 32.86
C LEU E 279 2.16 -7.13 33.37
N ASP E 280 1.06 -6.85 32.67
CA ASP E 280 -0.26 -7.33 33.06
C ASP E 280 -0.64 -8.77 32.77
N GLU E 281 0.33 -9.65 32.60
CA GLU E 281 0.00 -11.06 32.41
C GLU E 281 1.35 -11.74 32.50
N TRP E 282 1.51 -12.65 33.46
CA TRP E 282 2.79 -13.31 33.62
C TRP E 282 2.72 -14.43 34.62
N ASN E 283 3.27 -15.58 34.24
CA ASN E 283 3.28 -16.75 35.10
C ASN E 283 3.96 -17.91 34.38
N VAL E 284 4.04 -19.04 35.05
CA VAL E 284 4.63 -20.19 34.41
C VAL E 284 3.45 -20.88 33.75
N TRP E 285 3.66 -21.44 32.58
CA TRP E 285 2.57 -22.11 31.90
C TRP E 285 3.06 -22.94 30.73
N TYR E 286 3.19 -24.25 30.92
CA TYR E 286 3.70 -25.08 29.83
C TYR E 286 3.13 -26.49 29.83
N ARG E 287 2.45 -26.84 30.92
CA ARG E 287 1.90 -28.18 31.08
C ARG E 287 0.50 -28.39 30.51
N VAL E 288 -0.44 -27.55 30.92
CA VAL E 288 -1.82 -27.66 30.49
C VAL E 288 -2.11 -26.75 29.30
N SER E 289 -2.84 -27.26 28.32
CA SER E 289 -3.15 -26.44 27.15
C SER E 289 -4.56 -26.70 26.70
N ASP E 290 -5.50 -26.56 27.62
CA ASP E 290 -6.92 -26.76 27.33
C ASP E 290 -7.58 -25.41 27.63
N ASN E 291 -8.83 -25.45 28.07
CA ASN E 291 -9.58 -24.24 28.43
C ASN E 291 -10.13 -24.17 29.86
N LYS E 292 -9.35 -24.75 30.77
CA LYS E 292 -9.59 -24.79 32.21
C LYS E 292 -8.25 -24.24 32.76
N LEU E 293 -7.18 -24.59 32.04
CA LEU E 293 -5.83 -24.17 32.33
C LEU E 293 -5.46 -24.33 33.78
N GLU E 294 -5.75 -25.49 34.35
CA GLU E 294 -5.44 -25.69 35.74
C GLU E 294 -4.07 -26.32 35.94
N GLU E 295 -3.05 -25.49 35.71
CA GLU E 295 -1.63 -25.82 35.83
C GLU E 295 -1.21 -26.22 37.27
N PRO E 296 -0.58 -27.40 37.41
CA PRO E 296 -0.12 -27.89 38.72
C PRO E 296 1.23 -27.30 39.09
N TYR E 297 1.22 -26.12 39.71
CA TYR E 297 2.46 -25.47 40.08
C TYR E 297 3.19 -26.15 41.22
N ASP E 298 4.51 -26.29 41.07
CA ASP E 298 5.35 -26.88 42.09
C ASP E 298 6.40 -25.85 42.57
N LEU E 299 7.18 -26.21 43.58
CA LEU E 299 8.19 -25.30 44.14
C LEU E 299 9.10 -24.62 43.09
N LYS E 300 9.46 -25.37 42.04
CA LYS E 300 10.30 -24.86 40.95
C LYS E 300 9.71 -23.55 40.47
N ASP E 301 8.45 -23.63 40.05
CA ASP E 301 7.70 -22.48 39.55
C ASP E 301 7.58 -21.41 40.61
N GLY E 302 7.47 -21.81 41.88
CA GLY E 302 7.35 -20.83 42.95
C GLY E 302 8.60 -19.99 43.07
N ILE E 303 9.75 -20.63 42.82
CA ILE E 303 11.02 -19.95 42.88
C ILE E 303 11.10 -18.93 41.76
N PHE E 304 10.62 -19.31 40.59
CA PHE E 304 10.61 -18.39 39.45
C PHE E 304 9.80 -17.14 39.85
N ALA E 305 8.62 -17.39 40.41
CA ALA E 305 7.71 -16.34 40.83
C ALA E 305 8.41 -15.47 41.86
N CYS E 306 9.15 -16.13 42.73
CA CYS E 306 9.88 -15.41 43.74
C CYS E 306 10.87 -14.46 43.05
N GLY E 307 11.63 -15.01 42.10
CA GLY E 307 12.61 -14.22 41.39
C GLY E 307 12.04 -13.02 40.65
N VAL E 308 10.94 -13.25 39.94
CA VAL E 308 10.29 -12.19 39.19
C VAL E 308 9.97 -11.03 40.11
N LEU E 309 9.40 -11.35 41.28
CA LEU E 309 9.04 -10.31 42.25
C LEU E 309 10.25 -9.54 42.70
N VAL E 310 11.38 -10.24 42.85
CA VAL E 310 12.58 -9.55 43.27
C VAL E 310 13.00 -8.60 42.18
N LEU E 311 12.96 -9.09 40.94
CA LEU E 311 13.33 -8.32 39.75
C LEU E 311 12.48 -7.03 39.71
N LEU E 312 11.15 -7.23 39.75
CA LEU E 312 10.20 -6.11 39.71
C LEU E 312 10.46 -5.16 40.86
N GLN E 313 10.87 -5.72 41.99
CA GLN E 313 11.16 -4.94 43.18
C GLN E 313 12.23 -3.90 42.79
N LYS E 314 13.16 -4.31 41.93
CA LYS E 314 14.16 -3.35 41.55
C LYS E 314 14.01 -2.70 40.17
N MET E 315 12.86 -2.91 39.53
CA MET E 315 12.60 -2.29 38.22
C MET E 315 11.26 -1.55 38.17
N SER E 316 10.55 -1.52 39.29
CA SER E 316 9.24 -0.87 39.38
C SER E 316 9.20 0.54 38.81
N ASP E 317 10.37 1.12 38.54
CA ASP E 317 10.40 2.46 37.99
C ASP E 317 10.05 2.44 36.53
N ILE E 318 10.27 1.32 35.83
CA ILE E 318 9.90 1.24 34.42
C ILE E 318 8.75 0.26 34.21
N VAL E 319 8.56 -0.62 35.20
CA VAL E 319 7.48 -1.59 35.16
C VAL E 319 6.69 -1.41 36.44
N PRO E 320 6.04 -0.27 36.63
CA PRO E 320 5.29 -0.06 37.86
C PRO E 320 4.05 -0.92 38.04
N LEU E 321 3.53 -1.49 36.96
CA LEU E 321 2.33 -2.30 37.08
C LEU E 321 2.59 -3.76 36.64
N ALA E 322 2.07 -4.73 37.39
CA ALA E 322 2.28 -6.13 37.04
C ALA E 322 1.20 -6.99 37.62
N ASN E 323 0.77 -7.97 36.84
CA ASN E 323 -0.29 -8.85 37.26
C ASN E 323 -0.02 -10.33 37.03
N LEU E 324 -0.08 -11.12 38.10
CA LEU E 324 0.17 -12.55 38.01
C LEU E 324 -1.10 -13.31 37.65
N ALA E 325 -1.77 -12.87 36.60
CA ALA E 325 -3.00 -13.51 36.16
C ALA E 325 -2.78 -14.99 35.85
N GLN E 326 -3.56 -15.84 36.51
CA GLN E 326 -4.57 -15.38 37.46
C GLN E 326 -4.20 -15.76 38.89
N LEU E 327 -5.21 -15.99 39.71
CA LEU E 327 -4.99 -16.35 41.10
C LEU E 327 -6.16 -17.32 40.95
N VAL E 328 -6.45 -18.10 41.99
CA VAL E 328 -7.54 -19.06 41.92
C VAL E 328 -7.37 -20.15 40.88
N ASN E 329 -8.33 -20.41 39.99
CA ASN E 329 -8.04 -21.55 39.10
C ASN E 329 -7.34 -21.64 37.76
N ALA E 330 -7.65 -20.73 36.85
CA ALA E 330 -7.01 -20.76 35.55
C ALA E 330 -5.58 -20.31 35.78
N LEU E 331 -4.60 -21.19 35.50
CA LEU E 331 -3.20 -20.84 35.71
C LEU E 331 -3.17 -20.25 37.09
N GLY E 332 -4.07 -20.77 37.93
CA GLY E 332 -4.25 -20.30 39.29
C GLY E 332 -3.20 -20.42 40.36
N ALA E 333 -3.11 -19.37 41.16
CA ALA E 333 -2.17 -19.30 42.27
C ALA E 333 -2.79 -20.01 43.47
N ILE E 334 -4.12 -19.97 43.55
CA ILE E 334 -4.90 -20.61 44.63
C ILE E 334 -5.82 -21.67 44.02
N HIS E 335 -5.49 -22.97 44.09
CA HIS E 335 -6.38 -23.97 43.51
C HIS E 335 -7.65 -24.20 44.33
N THR E 336 -8.79 -24.28 43.66
CA THR E 336 -10.05 -24.48 44.35
C THR E 336 -10.66 -25.84 44.12
N GLU E 337 -11.62 -26.17 44.96
CA GLU E 337 -12.35 -27.41 44.84
C GLU E 337 -13.66 -27.12 45.54
N LYS E 338 -14.71 -27.85 45.18
CA LYS E 338 -16.06 -27.71 45.75
C LYS E 338 -16.11 -27.63 47.28
N ASP E 339 -15.14 -28.28 47.94
CA ASP E 339 -15.06 -28.32 49.40
C ASP E 339 -13.78 -27.77 50.06
N GLY E 340 -12.91 -27.11 49.30
CA GLY E 340 -11.71 -26.61 49.91
C GLY E 340 -10.86 -25.68 49.09
N LEU E 341 -9.66 -25.48 49.61
CA LEU E 341 -8.67 -24.61 49.03
C LEU E 341 -7.32 -25.31 49.23
N ILE E 342 -6.33 -24.84 48.49
CA ILE E 342 -4.93 -25.31 48.50
C ILE E 342 -4.12 -24.18 47.89
N LEU E 343 -3.01 -23.86 48.52
CA LEU E 343 -2.15 -22.79 48.03
C LEU E 343 -0.92 -23.35 47.34
N THR E 344 -0.72 -23.00 46.06
CA THR E 344 0.42 -23.47 45.30
C THR E 344 1.64 -22.62 45.62
N PRO E 345 2.84 -23.16 45.37
CA PRO E 345 4.08 -22.44 45.64
C PRO E 345 4.06 -21.04 45.07
N VAL E 346 3.39 -20.84 43.94
CA VAL E 346 3.29 -19.51 43.30
C VAL E 346 2.60 -18.57 44.30
N TYR E 347 1.51 -19.04 44.90
CA TYR E 347 0.80 -18.23 45.89
C TYR E 347 1.75 -17.93 47.04
N LYS E 348 2.47 -18.95 47.48
CA LYS E 348 3.41 -18.78 48.58
C LYS E 348 4.40 -17.64 48.35
N ALA E 349 4.96 -17.62 47.13
CA ALA E 349 5.94 -16.59 46.75
C ALA E 349 5.39 -15.22 47.09
N PHE E 350 4.13 -15.00 46.75
CA PHE E 350 3.53 -13.73 47.06
C PHE E 350 3.34 -13.54 48.55
N GLU E 351 2.85 -14.58 49.23
CA GLU E 351 2.63 -14.50 50.67
C GLU E 351 3.90 -14.00 51.32
N LEU E 352 5.02 -14.58 50.91
CA LEU E 352 6.33 -14.21 51.43
C LEU E 352 6.75 -12.75 51.15
N ILE E 353 6.81 -12.39 49.87
CA ILE E 353 7.26 -11.06 49.52
C ILE E 353 6.33 -9.90 49.79
N VAL E 354 5.03 -10.11 49.69
CA VAL E 354 4.13 -8.98 49.95
C VAL E 354 4.06 -8.57 51.42
N ASN E 355 4.23 -9.55 52.31
CA ASN E 355 4.16 -9.26 53.74
C ASN E 355 5.50 -8.95 54.36
N HIS E 356 6.57 -9.09 53.57
CA HIS E 356 7.94 -8.81 54.02
C HIS E 356 8.72 -8.04 52.96
N SER E 357 8.28 -6.82 52.70
CA SER E 357 8.89 -5.96 51.70
C SER E 357 8.60 -4.49 51.96
N GLY E 358 9.58 -3.63 51.71
CA GLY E 358 9.42 -2.20 51.94
C GLY E 358 8.92 -1.39 50.75
N GLU E 359 8.67 -0.10 50.98
CA GLU E 359 8.15 0.81 49.95
C GLU E 359 9.26 1.53 49.19
N LYS E 360 10.50 1.34 49.61
CA LYS E 360 11.64 1.98 48.96
C LYS E 360 12.78 0.98 48.71
N LEU E 361 13.40 1.04 47.53
CA LEU E 361 14.54 0.17 47.17
C LEU E 361 15.84 0.85 47.65
N VAL E 362 16.70 0.12 48.36
CA VAL E 362 17.94 0.71 48.87
C VAL E 362 19.21 0.11 48.28
N LYS E 363 20.23 0.95 48.07
CA LYS E 363 21.50 0.51 47.47
C LYS E 363 21.70 -0.92 47.92
N THR E 364 21.70 -1.83 46.97
CA THR E 364 21.87 -3.25 47.27
C THR E 364 22.72 -3.75 46.10
N HIS E 365 23.88 -4.34 46.40
CA HIS E 365 24.83 -4.83 45.40
C HIS E 365 25.24 -6.26 45.72
N VAL E 366 24.95 -7.23 44.86
CA VAL E 366 25.30 -8.63 45.13
C VAL E 366 26.40 -9.18 44.19
N GLU E 367 27.03 -10.28 44.58
CA GLU E 367 28.07 -10.87 43.73
C GLU E 367 27.80 -12.37 43.64
N SER E 368 27.34 -12.85 42.49
CA SER E 368 27.06 -14.28 42.32
C SER E 368 27.99 -14.97 41.33
N GLU E 369 27.78 -16.26 41.15
CA GLU E 369 28.62 -17.09 40.28
C GLU E 369 27.39 -17.31 39.38
N THR E 370 27.43 -16.77 38.17
CA THR E 370 26.35 -16.95 37.20
C THR E 370 26.57 -18.17 36.35
N TYR E 371 25.76 -18.32 35.32
CA TYR E 371 25.86 -19.45 34.43
C TYR E 371 25.21 -19.07 33.11
N ASN E 372 25.26 -19.96 32.13
CA ASN E 372 24.62 -19.69 30.85
C ASN E 372 23.67 -20.84 30.65
N ILE E 373 22.58 -20.61 29.93
CA ILE E 373 21.67 -21.71 29.71
C ILE E 373 20.94 -21.68 28.36
N GLU E 374 20.37 -22.81 28.00
CA GLU E 374 19.62 -22.95 26.76
C GLU E 374 18.50 -23.93 27.05
N GLY E 375 17.28 -23.55 26.74
CA GLY E 375 16.20 -24.46 27.01
C GLY E 375 14.96 -24.07 26.26
N VAL E 376 13.87 -24.34 26.82
CA VAL E 376 12.72 -24.17 26.13
C VAL E 376 11.69 -23.54 26.86
N MET E 377 10.75 -22.93 26.21
CA MET E 377 9.79 -22.52 27.09
C MET E 377 8.38 -22.39 27.27
N PHE E 378 7.44 -22.94 26.60
CA PHE E 378 6.24 -22.85 27.25
C PHE E 378 5.43 -23.63 26.57
N ILE E 379 4.20 -23.57 26.66
CA ILE E 379 3.59 -24.61 25.86
C ILE E 379 4.16 -25.15 24.57
N ASN E 380 4.49 -24.24 23.66
CA ASN E 380 5.03 -24.58 22.35
C ASN E 380 6.50 -24.97 22.42
N LYS E 381 7.04 -25.06 23.64
CA LYS E 381 8.45 -25.41 23.85
C LYS E 381 9.37 -24.52 22.99
N MET E 382 9.01 -23.25 22.90
CA MET E 382 9.74 -22.25 22.15
C MET E 382 11.17 -22.24 22.70
N PRO E 383 12.18 -22.20 21.83
CA PRO E 383 13.58 -22.19 22.25
C PRO E 383 14.00 -20.82 22.77
N PHE E 384 14.84 -20.79 23.81
CA PHE E 384 15.32 -19.54 24.40
C PHE E 384 16.69 -19.73 25.03
N SER E 385 17.35 -18.63 25.37
CA SER E 385 18.67 -18.75 26.00
C SER E 385 18.93 -17.53 26.87
N VAL E 386 19.63 -17.77 27.98
CA VAL E 386 19.97 -16.71 28.90
C VAL E 386 21.47 -16.74 29.11
N GLU E 387 22.05 -15.57 29.32
CA GLU E 387 23.47 -15.49 29.51
C GLU E 387 23.79 -14.86 30.85
N ASN E 388 24.66 -15.51 31.61
CA ASN E 388 25.10 -15.03 32.91
C ASN E 388 24.01 -14.79 33.92
N ALA E 389 23.17 -15.80 34.09
CA ALA E 389 22.07 -15.77 35.05
C ALA E 389 22.66 -16.02 36.42
N PRO E 390 22.47 -15.09 37.36
CA PRO E 390 23.02 -15.30 38.69
C PRO E 390 22.43 -16.48 39.45
N PHE E 391 23.26 -17.08 40.30
CA PHE E 391 22.87 -18.23 41.11
C PHE E 391 22.22 -17.66 42.35
N LEU E 392 22.61 -16.41 42.61
CA LEU E 392 22.11 -15.69 43.76
C LEU E 392 21.84 -14.26 43.38
N ASP E 393 20.68 -13.76 43.77
CA ASP E 393 20.31 -12.38 43.51
C ASP E 393 19.51 -11.90 44.72
N ALA E 394 19.39 -10.59 44.90
CA ALA E 394 18.66 -10.06 46.03
C ALA E 394 18.29 -8.59 45.91
N ALA E 395 17.33 -8.18 46.73
CA ALA E 395 16.89 -6.79 46.73
C ALA E 395 16.57 -6.33 48.14
N ALA E 396 17.12 -5.18 48.49
CA ALA E 396 16.89 -4.63 49.82
C ALA E 396 15.91 -3.46 49.81
N SER E 397 14.82 -3.63 50.55
CA SER E 397 13.81 -2.59 50.70
C SER E 397 13.73 -2.07 52.16
N ILE E 398 13.21 -0.86 52.27
CA ILE E 398 13.02 -0.15 53.54
C ILE E 398 11.55 0.25 53.69
N SER E 399 11.01 0.19 54.91
CA SER E 399 9.61 0.58 55.13
C SER E 399 9.48 2.09 54.91
N GLU E 400 8.24 2.55 54.75
CA GLU E 400 8.02 3.97 54.51
C GLU E 400 8.67 4.85 55.58
N ASP E 401 8.38 4.52 56.84
CA ASP E 401 8.88 5.22 58.04
C ASP E 401 10.36 4.98 58.33
N GLY E 402 11.03 4.35 57.38
CA GLY E 402 12.46 4.04 57.49
C GLY E 402 12.97 3.32 58.72
N LYS E 403 12.10 2.60 59.43
CA LYS E 403 12.50 1.90 60.65
C LYS E 403 12.53 0.40 60.50
N LYS E 404 12.45 -0.09 59.27
CA LYS E 404 12.46 -1.54 59.02
C LYS E 404 13.11 -1.90 57.69
N LEU E 405 13.98 -2.91 57.70
CA LEU E 405 14.67 -3.32 56.49
C LEU E 405 14.28 -4.74 56.11
N PHE E 406 14.19 -4.99 54.80
CA PHE E 406 13.89 -6.34 54.29
C PHE E 406 14.91 -6.64 53.24
N ILE E 407 15.61 -7.75 53.41
CA ILE E 407 16.60 -8.13 52.43
C ILE E 407 16.12 -9.44 51.89
N ALA E 408 15.54 -9.38 50.70
CA ALA E 408 15.04 -10.59 50.08
C ALA E 408 16.14 -11.13 49.21
N VAL E 409 16.43 -12.43 49.36
CA VAL E 409 17.45 -13.07 48.57
C VAL E 409 16.94 -14.39 48.05
N VAL E 410 17.44 -14.73 46.87
CA VAL E 410 17.07 -15.97 46.21
C VAL E 410 18.30 -16.76 45.84
N ASN E 411 18.34 -18.00 46.32
CA ASN E 411 19.42 -18.90 46.00
C ASN E 411 18.78 -19.81 44.96
N TYR E 412 19.20 -19.64 43.70
CA TYR E 412 18.72 -20.49 42.61
C TYR E 412 19.29 -21.89 42.73
N ARG E 413 20.56 -21.98 43.12
CA ARG E 413 21.21 -23.28 43.29
C ARG E 413 20.30 -24.41 43.77
N LYS E 414 20.20 -25.47 42.98
CA LYS E 414 19.30 -26.57 43.28
C LYS E 414 19.76 -27.65 44.24
N GLU E 415 21.06 -27.89 44.28
CA GLU E 415 21.60 -28.94 45.13
C GLU E 415 22.74 -28.44 46.01
N ASP E 416 22.63 -27.20 46.49
CA ASP E 416 23.64 -26.66 47.37
C ASP E 416 23.15 -25.51 48.15
N ALA E 417 23.56 -25.43 49.40
CA ALA E 417 23.19 -24.31 50.24
C ALA E 417 24.37 -23.34 50.10
N LEU E 418 24.18 -22.07 50.42
CA LEU E 418 25.29 -21.13 50.28
C LEU E 418 25.42 -20.20 51.47
N LYS E 419 26.65 -20.06 51.98
CA LYS E 419 26.90 -19.25 53.17
C LYS E 419 27.50 -17.85 52.91
N VAL E 420 26.99 -17.17 51.89
CA VAL E 420 27.33 -15.76 51.62
C VAL E 420 27.34 -14.74 52.75
N PRO E 421 28.44 -14.00 52.83
CA PRO E 421 28.62 -12.99 53.85
C PRO E 421 27.87 -11.78 53.43
N ILE E 422 26.76 -11.48 54.10
CA ILE E 422 26.01 -10.28 53.77
C ILE E 422 26.62 -9.15 54.62
N ARG E 423 26.33 -7.90 54.30
CA ARG E 423 26.86 -6.79 55.10
C ARG E 423 25.93 -5.57 54.97
N VAL E 424 25.59 -4.92 56.07
CA VAL E 424 24.70 -3.77 56.03
C VAL E 424 25.36 -2.54 56.66
N GLU E 425 25.82 -1.60 55.83
CA GLU E 425 26.49 -0.40 56.32
C GLU E 425 25.88 0.26 57.58
N GLY E 426 26.65 0.21 58.67
CA GLY E 426 26.27 0.78 59.97
C GLY E 426 25.02 0.21 60.66
N LEU E 427 24.89 -1.11 60.67
CA LEU E 427 23.72 -1.73 61.29
C LEU E 427 23.90 -1.93 62.79
N GLY E 428 24.94 -2.66 63.18
CA GLY E 428 25.17 -2.92 64.60
C GLY E 428 24.57 -4.26 64.98
N GLN E 429 24.43 -4.57 66.26
CA GLN E 429 23.88 -5.88 66.62
C GLN E 429 22.40 -5.86 67.00
N LYS E 430 21.58 -6.44 66.12
CA LYS E 430 20.14 -6.53 66.34
C LYS E 430 19.74 -8.01 66.26
N LYS E 431 18.50 -8.29 66.63
CA LYS E 431 18.00 -9.66 66.62
C LYS E 431 16.93 -9.80 65.54
N ALA E 432 17.36 -9.73 64.28
CA ALA E 432 16.43 -9.86 63.14
C ALA E 432 15.88 -11.28 63.00
N THR E 433 14.77 -11.39 62.26
CA THR E 433 14.12 -12.68 62.03
C THR E 433 14.07 -12.94 60.52
N VAL E 434 14.34 -14.17 60.08
CA VAL E 434 14.30 -14.46 58.64
C VAL E 434 13.20 -15.42 58.24
N TYR E 435 12.38 -14.99 57.30
CA TYR E 435 11.31 -15.86 56.81
C TYR E 435 11.80 -16.44 55.52
N THR E 436 11.90 -17.75 55.46
CA THR E 436 12.37 -18.36 54.25
C THR E 436 11.32 -19.34 53.71
N LEU E 437 11.28 -19.47 52.38
CA LEU E 437 10.32 -20.33 51.71
C LEU E 437 10.99 -21.34 50.83
N THR E 438 10.79 -22.61 51.16
CA THR E 438 11.36 -23.71 50.39
C THR E 438 10.56 -24.97 50.70
N GLY E 439 11.08 -26.13 50.30
CA GLY E 439 10.38 -27.37 50.55
C GLY E 439 11.23 -28.59 50.26
N PRO E 440 10.69 -29.78 50.46
CA PRO E 440 11.39 -31.06 50.23
C PRO E 440 12.33 -31.09 49.00
N ASP E 441 11.74 -30.99 47.82
CA ASP E 441 12.49 -31.02 46.57
C ASP E 441 11.94 -29.95 45.60
N VAL E 442 12.65 -29.75 44.49
CA VAL E 442 12.21 -28.76 43.50
C VAL E 442 10.90 -29.11 42.84
N ASN E 443 10.23 -30.15 43.32
CA ASN E 443 8.95 -30.56 42.74
C ASN E 443 7.89 -30.77 43.80
N ALA E 444 8.17 -30.27 45.00
CA ALA E 444 7.22 -30.38 46.07
C ALA E 444 6.06 -29.46 45.72
N ARG E 445 4.87 -29.82 46.16
CA ARG E 445 3.67 -29.03 45.90
C ARG E 445 2.65 -29.33 47.00
N ASN E 446 1.78 -28.38 47.31
CA ASN E 446 0.80 -28.59 48.37
C ASN E 446 -0.44 -29.29 47.86
N THR E 447 -1.01 -30.17 48.70
CA THR E 447 -2.22 -30.90 48.34
C THR E 447 -3.34 -30.60 49.32
N MET E 448 -4.50 -31.21 49.08
CA MET E 448 -5.64 -31.00 49.94
C MET E 448 -5.30 -31.55 51.34
N GLU E 449 -4.53 -32.62 51.39
CA GLU E 449 -4.15 -33.23 52.65
C GLU E 449 -2.80 -32.73 53.24
N ASN E 450 -1.99 -32.11 52.41
CA ASN E 450 -0.69 -31.58 52.85
C ASN E 450 -0.63 -30.13 52.41
N PRO E 451 -1.50 -29.28 52.98
CA PRO E 451 -1.53 -27.86 52.62
C PRO E 451 -0.28 -27.12 53.09
N ASN E 452 0.75 -27.87 53.48
CA ASN E 452 1.97 -27.24 53.98
C ASN E 452 3.34 -27.77 53.56
N VAL E 453 3.39 -28.66 52.56
CA VAL E 453 4.67 -29.24 52.06
C VAL E 453 5.65 -28.13 51.71
N VAL E 454 5.13 -27.15 50.95
CA VAL E 454 5.90 -25.99 50.55
C VAL E 454 5.31 -24.83 51.39
N ASP E 455 6.13 -24.22 52.25
CA ASP E 455 5.62 -23.15 53.10
C ASP E 455 6.69 -22.14 53.64
N ILE E 456 6.22 -21.10 54.31
CA ILE E 456 7.09 -20.07 54.88
C ILE E 456 7.34 -20.37 56.34
N THR E 457 8.58 -20.20 56.76
CA THR E 457 8.97 -20.48 58.13
C THR E 457 9.91 -19.42 58.67
N SER E 458 9.60 -18.89 59.84
CA SER E 458 10.46 -17.89 60.44
C SER E 458 11.60 -18.60 61.21
N GLU E 459 12.51 -17.80 61.76
CA GLU E 459 13.63 -18.32 62.52
C GLU E 459 14.35 -17.05 62.97
N THR E 460 14.82 -17.01 64.21
CA THR E 460 15.46 -15.78 64.69
C THR E 460 16.97 -15.81 64.49
N ILE E 461 17.55 -14.62 64.40
CA ILE E 461 18.99 -14.46 64.19
C ILE E 461 19.55 -13.20 64.84
N THR E 462 20.84 -13.25 65.12
CA THR E 462 21.54 -12.13 65.67
C THR E 462 22.28 -11.62 64.44
N VAL E 463 22.08 -10.36 64.10
CA VAL E 463 22.76 -9.83 62.94
C VAL E 463 23.63 -8.60 63.31
N ASP E 464 24.66 -8.34 62.51
CA ASP E 464 25.57 -7.21 62.70
C ASP E 464 25.95 -6.57 61.34
N THR E 465 26.60 -5.41 61.43
CA THR E 465 27.05 -4.66 60.26
C THR E 465 27.69 -5.59 59.24
N GLU E 466 28.16 -6.74 59.71
CA GLU E 466 28.76 -7.71 58.84
C GLU E 466 28.44 -9.05 59.44
N PHE E 467 27.92 -9.96 58.65
CA PHE E 467 27.63 -11.30 59.14
C PHE E 467 27.45 -12.31 58.05
N GLU E 468 26.85 -13.45 58.39
CA GLU E 468 26.62 -14.50 57.42
C GLU E 468 25.33 -15.18 57.75
N HIS E 469 24.80 -15.88 56.77
CA HIS E 469 23.56 -16.63 56.94
C HIS E 469 23.56 -17.55 55.75
N THR E 470 23.30 -18.83 55.96
CA THR E 470 23.27 -19.74 54.83
C THR E 470 21.84 -19.86 54.23
N PHE E 471 21.74 -19.86 52.89
CA PHE E 471 20.44 -19.98 52.25
C PHE E 471 20.33 -21.32 51.57
N LYS E 472 19.28 -22.04 51.89
CA LYS E 472 19.08 -23.37 51.34
C LYS E 472 18.96 -23.39 49.82
N PRO E 473 19.14 -24.57 49.22
CA PRO E 473 19.01 -24.64 47.77
C PRO E 473 17.58 -24.29 47.41
N PHE E 474 17.38 -23.85 46.18
CA PHE E 474 16.07 -23.45 45.67
C PHE E 474 15.20 -22.82 46.76
N SER E 475 15.76 -21.82 47.43
CA SER E 475 15.05 -21.14 48.49
C SER E 475 14.98 -19.63 48.24
N CYS E 476 13.97 -19.00 48.80
CA CYS E 476 13.73 -17.56 48.65
C CYS E 476 13.57 -17.07 50.08
N SER E 477 14.44 -16.16 50.52
CA SER E 477 14.38 -15.68 51.89
C SER E 477 14.30 -14.17 52.04
N VAL E 478 13.71 -13.73 53.15
CA VAL E 478 13.61 -12.29 53.46
C VAL E 478 14.08 -12.12 54.90
N ILE E 479 15.27 -11.55 55.04
CA ILE E 479 15.81 -11.29 56.36
C ILE E 479 15.20 -9.97 56.79
N GLU E 480 14.36 -10.04 57.81
CA GLU E 480 13.69 -8.85 58.31
C GLU E 480 14.40 -8.36 59.57
N VAL E 481 15.07 -7.22 59.42
CA VAL E 481 15.85 -6.62 60.49
C VAL E 481 15.38 -5.22 60.86
N GLU E 482 16.25 -4.54 61.64
CA GLU E 482 16.04 -3.19 62.18
C GLU E 482 14.76 -3.15 63.05
N SER F 2 -22.19 -38.18 -37.33
CA SER F 2 -22.42 -39.53 -36.72
C SER F 2 -22.40 -39.43 -35.18
N TYR F 3 -23.59 -39.62 -34.57
CA TYR F 3 -23.69 -39.60 -33.12
C TYR F 3 -23.85 -41.04 -32.58
N ARG F 4 -23.55 -41.24 -31.30
CA ARG F 4 -23.67 -42.55 -30.68
C ARG F 4 -23.32 -42.48 -29.20
N ILE F 5 -24.11 -43.10 -28.33
CA ILE F 5 -23.80 -43.10 -26.90
C ILE F 5 -23.66 -44.55 -26.39
N VAL F 6 -22.81 -44.77 -25.39
CA VAL F 6 -22.54 -46.10 -24.86
C VAL F 6 -22.55 -46.12 -23.33
N VAL F 7 -23.44 -46.88 -22.70
CA VAL F 7 -23.50 -46.93 -21.24
C VAL F 7 -23.03 -48.25 -20.69
N ASP F 8 -22.36 -48.26 -19.53
CA ASP F 8 -21.95 -49.54 -18.92
C ASP F 8 -22.38 -49.52 -17.46
N PRO F 9 -23.64 -49.90 -17.21
CA PRO F 9 -24.21 -49.92 -15.85
C PRO F 9 -23.35 -50.61 -14.79
N LYS F 10 -22.48 -51.50 -15.24
CA LYS F 10 -21.64 -52.26 -14.33
C LYS F 10 -20.54 -51.38 -13.73
N GLU F 11 -20.19 -50.29 -14.40
CA GLU F 11 -19.11 -49.43 -13.94
C GLU F 11 -19.54 -48.08 -13.31
N VAL F 12 -19.64 -48.04 -11.98
CA VAL F 12 -20.01 -46.79 -11.32
C VAL F 12 -18.82 -45.85 -11.36
N VAL F 13 -19.06 -44.60 -11.68
CA VAL F 13 -18.00 -43.61 -11.75
C VAL F 13 -17.89 -42.81 -10.43
N LYS F 14 -19.01 -42.31 -9.96
CA LYS F 14 -19.00 -41.57 -8.73
C LYS F 14 -20.42 -41.31 -8.24
N PRO F 15 -20.54 -40.90 -6.99
CA PRO F 15 -21.92 -40.66 -6.59
C PRO F 15 -22.42 -39.37 -7.25
N ILE F 16 -23.70 -39.08 -7.10
CA ILE F 16 -24.27 -37.83 -7.62
C ILE F 16 -24.83 -37.15 -6.36
N SER F 17 -24.17 -36.07 -5.96
CA SER F 17 -24.58 -35.33 -4.80
C SER F 17 -26.05 -34.94 -5.00
N ARG F 18 -26.92 -35.49 -4.16
CA ARG F 18 -28.35 -35.21 -4.25
C ARG F 18 -28.71 -33.73 -4.16
N HIS F 19 -27.74 -32.91 -3.74
CA HIS F 19 -27.99 -31.48 -3.59
C HIS F 19 -27.71 -30.65 -4.82
N ILE F 20 -27.53 -31.28 -5.97
CA ILE F 20 -27.28 -30.50 -7.17
C ILE F 20 -28.63 -29.97 -7.66
N TYR F 21 -29.73 -30.52 -7.14
CA TYR F 21 -31.07 -30.09 -7.54
C TYR F 21 -31.71 -29.10 -6.57
N GLY F 22 -30.89 -28.40 -5.80
CA GLY F 22 -31.39 -27.44 -4.83
C GLY F 22 -31.98 -26.16 -5.40
N HIS F 23 -32.81 -25.51 -4.61
CA HIS F 23 -33.47 -24.27 -5.04
C HIS F 23 -33.23 -23.09 -4.12
N PHE F 24 -33.55 -21.92 -4.64
CA PHE F 24 -33.34 -20.68 -3.91
C PHE F 24 -34.64 -19.89 -3.80
N THR F 25 -34.85 -19.25 -2.65
CA THR F 25 -36.05 -18.45 -2.42
C THR F 25 -35.74 -17.27 -1.49
N GLU F 26 -35.50 -16.12 -2.07
CA GLU F 26 -35.19 -14.91 -1.30
C GLU F 26 -36.37 -13.94 -1.30
N HIS F 27 -36.22 -12.84 -0.57
CA HIS F 27 -37.26 -11.83 -0.49
C HIS F 27 -37.13 -10.80 -1.60
N LEU F 28 -37.61 -11.14 -2.80
CA LEU F 28 -37.54 -10.26 -3.94
C LEU F 28 -38.86 -10.25 -4.68
N GLY F 29 -39.46 -9.08 -4.91
CA GLY F 29 -40.73 -9.09 -5.62
C GLY F 29 -41.78 -10.02 -4.98
N ARG F 30 -42.36 -10.89 -5.81
CA ARG F 30 -43.38 -11.81 -5.31
C ARG F 30 -42.91 -13.24 -5.04
N CYS F 31 -41.64 -13.46 -4.78
CA CYS F 31 -41.14 -14.82 -4.52
C CYS F 31 -41.66 -15.35 -3.20
N ILE F 32 -41.64 -14.53 -2.17
CA ILE F 32 -42.16 -14.92 -0.87
C ILE F 32 -43.63 -14.49 -0.79
N TYR F 33 -43.85 -13.18 -0.65
CA TYR F 33 -45.21 -12.65 -0.56
C TYR F 33 -45.98 -12.67 -1.88
N GLY F 34 -46.90 -13.62 -1.98
CA GLY F 34 -47.68 -13.76 -3.20
C GLY F 34 -47.18 -14.89 -4.07
N GLY F 35 -46.22 -15.63 -3.50
CA GLY F 35 -45.63 -16.74 -4.21
C GLY F 35 -45.81 -18.00 -3.41
N ILE F 36 -44.95 -18.25 -2.43
CA ILE F 36 -45.07 -19.45 -1.59
C ILE F 36 -45.87 -19.11 -0.36
N TYR F 37 -45.92 -17.81 -0.07
CA TYR F 37 -46.62 -17.30 1.10
C TYR F 37 -47.63 -16.22 0.71
N GLU F 38 -48.90 -16.45 1.05
CA GLU F 38 -49.98 -15.50 0.76
C GLU F 38 -51.00 -15.63 1.89
N GLU F 39 -50.83 -14.85 2.96
CA GLU F 39 -51.74 -14.93 4.10
C GLU F 39 -53.21 -14.72 3.78
N GLY F 40 -54.05 -15.57 4.37
CA GLY F 40 -55.49 -15.50 4.20
C GLY F 40 -56.02 -15.55 2.78
N SER F 41 -55.30 -16.20 1.87
CA SER F 41 -55.79 -16.30 0.51
C SER F 41 -56.63 -17.57 0.46
N PRO F 42 -57.50 -17.69 -0.56
CA PRO F 42 -58.33 -18.89 -0.65
C PRO F 42 -57.47 -20.11 -1.02
N LEU F 43 -56.37 -19.89 -1.74
CA LEU F 43 -55.49 -20.99 -2.15
C LEU F 43 -54.42 -21.30 -1.11
N SER F 44 -54.28 -20.43 -0.11
CA SER F 44 -53.27 -20.64 0.91
C SER F 44 -53.85 -21.41 2.08
N ASP F 45 -53.00 -22.13 2.78
CA ASP F 45 -53.42 -22.94 3.92
C ASP F 45 -53.32 -22.20 5.26
N GLU F 46 -53.27 -23.02 6.30
CA GLU F 46 -53.19 -22.57 7.67
C GLU F 46 -52.11 -21.59 7.97
N ARG F 47 -50.89 -21.99 7.68
CA ARG F 47 -49.74 -21.14 7.94
C ARG F 47 -49.47 -20.15 6.81
N GLY F 48 -50.42 -19.99 5.90
CA GLY F 48 -50.24 -19.04 4.79
C GLY F 48 -49.50 -19.53 3.56
N PHE F 49 -49.27 -20.83 3.46
CA PHE F 49 -48.55 -21.38 2.33
C PHE F 49 -49.51 -21.72 1.20
N ARG F 50 -49.19 -21.28 -0.01
CA ARG F 50 -50.07 -21.61 -1.14
C ARG F 50 -50.05 -23.11 -1.27
N LYS F 51 -51.24 -23.71 -1.25
CA LYS F 51 -51.33 -25.14 -1.37
C LYS F 51 -51.01 -25.56 -2.79
N ASP F 52 -51.38 -24.73 -3.77
CA ASP F 52 -51.10 -25.06 -5.17
C ASP F 52 -49.61 -24.97 -5.53
N VAL F 53 -48.91 -24.09 -4.84
CA VAL F 53 -47.49 -23.93 -5.03
C VAL F 53 -46.81 -25.05 -4.22
N LEU F 54 -47.33 -25.28 -3.00
CA LEU F 54 -46.81 -26.29 -2.11
C LEU F 54 -46.74 -27.68 -2.77
N GLU F 55 -47.68 -27.98 -3.67
CA GLU F 55 -47.66 -29.28 -4.37
C GLU F 55 -46.57 -29.31 -5.43
N ALA F 56 -46.60 -28.34 -6.34
CA ALA F 56 -45.62 -28.23 -7.41
C ALA F 56 -44.21 -28.33 -6.84
N VAL F 57 -44.02 -27.80 -5.64
CA VAL F 57 -42.72 -27.82 -4.98
C VAL F 57 -42.38 -29.21 -4.45
N LYS F 58 -43.37 -29.90 -3.92
CA LYS F 58 -43.12 -31.24 -3.38
C LYS F 58 -42.87 -32.20 -4.53
N ARG F 59 -43.50 -31.93 -5.66
CA ARG F 59 -43.37 -32.79 -6.85
C ARG F 59 -41.94 -32.88 -7.39
N ILE F 60 -41.11 -31.89 -7.10
CA ILE F 60 -39.74 -31.94 -7.59
C ILE F 60 -39.35 -31.89 -6.11
N LYS F 61 -38.84 -33.02 -5.65
CA LYS F 61 -38.35 -33.18 -4.27
C LYS F 61 -37.17 -32.25 -4.11
N VAL F 62 -37.43 -31.03 -3.66
CA VAL F 62 -36.34 -30.11 -3.38
C VAL F 62 -35.49 -30.66 -2.23
N PRO F 63 -34.13 -30.74 -2.41
CA PRO F 63 -33.14 -31.24 -1.45
C PRO F 63 -32.78 -30.31 -0.31
N ASN F 64 -32.60 -29.04 -0.68
CA ASN F 64 -32.18 -27.97 0.20
C ASN F 64 -32.65 -26.67 -0.41
N LEU F 65 -33.07 -25.73 0.45
CA LEU F 65 -33.57 -24.46 -0.03
C LEU F 65 -32.82 -23.29 0.57
N ARG F 66 -32.36 -22.38 -0.30
CA ARG F 66 -31.62 -21.20 0.14
C ARG F 66 -32.58 -20.05 0.51
N TRP F 67 -32.21 -19.29 1.53
CA TRP F 67 -33.03 -18.18 2.04
C TRP F 67 -32.19 -17.40 3.08
N PRO F 68 -32.51 -16.11 3.34
CA PRO F 68 -33.56 -15.23 2.81
C PRO F 68 -33.17 -14.54 1.52
N GLY F 69 -31.97 -14.81 1.05
CA GLY F 69 -31.62 -14.20 -0.20
C GLY F 69 -30.22 -13.98 -0.64
N GLY F 70 -30.18 -13.14 -1.66
CA GLY F 70 -28.98 -12.68 -2.29
C GLY F 70 -29.00 -11.26 -1.80
N ASN F 71 -29.00 -10.32 -2.72
CA ASN F 71 -28.99 -8.92 -2.35
C ASN F 71 -29.80 -8.59 -1.09
N PHE F 72 -31.03 -9.08 -0.98
CA PHE F 72 -31.86 -8.78 0.18
C PHE F 72 -31.14 -8.93 1.51
N VAL F 73 -30.61 -10.12 1.76
CA VAL F 73 -29.98 -10.40 3.03
C VAL F 73 -28.94 -9.40 3.51
N SER F 74 -28.32 -8.68 2.59
CA SER F 74 -27.27 -7.75 3.02
C SER F 74 -27.70 -6.55 3.85
N ASN F 75 -28.98 -6.48 4.19
CA ASN F 75 -29.45 -5.40 5.02
C ASN F 75 -30.60 -5.93 5.86
N TYR F 76 -30.67 -7.26 5.93
CA TYR F 76 -31.71 -7.97 6.69
C TYR F 76 -31.24 -8.39 8.08
N HIS F 77 -31.99 -8.01 9.12
CA HIS F 77 -31.60 -8.43 10.46
C HIS F 77 -32.61 -9.51 10.89
N TRP F 78 -32.13 -10.73 10.91
CA TRP F 78 -32.98 -11.87 11.21
C TRP F 78 -33.90 -11.72 12.41
N GLU F 79 -33.52 -10.88 13.37
CA GLU F 79 -34.34 -10.70 14.56
C GLU F 79 -35.70 -10.01 14.34
N ASP F 80 -35.90 -9.43 13.15
CA ASP F 80 -37.19 -8.78 12.90
C ASP F 80 -38.15 -9.76 12.24
N GLY F 81 -37.75 -11.03 12.16
CA GLY F 81 -38.58 -12.07 11.56
C GLY F 81 -38.98 -13.15 12.56
N ILE F 82 -38.70 -12.91 13.84
CA ILE F 82 -39.06 -13.87 14.84
C ILE F 82 -40.07 -13.27 15.82
N GLY F 83 -40.52 -14.10 16.75
CA GLY F 83 -41.49 -13.65 17.73
C GLY F 83 -42.85 -13.58 17.09
N PRO F 84 -43.91 -13.33 17.87
CA PRO F 84 -45.25 -13.25 17.29
C PRO F 84 -45.20 -12.25 16.15
N LYS F 85 -46.02 -12.46 15.12
CA LYS F 85 -46.08 -11.55 13.97
C LYS F 85 -46.77 -10.32 14.56
N ASP F 86 -47.22 -9.40 13.71
CA ASP F 86 -47.96 -8.26 14.29
C ASP F 86 -46.98 -7.32 15.02
N GLN F 87 -46.12 -7.86 15.89
CA GLN F 87 -45.13 -7.06 16.65
C GLN F 87 -43.74 -6.96 15.94
N ARG F 88 -43.70 -7.56 14.74
CA ARG F 88 -42.48 -7.56 13.93
C ARG F 88 -42.43 -6.26 13.15
N PRO F 89 -41.35 -5.50 13.35
CA PRO F 89 -41.17 -4.22 12.68
C PRO F 89 -41.24 -4.29 11.16
N VAL F 90 -41.81 -3.24 10.57
CA VAL F 90 -41.90 -3.17 9.13
C VAL F 90 -40.73 -2.31 8.73
N ARG F 91 -39.79 -2.92 8.02
CA ARG F 91 -38.57 -2.23 7.60
C ARG F 91 -38.61 -1.99 6.10
N PHE F 92 -37.67 -1.17 5.65
CA PHE F 92 -37.58 -0.87 4.23
C PHE F 92 -36.35 -1.53 3.65
N ASP F 93 -36.58 -2.51 2.77
CA ASP F 93 -35.50 -3.24 2.13
C ASP F 93 -34.84 -2.41 1.05
N LEU F 94 -33.57 -2.11 1.23
CA LEU F 94 -32.84 -1.30 0.27
C LEU F 94 -32.60 -2.03 -1.04
N ALA F 95 -32.43 -3.35 -0.96
CA ALA F 95 -32.17 -4.17 -2.12
C ALA F 95 -33.18 -3.99 -3.25
N TRP F 96 -34.44 -4.31 -2.98
CA TRP F 96 -35.42 -4.20 -4.04
C TRP F 96 -36.41 -3.07 -3.82
N GLN F 97 -36.19 -2.33 -2.74
CA GLN F 97 -37.01 -1.18 -2.44
C GLN F 97 -38.50 -1.46 -2.31
N GLN F 98 -38.87 -2.21 -1.29
CA GLN F 98 -40.27 -2.47 -1.03
C GLN F 98 -40.26 -2.67 0.47
N GLU F 99 -41.39 -2.56 1.15
CA GLU F 99 -41.39 -2.71 2.59
C GLU F 99 -41.39 -4.19 2.97
N GLU F 100 -40.78 -4.50 4.09
CA GLU F 100 -40.73 -5.87 4.51
C GLU F 100 -41.63 -5.99 5.71
N THR F 101 -42.77 -6.65 5.57
CA THR F 101 -43.70 -6.83 6.70
C THR F 101 -43.00 -7.69 7.77
N ASN F 102 -42.11 -8.56 7.29
CA ASN F 102 -41.33 -9.50 8.11
C ASN F 102 -42.14 -10.60 8.78
N ARG F 103 -43.34 -10.78 8.26
CA ARG F 103 -44.25 -11.78 8.75
C ARG F 103 -43.73 -13.14 8.32
N PHE F 104 -42.84 -13.14 7.33
CA PHE F 104 -42.23 -14.38 6.88
C PHE F 104 -40.80 -14.33 7.38
N GLY F 105 -40.56 -14.93 8.54
CA GLY F 105 -39.25 -14.91 9.14
C GLY F 105 -38.63 -16.28 9.28
N THR F 106 -37.53 -16.33 10.04
CA THR F 106 -36.81 -17.57 10.27
C THR F 106 -37.68 -18.77 10.62
N ASP F 107 -38.59 -18.60 11.58
CA ASP F 107 -39.48 -19.67 12.01
C ASP F 107 -40.30 -20.19 10.86
N GLU F 108 -40.91 -19.28 10.13
CA GLU F 108 -41.74 -19.62 8.97
C GLU F 108 -40.99 -20.36 7.84
N PHE F 109 -39.75 -19.91 7.59
CA PHE F 109 -38.92 -20.51 6.56
C PHE F 109 -38.64 -21.95 6.96
N ILE F 110 -38.11 -22.17 8.16
CA ILE F 110 -37.83 -23.54 8.60
C ILE F 110 -39.05 -24.44 8.52
N GLU F 111 -40.21 -23.85 8.82
CA GLU F 111 -41.43 -24.62 8.76
C GLU F 111 -41.62 -25.00 7.32
N TYR F 112 -41.63 -24.01 6.40
CA TYR F 112 -41.81 -24.32 4.98
C TYR F 112 -40.80 -25.39 4.48
N CYS F 113 -39.60 -25.41 5.08
CA CYS F 113 -38.58 -26.39 4.68
C CYS F 113 -39.02 -27.74 5.17
N ARG F 114 -39.37 -27.77 6.46
CA ARG F 114 -39.83 -29.00 7.09
C ARG F 114 -40.90 -29.62 6.19
N GLU F 115 -41.95 -28.86 5.89
CA GLU F 115 -43.07 -29.31 5.05
C GLU F 115 -42.71 -29.88 3.66
N ILE F 116 -41.70 -29.32 2.99
CA ILE F 116 -41.32 -29.85 1.68
C ILE F 116 -40.13 -30.80 1.76
N GLY F 117 -39.71 -31.11 2.99
CA GLY F 117 -38.58 -32.03 3.21
C GLY F 117 -37.25 -31.56 2.67
N ALA F 118 -37.03 -30.26 2.75
CA ALA F 118 -35.79 -29.68 2.28
C ALA F 118 -34.92 -29.26 3.49
N GLU F 119 -33.61 -29.33 3.29
CA GLU F 119 -32.64 -28.97 4.29
C GLU F 119 -32.42 -27.47 4.13
N PRO F 120 -32.67 -26.68 5.18
CA PRO F 120 -32.51 -25.23 5.08
C PRO F 120 -31.09 -24.82 4.85
N TYR F 121 -30.92 -23.81 4.01
CA TYR F 121 -29.62 -23.25 3.66
C TYR F 121 -29.86 -21.76 3.90
N ILE F 122 -29.35 -21.26 5.04
CA ILE F 122 -29.50 -19.87 5.40
C ILE F 122 -28.22 -19.11 5.07
N SER F 123 -28.34 -17.86 4.65
CA SER F 123 -27.17 -17.05 4.33
C SER F 123 -27.20 -15.82 5.20
N ILE F 124 -26.14 -15.54 5.94
CA ILE F 124 -26.12 -14.37 6.84
C ILE F 124 -25.91 -13.03 6.17
N ASN F 125 -26.09 -11.96 6.94
CA ASN F 125 -25.92 -10.58 6.46
C ASN F 125 -24.55 -9.98 6.81
N MET F 126 -23.71 -9.83 5.81
CA MET F 126 -22.40 -9.24 6.05
C MET F 126 -22.33 -7.80 5.57
N GLY F 127 -23.48 -7.23 5.28
CA GLY F 127 -23.53 -5.85 4.85
C GLY F 127 -23.74 -4.99 6.08
N THR F 128 -24.97 -4.87 6.52
CA THR F 128 -25.26 -4.08 7.71
C THR F 128 -25.25 -4.94 8.96
N GLY F 129 -25.09 -6.26 8.79
CA GLY F 129 -25.07 -7.18 9.92
C GLY F 129 -23.72 -7.25 10.59
N THR F 130 -23.56 -8.12 11.59
CA THR F 130 -22.27 -8.25 12.30
C THR F 130 -21.96 -9.71 12.66
N LEU F 131 -20.81 -9.92 13.29
CA LEU F 131 -20.42 -11.26 13.71
C LEU F 131 -21.30 -11.68 14.90
N ASP F 132 -21.55 -10.75 15.82
CA ASP F 132 -22.39 -11.05 16.98
C ASP F 132 -23.75 -11.49 16.44
N GLU F 133 -24.31 -10.68 15.57
CA GLU F 133 -25.60 -10.99 15.00
C GLU F 133 -25.59 -12.34 14.30
N ALA F 134 -24.56 -12.64 13.53
CA ALA F 134 -24.53 -13.92 12.85
C ALA F 134 -24.57 -15.06 13.87
N LEU F 135 -23.65 -15.02 14.83
CA LEU F 135 -23.56 -16.05 15.86
C LEU F 135 -24.93 -16.34 16.49
N HIS F 136 -25.62 -15.28 16.87
CA HIS F 136 -26.92 -15.38 17.48
C HIS F 136 -27.89 -16.14 16.62
N TRP F 137 -27.94 -15.82 15.34
CA TRP F 137 -28.84 -16.50 14.41
C TRP F 137 -28.54 -18.01 14.42
N LEU F 138 -27.26 -18.35 14.44
CA LEU F 138 -26.84 -19.72 14.50
C LEU F 138 -27.29 -20.28 15.88
N GLU F 139 -27.09 -19.52 16.95
CA GLU F 139 -27.54 -19.97 18.29
C GLU F 139 -29.02 -20.32 18.21
N TYR F 140 -29.80 -19.36 17.74
CA TYR F 140 -31.23 -19.52 17.60
C TYR F 140 -31.61 -20.73 16.76
N CYS F 141 -30.91 -21.06 15.69
CA CYS F 141 -31.29 -22.22 14.87
C CYS F 141 -30.80 -23.58 15.36
N ASN F 142 -29.50 -23.68 15.57
CA ASN F 142 -28.89 -24.91 16.04
C ASN F 142 -28.67 -25.40 17.47
N GLY F 143 -27.67 -24.86 18.15
CA GLY F 143 -27.48 -25.31 19.52
C GLY F 143 -28.67 -25.49 20.45
N LYS F 144 -28.47 -26.35 21.43
CA LYS F 144 -29.50 -26.69 22.38
C LYS F 144 -29.16 -26.38 23.83
N GLY F 145 -28.22 -25.47 24.06
CA GLY F 145 -27.85 -25.13 25.43
C GLY F 145 -28.93 -24.28 26.08
N ASN F 146 -28.57 -23.53 27.12
CA ASN F 146 -29.55 -22.66 27.77
C ASN F 146 -29.16 -21.23 27.49
N THR F 147 -28.54 -21.03 26.34
CA THR F 147 -28.12 -19.72 25.90
C THR F 147 -29.38 -18.94 25.50
N TYR F 148 -29.35 -17.64 25.73
CA TYR F 148 -30.48 -16.78 25.44
C TYR F 148 -31.27 -17.09 24.13
N TYR F 149 -30.55 -17.17 23.02
CA TYR F 149 -31.18 -17.41 21.73
C TYR F 149 -31.70 -18.78 21.49
N ALA F 150 -31.17 -19.77 22.19
CA ALA F 150 -31.66 -21.13 22.00
C ALA F 150 -33.03 -21.16 22.65
N GLN F 151 -33.11 -20.64 23.87
CA GLN F 151 -34.37 -20.61 24.61
C GLN F 151 -35.37 -19.72 23.91
N LEU F 152 -34.86 -18.68 23.24
CA LEU F 152 -35.76 -17.80 22.54
C LEU F 152 -36.46 -18.60 21.45
N ARG F 153 -35.77 -19.54 20.80
CA ARG F 153 -36.41 -20.36 19.76
C ARG F 153 -37.55 -21.18 20.38
N ARG F 154 -37.30 -21.73 21.57
CA ARG F 154 -38.30 -22.52 22.31
C ARG F 154 -39.47 -21.64 22.73
N LYS F 155 -39.17 -20.53 23.42
CA LYS F 155 -40.23 -19.61 23.85
C LYS F 155 -41.20 -19.34 22.69
N TYR F 156 -40.68 -19.32 21.47
CA TYR F 156 -41.49 -19.04 20.29
C TYR F 156 -42.09 -20.22 19.56
N GLY F 157 -41.67 -21.44 19.90
CA GLY F 157 -42.21 -22.61 19.23
C GLY F 157 -41.80 -23.94 19.83
N HIS F 158 -39.57 -26.29 17.81
CA HIS F 158 -38.81 -25.01 17.99
C HIS F 158 -38.35 -24.92 19.43
N PRO F 159 -39.43 -26.94 20.58
CA PRO F 159 -38.29 -26.81 21.49
C PRO F 159 -37.05 -27.46 20.93
N GLU F 160 -37.23 -28.28 19.89
CA GLU F 160 -36.10 -28.96 19.26
C GLU F 160 -35.39 -28.06 18.21
N PRO F 161 -34.03 -27.95 18.30
CA PRO F 161 -33.20 -27.15 17.39
C PRO F 161 -33.32 -27.56 15.93
N TYR F 162 -33.48 -26.58 15.05
CA TYR F 162 -33.62 -26.79 13.61
C TYR F 162 -32.43 -27.54 13.01
N ASN F 163 -31.21 -27.16 13.42
CA ASN F 163 -30.00 -27.76 12.89
C ASN F 163 -29.78 -27.44 11.41
N VAL F 164 -29.70 -26.15 11.10
CA VAL F 164 -29.48 -25.70 9.73
C VAL F 164 -28.05 -26.08 9.41
N LYS F 165 -27.88 -26.93 8.41
CA LYS F 165 -26.56 -27.42 8.03
C LYS F 165 -25.71 -26.56 7.10
N PHE F 166 -26.36 -25.77 6.25
CA PHE F 166 -25.66 -24.90 5.30
C PHE F 166 -25.76 -23.40 5.62
N TRP F 167 -24.62 -22.75 5.74
CA TRP F 167 -24.62 -21.32 6.00
C TRP F 167 -23.84 -20.55 4.95
N GLY F 168 -24.56 -19.72 4.20
CA GLY F 168 -23.93 -18.90 3.19
C GLY F 168 -23.26 -17.74 3.90
N ILE F 169 -21.96 -17.61 3.78
CA ILE F 169 -21.24 -16.55 4.48
C ILE F 169 -21.10 -15.26 3.71
N GLY F 170 -22.21 -14.55 3.63
CA GLY F 170 -22.28 -13.28 2.93
C GLY F 170 -22.86 -13.53 1.56
N ASN F 171 -23.30 -12.46 0.90
CA ASN F 171 -23.86 -12.59 -0.44
C ASN F 171 -23.32 -11.60 -1.45
N GLU F 172 -22.71 -12.14 -2.51
CA GLU F 172 -22.13 -11.31 -3.57
C GLU F 172 -21.43 -10.06 -3.02
N MET F 173 -20.78 -10.20 -1.86
CA MET F 173 -20.06 -9.09 -1.18
C MET F 173 -19.08 -8.29 -2.05
N TYR F 174 -18.75 -8.81 -3.22
CA TYR F 174 -17.84 -8.18 -4.17
C TYR F 174 -18.52 -7.07 -4.96
N GLY F 175 -19.82 -7.19 -5.17
CA GLY F 175 -20.56 -6.23 -5.97
C GLY F 175 -20.79 -4.85 -5.44
N GLU F 176 -20.58 -3.86 -6.30
CA GLU F 176 -20.78 -2.50 -5.88
C GLU F 176 -22.26 -2.27 -5.55
N TRP F 177 -23.11 -3.20 -5.97
CA TRP F 177 -24.54 -3.07 -5.70
C TRP F 177 -24.98 -3.67 -4.36
N GLN F 178 -24.09 -4.42 -3.71
CA GLN F 178 -24.38 -5.06 -2.44
C GLN F 178 -24.23 -4.06 -1.31
N VAL F 179 -25.21 -4.04 -0.42
CA VAL F 179 -25.12 -3.10 0.67
C VAL F 179 -23.87 -3.47 1.45
N GLY F 180 -23.04 -2.48 1.76
CA GLY F 180 -21.83 -2.73 2.52
C GLY F 180 -20.85 -3.62 1.82
N HIS F 181 -20.71 -3.46 0.51
CA HIS F 181 -19.79 -4.31 -0.24
C HIS F 181 -18.35 -4.13 0.21
N MET F 182 -17.57 -5.20 0.13
CA MET F 182 -16.16 -5.19 0.55
C MET F 182 -15.14 -5.42 -0.57
N THR F 183 -13.86 -5.27 -0.26
CA THR F 183 -12.83 -5.50 -1.27
C THR F 183 -12.45 -6.94 -1.15
N ALA F 184 -11.60 -7.42 -2.06
CA ALA F 184 -11.19 -8.82 -1.97
C ALA F 184 -10.58 -9.09 -0.60
N ASP F 185 -9.64 -8.26 -0.15
CA ASP F 185 -9.05 -8.53 1.16
C ASP F 185 -9.96 -8.30 2.33
N GLU F 186 -10.85 -7.33 2.25
CA GLU F 186 -11.78 -7.06 3.35
C GLU F 186 -12.63 -8.29 3.58
N TYR F 187 -13.34 -8.71 2.53
CA TYR F 187 -14.20 -9.90 2.57
C TYR F 187 -13.44 -11.20 2.89
N ALA F 188 -12.26 -11.32 2.27
CA ALA F 188 -11.49 -12.49 2.49
C ALA F 188 -11.20 -12.64 3.97
N ARG F 189 -10.65 -11.62 4.61
CA ARG F 189 -10.31 -11.76 6.02
C ARG F 189 -11.55 -11.87 6.87
N ALA F 190 -12.65 -11.29 6.41
CA ALA F 190 -13.90 -11.36 7.16
C ALA F 190 -14.50 -12.75 7.08
N ALA F 191 -14.54 -13.34 5.89
CA ALA F 191 -15.10 -14.66 5.75
C ALA F 191 -14.40 -15.62 6.71
N LYS F 192 -13.09 -15.45 6.90
CA LYS F 192 -12.42 -16.34 7.81
C LYS F 192 -12.97 -16.07 9.23
N GLU F 193 -13.03 -14.82 9.66
CA GLU F 193 -13.55 -14.52 11.01
C GLU F 193 -14.94 -15.10 11.31
N TYR F 194 -15.88 -14.93 10.37
CA TYR F 194 -17.20 -15.48 10.58
C TYR F 194 -17.17 -16.98 10.59
N THR F 195 -16.42 -17.57 9.68
CA THR F 195 -16.34 -19.01 9.62
C THR F 195 -15.57 -19.57 10.79
N LYS F 196 -14.51 -18.87 11.25
CA LYS F 196 -13.68 -19.32 12.38
C LYS F 196 -14.55 -19.56 13.61
N TRP F 197 -15.20 -18.51 14.12
CA TRP F 197 -16.12 -18.67 15.25
C TRP F 197 -17.32 -19.21 14.52
N MET F 198 -18.51 -19.26 15.09
CA MET F 198 -19.62 -19.84 14.31
C MET F 198 -19.31 -21.35 14.30
N LYS F 199 -18.16 -21.72 13.74
CA LYS F 199 -17.77 -23.12 13.73
C LYS F 199 -17.21 -23.56 15.08
N VAL F 200 -16.87 -22.63 15.96
CA VAL F 200 -16.41 -23.08 17.28
C VAL F 200 -17.71 -23.42 18.02
N PHE F 201 -18.76 -22.66 17.72
CA PHE F 201 -20.06 -22.88 18.33
C PHE F 201 -20.72 -24.14 17.77
N ASP F 202 -20.71 -24.29 16.45
CA ASP F 202 -21.29 -25.48 15.83
C ASP F 202 -20.40 -25.99 14.70
N PRO F 203 -19.43 -26.84 15.06
CA PRO F 203 -18.45 -27.48 14.18
C PRO F 203 -19.03 -28.24 13.00
N THR F 204 -20.25 -28.71 13.14
CA THR F 204 -20.88 -29.49 12.07
C THR F 204 -21.31 -28.71 10.82
N ILE F 205 -21.44 -27.39 10.91
CA ILE F 205 -21.93 -26.65 9.75
C ILE F 205 -20.99 -26.54 8.59
N LYS F 206 -21.60 -26.39 7.42
CA LYS F 206 -20.87 -26.24 6.18
C LYS F 206 -20.95 -24.76 5.83
N ALA F 207 -19.83 -24.15 5.49
CA ALA F 207 -19.82 -22.74 5.13
C ALA F 207 -19.56 -22.52 3.65
N ILE F 208 -20.32 -21.61 3.06
CA ILE F 208 -20.15 -21.29 1.65
C ILE F 208 -19.65 -19.84 1.60
N ALA F 209 -18.46 -19.66 1.05
CA ALA F 209 -17.88 -18.32 1.00
C ALA F 209 -18.19 -17.71 -0.36
N VAL F 210 -18.27 -16.37 -0.42
CA VAL F 210 -18.57 -15.74 -1.68
C VAL F 210 -17.47 -15.79 -2.68
N GLY F 211 -17.76 -16.38 -3.82
CA GLY F 211 -16.75 -16.45 -4.86
C GLY F 211 -17.37 -15.76 -6.02
N CYS F 212 -16.60 -15.50 -7.07
CA CYS F 212 -17.18 -14.86 -8.26
C CYS F 212 -16.28 -15.05 -9.46
N ASP F 213 -16.37 -14.19 -10.46
CA ASP F 213 -15.52 -14.32 -11.62
C ASP F 213 -14.10 -13.70 -11.57
N ASP F 214 -13.80 -12.94 -10.50
CA ASP F 214 -12.49 -12.32 -10.33
C ASP F 214 -11.57 -13.37 -9.71
N PRO F 215 -10.58 -13.83 -10.49
CA PRO F 215 -9.63 -14.83 -10.00
C PRO F 215 -8.98 -14.41 -8.71
N ILE F 216 -8.56 -13.13 -8.65
CA ILE F 216 -7.88 -12.61 -7.46
C ILE F 216 -8.79 -12.68 -6.27
N TRP F 217 -10.07 -12.37 -6.48
CA TRP F 217 -11.02 -12.45 -5.37
C TRP F 217 -11.02 -13.88 -4.83
N ASN F 218 -11.49 -14.82 -5.66
CA ASN F 218 -11.56 -16.22 -5.28
C ASN F 218 -10.27 -16.64 -4.61
N LEU F 219 -9.17 -16.44 -5.30
CA LEU F 219 -7.85 -16.80 -4.78
C LEU F 219 -7.52 -16.25 -3.38
N ARG F 220 -7.98 -15.02 -3.12
CA ARG F 220 -7.71 -14.39 -1.86
C ARG F 220 -8.63 -14.92 -0.77
N VAL F 221 -9.77 -15.42 -1.20
CA VAL F 221 -10.73 -15.99 -0.25
C VAL F 221 -10.22 -17.37 0.12
N LEU F 222 -9.93 -18.17 -0.89
CA LEU F 222 -9.44 -19.51 -0.63
C LEU F 222 -8.16 -19.42 0.16
N GLN F 223 -7.33 -18.44 -0.16
CA GLN F 223 -6.07 -18.30 0.53
C GLN F 223 -6.22 -17.95 1.99
N GLU F 224 -7.25 -17.18 2.28
CA GLU F 224 -7.47 -16.73 3.64
C GLU F 224 -8.29 -17.70 4.48
N ALA F 225 -9.40 -18.17 3.94
CA ALA F 225 -10.26 -19.04 4.70
C ALA F 225 -10.27 -20.47 4.19
N GLY F 226 -9.31 -20.83 3.34
CA GLY F 226 -9.26 -22.19 2.78
C GLY F 226 -9.16 -23.37 3.74
N ASP F 227 -8.89 -23.06 5.00
CA ASP F 227 -8.78 -24.09 6.02
C ASP F 227 -10.04 -24.18 6.86
N VAL F 228 -11.06 -23.36 6.58
CA VAL F 228 -12.30 -23.43 7.37
C VAL F 228 -13.59 -23.37 6.60
N ILE F 229 -13.55 -22.89 5.38
CA ILE F 229 -14.78 -22.86 4.60
C ILE F 229 -14.97 -24.22 3.92
N ASP F 230 -16.16 -24.53 3.45
CA ASP F 230 -16.36 -25.82 2.80
C ASP F 230 -16.62 -25.70 1.29
N PHE F 231 -17.12 -24.54 0.91
CA PHE F 231 -17.40 -24.27 -0.48
C PHE F 231 -17.02 -22.83 -0.80
N ILE F 232 -17.05 -22.55 -2.09
CA ILE F 232 -16.81 -21.24 -2.59
C ILE F 232 -17.98 -21.10 -3.57
N SER F 233 -18.79 -20.08 -3.34
CA SER F 233 -19.97 -19.80 -4.14
C SER F 233 -19.69 -19.35 -5.58
N TYR F 234 -20.53 -19.78 -6.53
CA TYR F 234 -20.38 -19.31 -7.91
C TYR F 234 -21.76 -18.97 -8.46
N HIS F 235 -21.91 -17.82 -9.08
CA HIS F 235 -23.21 -17.45 -9.60
C HIS F 235 -23.14 -17.40 -11.12
N PHE F 236 -24.06 -18.08 -11.81
CA PHE F 236 -24.08 -18.09 -13.26
C PHE F 236 -25.43 -17.71 -13.85
N TYR F 237 -25.51 -16.57 -14.54
CA TYR F 237 -26.74 -16.16 -15.17
C TYR F 237 -26.50 -15.99 -16.66
N THR F 238 -27.25 -16.73 -17.48
CA THR F 238 -27.07 -16.64 -18.94
C THR F 238 -28.37 -16.36 -19.69
N GLY F 239 -28.28 -16.16 -21.00
CA GLY F 239 -29.48 -15.87 -21.73
C GLY F 239 -29.25 -15.06 -22.99
N SER F 240 -30.16 -15.25 -23.94
CA SER F 240 -30.10 -14.56 -25.21
C SER F 240 -31.34 -14.96 -26.01
N ASP F 241 -31.69 -14.17 -27.00
CA ASP F 241 -32.84 -14.47 -27.82
C ASP F 241 -32.55 -15.67 -28.71
N ASP F 242 -31.37 -15.71 -29.33
CA ASP F 242 -31.01 -16.80 -30.20
C ASP F 242 -30.97 -18.08 -29.39
N TYR F 243 -31.63 -19.11 -29.91
CA TYR F 243 -31.71 -20.41 -29.28
C TYR F 243 -30.37 -20.94 -28.79
N TYR F 244 -29.47 -21.10 -29.75
CA TYR F 244 -28.14 -21.63 -29.48
C TYR F 244 -27.30 -20.79 -28.53
N GLU F 245 -27.29 -19.49 -28.74
CA GLU F 245 -26.54 -18.62 -27.86
C GLU F 245 -26.94 -18.94 -26.42
N THR F 246 -28.20 -19.36 -26.24
CA THR F 246 -28.70 -19.68 -24.92
C THR F 246 -28.36 -21.09 -24.46
N VAL F 247 -28.66 -22.10 -25.28
CA VAL F 247 -28.40 -23.44 -24.83
C VAL F 247 -26.93 -23.69 -24.74
N SER F 248 -26.15 -23.18 -25.69
CA SER F 248 -24.72 -23.47 -25.71
C SER F 248 -23.93 -23.00 -24.51
N THR F 249 -24.50 -22.07 -23.74
CA THR F 249 -23.79 -21.56 -22.56
C THR F 249 -23.76 -22.57 -21.42
N VAL F 250 -24.33 -23.75 -21.64
CA VAL F 250 -24.28 -24.74 -20.58
C VAL F 250 -22.86 -25.28 -20.62
N TYR F 251 -22.25 -25.19 -21.81
CA TYR F 251 -20.88 -25.65 -21.96
C TYR F 251 -19.87 -24.54 -21.63
N LEU F 252 -20.37 -23.32 -21.49
CA LEU F 252 -19.53 -22.22 -21.06
C LEU F 252 -19.46 -22.42 -19.53
N LEU F 253 -20.60 -22.63 -18.88
CA LEU F 253 -20.63 -22.85 -17.44
C LEU F 253 -19.74 -24.02 -17.07
N LYS F 254 -19.53 -24.92 -18.02
CA LYS F 254 -18.67 -26.08 -17.77
C LYS F 254 -17.24 -25.61 -17.50
N GLU F 255 -16.68 -24.87 -18.45
CA GLU F 255 -15.31 -24.36 -18.34
C GLU F 255 -15.14 -23.43 -17.15
N ARG F 256 -16.19 -22.66 -16.85
CA ARG F 256 -16.17 -21.70 -15.74
C ARG F 256 -16.00 -22.43 -14.42
N LEU F 257 -16.78 -23.47 -14.22
CA LEU F 257 -16.70 -24.27 -13.02
C LEU F 257 -15.33 -24.95 -12.93
N ILE F 258 -14.85 -25.55 -14.01
CA ILE F 258 -13.53 -26.22 -13.96
C ILE F 258 -12.45 -25.18 -13.69
N GLY F 259 -12.75 -23.92 -14.06
CA GLY F 259 -11.81 -22.84 -13.84
C GLY F 259 -11.67 -22.71 -12.33
N VAL F 260 -12.75 -22.27 -11.68
CA VAL F 260 -12.79 -22.12 -10.22
C VAL F 260 -12.22 -23.34 -9.48
N LYS F 261 -12.53 -24.51 -10.02
CA LYS F 261 -12.07 -25.77 -9.47
C LYS F 261 -10.54 -25.75 -9.42
N LYS F 262 -9.91 -25.44 -10.55
CA LYS F 262 -8.45 -25.39 -10.59
C LYS F 262 -7.85 -24.32 -9.66
N LEU F 263 -8.56 -23.21 -9.44
CA LEU F 263 -8.04 -22.18 -8.56
C LEU F 263 -7.94 -22.85 -7.20
N ILE F 264 -8.98 -23.53 -6.78
CA ILE F 264 -8.94 -24.23 -5.51
C ILE F 264 -7.73 -25.15 -5.42
N ASP F 265 -7.46 -25.87 -6.50
CA ASP F 265 -6.32 -26.78 -6.51
C ASP F 265 -5.03 -26.00 -6.22
N MET F 266 -4.98 -24.73 -6.61
CA MET F 266 -3.78 -23.93 -6.42
C MET F 266 -3.53 -23.31 -5.03
N VAL F 267 -4.44 -23.55 -4.10
CA VAL F 267 -4.28 -23.02 -2.75
C VAL F 267 -4.14 -24.21 -1.82
N ASP F 268 -2.91 -24.55 -1.46
CA ASP F 268 -2.63 -25.69 -0.60
C ASP F 268 -3.65 -26.01 0.48
N THR F 269 -3.91 -25.08 1.42
CA THR F 269 -4.88 -25.41 2.45
C THR F 269 -6.27 -25.79 1.90
N ALA F 270 -6.80 -25.00 0.96
CA ALA F 270 -8.11 -25.27 0.35
C ALA F 270 -8.13 -26.59 -0.38
N ARG F 271 -7.04 -26.97 -1.01
CA ARG F 271 -7.00 -28.23 -1.74
C ARG F 271 -6.94 -29.39 -0.77
N LYS F 272 -6.14 -29.25 0.30
CA LYS F 272 -6.01 -30.30 1.31
C LYS F 272 -7.39 -30.67 1.82
N ARG F 273 -8.15 -29.72 2.38
CA ARG F 273 -9.52 -30.01 2.80
C ARG F 273 -10.25 -30.03 1.46
N GLY F 274 -11.22 -30.90 1.26
CA GLY F 274 -11.87 -30.91 -0.04
C GLY F 274 -12.80 -29.76 -0.35
N VAL F 275 -12.36 -28.51 -0.20
CA VAL F 275 -13.23 -27.37 -0.50
C VAL F 275 -13.84 -27.53 -1.87
N LYS F 276 -15.15 -27.35 -1.98
CA LYS F 276 -15.76 -27.51 -3.30
C LYS F 276 -16.57 -26.36 -3.81
N ILE F 277 -17.12 -26.49 -4.99
CA ILE F 277 -17.87 -25.39 -5.55
C ILE F 277 -19.33 -25.51 -5.18
N ALA F 278 -19.95 -24.37 -4.88
CA ALA F 278 -21.37 -24.31 -4.58
C ALA F 278 -22.04 -23.35 -5.62
N LEU F 279 -22.69 -23.91 -6.63
CA LEU F 279 -23.33 -23.11 -7.66
C LEU F 279 -24.66 -22.68 -7.03
N ASP F 280 -24.58 -21.86 -5.99
CA ASP F 280 -25.80 -21.43 -5.31
C ASP F 280 -26.65 -20.33 -5.95
N GLU F 281 -26.56 -20.15 -7.27
CA GLU F 281 -27.37 -19.14 -7.95
C GLU F 281 -27.10 -19.44 -9.41
N TRP F 282 -28.14 -19.74 -10.16
CA TRP F 282 -27.95 -20.05 -11.58
C TRP F 282 -29.22 -20.25 -12.34
N ASN F 283 -29.36 -19.55 -13.47
CA ASN F 283 -30.56 -19.64 -14.29
C ASN F 283 -30.41 -18.76 -15.52
N VAL F 284 -31.46 -18.70 -16.33
CA VAL F 284 -31.44 -17.85 -17.49
C VAL F 284 -31.98 -16.54 -16.98
N TRP F 285 -31.45 -15.43 -17.49
CA TRP F 285 -31.92 -14.13 -17.05
C TRP F 285 -31.38 -13.07 -17.97
N TYR F 286 -32.18 -12.54 -18.86
CA TYR F 286 -31.64 -11.54 -19.75
C TYR F 286 -32.79 -10.55 -19.88
N ARG F 287 -33.96 -11.04 -20.29
CA ARG F 287 -35.11 -10.17 -20.50
C ARG F 287 -35.61 -9.04 -19.57
N VAL F 288 -35.88 -9.40 -18.32
CA VAL F 288 -36.39 -8.45 -17.33
C VAL F 288 -35.24 -7.92 -16.52
N SER F 289 -35.27 -6.62 -16.25
CA SER F 289 -34.22 -6.01 -15.44
C SER F 289 -34.79 -4.95 -14.50
N ASP F 290 -35.79 -5.36 -13.71
CA ASP F 290 -36.43 -4.48 -12.74
C ASP F 290 -36.19 -5.12 -11.37
N ASN F 291 -37.16 -4.96 -10.46
CA ASN F 291 -37.08 -5.53 -9.11
C ASN F 291 -38.27 -6.43 -8.70
N LYS F 292 -38.78 -7.13 -9.72
CA LYS F 292 -39.85 -8.12 -9.61
C LYS F 292 -39.20 -9.33 -10.30
N LEU F 293 -38.41 -9.02 -11.33
CA LEU F 293 -37.67 -10.03 -12.08
C LEU F 293 -38.50 -11.21 -12.51
N GLU F 294 -39.67 -10.95 -13.07
CA GLU F 294 -40.50 -12.07 -13.47
C GLU F 294 -40.29 -12.48 -14.93
N GLU F 295 -39.16 -13.14 -15.14
CA GLU F 295 -38.71 -13.61 -16.44
C GLU F 295 -39.63 -14.65 -17.05
N PRO F 296 -40.07 -14.41 -18.32
CA PRO F 296 -40.96 -15.33 -19.04
C PRO F 296 -40.15 -16.44 -19.71
N TYR F 297 -39.85 -17.50 -18.96
CA TYR F 297 -39.07 -18.61 -19.47
C TYR F 297 -39.83 -19.40 -20.49
N ASP F 298 -39.15 -19.79 -21.58
CA ASP F 298 -39.74 -20.59 -22.64
C ASP F 298 -38.95 -21.91 -22.80
N LEU F 299 -39.41 -22.80 -23.68
CA LEU F 299 -38.75 -24.09 -23.91
C LEU F 299 -37.22 -24.00 -24.10
N LYS F 300 -36.76 -22.98 -24.83
CA LYS F 300 -35.32 -22.73 -25.08
C LYS F 300 -34.60 -22.79 -23.75
N ASP F 301 -35.03 -21.93 -22.84
CA ASP F 301 -34.45 -21.86 -21.50
C ASP F 301 -34.60 -23.18 -20.72
N GLY F 302 -35.73 -23.88 -20.89
CA GLY F 302 -35.92 -25.16 -20.22
C GLY F 302 -34.85 -26.18 -20.61
N ILE F 303 -34.47 -26.17 -21.89
CA ILE F 303 -33.44 -27.05 -22.42
C ILE F 303 -32.11 -26.71 -21.78
N PHE F 304 -31.80 -25.43 -21.64
CA PHE F 304 -30.56 -25.04 -21.00
C PHE F 304 -30.52 -25.62 -19.57
N ALA F 305 -31.64 -25.47 -18.84
CA ALA F 305 -31.77 -25.95 -17.47
C ALA F 305 -31.60 -27.43 -17.49
N CYS F 306 -32.17 -28.06 -18.51
CA CYS F 306 -32.05 -29.50 -18.65
C CYS F 306 -30.56 -29.86 -18.78
N GLY F 307 -29.86 -29.18 -19.70
CA GLY F 307 -28.45 -29.42 -19.91
C GLY F 307 -27.62 -29.24 -18.65
N VAL F 308 -27.82 -28.12 -17.96
CA VAL F 308 -27.10 -27.84 -16.72
C VAL F 308 -27.19 -29.02 -15.74
N LEU F 309 -28.41 -29.50 -15.49
CA LEU F 309 -28.64 -30.62 -14.60
C LEU F 309 -27.90 -31.88 -15.03
N VAL F 310 -27.79 -32.08 -16.35
CA VAL F 310 -27.05 -33.22 -16.88
C VAL F 310 -25.57 -33.04 -16.58
N LEU F 311 -25.09 -31.81 -16.75
CA LEU F 311 -23.70 -31.46 -16.47
C LEU F 311 -23.39 -31.72 -14.98
N LEU F 312 -24.20 -31.13 -14.09
CA LEU F 312 -24.03 -31.30 -12.63
C LEU F 312 -24.09 -32.76 -12.27
N GLN F 313 -24.99 -33.48 -12.96
CA GLN F 313 -25.16 -34.90 -12.72
C GLN F 313 -23.77 -35.55 -12.84
N LYS F 314 -22.97 -35.11 -13.81
CA LYS F 314 -21.64 -35.68 -13.97
C LYS F 314 -20.49 -34.87 -13.39
N MET F 315 -20.80 -33.84 -12.61
CA MET F 315 -19.73 -33.07 -11.99
C MET F 315 -19.96 -32.89 -10.51
N SER F 316 -21.04 -33.50 -9.98
CA SER F 316 -21.39 -33.38 -8.57
C SER F 316 -20.27 -33.66 -7.59
N ASP F 317 -19.14 -34.16 -8.09
CA ASP F 317 -18.01 -34.42 -7.22
C ASP F 317 -17.25 -33.12 -6.87
N ILE F 318 -17.29 -32.12 -7.74
CA ILE F 318 -16.60 -30.86 -7.46
C ILE F 318 -17.65 -29.76 -7.21
N VAL F 319 -18.85 -29.94 -7.73
CA VAL F 319 -19.95 -28.98 -7.56
C VAL F 319 -21.09 -29.74 -6.90
N PRO F 320 -20.91 -30.16 -5.65
CA PRO F 320 -21.96 -30.91 -4.96
C PRO F 320 -23.22 -30.14 -4.59
N LEU F 321 -23.11 -28.83 -4.51
CA LEU F 321 -24.26 -28.02 -4.13
C LEU F 321 -24.65 -27.06 -5.25
N ALA F 322 -25.95 -27.01 -5.58
CA ALA F 322 -26.43 -26.11 -6.65
C ALA F 322 -27.87 -25.63 -6.40
N ASN F 323 -28.13 -24.38 -6.72
CA ASN F 323 -29.46 -23.79 -6.54
C ASN F 323 -29.92 -23.01 -7.76
N LEU F 324 -31.24 -22.90 -7.91
CA LEU F 324 -31.82 -22.17 -9.03
C LEU F 324 -31.91 -20.68 -8.72
N ALA F 325 -32.55 -20.34 -7.61
CA ALA F 325 -32.71 -18.95 -7.20
C ALA F 325 -33.33 -17.89 -8.09
N GLN F 326 -34.65 -17.89 -8.17
CA GLN F 326 -35.47 -18.86 -7.45
C GLN F 326 -36.60 -19.59 -8.17
N LEU F 327 -37.41 -20.31 -7.41
CA LEU F 327 -38.53 -21.06 -7.97
C LEU F 327 -39.77 -20.29 -8.46
N VAL F 328 -40.49 -19.63 -7.54
CA VAL F 328 -41.88 -19.27 -7.77
C VAL F 328 -41.92 -17.96 -8.58
N ASN F 329 -41.52 -16.81 -8.06
CA ASN F 329 -41.70 -15.66 -8.95
C ASN F 329 -40.51 -14.88 -9.50
N ALA F 330 -39.58 -14.54 -8.62
CA ALA F 330 -38.40 -13.81 -9.03
C ALA F 330 -37.58 -14.75 -9.86
N LEU F 331 -37.38 -14.46 -11.15
CA LEU F 331 -36.61 -15.37 -12.01
C LEU F 331 -37.17 -16.75 -11.75
N GLY F 332 -38.46 -16.75 -11.39
CA GLY F 332 -39.17 -17.95 -11.02
C GLY F 332 -39.39 -19.14 -11.94
N ALA F 333 -39.31 -20.31 -11.32
CA ALA F 333 -39.51 -21.59 -11.97
C ALA F 333 -41.01 -21.90 -12.02
N ILE F 334 -41.70 -21.43 -10.98
CA ILE F 334 -43.14 -21.60 -10.84
C ILE F 334 -43.82 -20.22 -10.83
N HIS F 335 -44.42 -19.76 -11.93
CA HIS F 335 -45.07 -18.43 -11.89
C HIS F 335 -46.39 -18.44 -11.10
N THR F 336 -46.59 -17.42 -10.29
CA THR F 336 -47.80 -17.35 -9.47
C THR F 336 -48.72 -16.22 -9.92
N GLU F 337 -49.95 -16.30 -9.46
CA GLU F 337 -50.97 -15.28 -9.72
C GLU F 337 -51.93 -15.44 -8.55
N LYS F 338 -52.62 -14.36 -8.18
CA LYS F 338 -53.59 -14.35 -7.08
C LYS F 338 -54.56 -15.57 -7.03
N ASP F 339 -54.88 -16.11 -8.20
CA ASP F 339 -55.81 -17.23 -8.37
C ASP F 339 -55.27 -18.52 -9.01
N GLY F 340 -53.96 -18.59 -9.31
CA GLY F 340 -53.44 -19.80 -9.93
C GLY F 340 -51.95 -20.03 -9.91
N LEU F 341 -51.55 -21.02 -10.68
CA LEU F 341 -50.15 -21.41 -10.80
C LEU F 341 -49.98 -21.65 -12.27
N ILE F 342 -48.73 -21.89 -12.66
CA ILE F 342 -48.32 -22.18 -14.04
C ILE F 342 -46.86 -22.59 -13.89
N LEU F 343 -46.50 -23.67 -14.57
CA LEU F 343 -45.15 -24.19 -14.50
C LEU F 343 -44.39 -23.86 -15.77
N THR F 344 -43.25 -23.16 -15.65
CA THR F 344 -42.42 -22.80 -16.80
C THR F 344 -41.51 -23.95 -17.18
N PRO F 345 -41.05 -23.97 -18.44
CA PRO F 345 -40.17 -25.02 -18.95
C PRO F 345 -39.01 -25.27 -18.01
N VAL F 346 -38.58 -24.25 -17.27
CA VAL F 346 -37.48 -24.43 -16.34
C VAL F 346 -37.95 -25.35 -15.21
N TYR F 347 -39.17 -25.13 -14.73
CA TYR F 347 -39.70 -25.98 -13.69
C TYR F 347 -39.77 -27.41 -14.22
N LYS F 348 -40.24 -27.57 -15.46
CA LYS F 348 -40.39 -28.90 -16.09
C LYS F 348 -39.08 -29.69 -16.10
N ALA F 349 -38.01 -29.02 -16.52
CA ALA F 349 -36.71 -29.64 -16.58
C ALA F 349 -36.45 -30.35 -15.26
N PHE F 350 -36.77 -29.71 -14.14
CA PHE F 350 -36.55 -30.34 -12.84
C PHE F 350 -37.50 -31.46 -12.62
N GLU F 351 -38.77 -31.26 -13.01
CA GLU F 351 -39.75 -32.31 -12.83
C GLU F 351 -39.23 -33.58 -13.49
N LEU F 352 -38.74 -33.43 -14.73
CA LEU F 352 -38.20 -34.56 -15.50
C LEU F 352 -36.96 -35.24 -14.88
N ILE F 353 -35.89 -34.48 -14.64
CA ILE F 353 -34.69 -35.09 -14.09
C ILE F 353 -34.72 -35.49 -12.60
N VAL F 354 -35.46 -34.79 -11.74
CA VAL F 354 -35.42 -35.17 -10.33
C VAL F 354 -36.18 -36.44 -10.07
N ASN F 355 -37.20 -36.69 -10.87
CA ASN F 355 -38.01 -37.90 -10.71
C ASN F 355 -37.53 -39.11 -11.55
N HIS F 356 -36.54 -38.91 -12.44
CA HIS F 356 -36.00 -39.96 -13.31
C HIS F 356 -34.48 -39.87 -13.36
N SER F 357 -33.84 -40.04 -12.19
CA SER F 357 -32.38 -39.96 -12.05
C SER F 357 -31.88 -40.81 -10.89
N GLY F 358 -30.71 -41.41 -11.07
CA GLY F 358 -30.10 -42.27 -10.05
C GLY F 358 -29.14 -41.61 -9.07
N GLU F 359 -28.75 -42.33 -8.03
CA GLU F 359 -27.84 -41.81 -7.02
C GLU F 359 -26.38 -42.02 -7.38
N LYS F 360 -26.12 -42.76 -8.46
CA LYS F 360 -24.73 -43.04 -8.88
C LYS F 360 -24.58 -42.83 -10.38
N LEU F 361 -23.46 -42.23 -10.77
CA LEU F 361 -23.16 -41.96 -12.19
C LEU F 361 -22.44 -43.19 -12.71
N VAL F 362 -22.79 -43.64 -13.91
CA VAL F 362 -22.16 -44.82 -14.48
C VAL F 362 -21.51 -44.52 -15.79
N LYS F 363 -20.41 -45.24 -16.06
CA LYS F 363 -19.63 -45.11 -17.29
C LYS F 363 -20.62 -44.84 -18.42
N THR F 364 -20.51 -43.65 -18.95
CA THR F 364 -21.37 -43.23 -20.02
C THR F 364 -20.46 -42.40 -20.90
N HIS F 365 -20.42 -42.74 -22.19
CA HIS F 365 -19.54 -42.09 -23.16
C HIS F 365 -20.35 -41.80 -24.41
N VAL F 366 -20.44 -40.55 -24.81
CA VAL F 366 -21.21 -40.19 -26.02
C VAL F 366 -20.36 -39.57 -27.14
N GLU F 367 -20.86 -39.62 -28.37
CA GLU F 367 -20.14 -39.09 -29.53
C GLU F 367 -21.06 -38.16 -30.29
N SER F 368 -20.81 -36.86 -30.19
CA SER F 368 -21.66 -35.92 -30.89
C SER F 368 -20.92 -35.18 -32.01
N GLU F 369 -21.58 -34.24 -32.49
CA GLU F 369 -21.00 -33.56 -33.54
C GLU F 369 -21.07 -32.08 -33.59
N THR F 370 -20.29 -31.47 -32.83
CA THR F 370 -20.22 -30.36 -31.88
C THR F 370 -20.27 -29.19 -32.86
N TYR F 371 -20.09 -28.00 -32.30
CA TYR F 371 -20.08 -26.77 -33.06
C TYR F 371 -19.34 -25.71 -32.23
N ASN F 372 -19.14 -24.54 -32.83
CA ASN F 372 -18.50 -23.42 -32.16
C ASN F 372 -19.51 -22.29 -32.19
N ILE F 373 -19.48 -21.43 -31.18
CA ILE F 373 -20.44 -20.34 -31.19
C ILE F 373 -19.92 -19.04 -30.54
N GLU F 374 -20.62 -17.96 -30.82
CA GLU F 374 -20.27 -16.66 -30.32
C GLU F 374 -21.59 -15.96 -30.14
N GLY F 375 -21.81 -15.41 -28.96
CA GLY F 375 -23.05 -14.73 -28.72
C GLY F 375 -22.94 -13.91 -27.45
N VAL F 376 -24.01 -13.49 -26.83
CA VAL F 376 -24.00 -12.86 -25.57
C VAL F 376 -24.72 -13.46 -24.50
N MET F 377 -24.49 -13.02 -23.26
CA MET F 377 -24.97 -13.75 -22.10
C MET F 377 -26.28 -13.34 -21.45
N PHE F 378 -26.23 -12.24 -20.70
CA PHE F 378 -27.36 -11.88 -19.86
C PHE F 378 -27.83 -10.45 -20.07
N ILE F 379 -28.46 -9.88 -19.04
CA ILE F 379 -28.97 -8.52 -19.12
C ILE F 379 -28.07 -7.61 -19.94
N ASN F 380 -26.79 -7.57 -19.58
CA ASN F 380 -25.88 -6.63 -20.19
C ASN F 380 -25.38 -7.08 -21.57
N LYS F 381 -25.93 -8.18 -22.08
CA LYS F 381 -25.53 -8.69 -23.38
C LYS F 381 -24.02 -8.85 -23.46
N MET F 382 -23.44 -9.30 -22.35
CA MET F 382 -22.00 -9.55 -22.25
C MET F 382 -21.60 -10.54 -23.32
N PRO F 383 -20.48 -10.28 -24.05
CA PRO F 383 -20.03 -11.18 -25.10
C PRO F 383 -19.41 -12.46 -24.53
N PHE F 384 -19.60 -13.58 -25.21
CA PHE F 384 -19.06 -14.87 -24.78
C PHE F 384 -18.87 -15.80 -25.98
N SER F 385 -18.12 -16.88 -25.77
CA SER F 385 -17.91 -17.84 -26.84
C SER F 385 -17.68 -19.23 -26.30
N VAL F 386 -18.19 -20.22 -27.02
CA VAL F 386 -18.00 -21.60 -26.64
C VAL F 386 -17.36 -22.35 -27.78
N GLU F 387 -16.53 -23.33 -27.46
CA GLU F 387 -15.87 -24.10 -28.48
C GLU F 387 -16.21 -25.57 -28.39
N ASN F 388 -16.65 -26.13 -29.51
CA ASN F 388 -16.99 -27.53 -29.58
C ASN F 388 -18.07 -27.95 -28.60
N ALA F 389 -19.20 -27.27 -28.71
CA ALA F 389 -20.36 -27.54 -27.86
C ALA F 389 -21.06 -28.72 -28.50
N PRO F 390 -21.29 -29.81 -27.73
CA PRO F 390 -21.97 -30.94 -28.36
C PRO F 390 -23.42 -30.67 -28.76
N PHE F 391 -23.86 -31.37 -29.80
CA PHE F 391 -25.22 -31.23 -30.24
C PHE F 391 -26.02 -32.23 -29.44
N LEU F 392 -25.31 -33.23 -28.92
CA LEU F 392 -25.90 -34.30 -28.13
C LEU F 392 -24.99 -34.64 -26.98
N ASP F 393 -25.57 -34.71 -25.79
CA ASP F 393 -24.82 -35.07 -24.58
C ASP F 393 -25.76 -35.91 -23.71
N ALA F 394 -25.20 -36.63 -22.74
CA ALA F 394 -26.05 -37.45 -21.89
C ALA F 394 -25.35 -37.99 -20.67
N ALA F 395 -26.13 -38.45 -19.70
CA ALA F 395 -25.57 -38.97 -18.47
C ALA F 395 -26.39 -40.12 -17.94
N ALA F 396 -25.70 -41.24 -17.68
CA ALA F 396 -26.37 -42.42 -17.17
C ALA F 396 -26.19 -42.60 -15.64
N SER F 397 -27.32 -42.69 -14.95
CA SER F 397 -27.33 -42.87 -13.52
C SER F 397 -28.04 -44.20 -13.20
N ILE F 398 -27.75 -44.72 -12.01
CA ILE F 398 -28.29 -45.98 -11.50
C ILE F 398 -28.90 -45.71 -10.15
N SER F 399 -29.97 -46.43 -9.82
CA SER F 399 -30.59 -46.24 -8.50
C SER F 399 -29.67 -46.77 -7.36
N GLU F 400 -29.95 -46.38 -6.12
CA GLU F 400 -29.13 -46.82 -5.00
C GLU F 400 -29.01 -48.33 -4.97
N ASP F 401 -30.17 -48.99 -5.01
CA ASP F 401 -30.30 -50.46 -4.99
C ASP F 401 -29.90 -51.15 -6.29
N GLY F 402 -29.22 -50.39 -7.17
CA GLY F 402 -28.74 -50.89 -8.44
C GLY F 402 -29.67 -51.69 -9.32
N LYS F 403 -30.98 -51.50 -9.15
CA LYS F 403 -31.97 -52.21 -9.95
C LYS F 403 -32.73 -51.33 -10.95
N LYS F 404 -32.20 -50.15 -11.21
CA LYS F 404 -32.85 -49.24 -12.16
C LYS F 404 -31.86 -48.28 -12.78
N LEU F 405 -31.96 -48.15 -14.10
CA LEU F 405 -31.07 -47.27 -14.88
C LEU F 405 -31.81 -46.08 -15.50
N PHE F 406 -31.13 -44.93 -15.56
CA PHE F 406 -31.71 -43.76 -16.18
C PHE F 406 -30.65 -43.24 -17.09
N ILE F 407 -31.01 -43.09 -18.36
CA ILE F 407 -30.09 -42.54 -19.36
C ILE F 407 -30.73 -41.25 -19.84
N ALA F 408 -30.27 -40.13 -19.29
CA ALA F 408 -30.79 -38.84 -19.65
C ALA F 408 -29.97 -38.31 -20.79
N VAL F 409 -30.65 -37.90 -21.86
CA VAL F 409 -29.97 -37.37 -23.03
C VAL F 409 -30.62 -36.08 -23.49
N VAL F 410 -29.78 -35.21 -24.03
CA VAL F 410 -30.27 -33.94 -24.52
C VAL F 410 -29.87 -33.75 -25.97
N ASN F 411 -30.87 -33.50 -26.82
CA ASN F 411 -30.60 -33.27 -28.20
C ASN F 411 -30.77 -31.76 -28.27
N TYR F 412 -29.65 -31.05 -28.42
CA TYR F 412 -29.68 -29.59 -28.51
C TYR F 412 -30.18 -29.14 -29.88
N ARG F 413 -30.30 -30.08 -30.80
CA ARG F 413 -30.78 -29.77 -32.15
C ARG F 413 -32.07 -28.96 -32.12
N LYS F 414 -32.17 -27.98 -33.01
CA LYS F 414 -33.34 -27.12 -33.09
C LYS F 414 -34.36 -27.68 -34.08
N GLU F 415 -33.91 -27.96 -35.29
CA GLU F 415 -34.78 -28.48 -36.33
C GLU F 415 -34.57 -29.87 -36.89
N ASP F 416 -33.91 -30.72 -36.12
CA ASP F 416 -33.65 -32.09 -36.54
C ASP F 416 -33.80 -33.07 -35.41
N ALA F 417 -34.31 -34.25 -35.73
CA ALA F 417 -34.43 -35.29 -34.71
C ALA F 417 -33.20 -36.13 -34.99
N LEU F 418 -32.80 -36.95 -34.03
CA LEU F 418 -31.62 -37.75 -34.28
C LEU F 418 -31.81 -39.21 -33.85
N LYS F 419 -31.42 -40.14 -34.71
CA LYS F 419 -31.55 -41.56 -34.41
C LYS F 419 -30.20 -42.17 -34.06
N VAL F 420 -29.68 -41.82 -32.87
CA VAL F 420 -28.39 -42.31 -32.42
C VAL F 420 -28.51 -43.71 -31.82
N PRO F 421 -27.58 -44.59 -32.18
CA PRO F 421 -27.58 -45.95 -31.67
C PRO F 421 -27.00 -45.96 -30.25
N ILE F 422 -27.85 -46.12 -29.24
CA ILE F 422 -27.37 -46.17 -27.85
C ILE F 422 -26.96 -47.64 -27.61
N ARG F 423 -26.17 -47.95 -26.57
CA ARG F 423 -25.77 -49.33 -26.28
C ARG F 423 -25.48 -49.50 -24.80
N VAL F 424 -26.03 -50.54 -24.18
CA VAL F 424 -25.85 -50.76 -22.75
C VAL F 424 -25.19 -52.13 -22.52
N GLU F 425 -23.90 -52.15 -22.22
CA GLU F 425 -23.20 -53.41 -21.98
C GLU F 425 -23.95 -54.47 -21.16
N GLY F 426 -24.32 -55.57 -21.82
CA GLY F 426 -25.04 -56.67 -21.18
C GLY F 426 -26.42 -56.42 -20.61
N LEU F 427 -27.26 -55.70 -21.35
CA LEU F 427 -28.60 -55.39 -20.89
C LEU F 427 -29.60 -56.51 -21.18
N GLY F 428 -29.73 -56.87 -22.45
CA GLY F 428 -30.68 -57.91 -22.81
C GLY F 428 -31.98 -57.25 -23.24
N GLN F 429 -33.03 -58.03 -23.43
CA GLN F 429 -34.28 -57.43 -23.88
C GLN F 429 -35.28 -57.11 -22.78
N LYS F 430 -35.40 -55.81 -22.46
CA LYS F 430 -36.35 -55.30 -21.45
C LYS F 430 -37.38 -54.36 -22.08
N LYS F 431 -38.37 -53.98 -21.31
CA LYS F 431 -39.42 -53.13 -21.84
C LYS F 431 -39.36 -51.79 -21.14
N ALA F 432 -38.28 -51.06 -21.39
CA ALA F 432 -38.09 -49.75 -20.78
C ALA F 432 -39.11 -48.69 -21.23
N THR F 433 -39.31 -47.65 -20.41
CA THR F 433 -40.23 -46.56 -20.73
C THR F 433 -39.43 -45.22 -20.80
N VAL F 434 -39.64 -44.40 -21.85
CA VAL F 434 -38.91 -43.12 -21.96
C VAL F 434 -39.78 -41.88 -21.73
N TYR F 435 -39.36 -41.04 -20.78
CA TYR F 435 -40.06 -39.79 -20.48
C TYR F 435 -39.26 -38.71 -21.18
N THR F 436 -39.89 -38.08 -22.16
CA THR F 436 -39.25 -37.01 -22.91
C THR F 436 -40.00 -35.66 -22.72
N LEU F 437 -39.25 -34.56 -22.68
CA LEU F 437 -39.81 -33.25 -22.48
C LEU F 437 -39.45 -32.33 -23.60
N THR F 438 -40.46 -31.87 -24.30
CA THR F 438 -40.27 -30.93 -25.42
C THR F 438 -41.59 -30.18 -25.65
N GLY F 439 -41.69 -29.50 -26.79
CA GLY F 439 -42.90 -28.78 -27.07
C GLY F 439 -42.97 -28.34 -28.51
N PRO F 440 -44.04 -27.60 -28.90
CA PRO F 440 -44.26 -27.08 -30.27
C PRO F 440 -43.00 -26.52 -30.96
N ASP F 441 -42.49 -25.40 -30.44
CA ASP F 441 -41.30 -24.72 -30.97
C ASP F 441 -40.38 -24.30 -29.83
N VAL F 442 -39.18 -23.89 -30.18
CA VAL F 442 -38.22 -23.48 -29.16
C VAL F 442 -38.66 -22.26 -28.36
N ASN F 443 -39.91 -21.84 -28.52
CA ASN F 443 -40.38 -20.68 -27.80
C ASN F 443 -41.70 -20.94 -27.16
N ALA F 444 -42.06 -22.22 -27.11
CA ALA F 444 -43.33 -22.60 -26.50
C ALA F 444 -43.18 -22.31 -25.02
N ARG F 445 -44.30 -22.00 -24.37
CA ARG F 445 -44.32 -21.73 -22.94
C ARG F 445 -45.72 -22.02 -22.43
N ASN F 446 -45.84 -22.35 -21.14
CA ASN F 446 -47.13 -22.64 -20.55
C ASN F 446 -47.83 -21.40 -20.05
N THR F 447 -49.15 -21.36 -20.21
CA THR F 447 -49.93 -20.22 -19.75
C THR F 447 -50.96 -20.68 -18.74
N MET F 448 -51.78 -19.73 -18.29
CA MET F 448 -52.80 -20.05 -17.31
C MET F 448 -53.85 -20.97 -17.98
N GLU F 449 -54.07 -20.76 -19.27
CA GLU F 449 -55.05 -21.56 -20.01
C GLU F 449 -54.47 -22.78 -20.71
N ASN F 450 -53.16 -22.81 -20.87
CA ASN F 450 -52.48 -23.94 -21.52
C ASN F 450 -51.37 -24.42 -20.61
N PRO F 451 -51.69 -24.87 -19.38
CA PRO F 451 -50.67 -25.34 -18.45
C PRO F 451 -49.81 -26.50 -18.97
N ASN F 452 -50.12 -26.98 -20.18
CA ASN F 452 -49.36 -28.09 -20.74
C ASN F 452 -48.70 -28.04 -22.11
N VAL F 453 -48.53 -26.84 -22.68
CA VAL F 453 -47.89 -26.72 -24.02
C VAL F 453 -46.51 -27.44 -24.03
N VAL F 454 -45.73 -27.17 -22.98
CA VAL F 454 -44.41 -27.76 -22.79
C VAL F 454 -44.58 -28.71 -21.60
N ASP F 455 -44.40 -30.00 -21.83
CA ASP F 455 -44.60 -30.96 -20.74
C ASP F 455 -43.84 -32.27 -20.94
N ILE F 456 -43.96 -33.16 -19.95
CA ILE F 456 -43.30 -34.48 -19.97
C ILE F 456 -44.31 -35.55 -20.43
N THR F 457 -43.87 -36.45 -21.30
CA THR F 457 -44.72 -37.50 -21.81
C THR F 457 -44.03 -38.86 -21.87
N SER F 458 -44.68 -39.89 -21.34
CA SER F 458 -44.10 -41.21 -21.35
C SER F 458 -44.39 -41.87 -22.69
N GLU F 459 -43.81 -43.06 -22.86
CA GLU F 459 -43.95 -43.84 -24.07
C GLU F 459 -43.15 -45.10 -23.78
N THR F 460 -43.69 -46.25 -24.17
CA THR F 460 -42.97 -47.49 -23.92
C THR F 460 -42.09 -47.97 -25.10
N ILE F 461 -41.07 -48.76 -24.76
CA ILE F 461 -40.12 -49.24 -25.74
C ILE F 461 -39.55 -50.60 -25.36
N THR F 462 -39.05 -51.29 -26.36
CA THR F 462 -38.40 -52.56 -26.16
C THR F 462 -36.94 -52.14 -26.38
N VAL F 463 -36.08 -52.47 -25.41
CA VAL F 463 -34.67 -52.11 -25.54
C VAL F 463 -33.78 -53.35 -25.40
N ASP F 464 -32.59 -53.27 -25.98
CA ASP F 464 -31.64 -54.38 -25.94
C ASP F 464 -30.21 -53.85 -25.73
N THR F 465 -29.28 -54.76 -25.48
CA THR F 465 -27.87 -54.44 -25.27
C THR F 465 -27.36 -53.47 -26.32
N GLU F 466 -28.06 -53.43 -27.43
CA GLU F 466 -27.75 -52.52 -28.53
C GLU F 466 -29.07 -52.15 -29.21
N PHE F 467 -29.35 -50.86 -29.32
CA PHE F 467 -30.60 -50.44 -29.98
C PHE F 467 -30.57 -49.02 -30.45
N GLU F 468 -31.73 -48.51 -30.81
CA GLU F 468 -31.85 -47.13 -31.29
C GLU F 468 -33.13 -46.49 -30.77
N HIS F 469 -33.12 -45.17 -30.73
CA HIS F 469 -34.26 -44.40 -30.28
C HIS F 469 -33.98 -43.02 -30.83
N THR F 470 -34.96 -42.41 -31.50
CA THR F 470 -34.76 -41.07 -32.05
C THR F 470 -35.18 -40.00 -31.07
N PHE F 471 -34.37 -38.96 -30.95
CA PHE F 471 -34.70 -37.91 -30.02
C PHE F 471 -35.08 -36.69 -30.83
N LYS F 472 -36.22 -36.11 -30.49
CA LYS F 472 -36.72 -34.96 -31.20
C LYS F 472 -35.82 -33.74 -31.02
N PRO F 473 -35.95 -32.75 -31.92
CA PRO F 473 -35.13 -31.54 -31.81
C PRO F 473 -35.45 -30.84 -30.48
N PHE F 474 -34.50 -30.09 -29.96
CA PHE F 474 -34.65 -29.41 -28.68
C PHE F 474 -35.44 -30.20 -27.61
N SER F 475 -35.05 -31.44 -27.41
CA SER F 475 -35.71 -32.28 -26.44
C SER F 475 -34.74 -32.80 -25.42
N CYS F 476 -35.27 -33.21 -24.28
CA CYS F 476 -34.47 -33.72 -23.17
C CYS F 476 -35.20 -34.98 -22.77
N SER F 477 -34.54 -36.11 -22.85
CA SER F 477 -35.23 -37.35 -22.54
C SER F 477 -34.50 -38.22 -21.50
N VAL F 478 -35.27 -39.02 -20.77
CA VAL F 478 -34.69 -39.95 -19.79
C VAL F 478 -35.26 -41.34 -20.13
N ILE F 479 -34.42 -42.24 -20.66
CA ILE F 479 -34.86 -43.59 -20.95
C ILE F 479 -34.67 -44.35 -19.62
N GLU F 480 -35.80 -44.79 -19.04
CA GLU F 480 -35.79 -45.49 -17.76
C GLU F 480 -36.00 -46.96 -18.01
N VAL F 481 -34.92 -47.73 -17.82
CA VAL F 481 -34.88 -49.17 -18.07
C VAL F 481 -34.58 -50.03 -16.83
N GLU F 482 -34.30 -51.31 -17.08
CA GLU F 482 -33.97 -52.29 -16.04
C GLU F 482 -35.16 -52.42 -15.12
#